data_2XF8
#
_entry.id   2XF8
#
_cell.length_a   96.180
_cell.length_b   111.660
_cell.length_c   135.470
_cell.angle_alpha   91.30
_cell.angle_beta   96.11
_cell.angle_gamma   88.44
#
_symmetry.space_group_name_H-M   'P 1'
#
loop_
_entity.id
_entity.type
_entity.pdbx_description
1 polymer 'D-ERYTHROSE-4-PHOSPHATE DEHYDROGENASE'
2 non-polymer 'SULFATE ION'
3 non-polymer '3-(CHLOROACETYL) PYRIDINE ADENINE DINUCLEOTIDE'
4 water water
#
_entity_poly.entity_id   1
_entity_poly.type   'polypeptide(L)'
_entity_poly.pdbx_seq_one_letter_code
;TVRVAINGFGRIGRNVVRALYESGRRAEITVVAINELADAAGMAHLLKYDTSHGRFAWEVRQERDQLFVGDDAIRVLHER
SLQSLPWRELGVDVVLDCTGVYGSREHGEAHIAAGAKKVLFSHPGSNDLDATVVYGVNQDQLRAEHRIVSNASCTTNCII
PVIKLLDDAYGIESGTVTTIHSAMHDQQVIDAYHPDLRRTRAASQSIIPVDTKLAAGITRFFPQFNDRFEAIAVRVPTIN
VTAIDLSVTVKKPVKANEVNLLLQKAAQGAFHGIVDYTELPLVSVDFNHDPHSAIVDGTQTRVSGAHLIKTLVWCDNEWG
FANRMLDTTLAMATVAFR
;
_entity_poly.pdbx_strand_id   A,B,C,D,E,F,G,H,I,J,K,L,M,N,O,P
#
# COMPACT_ATOMS: atom_id res chain seq x y z
N THR A 1 -59.50 -35.27 -56.40
CA THR A 1 -58.91 -34.21 -55.56
C THR A 1 -59.77 -33.98 -54.34
N VAL A 2 -59.13 -33.89 -53.18
CA VAL A 2 -59.85 -33.62 -51.93
C VAL A 2 -60.35 -32.20 -51.96
N ARG A 3 -61.62 -31.99 -51.62
CA ARG A 3 -62.17 -30.64 -51.71
C ARG A 3 -62.51 -30.09 -50.34
N VAL A 4 -61.93 -28.94 -50.05
CA VAL A 4 -62.09 -28.32 -48.76
C VAL A 4 -62.75 -26.98 -48.86
N ALA A 5 -63.48 -26.66 -47.82
CA ALA A 5 -64.04 -25.34 -47.63
C ALA A 5 -63.35 -24.73 -46.42
N ILE A 6 -63.19 -23.41 -46.44
CA ILE A 6 -62.62 -22.70 -45.30
C ILE A 6 -63.66 -21.82 -44.63
N ASN A 7 -63.92 -22.10 -43.36
CA ASN A 7 -64.80 -21.24 -42.58
C ASN A 7 -63.94 -20.27 -41.81
N GLY A 8 -64.06 -18.99 -42.14
CA GLY A 8 -63.25 -17.95 -41.51
C GLY A 8 -62.00 -17.71 -42.34
N PHE A 9 -61.89 -16.49 -42.86
CA PHE A 9 -60.77 -16.11 -43.70
C PHE A 9 -59.90 -15.06 -43.00
N GLY A 10 -59.53 -15.38 -41.77
CA GLY A 10 -58.65 -14.51 -40.99
C GLY A 10 -57.21 -14.71 -41.37
N ARG A 11 -56.32 -14.54 -40.41
CA ARG A 11 -54.91 -14.72 -40.67
C ARG A 11 -54.63 -16.16 -41.09
N ILE A 12 -55.11 -17.10 -40.29
CA ILE A 12 -54.80 -18.51 -40.49
C ILE A 12 -55.45 -19.05 -41.77
N GLY A 13 -56.71 -18.72 -41.96
CA GLY A 13 -57.42 -19.10 -43.16
C GLY A 13 -56.69 -18.65 -44.42
N ARG A 14 -56.30 -17.38 -44.44
CA ARG A 14 -55.59 -16.81 -45.58
C ARG A 14 -54.32 -17.59 -45.87
N ASN A 15 -53.59 -17.89 -44.80
CA ASN A 15 -52.33 -18.60 -44.91
C ASN A 15 -52.51 -20.01 -45.40
N VAL A 16 -53.56 -20.67 -44.96
CA VAL A 16 -53.87 -22.02 -45.45
C VAL A 16 -53.99 -21.98 -46.98
N VAL A 17 -54.74 -21.03 -47.49
CA VAL A 17 -54.88 -20.88 -48.94
C VAL A 17 -53.53 -20.60 -49.57
N ARG A 18 -52.81 -19.60 -49.09
CA ARG A 18 -51.49 -19.30 -49.64
C ARG A 18 -50.61 -20.55 -49.63
N ALA A 19 -50.66 -21.29 -48.52
CA ALA A 19 -49.82 -22.49 -48.32
C ALA A 19 -50.21 -23.59 -49.30
N LEU A 20 -51.50 -23.76 -49.54
CA LEU A 20 -51.98 -24.75 -50.50
C LEU A 20 -51.30 -24.59 -51.86
N TYR A 21 -51.24 -23.36 -52.33
CA TYR A 21 -50.67 -23.07 -53.64
C TYR A 21 -49.14 -23.17 -53.66
N GLU A 22 -48.49 -22.51 -52.70
CA GLU A 22 -47.04 -22.46 -52.66
C GLU A 22 -46.43 -23.83 -52.40
N SER A 23 -46.91 -24.48 -51.35
CA SER A 23 -46.45 -25.82 -50.98
C SER A 23 -46.49 -26.79 -52.15
N GLY A 24 -47.55 -26.79 -52.95
CA GLY A 24 -47.65 -27.69 -54.09
C GLY A 24 -48.73 -28.74 -53.93
N ARG A 25 -49.01 -29.11 -52.68
CA ARG A 25 -50.26 -29.82 -52.38
C ARG A 25 -51.30 -28.85 -52.87
N ARG A 26 -52.31 -29.35 -53.53
CA ARG A 26 -52.99 -28.63 -54.62
C ARG A 26 -53.10 -29.59 -55.77
N ALA A 27 -52.04 -30.35 -55.96
CA ALA A 27 -52.12 -31.58 -56.72
C ALA A 27 -53.13 -32.51 -56.04
N GLU A 28 -53.49 -32.24 -54.79
CA GLU A 28 -54.32 -33.15 -54.02
C GLU A 28 -55.40 -32.52 -53.12
N ILE A 29 -55.39 -31.19 -52.94
CA ILE A 29 -56.49 -30.48 -52.27
C ILE A 29 -57.02 -29.36 -53.15
N THR A 30 -58.32 -29.06 -53.05
CA THR A 30 -58.90 -27.87 -53.69
C THR A 30 -59.80 -27.08 -52.75
N VAL A 31 -59.60 -25.77 -52.74
CA VAL A 31 -60.53 -24.92 -51.99
C VAL A 31 -61.67 -24.58 -52.93
N VAL A 32 -62.87 -24.95 -52.53
CA VAL A 32 -64.07 -24.69 -53.34
C VAL A 32 -64.89 -23.51 -52.81
N ALA A 33 -64.83 -23.29 -51.50
CA ALA A 33 -65.57 -22.20 -50.90
C ALA A 33 -64.84 -21.60 -49.71
N ILE A 34 -64.98 -20.29 -49.53
CA ILE A 34 -64.53 -19.63 -48.32
C ILE A 34 -65.73 -18.94 -47.76
N ASN A 35 -66.00 -19.16 -46.49
CA ASN A 35 -67.10 -18.47 -45.84
C ASN A 35 -66.53 -17.34 -45.02
N GLU A 36 -67.08 -16.14 -45.17
CA GLU A 36 -66.50 -14.97 -44.56
C GLU A 36 -67.55 -13.84 -44.35
N LEU A 37 -67.41 -13.09 -43.26
CA LEU A 37 -68.25 -11.92 -43.01
C LEU A 37 -67.81 -10.71 -43.81
N ALA A 38 -66.51 -10.47 -43.94
CA ALA A 38 -66.01 -9.35 -44.77
C ALA A 38 -66.22 -9.55 -46.29
N ASP A 39 -66.26 -8.42 -47.01
CA ASP A 39 -66.52 -8.36 -48.45
C ASP A 39 -65.57 -9.23 -49.25
N ALA A 40 -66.04 -9.67 -50.41
CA ALA A 40 -65.21 -10.36 -51.42
C ALA A 40 -64.00 -9.55 -51.87
N ALA A 41 -64.16 -8.23 -51.99
CA ALA A 41 -63.05 -7.33 -52.33
C ALA A 41 -62.05 -7.29 -51.19
N GLY A 42 -62.58 -7.18 -49.98
CA GLY A 42 -61.77 -7.21 -48.78
C GLY A 42 -60.92 -8.46 -48.75
N MET A 43 -61.59 -9.60 -48.80
CA MET A 43 -60.93 -10.90 -48.73
C MET A 43 -59.77 -10.99 -49.72
N ALA A 44 -60.04 -10.53 -50.93
CA ALA A 44 -59.06 -10.63 -52.02
C ALA A 44 -57.80 -9.80 -51.79
N HIS A 45 -57.97 -8.59 -51.28
CA HIS A 45 -56.88 -7.68 -51.01
C HIS A 45 -55.98 -8.25 -49.95
N LEU A 46 -56.52 -8.57 -48.79
CA LEU A 46 -55.73 -9.12 -47.71
C LEU A 46 -55.04 -10.43 -48.08
N LEU A 47 -55.65 -11.22 -48.95
CA LEU A 47 -55.01 -12.44 -49.42
C LEU A 47 -53.78 -12.10 -50.24
N LYS A 48 -53.87 -11.06 -51.03
CA LYS A 48 -52.78 -10.67 -51.94
C LYS A 48 -51.60 -10.02 -51.21
N TYR A 49 -51.90 -9.19 -50.22
CA TYR A 49 -50.87 -8.43 -49.51
C TYR A 49 -50.73 -8.83 -48.03
N ASP A 50 -49.63 -9.48 -47.68
CA ASP A 50 -49.34 -9.64 -46.26
C ASP A 50 -47.93 -9.28 -45.78
N THR A 51 -48.00 -8.29 -44.86
CA THR A 51 -46.91 -7.67 -44.07
C THR A 51 -45.80 -8.62 -43.56
N SER A 52 -46.15 -9.88 -43.35
CA SER A 52 -45.20 -10.84 -42.82
C SER A 52 -44.58 -11.74 -43.89
N HIS A 53 -45.07 -11.70 -45.13
CA HIS A 53 -44.68 -12.72 -46.13
C HIS A 53 -44.09 -12.17 -47.45
N GLY A 54 -44.68 -11.08 -47.94
CA GLY A 54 -44.51 -10.62 -49.31
C GLY A 54 -45.87 -10.65 -50.01
N ARG A 55 -45.89 -10.06 -51.20
CA ARG A 55 -47.03 -10.10 -52.13
C ARG A 55 -47.23 -11.55 -52.54
N PHE A 56 -48.47 -12.00 -52.53
CA PHE A 56 -48.77 -13.37 -52.93
C PHE A 56 -48.39 -13.57 -54.38
N ALA A 57 -47.56 -14.57 -54.63
CA ALA A 57 -47.00 -14.82 -55.98
C ALA A 57 -48.07 -15.08 -57.04
N TRP A 58 -49.20 -15.63 -56.62
CA TRP A 58 -50.28 -15.93 -57.55
C TRP A 58 -51.11 -14.69 -57.83
N GLU A 59 -51.88 -14.73 -58.89
CA GLU A 59 -52.73 -13.59 -59.27
C GLU A 59 -54.10 -13.71 -58.59
N VAL A 60 -54.46 -12.69 -57.81
CA VAL A 60 -55.69 -12.72 -57.03
C VAL A 60 -56.69 -11.75 -57.62
N ARG A 61 -57.74 -12.31 -58.22
CA ARG A 61 -58.75 -11.54 -58.92
C ARG A 61 -60.07 -11.80 -58.24
N GLN A 62 -60.91 -10.77 -58.14
CA GLN A 62 -62.24 -10.88 -57.55
C GLN A 62 -63.27 -10.40 -58.55
N GLU A 63 -64.33 -11.18 -58.72
CA GLU A 63 -65.35 -10.98 -59.76
C GLU A 63 -66.63 -11.78 -59.43
N ARG A 64 -67.76 -11.08 -59.31
CA ARG A 64 -69.02 -11.65 -58.84
C ARG A 64 -68.92 -12.35 -57.48
N ASP A 65 -69.42 -13.58 -57.33
CA ASP A 65 -69.36 -14.28 -56.04
C ASP A 65 -68.13 -15.20 -55.93
N GLN A 66 -67.18 -15.05 -56.84
CA GLN A 66 -66.01 -15.89 -56.93
C GLN A 66 -64.77 -15.16 -56.42
N LEU A 67 -63.74 -15.91 -56.08
CA LEU A 67 -62.40 -15.41 -55.88
C LEU A 67 -61.47 -16.25 -56.75
N PHE A 68 -60.64 -15.62 -57.57
CA PHE A 68 -59.77 -16.36 -58.46
C PHE A 68 -58.32 -16.36 -57.99
N VAL A 69 -57.70 -17.54 -57.95
CA VAL A 69 -56.29 -17.65 -57.63
C VAL A 69 -55.63 -18.43 -58.75
N GLY A 70 -54.81 -17.73 -59.54
CA GLY A 70 -54.30 -18.27 -60.79
C GLY A 70 -55.50 -18.55 -61.66
N ASP A 71 -55.59 -19.80 -62.14
CA ASP A 71 -56.74 -20.23 -62.94
C ASP A 71 -57.95 -20.73 -62.14
N ASP A 72 -57.79 -21.00 -60.85
CA ASP A 72 -58.85 -21.66 -60.05
C ASP A 72 -59.92 -20.70 -59.59
N ALA A 73 -61.15 -21.20 -59.42
CA ALA A 73 -62.28 -20.38 -59.03
C ALA A 73 -62.84 -20.81 -57.67
N ILE A 74 -62.76 -19.93 -56.68
CA ILE A 74 -63.21 -20.24 -55.31
C ILE A 74 -64.41 -19.40 -54.93
N ARG A 75 -65.48 -20.03 -54.47
CA ARG A 75 -66.72 -19.34 -54.16
C ARG A 75 -66.66 -18.61 -52.79
N VAL A 76 -67.30 -17.45 -52.67
CA VAL A 76 -67.28 -16.70 -51.42
C VAL A 76 -68.67 -16.63 -50.81
N LEU A 77 -68.79 -17.04 -49.54
CA LEU A 77 -70.06 -17.03 -48.82
C LEU A 77 -69.99 -16.05 -47.68
N HIS A 78 -71.15 -15.61 -47.20
CA HIS A 78 -71.24 -14.71 -46.05
C HIS A 78 -72.28 -15.16 -45.08
N GLU A 79 -72.33 -16.47 -44.87
CA GLU A 79 -73.23 -17.04 -43.91
C GLU A 79 -72.73 -16.81 -42.52
N ARG A 80 -73.60 -16.26 -41.70
CA ARG A 80 -73.30 -15.88 -40.33
C ARG A 80 -73.47 -17.14 -39.51
N SER A 81 -74.65 -17.76 -39.66
CA SER A 81 -74.96 -19.00 -38.96
C SER A 81 -74.52 -20.22 -39.77
N LEU A 82 -74.29 -21.31 -39.03
CA LEU A 82 -73.54 -22.47 -39.49
C LEU A 82 -74.44 -23.51 -40.22
N GLN A 83 -75.72 -23.55 -39.86
CA GLN A 83 -76.70 -24.47 -40.47
C GLN A 83 -76.89 -24.22 -41.96
N SER A 84 -76.86 -22.95 -42.31
CA SER A 84 -77.20 -22.52 -43.67
C SER A 84 -76.00 -22.58 -44.63
N LEU A 85 -74.92 -23.23 -44.22
CA LEU A 85 -73.76 -23.41 -45.10
C LEU A 85 -74.01 -24.47 -46.15
N PRO A 86 -73.81 -24.15 -47.43
CA PRO A 86 -74.07 -25.06 -48.52
C PRO A 86 -72.95 -26.08 -48.76
N TRP A 87 -72.51 -26.76 -47.70
CA TRP A 87 -71.44 -27.75 -47.83
C TRP A 87 -71.86 -28.93 -48.66
N ARG A 88 -73.10 -29.39 -48.45
CA ARG A 88 -73.65 -30.50 -49.22
C ARG A 88 -73.63 -30.19 -50.70
N GLU A 89 -74.19 -29.04 -51.05
CA GLU A 89 -74.25 -28.57 -52.44
C GLU A 89 -72.87 -28.57 -53.13
N LEU A 90 -71.81 -28.26 -52.38
CA LEU A 90 -70.45 -28.10 -52.93
C LEU A 90 -69.61 -29.38 -52.82
N GLY A 91 -70.14 -30.36 -52.13
CA GLY A 91 -69.47 -31.66 -52.00
C GLY A 91 -68.22 -31.63 -51.14
N VAL A 92 -68.23 -30.79 -50.13
CA VAL A 92 -67.10 -30.59 -49.23
C VAL A 92 -66.68 -31.84 -48.47
N ASP A 93 -65.43 -32.27 -48.67
CA ASP A 93 -64.87 -33.44 -48.00
C ASP A 93 -64.35 -33.08 -46.61
N VAL A 94 -63.68 -31.95 -46.49
CA VAL A 94 -63.28 -31.45 -45.19
C VAL A 94 -63.52 -29.96 -45.09
N VAL A 95 -64.09 -29.52 -43.97
CA VAL A 95 -64.18 -28.09 -43.66
C VAL A 95 -63.08 -27.75 -42.69
N LEU A 96 -62.22 -26.81 -43.09
CA LEU A 96 -61.22 -26.24 -42.20
C LEU A 96 -61.85 -25.02 -41.59
N ASP A 97 -62.16 -25.11 -40.30
CA ASP A 97 -62.73 -23.98 -39.60
C ASP A 97 -61.67 -23.15 -38.89
N CYS A 98 -61.41 -21.97 -39.44
CA CYS A 98 -60.36 -21.07 -38.99
C CYS A 98 -60.95 -19.75 -38.48
N THR A 99 -62.15 -19.85 -37.95
CA THR A 99 -62.84 -18.68 -37.44
C THR A 99 -62.30 -18.30 -36.06
N GLY A 100 -61.88 -19.31 -35.31
CA GLY A 100 -61.46 -19.08 -33.95
C GLY A 100 -62.59 -18.86 -32.96
N VAL A 101 -63.82 -18.79 -33.48
CA VAL A 101 -65.00 -18.76 -32.62
C VAL A 101 -65.61 -20.16 -32.39
N TYR A 102 -65.74 -20.93 -33.46
CA TYR A 102 -66.30 -22.27 -33.37
C TYR A 102 -65.25 -23.31 -32.97
N GLY A 103 -65.65 -24.26 -32.13
CA GLY A 103 -64.73 -25.29 -31.62
C GLY A 103 -65.34 -26.42 -30.83
N SER A 104 -66.66 -26.36 -30.65
CA SER A 104 -67.37 -27.29 -29.84
C SER A 104 -67.79 -28.38 -30.78
N ARG A 105 -67.95 -29.60 -30.27
CA ARG A 105 -68.27 -30.70 -31.15
C ARG A 105 -69.64 -30.48 -31.81
N GLU A 106 -70.56 -29.78 -31.12
CA GLU A 106 -71.85 -29.40 -31.71
C GLU A 106 -71.63 -28.61 -32.97
N HIS A 107 -70.65 -27.70 -32.91
CA HIS A 107 -70.25 -26.91 -34.08
C HIS A 107 -69.78 -27.84 -35.18
N GLY A 108 -69.03 -28.85 -34.79
CA GLY A 108 -68.61 -29.89 -35.72
C GLY A 108 -69.80 -30.56 -36.36
N GLU A 109 -70.70 -31.07 -35.52
CA GLU A 109 -71.91 -31.75 -35.99
C GLU A 109 -72.68 -30.84 -36.95
N ALA A 110 -72.77 -29.56 -36.59
CA ALA A 110 -73.45 -28.55 -37.41
C ALA A 110 -72.89 -28.45 -38.81
N HIS A 111 -71.55 -28.44 -38.91
CA HIS A 111 -70.85 -28.42 -40.19
C HIS A 111 -71.17 -29.67 -41.01
N ILE A 112 -71.11 -30.81 -40.35
CA ILE A 112 -71.41 -32.09 -40.98
C ILE A 112 -72.86 -32.12 -41.43
N ALA A 113 -73.76 -31.75 -40.54
CA ALA A 113 -75.19 -31.60 -40.85
C ALA A 113 -75.39 -30.76 -42.10
N ALA A 114 -74.67 -29.65 -42.19
CA ALA A 114 -74.73 -28.75 -43.37
C ALA A 114 -74.18 -29.38 -44.67
N GLY A 115 -73.49 -30.51 -44.53
CA GLY A 115 -73.12 -31.33 -45.67
C GLY A 115 -71.64 -31.63 -45.81
N ALA A 116 -70.88 -31.40 -44.76
CA ALA A 116 -69.43 -31.64 -44.79
C ALA A 116 -69.13 -33.00 -44.19
N LYS A 117 -68.26 -33.77 -44.85
CA LYS A 117 -67.94 -35.12 -44.40
C LYS A 117 -67.17 -35.09 -43.09
N LYS A 118 -66.15 -34.24 -43.03
CA LYS A 118 -65.33 -34.07 -41.82
C LYS A 118 -65.00 -32.61 -41.55
N VAL A 119 -64.64 -32.34 -40.30
CA VAL A 119 -64.33 -31.00 -39.83
C VAL A 119 -62.94 -30.96 -39.19
N LEU A 120 -62.18 -29.91 -39.47
CA LEU A 120 -60.86 -29.70 -38.84
C LEU A 120 -60.76 -28.30 -38.27
N PHE A 121 -60.56 -28.20 -36.96
CA PHE A 121 -60.44 -26.90 -36.28
C PHE A 121 -59.00 -26.42 -36.20
N SER A 122 -58.82 -25.12 -36.41
CA SER A 122 -57.52 -24.48 -36.39
C SER A 122 -57.09 -24.09 -34.99
N HIS A 123 -57.59 -24.82 -34.00
CA HIS A 123 -57.20 -24.60 -32.62
C HIS A 123 -57.53 -25.84 -31.76
N PRO A 124 -57.13 -25.85 -30.47
CA PRO A 124 -57.26 -27.08 -29.68
C PRO A 124 -58.70 -27.46 -29.40
N GLY A 125 -59.58 -26.49 -29.58
CA GLY A 125 -61.01 -26.64 -29.40
C GLY A 125 -61.50 -26.62 -27.97
N SER A 126 -62.67 -26.03 -27.77
CA SER A 126 -63.36 -26.12 -26.53
C SER A 126 -63.99 -27.50 -26.59
N ASN A 127 -64.45 -28.04 -25.50
CA ASN A 127 -65.10 -29.33 -25.57
C ASN A 127 -63.96 -30.23 -25.80
N ASP A 128 -64.14 -31.53 -25.69
CA ASP A 128 -63.15 -32.40 -26.25
C ASP A 128 -63.92 -33.15 -27.35
N LEU A 129 -63.23 -32.98 -28.49
CA LEU A 129 -63.75 -33.42 -29.76
C LEU A 129 -63.26 -34.84 -30.02
N ASP A 130 -63.37 -35.30 -31.28
CA ASP A 130 -62.96 -36.65 -31.64
C ASP A 130 -61.46 -36.89 -31.41
N ALA A 131 -60.63 -35.96 -31.87
CA ALA A 131 -59.17 -36.14 -31.90
C ALA A 131 -58.41 -34.80 -31.88
N THR A 132 -57.13 -34.83 -31.47
CA THR A 132 -56.23 -33.67 -31.58
C THR A 132 -54.97 -34.16 -32.28
N VAL A 133 -54.75 -33.70 -33.51
CA VAL A 133 -53.60 -34.15 -34.31
C VAL A 133 -52.47 -33.12 -34.32
N VAL A 134 -51.33 -33.53 -33.75
CA VAL A 134 -50.09 -32.79 -33.91
C VAL A 134 -49.34 -33.56 -34.95
N TYR A 135 -49.52 -33.14 -36.19
CA TYR A 135 -49.03 -33.88 -37.35
C TYR A 135 -47.54 -34.14 -37.22
N GLY A 136 -47.17 -35.40 -37.51
CA GLY A 136 -45.80 -35.86 -37.44
C GLY A 136 -45.54 -36.61 -36.15
N VAL A 137 -46.49 -36.52 -35.22
CA VAL A 137 -46.39 -37.22 -33.94
C VAL A 137 -47.45 -38.32 -33.86
N ASN A 138 -48.73 -37.93 -34.03
CA ASN A 138 -49.85 -38.88 -33.85
C ASN A 138 -50.91 -38.86 -34.95
N GLN A 139 -50.50 -38.59 -36.18
CA GLN A 139 -51.44 -38.65 -37.31
C GLN A 139 -51.81 -40.10 -37.62
N ASP A 140 -50.91 -41.03 -37.29
CA ASP A 140 -51.16 -42.48 -37.43
C ASP A 140 -52.35 -42.98 -36.56
N GLN A 141 -52.72 -42.20 -35.56
CA GLN A 141 -53.87 -42.53 -34.72
C GLN A 141 -55.20 -42.01 -35.25
N LEU A 142 -55.20 -41.43 -36.43
CA LEU A 142 -56.46 -40.94 -37.00
C LEU A 142 -57.19 -42.11 -37.66
N ARG A 143 -58.37 -42.43 -37.14
CA ARG A 143 -59.23 -43.48 -37.70
C ARG A 143 -60.34 -42.86 -38.57
N ALA A 144 -61.01 -43.70 -39.37
CA ALA A 144 -62.17 -43.30 -40.19
C ALA A 144 -63.31 -42.65 -39.38
N GLU A 145 -63.36 -42.94 -38.09
CA GLU A 145 -64.47 -42.50 -37.26
C GLU A 145 -64.14 -41.16 -36.60
N HIS A 146 -63.04 -40.54 -37.00
CA HIS A 146 -62.69 -39.24 -36.46
C HIS A 146 -63.10 -38.22 -37.49
N ARG A 147 -64.22 -37.56 -37.20
CA ARG A 147 -64.86 -36.65 -38.16
C ARG A 147 -64.79 -35.21 -37.72
N ILE A 148 -64.66 -34.99 -36.44
CA ILE A 148 -64.47 -33.66 -35.88
C ILE A 148 -63.13 -33.63 -35.15
N VAL A 149 -62.11 -33.05 -35.75
CA VAL A 149 -60.77 -33.10 -35.16
C VAL A 149 -60.16 -31.72 -34.99
N SER A 150 -59.26 -31.61 -34.02
CA SER A 150 -58.52 -30.38 -33.73
C SER A 150 -57.08 -30.51 -34.20
N ASN A 151 -56.50 -29.40 -34.63
CA ASN A 151 -55.11 -29.40 -35.14
C ASN A 151 -54.13 -28.88 -34.13
N ALA A 152 -54.54 -28.87 -32.87
CA ALA A 152 -53.74 -28.27 -31.79
C ALA A 152 -53.58 -26.77 -32.04
N SER A 153 -52.58 -26.13 -31.44
CA SER A 153 -52.22 -24.73 -31.74
C SER A 153 -50.85 -24.67 -32.38
N CYS A 154 -50.47 -23.51 -32.88
CA CYS A 154 -49.17 -23.38 -33.54
C CYS A 154 -48.05 -23.63 -32.56
N THR A 155 -48.21 -23.12 -31.34
CA THR A 155 -47.17 -23.29 -30.31
C THR A 155 -47.07 -24.72 -29.82
N THR A 156 -48.21 -25.35 -29.54
CA THR A 156 -48.19 -26.77 -29.18
C THR A 156 -47.66 -27.60 -30.34
N ASN A 157 -48.06 -27.25 -31.56
CA ASN A 157 -47.58 -27.97 -32.76
C ASN A 157 -46.07 -27.82 -32.94
N CYS A 158 -45.55 -26.71 -32.44
CA CYS A 158 -44.13 -26.43 -32.51
C CYS A 158 -43.36 -27.26 -31.51
N ILE A 159 -43.77 -27.23 -30.26
CA ILE A 159 -42.95 -27.79 -29.18
C ILE A 159 -43.23 -29.26 -28.87
N ILE A 160 -44.46 -29.72 -29.09
CA ILE A 160 -44.81 -31.11 -28.81
C ILE A 160 -43.84 -32.11 -29.46
N PRO A 161 -43.56 -31.96 -30.75
CA PRO A 161 -42.62 -32.93 -31.34
C PRO A 161 -41.30 -33.03 -30.59
N VAL A 162 -40.75 -31.89 -30.19
CA VAL A 162 -39.49 -31.86 -29.45
C VAL A 162 -39.65 -32.53 -28.08
N ILE A 163 -40.72 -32.23 -27.38
CA ILE A 163 -40.95 -32.84 -26.08
C ILE A 163 -41.02 -34.37 -26.21
N LYS A 164 -41.68 -34.84 -27.26
CA LYS A 164 -41.78 -36.28 -27.53
C LYS A 164 -40.39 -36.87 -27.74
N LEU A 165 -39.67 -36.32 -28.71
CA LEU A 165 -38.31 -36.78 -28.99
C LEU A 165 -37.46 -36.86 -27.72
N LEU A 166 -37.55 -35.84 -26.87
CA LEU A 166 -36.76 -35.76 -25.64
C LEU A 166 -37.24 -36.76 -24.59
N ASP A 167 -38.56 -36.86 -24.44
CA ASP A 167 -39.14 -37.82 -23.49
C ASP A 167 -38.81 -39.28 -23.86
N ASP A 168 -38.99 -39.62 -25.13
CA ASP A 168 -38.66 -40.96 -25.62
C ASP A 168 -37.22 -41.32 -25.34
N ALA A 169 -36.31 -40.37 -25.57
CA ALA A 169 -34.88 -40.65 -25.46
C ALA A 169 -34.34 -40.62 -24.03
N TYR A 170 -34.89 -39.78 -23.16
CA TYR A 170 -34.28 -39.55 -21.83
C TYR A 170 -35.25 -39.59 -20.65
N GLY A 171 -36.54 -39.64 -20.94
CA GLY A 171 -37.59 -39.68 -19.91
C GLY A 171 -37.74 -38.39 -19.14
N ILE A 172 -38.63 -37.53 -19.61
CA ILE A 172 -38.84 -36.23 -18.99
C ILE A 172 -39.55 -36.41 -17.65
N GLU A 173 -39.01 -35.76 -16.62
CA GLU A 173 -39.56 -35.85 -15.27
C GLU A 173 -40.44 -34.64 -14.95
N SER A 174 -40.01 -33.45 -15.40
CA SER A 174 -40.83 -32.24 -15.35
C SER A 174 -40.30 -31.19 -16.34
N GLY A 175 -41.14 -30.23 -16.69
CA GLY A 175 -40.80 -29.22 -17.69
C GLY A 175 -41.34 -27.84 -17.40
N THR A 176 -40.68 -26.84 -17.97
CA THR A 176 -41.11 -25.47 -17.88
C THR A 176 -40.79 -24.77 -19.20
N VAL A 177 -41.69 -23.92 -19.68
CA VAL A 177 -41.53 -23.31 -20.99
C VAL A 177 -41.70 -21.82 -20.93
N THR A 178 -40.93 -21.12 -21.75
CA THR A 178 -41.15 -19.70 -21.99
C THR A 178 -41.29 -19.51 -23.50
N THR A 179 -42.36 -18.85 -23.90
CA THR A 179 -42.60 -18.56 -25.29
C THR A 179 -42.36 -17.07 -25.52
N ILE A 180 -41.57 -16.77 -26.54
CA ILE A 180 -41.39 -15.38 -26.94
C ILE A 180 -42.13 -15.14 -28.26
N HIS A 181 -43.28 -14.49 -28.12
CA HIS A 181 -44.18 -14.23 -29.23
C HIS A 181 -43.82 -12.96 -29.97
N SER A 182 -44.01 -12.94 -31.29
CA SER A 182 -43.89 -11.70 -32.07
C SER A 182 -45.23 -10.94 -32.00
N ALA A 183 -45.32 -9.80 -32.69
CA ALA A 183 -46.58 -9.05 -32.73
C ALA A 183 -47.20 -9.14 -34.12
N HIS A 194 -59.02 -4.03 -21.42
CA HIS A 194 -60.14 -4.72 -20.79
C HIS A 194 -59.76 -6.07 -20.16
N PRO A 195 -59.14 -6.99 -20.95
CA PRO A 195 -58.86 -8.34 -20.41
C PRO A 195 -57.74 -8.32 -19.36
N ASP A 196 -56.48 -8.31 -19.81
CA ASP A 196 -55.31 -8.08 -18.96
C ASP A 196 -55.11 -6.56 -18.91
N LEU A 197 -54.90 -6.00 -17.72
CA LEU A 197 -54.68 -4.54 -17.58
C LEU A 197 -53.27 -4.15 -18.08
N ARG A 198 -52.45 -5.17 -18.34
CA ARG A 198 -51.20 -5.07 -19.14
C ARG A 198 -51.49 -4.79 -20.61
N ARG A 199 -52.44 -5.54 -21.18
CA ARG A 199 -52.74 -5.48 -22.63
C ARG A 199 -52.72 -4.06 -23.19
N THR A 200 -53.46 -3.14 -22.54
CA THR A 200 -53.78 -1.81 -23.09
C THR A 200 -52.68 -0.73 -22.98
N ARG A 201 -51.47 -1.04 -23.43
CA ARG A 201 -50.31 -0.13 -23.32
C ARG A 201 -49.40 -0.36 -24.53
N ALA A 202 -48.41 0.53 -24.71
CA ALA A 202 -47.59 0.52 -25.94
C ALA A 202 -46.78 -0.77 -26.17
N ALA A 203 -47.19 -1.54 -27.20
CA ALA A 203 -46.45 -2.72 -27.70
C ALA A 203 -45.12 -2.34 -28.38
N SER A 204 -45.02 -1.07 -28.77
CA SER A 204 -43.89 -0.55 -29.56
C SER A 204 -42.50 -0.61 -28.87
N GLN A 205 -42.48 -1.02 -27.61
CA GLN A 205 -41.34 -0.71 -26.76
C GLN A 205 -40.98 -1.75 -25.71
N SER A 206 -41.97 -2.46 -25.19
CA SER A 206 -41.75 -3.25 -23.99
C SER A 206 -41.78 -4.74 -24.26
N ILE A 207 -41.34 -5.51 -23.28
CA ILE A 207 -41.56 -6.94 -23.20
C ILE A 207 -42.82 -7.05 -22.39
N ILE A 208 -43.82 -7.78 -22.88
CA ILE A 208 -45.10 -7.87 -22.18
C ILE A 208 -45.41 -9.32 -21.85
N PRO A 209 -45.71 -9.60 -20.58
CA PRO A 209 -46.18 -10.94 -20.22
C PRO A 209 -47.61 -11.22 -20.67
N VAL A 210 -47.84 -12.40 -21.27
CA VAL A 210 -49.20 -12.84 -21.65
C VAL A 210 -49.50 -14.21 -21.05
N ASP A 211 -50.78 -14.57 -20.93
CA ASP A 211 -51.12 -15.92 -20.47
C ASP A 211 -50.85 -16.89 -21.61
N THR A 212 -50.56 -18.13 -21.23
CA THR A 212 -50.33 -19.15 -22.23
C THR A 212 -51.03 -20.49 -21.92
N LYS A 213 -51.56 -21.07 -22.98
CA LYS A 213 -52.16 -22.38 -22.93
C LYS A 213 -51.11 -23.47 -23.19
N LEU A 214 -49.85 -23.13 -23.33
CA LEU A 214 -48.89 -24.19 -23.64
C LEU A 214 -48.86 -25.26 -22.53
N ALA A 215 -48.97 -24.80 -21.29
CA ALA A 215 -49.21 -25.61 -20.08
C ALA A 215 -50.32 -26.66 -20.30
N ALA A 216 -51.57 -26.18 -20.41
CA ALA A 216 -52.69 -27.07 -20.73
C ALA A 216 -52.39 -27.95 -21.96
N GLY A 217 -52.11 -27.33 -23.10
CA GLY A 217 -52.00 -28.04 -24.38
C GLY A 217 -51.06 -29.23 -24.29
N ILE A 218 -49.95 -29.05 -23.58
CA ILE A 218 -48.92 -30.08 -23.44
C ILE A 218 -49.43 -31.21 -22.57
N THR A 219 -49.93 -30.86 -21.40
CA THR A 219 -50.46 -31.86 -20.46
C THR A 219 -51.69 -32.60 -20.99
N ARG A 220 -52.46 -31.94 -21.85
CA ARG A 220 -53.58 -32.59 -22.52
C ARG A 220 -53.06 -33.65 -23.49
N PHE A 221 -52.08 -33.29 -24.30
CA PHE A 221 -51.50 -34.21 -25.27
C PHE A 221 -50.67 -35.31 -24.60
N PHE A 222 -49.98 -34.94 -23.53
CA PHE A 222 -49.20 -35.88 -22.71
C PHE A 222 -49.74 -35.89 -21.27
N PRO A 223 -50.76 -36.71 -20.99
CA PRO A 223 -51.40 -36.67 -19.67
C PRO A 223 -50.46 -37.08 -18.53
N GLN A 224 -49.43 -37.85 -18.86
CA GLN A 224 -48.43 -38.21 -17.87
C GLN A 224 -47.69 -37.00 -17.27
N PHE A 225 -47.95 -35.81 -17.80
CA PHE A 225 -47.26 -34.62 -17.32
C PHE A 225 -48.12 -33.68 -16.48
N ASN A 226 -49.33 -34.11 -16.13
CA ASN A 226 -50.18 -33.27 -15.26
C ASN A 226 -49.39 -32.89 -14.01
N ASP A 227 -49.51 -31.63 -13.59
CA ASP A 227 -48.74 -31.11 -12.45
C ASP A 227 -47.23 -31.31 -12.57
N ARG A 228 -46.74 -31.29 -13.81
CA ARG A 228 -45.31 -31.45 -14.10
C ARG A 228 -44.82 -30.49 -15.18
N PHE A 229 -45.74 -29.68 -15.70
CA PHE A 229 -45.43 -28.70 -16.71
C PHE A 229 -46.08 -27.38 -16.38
N GLU A 230 -45.34 -26.30 -16.62
CA GLU A 230 -45.85 -24.95 -16.51
C GLU A 230 -45.34 -24.15 -17.69
N ALA A 231 -45.96 -22.98 -17.90
CA ALA A 231 -45.57 -22.13 -19.02
C ALA A 231 -45.83 -20.65 -18.71
N ILE A 232 -44.95 -19.79 -19.21
CA ILE A 232 -45.21 -18.37 -19.29
C ILE A 232 -44.91 -17.93 -20.71
N ALA A 233 -45.26 -16.69 -21.04
CA ALA A 233 -45.00 -16.16 -22.37
C ALA A 233 -44.88 -14.63 -22.34
N VAL A 234 -44.13 -14.11 -23.31
CA VAL A 234 -44.05 -12.68 -23.53
C VAL A 234 -44.17 -12.33 -24.99
N ARG A 235 -44.70 -11.15 -25.24
CA ARG A 235 -44.82 -10.60 -26.57
C ARG A 235 -43.76 -9.50 -26.69
N VAL A 236 -42.99 -9.58 -27.77
CA VAL A 236 -42.00 -8.55 -28.12
C VAL A 236 -42.31 -8.02 -29.51
N PRO A 237 -41.87 -6.79 -29.82
CA PRO A 237 -42.20 -6.17 -31.10
C PRO A 237 -41.32 -6.64 -32.26
N THR A 238 -41.27 -7.96 -32.49
CA THR A 238 -40.60 -8.49 -33.66
C THR A 238 -41.64 -8.97 -34.66
N ILE A 239 -41.17 -9.36 -35.85
CA ILE A 239 -42.03 -9.76 -36.96
C ILE A 239 -42.17 -11.28 -37.08
N ASN A 240 -43.39 -11.75 -37.01
CA ASN A 240 -43.77 -13.07 -37.56
C ASN A 240 -43.28 -14.35 -36.87
N VAL A 241 -42.00 -14.41 -36.49
CA VAL A 241 -41.42 -15.65 -35.96
C VAL A 241 -41.44 -15.70 -34.42
N THR A 242 -41.71 -16.88 -33.91
CA THR A 242 -41.84 -17.13 -32.48
C THR A 242 -40.73 -18.05 -32.00
N ALA A 243 -40.24 -17.78 -30.80
CA ALA A 243 -39.18 -18.57 -30.16
C ALA A 243 -39.71 -19.22 -28.90
N ILE A 244 -39.42 -20.51 -28.77
CA ILE A 244 -39.88 -21.25 -27.61
C ILE A 244 -38.68 -21.77 -26.85
N ASP A 245 -38.65 -21.40 -25.57
CA ASP A 245 -37.51 -21.66 -24.70
C ASP A 245 -37.94 -22.75 -23.74
N LEU A 246 -37.55 -23.98 -24.05
CA LEU A 246 -38.01 -25.16 -23.33
C LEU A 246 -36.96 -25.61 -22.34
N SER A 247 -37.39 -25.90 -21.12
CA SER A 247 -36.50 -26.44 -20.10
C SER A 247 -37.12 -27.69 -19.48
N VAL A 248 -36.39 -28.80 -19.52
CA VAL A 248 -36.90 -30.07 -18.97
C VAL A 248 -35.86 -30.78 -18.10
N THR A 249 -36.33 -31.42 -17.03
CA THR A 249 -35.53 -32.35 -16.24
C THR A 249 -35.72 -33.76 -16.81
N VAL A 250 -34.62 -34.49 -16.96
CA VAL A 250 -34.67 -35.86 -17.49
C VAL A 250 -33.99 -36.88 -16.56
N LYS A 251 -34.39 -38.14 -16.71
CA LYS A 251 -33.85 -39.24 -15.90
C LYS A 251 -32.47 -39.64 -16.37
N LYS A 252 -32.36 -39.94 -17.65
CA LYS A 252 -31.09 -40.37 -18.25
C LYS A 252 -30.10 -39.19 -18.23
N PRO A 253 -28.84 -39.42 -17.80
CA PRO A 253 -27.86 -38.33 -17.86
C PRO A 253 -27.47 -38.02 -19.29
N VAL A 254 -27.32 -36.72 -19.59
CA VAL A 254 -27.04 -36.25 -20.95
C VAL A 254 -26.06 -35.08 -21.05
N LYS A 255 -25.48 -34.96 -22.24
CA LYS A 255 -24.65 -33.83 -22.61
C LYS A 255 -25.28 -33.04 -23.77
N ALA A 256 -25.02 -31.74 -23.78
CA ALA A 256 -25.60 -30.81 -24.76
C ALA A 256 -25.53 -31.34 -26.20
N ASN A 257 -24.35 -31.80 -26.63
CA ASN A 257 -24.19 -32.25 -28.03
C ASN A 257 -24.83 -33.61 -28.32
N GLU A 258 -25.05 -34.43 -27.28
CA GLU A 258 -25.81 -35.69 -27.45
C GLU A 258 -27.25 -35.36 -27.83
N VAL A 259 -27.83 -34.46 -27.03
CA VAL A 259 -29.16 -33.93 -27.27
C VAL A 259 -29.27 -33.37 -28.66
N ASN A 260 -28.31 -32.55 -29.04
CA ASN A 260 -28.27 -31.98 -30.40
C ASN A 260 -28.20 -33.05 -31.47
N LEU A 261 -27.43 -34.10 -31.22
CA LEU A 261 -27.28 -35.19 -32.20
C LEU A 261 -28.58 -35.96 -32.37
N LEU A 262 -29.25 -36.20 -31.25
CA LEU A 262 -30.56 -36.83 -31.27
C LEU A 262 -31.56 -36.05 -32.14
N LEU A 263 -31.68 -34.76 -31.86
CA LEU A 263 -32.61 -33.87 -32.56
C LEU A 263 -32.25 -33.75 -34.04
N GLN A 264 -30.97 -33.55 -34.34
CA GLN A 264 -30.50 -33.45 -35.71
C GLN A 264 -30.89 -34.70 -36.50
N LYS A 265 -30.73 -35.88 -35.87
CA LYS A 265 -31.04 -37.17 -36.51
C LYS A 265 -32.52 -37.29 -36.81
N ALA A 266 -33.33 -36.86 -35.83
CA ALA A 266 -34.78 -36.80 -35.96
C ALA A 266 -35.20 -35.94 -37.16
N ALA A 267 -34.54 -34.78 -37.30
CA ALA A 267 -34.83 -33.82 -38.36
C ALA A 267 -34.60 -34.35 -39.77
N GLN A 268 -33.64 -35.25 -39.98
CA GLN A 268 -33.47 -35.88 -41.30
C GLN A 268 -34.16 -37.22 -41.38
N GLY A 269 -34.49 -37.80 -40.24
CA GLY A 269 -35.18 -39.09 -40.23
C GLY A 269 -36.69 -39.02 -39.99
N ALA A 270 -37.12 -39.56 -38.86
CA ALA A 270 -38.54 -39.71 -38.54
C ALA A 270 -39.34 -38.42 -38.65
N PHE A 271 -38.71 -37.28 -38.38
CA PHE A 271 -39.42 -35.99 -38.36
C PHE A 271 -39.08 -35.06 -39.52
N HIS A 272 -38.57 -35.62 -40.61
CA HIS A 272 -38.19 -34.84 -41.77
C HIS A 272 -39.41 -34.06 -42.22
N GLY A 273 -39.20 -32.78 -42.52
CA GLY A 273 -40.29 -31.91 -42.99
C GLY A 273 -41.14 -31.30 -41.88
N ILE A 274 -41.09 -31.91 -40.69
CA ILE A 274 -41.83 -31.40 -39.53
C ILE A 274 -40.92 -30.66 -38.56
N VAL A 275 -39.82 -31.32 -38.17
CA VAL A 275 -38.81 -30.69 -37.32
C VAL A 275 -37.56 -30.47 -38.17
N ASP A 276 -36.94 -29.30 -37.99
CA ASP A 276 -35.65 -29.03 -38.60
C ASP A 276 -34.64 -28.69 -37.51
N TYR A 277 -33.36 -28.83 -37.89
CA TYR A 277 -32.24 -28.60 -36.99
C TYR A 277 -31.23 -27.72 -37.69
N THR A 278 -30.70 -26.75 -36.94
CA THR A 278 -29.67 -25.88 -37.49
C THR A 278 -28.65 -25.47 -36.43
N GLU A 279 -27.42 -25.32 -36.91
CA GLU A 279 -26.29 -24.81 -36.11
C GLU A 279 -25.76 -23.52 -36.71
N LEU A 280 -26.35 -23.09 -37.81
CA LEU A 280 -25.95 -21.84 -38.46
C LEU A 280 -26.26 -20.64 -37.57
N PRO A 281 -25.50 -19.55 -37.72
CA PRO A 281 -25.77 -18.35 -36.94
C PRO A 281 -26.88 -17.55 -37.59
N LEU A 282 -28.10 -17.82 -37.13
CA LEU A 282 -29.28 -17.19 -37.71
C LEU A 282 -30.08 -16.38 -36.67
N VAL A 283 -30.98 -15.55 -37.17
CA VAL A 283 -31.86 -14.76 -36.32
C VAL A 283 -33.29 -15.06 -36.71
N SER A 284 -34.24 -14.64 -35.88
CA SER A 284 -35.62 -15.11 -36.02
C SER A 284 -36.19 -14.99 -37.44
N VAL A 285 -36.03 -13.82 -38.04
CA VAL A 285 -36.54 -13.55 -39.40
C VAL A 285 -36.07 -14.54 -40.47
N ASP A 286 -35.00 -15.27 -40.21
CA ASP A 286 -34.49 -16.25 -41.19
C ASP A 286 -35.42 -17.46 -41.30
N PHE A 287 -36.27 -17.63 -40.30
CA PHE A 287 -37.24 -18.74 -40.28
C PHE A 287 -38.62 -18.29 -40.73
N ASN A 288 -38.70 -17.03 -41.14
CA ASN A 288 -39.90 -16.51 -41.79
C ASN A 288 -40.23 -17.36 -43.00
N HIS A 289 -41.48 -17.78 -43.08
CA HIS A 289 -41.96 -18.57 -44.20
C HIS A 289 -41.32 -19.95 -44.25
N ASP A 290 -40.91 -20.46 -43.09
CA ASP A 290 -40.40 -21.82 -42.99
C ASP A 290 -41.55 -22.78 -42.66
N PRO A 291 -41.76 -23.78 -43.54
CA PRO A 291 -42.85 -24.75 -43.41
C PRO A 291 -42.74 -25.72 -42.24
N HIS A 292 -41.56 -25.83 -41.64
CA HIS A 292 -41.40 -26.75 -40.51
C HIS A 292 -42.25 -26.29 -39.33
N SER A 293 -42.74 -27.26 -38.55
CA SER A 293 -43.48 -26.98 -37.33
C SER A 293 -42.56 -26.38 -36.27
N ALA A 294 -41.29 -26.81 -36.31
CA ALA A 294 -40.26 -26.40 -35.35
C ALA A 294 -38.87 -26.49 -35.97
N ILE A 295 -38.04 -25.48 -35.72
CA ILE A 295 -36.63 -25.52 -36.07
C ILE A 295 -35.79 -25.40 -34.80
N VAL A 296 -35.01 -26.45 -34.53
CA VAL A 296 -34.20 -26.48 -33.32
C VAL A 296 -32.89 -25.76 -33.57
N ASP A 297 -32.57 -24.83 -32.66
CA ASP A 297 -31.33 -24.09 -32.74
C ASP A 297 -30.27 -24.76 -31.90
N GLY A 298 -29.45 -25.56 -32.56
CA GLY A 298 -28.40 -26.35 -31.88
C GLY A 298 -27.47 -25.51 -31.02
N THR A 299 -27.12 -24.33 -31.53
CA THR A 299 -26.18 -23.45 -30.86
C THR A 299 -26.66 -22.98 -29.51
N GLN A 300 -27.96 -23.13 -29.24
CA GLN A 300 -28.56 -22.66 -27.98
C GLN A 300 -28.87 -23.79 -26.99
N THR A 301 -28.59 -25.03 -27.39
CA THR A 301 -28.81 -26.17 -26.51
C THR A 301 -27.80 -26.14 -25.36
N ARG A 302 -28.31 -26.43 -24.17
CA ARG A 302 -27.53 -26.47 -22.94
C ARG A 302 -28.01 -27.61 -22.06
N VAL A 303 -27.12 -28.12 -21.21
CA VAL A 303 -27.49 -29.07 -20.17
C VAL A 303 -26.82 -28.67 -18.86
N SER A 304 -27.62 -28.44 -17.83
CA SER A 304 -27.16 -28.02 -16.50
C SER A 304 -27.10 -29.25 -15.57
N GLY A 305 -25.92 -29.51 -15.04
CA GLY A 305 -25.67 -30.81 -14.44
C GLY A 305 -25.67 -31.80 -15.60
N ALA A 306 -26.32 -32.94 -15.41
CA ALA A 306 -26.49 -33.90 -16.52
C ALA A 306 -27.97 -34.10 -16.85
N HIS A 307 -28.83 -33.32 -16.21
CA HIS A 307 -30.26 -33.64 -16.14
C HIS A 307 -31.23 -32.50 -16.53
N LEU A 308 -30.75 -31.25 -16.58
CA LEU A 308 -31.59 -30.09 -16.92
C LEU A 308 -31.29 -29.60 -18.34
N ILE A 309 -32.18 -29.88 -19.28
CA ILE A 309 -31.96 -29.55 -20.69
C ILE A 309 -32.65 -28.26 -21.03
N LYS A 310 -31.90 -27.32 -21.62
CA LYS A 310 -32.51 -26.14 -22.23
C LYS A 310 -32.36 -26.24 -23.74
N THR A 311 -33.47 -26.05 -24.43
CA THR A 311 -33.44 -26.01 -25.88
C THR A 311 -34.29 -24.84 -26.38
N LEU A 312 -33.77 -24.12 -27.36
CA LEU A 312 -34.50 -23.02 -27.98
C LEU A 312 -34.99 -23.47 -29.33
N VAL A 313 -36.30 -23.38 -29.54
CA VAL A 313 -36.90 -23.78 -30.80
C VAL A 313 -37.61 -22.60 -31.44
N TRP A 314 -37.27 -22.37 -32.71
CA TRP A 314 -37.92 -21.36 -33.55
C TRP A 314 -39.10 -21.97 -34.28
N CYS A 315 -40.10 -21.15 -34.58
CA CYS A 315 -41.13 -21.51 -35.56
C CYS A 315 -41.80 -20.29 -36.14
N ASP A 316 -42.18 -20.38 -37.41
CA ASP A 316 -43.08 -19.42 -38.00
C ASP A 316 -44.45 -19.78 -37.48
N ASN A 317 -44.93 -18.97 -36.55
CA ASN A 317 -46.18 -19.27 -35.80
C ASN A 317 -47.44 -19.38 -36.65
N GLU A 318 -47.36 -19.01 -37.93
CA GLU A 318 -48.51 -19.13 -38.82
C GLU A 318 -48.26 -20.08 -39.96
N TRP A 319 -47.11 -19.95 -40.59
CA TRP A 319 -46.82 -20.72 -41.79
C TRP A 319 -46.72 -22.20 -41.48
N GLY A 320 -45.98 -22.53 -40.44
CA GLY A 320 -45.82 -23.93 -40.05
C GLY A 320 -47.18 -24.54 -39.81
N PHE A 321 -47.93 -23.90 -38.93
CA PHE A 321 -49.25 -24.36 -38.58
C PHE A 321 -50.17 -24.51 -39.79
N ALA A 322 -50.09 -23.56 -40.70
CA ALA A 322 -50.91 -23.56 -41.90
C ALA A 322 -50.65 -24.78 -42.77
N ASN A 323 -49.38 -25.12 -42.93
CA ASN A 323 -49.01 -26.31 -43.68
C ASN A 323 -49.45 -27.60 -42.96
N ARG A 324 -49.37 -27.62 -41.63
CA ARG A 324 -49.84 -28.77 -40.86
C ARG A 324 -51.36 -28.96 -41.03
N MET A 325 -52.08 -27.85 -41.15
CA MET A 325 -53.51 -27.91 -41.38
C MET A 325 -53.77 -28.70 -42.64
N LEU A 326 -52.97 -28.43 -43.67
CA LEU A 326 -53.07 -29.12 -44.94
C LEU A 326 -52.63 -30.57 -44.80
N ASP A 327 -51.56 -30.81 -44.07
CA ASP A 327 -51.08 -32.17 -43.86
C ASP A 327 -52.12 -33.03 -43.16
N THR A 328 -52.70 -32.48 -42.11
CA THR A 328 -53.75 -33.17 -41.37
C THR A 328 -54.97 -33.40 -42.25
N THR A 329 -55.34 -32.39 -43.03
CA THR A 329 -56.50 -32.50 -43.90
C THR A 329 -56.33 -33.72 -44.79
N LEU A 330 -55.19 -33.81 -45.45
CA LEU A 330 -54.91 -34.93 -46.35
C LEU A 330 -55.07 -36.27 -45.65
N ALA A 331 -54.46 -36.42 -44.49
CA ALA A 331 -54.59 -37.64 -43.69
C ALA A 331 -56.06 -37.98 -43.40
N MET A 332 -56.83 -36.97 -43.03
CA MET A 332 -58.23 -37.16 -42.67
C MET A 332 -59.03 -37.65 -43.85
N ALA A 333 -58.78 -37.06 -45.02
CA ALA A 333 -59.50 -37.42 -46.26
C ALA A 333 -59.08 -38.79 -46.81
N THR A 334 -57.88 -39.22 -46.43
CA THR A 334 -57.28 -40.47 -46.90
C THR A 334 -57.63 -41.70 -46.05
N VAL A 335 -57.59 -41.57 -44.72
CA VAL A 335 -57.99 -42.69 -43.81
C VAL A 335 -59.40 -43.31 -44.06
N ALA A 336 -60.49 -42.52 -44.01
CA ALA A 336 -61.86 -43.01 -44.30
C ALA A 336 -62.96 -42.08 -43.80
N THR B 1 -15.06 14.20 1.49
CA THR B 1 -16.00 13.61 0.50
C THR B 1 -15.24 12.51 -0.25
N VAL B 2 -15.81 11.31 -0.44
CA VAL B 2 -15.06 10.30 -1.18
C VAL B 2 -14.93 10.87 -2.59
N ARG B 3 -13.74 10.84 -3.13
CA ARG B 3 -13.53 11.44 -4.45
C ARG B 3 -13.15 10.40 -5.48
N VAL B 4 -13.96 10.32 -6.54
CA VAL B 4 -13.78 9.30 -7.54
C VAL B 4 -13.45 9.93 -8.86
N ALA B 5 -12.70 9.17 -9.63
CA ALA B 5 -12.47 9.47 -11.01
C ALA B 5 -13.12 8.36 -11.82
N ILE B 6 -13.57 8.70 -13.03
CA ILE B 6 -14.14 7.71 -13.94
C ILE B 6 -13.29 7.56 -15.17
N ASN B 7 -12.81 6.34 -15.38
CA ASN B 7 -12.06 6.01 -16.59
C ASN B 7 -13.01 5.37 -17.58
N GLY B 8 -13.25 6.06 -18.68
CA GLY B 8 -14.18 5.60 -19.72
C GLY B 8 -15.56 6.17 -19.47
N PHE B 9 -16.01 7.05 -20.39
CA PHE B 9 -17.28 7.75 -20.27
C PHE B 9 -18.23 7.23 -21.31
N GLY B 10 -18.35 5.91 -21.37
CA GLY B 10 -19.29 5.24 -22.27
C GLY B 10 -20.67 5.27 -21.66
N ARG B 11 -21.46 4.25 -21.99
CA ARG B 11 -22.82 4.16 -21.47
C ARG B 11 -22.82 4.06 -19.95
N ILE B 12 -22.01 3.15 -19.43
CA ILE B 12 -22.02 2.89 -18.00
C ILE B 12 -21.45 4.05 -17.19
N GLY B 13 -20.33 4.59 -17.66
CA GLY B 13 -19.72 5.77 -17.05
C GLY B 13 -20.68 6.92 -16.96
N ARG B 14 -21.35 7.22 -18.06
CA ARG B 14 -22.31 8.31 -18.08
C ARG B 14 -23.41 8.12 -17.04
N ASN B 15 -23.89 6.89 -16.94
CA ASN B 15 -24.97 6.54 -16.01
C ASN B 15 -24.55 6.61 -14.55
N VAL B 16 -23.31 6.20 -14.28
CA VAL B 16 -22.75 6.33 -12.94
C VAL B 16 -22.79 7.81 -12.49
N VAL B 17 -22.40 8.72 -13.36
CA VAL B 17 -22.50 10.14 -13.08
C VAL B 17 -23.95 10.54 -12.86
N ARG B 18 -24.81 10.24 -13.82
CA ARG B 18 -26.23 10.59 -13.69
C ARG B 18 -26.78 10.03 -12.37
N ALA B 19 -26.41 8.80 -12.04
CA ALA B 19 -26.90 8.12 -10.84
C ALA B 19 -26.41 8.82 -9.59
N LEU B 20 -25.15 9.26 -9.60
CA LEU B 20 -24.57 9.92 -8.46
C LEU B 20 -25.41 11.11 -8.03
N TYR B 21 -25.84 11.90 -9.00
CA TYR B 21 -26.63 13.10 -8.74
C TYR B 21 -28.09 12.82 -8.38
N GLU B 22 -28.73 11.98 -9.19
CA GLU B 22 -30.15 11.63 -9.00
C GLU B 22 -30.40 10.87 -7.69
N SER B 23 -29.50 9.98 -7.29
CA SER B 23 -29.64 9.39 -5.95
C SER B 23 -29.34 10.45 -4.85
N GLY B 24 -28.63 11.50 -5.20
CA GLY B 24 -28.18 12.46 -4.22
C GLY B 24 -27.15 11.88 -3.26
N ARG B 25 -26.29 10.97 -3.76
CA ARG B 25 -25.04 10.55 -3.10
C ARG B 25 -23.93 11.55 -3.42
N ARG B 26 -24.33 12.67 -4.00
CA ARG B 26 -23.44 13.80 -4.25
C ARG B 26 -23.00 14.42 -2.93
N ALA B 27 -23.75 14.16 -1.85
CA ALA B 27 -23.24 14.48 -0.52
C ALA B 27 -21.94 13.71 -0.30
N GLU B 28 -22.02 12.38 -0.32
CA GLU B 28 -20.88 11.55 0.07
C GLU B 28 -19.76 11.46 -0.99
N ILE B 29 -19.98 11.94 -2.21
CA ILE B 29 -19.02 11.73 -3.29
C ILE B 29 -18.89 12.88 -4.30
N THR B 30 -17.65 13.13 -4.74
CA THR B 30 -17.42 13.98 -5.91
C THR B 30 -16.76 13.15 -6.98
N VAL B 31 -17.27 13.31 -8.20
CA VAL B 31 -16.50 12.96 -9.39
C VAL B 31 -15.61 14.15 -9.68
N VAL B 32 -14.31 13.90 -9.66
CA VAL B 32 -13.34 14.98 -9.83
C VAL B 32 -12.77 14.98 -11.23
N ALA B 33 -12.69 13.80 -11.84
CA ALA B 33 -12.15 13.71 -13.18
C ALA B 33 -12.79 12.60 -14.00
N ILE B 34 -12.96 12.85 -15.28
CA ILE B 34 -13.39 11.81 -16.22
C ILE B 34 -12.38 11.69 -17.33
N ASN B 35 -12.06 10.45 -17.70
CA ASN B 35 -11.13 10.20 -18.79
C ASN B 35 -11.81 9.40 -19.90
N GLU B 36 -11.77 9.90 -21.14
CA GLU B 36 -12.20 9.10 -22.31
C GLU B 36 -11.41 9.52 -23.58
N LEU B 37 -11.28 8.59 -24.52
CA LEU B 37 -10.57 8.84 -25.75
C LEU B 37 -11.62 9.24 -26.74
N ALA B 38 -12.13 10.45 -26.58
CA ALA B 38 -13.34 10.86 -27.28
C ALA B 38 -13.58 12.34 -27.07
N ASP B 39 -14.51 12.90 -27.84
CA ASP B 39 -14.70 14.35 -27.90
C ASP B 39 -15.44 14.93 -26.64
N ALA B 40 -14.77 15.79 -25.89
CA ALA B 40 -15.34 16.48 -24.73
C ALA B 40 -16.72 17.13 -24.95
N ALA B 41 -16.91 17.74 -26.12
CA ALA B 41 -18.19 18.37 -26.53
C ALA B 41 -19.34 17.37 -26.52
N GLY B 42 -19.05 16.20 -27.07
CA GLY B 42 -20.05 15.15 -27.23
C GLY B 42 -20.21 14.28 -26.02
N MET B 43 -19.24 14.33 -25.12
CA MET B 43 -19.41 13.73 -23.80
C MET B 43 -20.45 14.56 -23.07
N ALA B 44 -20.28 15.90 -23.04
CA ALA B 44 -21.28 16.76 -22.40
C ALA B 44 -22.66 16.50 -22.99
N HIS B 45 -22.71 16.42 -24.32
CA HIS B 45 -23.95 16.16 -25.07
C HIS B 45 -24.60 14.87 -24.67
N LEU B 46 -23.85 13.80 -24.85
CA LEU B 46 -24.33 12.47 -24.54
C LEU B 46 -24.71 12.30 -23.07
N LEU B 47 -24.07 13.04 -22.17
CA LEU B 47 -24.45 13.02 -20.76
C LEU B 47 -25.83 13.64 -20.58
N LYS B 48 -26.10 14.72 -21.32
CA LYS B 48 -27.36 15.47 -21.20
C LYS B 48 -28.54 14.74 -21.82
N TYR B 49 -28.32 14.11 -22.98
CA TYR B 49 -29.39 13.46 -23.73
C TYR B 49 -29.24 11.95 -23.79
N ASP B 50 -30.10 11.25 -23.07
CA ASP B 50 -30.13 9.81 -23.22
C ASP B 50 -31.46 9.28 -23.72
N THR B 51 -31.31 8.35 -24.66
CA THR B 51 -32.38 7.58 -25.29
C THR B 51 -33.37 6.91 -24.28
N SER B 52 -32.83 6.32 -23.21
CA SER B 52 -33.64 5.54 -22.26
C SER B 52 -34.08 6.32 -21.05
N HIS B 53 -33.32 7.33 -20.63
CA HIS B 53 -33.57 7.97 -19.33
C HIS B 53 -34.06 9.41 -19.40
N GLY B 54 -34.47 9.87 -20.59
CA GLY B 54 -34.86 11.28 -20.81
C GLY B 54 -33.68 12.25 -20.73
N ARG B 55 -34.00 13.55 -20.80
CA ARG B 55 -33.01 14.66 -20.62
C ARG B 55 -32.55 14.64 -19.18
N PHE B 56 -31.24 14.76 -18.98
CA PHE B 56 -30.67 14.82 -17.64
C PHE B 56 -31.18 16.06 -16.94
N ALA B 57 -31.77 15.84 -15.76
CA ALA B 57 -32.43 16.91 -14.99
C ALA B 57 -31.48 18.04 -14.60
N TRP B 58 -30.20 17.71 -14.43
CA TRP B 58 -29.19 18.71 -14.06
C TRP B 58 -28.69 19.47 -15.27
N GLU B 59 -28.13 20.65 -15.02
CA GLU B 59 -27.63 21.49 -16.10
C GLU B 59 -26.19 21.10 -16.48
N VAL B 60 -25.99 20.73 -17.74
CA VAL B 60 -24.69 20.23 -18.23
C VAL B 60 -24.00 21.19 -19.23
N ARG B 61 -22.76 21.57 -18.92
CA ARG B 61 -21.95 22.42 -19.81
C ARG B 61 -20.56 21.84 -20.06
N GLN B 62 -19.88 22.40 -21.06
CA GLN B 62 -18.52 21.97 -21.40
C GLN B 62 -17.73 23.07 -22.14
N GLU B 63 -16.51 23.34 -21.68
CA GLU B 63 -15.65 24.37 -22.25
C GLU B 63 -14.20 24.02 -21.93
N ARG B 64 -13.31 24.26 -22.90
CA ARG B 64 -11.92 23.80 -22.90
C ARG B 64 -11.86 22.34 -22.41
N ASP B 65 -11.18 22.05 -21.29
CA ASP B 65 -11.04 20.68 -20.77
C ASP B 65 -11.87 20.43 -19.49
N GLN B 66 -13.03 21.08 -19.41
CA GLN B 66 -13.92 20.97 -18.25
C GLN B 66 -15.32 20.52 -18.64
N LEU B 67 -15.86 19.57 -17.87
CA LEU B 67 -17.25 19.18 -17.94
C LEU B 67 -17.94 19.75 -16.71
N PHE B 68 -19.05 20.43 -16.92
CA PHE B 68 -19.80 20.98 -15.81
C PHE B 68 -21.09 20.22 -15.66
N VAL B 69 -21.33 19.69 -14.47
CA VAL B 69 -22.61 19.13 -14.07
C VAL B 69 -23.04 19.92 -12.85
N GLY B 70 -24.14 20.64 -12.99
CA GLY B 70 -24.61 21.55 -11.96
C GLY B 70 -23.62 22.69 -11.88
N ASP B 71 -23.30 23.09 -10.65
CA ASP B 71 -22.23 24.08 -10.39
C ASP B 71 -20.85 23.43 -10.30
N ASP B 72 -20.80 22.09 -10.29
CA ASP B 72 -19.53 21.35 -10.20
C ASP B 72 -18.81 21.36 -11.51
N ALA B 73 -17.52 21.03 -11.46
CA ALA B 73 -16.63 21.11 -12.60
C ALA B 73 -15.75 19.89 -12.59
N ILE B 74 -15.98 18.99 -13.52
CA ILE B 74 -15.17 17.78 -13.59
C ILE B 74 -14.03 17.94 -14.60
N ARG B 75 -12.81 17.64 -14.19
CA ARG B 75 -11.71 17.74 -15.10
C ARG B 75 -11.88 16.65 -16.16
N VAL B 76 -11.78 17.06 -17.40
CA VAL B 76 -11.88 16.12 -18.48
C VAL B 76 -10.49 15.83 -19.02
N LEU B 77 -10.12 14.55 -19.02
CA LEU B 77 -8.79 14.12 -19.46
C LEU B 77 -8.95 13.28 -20.71
N HIS B 78 -7.87 13.18 -21.49
CA HIS B 78 -7.86 12.37 -22.73
C HIS B 78 -6.66 11.41 -22.87
N GLU B 79 -6.38 10.55 -21.90
CA GLU B 79 -5.09 9.80 -21.89
C GLU B 79 -5.10 8.37 -22.45
N ARG B 80 -4.37 8.17 -23.55
CA ARG B 80 -4.39 6.90 -24.29
C ARG B 80 -3.82 5.67 -23.51
N SER B 81 -3.08 5.91 -22.44
CA SER B 81 -2.44 4.81 -21.68
C SER B 81 -2.45 5.07 -20.18
N LEU B 82 -2.50 4.00 -19.39
CA LEU B 82 -2.90 4.07 -17.96
C LEU B 82 -1.94 4.76 -17.00
N GLN B 83 -0.69 4.91 -17.40
CA GLN B 83 0.37 5.32 -16.50
C GLN B 83 0.48 6.84 -16.33
N SER B 84 0.02 7.62 -17.32
CA SER B 84 0.06 9.10 -17.31
C SER B 84 -1.20 9.77 -16.73
N LEU B 85 -2.02 9.00 -16.05
CA LEU B 85 -3.22 9.55 -15.42
C LEU B 85 -2.86 10.28 -14.12
N PRO B 86 -3.31 11.54 -13.98
CA PRO B 86 -2.98 12.36 -12.83
C PRO B 86 -3.83 12.06 -11.59
N TRP B 87 -3.97 10.79 -11.24
CA TRP B 87 -4.80 10.41 -10.08
C TRP B 87 -4.22 10.98 -8.78
N ARG B 88 -2.90 10.89 -8.64
CA ARG B 88 -2.21 11.40 -7.46
C ARG B 88 -2.49 12.88 -7.28
N GLU B 89 -2.29 13.63 -8.35
CA GLU B 89 -2.52 15.07 -8.37
C GLU B 89 -3.94 15.47 -7.93
N LEU B 90 -4.92 14.62 -8.23
CA LEU B 90 -6.32 14.91 -7.93
C LEU B 90 -6.82 14.28 -6.62
N GLY B 91 -5.99 13.44 -6.02
CA GLY B 91 -6.31 12.82 -4.74
C GLY B 91 -7.40 11.78 -4.81
N VAL B 92 -7.46 11.09 -5.94
CA VAL B 92 -8.49 10.09 -6.20
C VAL B 92 -8.47 8.95 -5.17
N ASP B 93 -9.61 8.75 -4.48
CA ASP B 93 -9.79 7.66 -3.53
C ASP B 93 -10.18 6.36 -4.21
N VAL B 94 -11.08 6.45 -5.19
CA VAL B 94 -11.43 5.27 -6.03
C VAL B 94 -11.54 5.65 -7.50
N VAL B 95 -10.95 4.84 -8.36
CA VAL B 95 -11.16 4.96 -9.79
C VAL B 95 -12.16 3.93 -10.24
N LEU B 96 -13.27 4.41 -10.79
CA LEU B 96 -14.25 3.55 -11.42
C LEU B 96 -13.87 3.43 -12.90
N ASP B 97 -13.38 2.26 -13.28
CA ASP B 97 -13.00 2.05 -14.66
C ASP B 97 -14.12 1.40 -15.45
N CYS B 98 -14.73 2.21 -16.31
CA CYS B 98 -15.88 1.79 -17.09
C CYS B 98 -15.58 1.79 -18.57
N THR B 99 -14.32 1.54 -18.90
CA THR B 99 -13.86 1.54 -20.29
C THR B 99 -14.31 0.27 -20.96
N GLY B 100 -14.36 -0.81 -20.19
CA GLY B 100 -14.67 -2.12 -20.74
C GLY B 100 -13.48 -2.79 -21.41
N VAL B 101 -12.39 -2.03 -21.60
CA VAL B 101 -11.13 -2.59 -22.14
C VAL B 101 -10.21 -3.07 -21.02
N TYR B 102 -10.01 -2.25 -19.99
CA TYR B 102 -9.13 -2.60 -18.87
C TYR B 102 -9.82 -3.52 -17.86
N GLY B 103 -9.08 -4.47 -17.31
CA GLY B 103 -9.65 -5.43 -16.34
C GLY B 103 -8.77 -6.45 -15.62
N SER B 104 -7.48 -6.57 -15.96
CA SER B 104 -6.58 -7.52 -15.29
C SER B 104 -6.13 -7.02 -13.89
N ARG B 105 -5.12 -7.68 -13.29
CA ARG B 105 -4.46 -7.15 -12.07
C ARG B 105 -3.69 -5.89 -12.40
N GLU B 106 -2.88 -6.03 -13.43
CA GLU B 106 -1.86 -5.06 -13.82
C GLU B 106 -2.47 -3.69 -14.09
N HIS B 107 -3.60 -3.70 -14.79
CA HIS B 107 -4.34 -2.47 -15.07
C HIS B 107 -4.70 -1.79 -13.76
N GLY B 108 -5.13 -2.60 -12.80
CA GLY B 108 -5.42 -2.10 -11.47
C GLY B 108 -4.20 -1.48 -10.82
N GLU B 109 -3.08 -2.22 -10.83
CA GLU B 109 -1.82 -1.73 -10.26
C GLU B 109 -1.42 -0.40 -10.94
N ALA B 110 -1.60 -0.35 -12.26
CA ALA B 110 -1.30 0.84 -13.06
C ALA B 110 -2.05 2.06 -12.59
N HIS B 111 -3.34 1.89 -12.33
CA HIS B 111 -4.20 2.95 -11.82
C HIS B 111 -3.69 3.42 -10.47
N ILE B 112 -3.41 2.46 -9.59
CA ILE B 112 -2.90 2.76 -8.24
C ILE B 112 -1.54 3.46 -8.33
N ALA B 113 -0.64 2.90 -9.13
CA ALA B 113 0.65 3.51 -9.44
C ALA B 113 0.49 4.96 -9.88
N ALA B 114 -0.51 5.23 -10.72
CA ALA B 114 -0.81 6.58 -11.19
C ALA B 114 -1.37 7.51 -10.09
N GLY B 115 -1.71 6.92 -8.94
CA GLY B 115 -2.04 7.68 -7.74
C GLY B 115 -3.40 7.44 -7.12
N ALA B 116 -4.06 6.38 -7.54
CA ALA B 116 -5.39 6.09 -7.07
C ALA B 116 -5.30 5.07 -5.96
N LYS B 117 -6.05 5.29 -4.87
CA LYS B 117 -5.97 4.42 -3.71
C LYS B 117 -6.53 3.06 -4.06
N LYS B 118 -7.72 3.05 -4.66
CA LYS B 118 -8.39 1.80 -5.04
C LYS B 118 -9.01 1.89 -6.44
N VAL B 119 -9.29 0.72 -7.01
CA VAL B 119 -9.85 0.59 -8.35
C VAL B 119 -11.10 -0.29 -8.34
N LEU B 120 -12.12 0.13 -9.06
CA LEU B 120 -13.33 -0.67 -9.22
C LEU B 120 -13.71 -0.82 -10.69
N PHE B 121 -13.73 -2.06 -11.17
CA PHE B 121 -14.05 -2.33 -12.56
C PHE B 121 -15.54 -2.53 -12.78
N SER B 122 -16.04 -2.00 -13.90
CA SER B 122 -17.46 -2.10 -14.25
C SER B 122 -17.80 -3.42 -14.95
N HIS B 123 -17.01 -4.45 -14.69
CA HIS B 123 -17.25 -5.76 -15.27
C HIS B 123 -16.51 -6.83 -14.46
N PRO B 124 -16.74 -8.15 -14.73
CA PRO B 124 -16.09 -9.20 -13.90
C PRO B 124 -14.56 -9.36 -14.06
N GLY B 125 -13.99 -8.64 -15.01
CA GLY B 125 -12.54 -8.52 -15.13
C GLY B 125 -11.83 -9.82 -15.42
N SER B 126 -10.94 -10.22 -14.53
CA SER B 126 -10.23 -11.47 -14.67
C SER B 126 -10.30 -12.27 -13.36
N ASN B 127 -9.91 -13.53 -13.48
CA ASN B 127 -10.02 -14.51 -12.38
C ASN B 127 -9.27 -14.16 -11.08
N ASP B 128 -8.19 -13.39 -11.21
CA ASP B 128 -7.28 -13.17 -10.10
C ASP B 128 -7.39 -11.79 -9.46
N LEU B 129 -8.54 -11.14 -9.57
CA LEU B 129 -8.73 -9.83 -8.93
C LEU B 129 -8.82 -10.01 -7.43
N ASP B 130 -8.73 -8.90 -6.68
CA ASP B 130 -8.82 -8.94 -5.21
C ASP B 130 -10.12 -9.54 -4.73
N ALA B 131 -11.21 -9.25 -5.42
CA ALA B 131 -12.57 -9.62 -4.92
C ALA B 131 -13.65 -9.24 -5.94
N THR B 132 -14.70 -10.03 -6.08
CA THR B 132 -15.84 -9.55 -6.86
C THR B 132 -16.94 -9.19 -5.87
N VAL B 133 -17.57 -8.03 -6.06
CA VAL B 133 -18.69 -7.63 -5.22
C VAL B 133 -20.01 -7.56 -5.98
N VAL B 134 -20.94 -8.41 -5.58
CA VAL B 134 -22.34 -8.29 -5.99
C VAL B 134 -23.01 -7.65 -4.79
N TYR B 135 -23.09 -6.33 -4.83
CA TYR B 135 -23.55 -5.57 -3.68
C TYR B 135 -24.92 -6.01 -3.18
N GLY B 136 -25.00 -6.20 -1.86
CA GLY B 136 -26.22 -6.73 -1.21
C GLY B 136 -26.11 -8.20 -0.87
N VAL B 137 -25.11 -8.88 -1.43
CA VAL B 137 -24.88 -10.28 -1.16
C VAL B 137 -23.57 -10.45 -0.38
N ASN B 138 -22.46 -9.92 -0.91
CA ASN B 138 -21.15 -10.14 -0.30
C ASN B 138 -20.30 -8.90 -0.17
N GLN B 139 -20.91 -7.75 0.07
CA GLN B 139 -20.13 -6.53 0.32
C GLN B 139 -19.47 -6.57 1.70
N ASP B 140 -20.08 -7.33 2.62
CA ASP B 140 -19.50 -7.57 3.97
C ASP B 140 -18.16 -8.30 3.95
N GLN B 141 -17.82 -8.97 2.84
CA GLN B 141 -16.51 -9.62 2.67
C GLN B 141 -15.43 -8.66 2.16
N LEU B 142 -15.72 -7.37 2.24
CA LEU B 142 -14.80 -6.36 1.79
C LEU B 142 -13.90 -6.03 2.96
N ARG B 143 -12.61 -6.26 2.78
CA ARG B 143 -11.60 -5.84 3.71
C ARG B 143 -11.02 -4.55 3.14
N ALA B 144 -10.57 -3.64 4.02
CA ALA B 144 -9.92 -2.40 3.56
C ALA B 144 -8.68 -2.68 2.71
N GLU B 145 -8.15 -3.90 2.81
CA GLU B 145 -6.96 -4.34 2.05
C GLU B 145 -7.28 -4.63 0.58
N HIS B 146 -8.56 -4.72 0.23
CA HIS B 146 -8.99 -5.03 -1.13
C HIS B 146 -8.97 -3.81 -2.02
N ARG B 147 -8.06 -3.76 -3.00
CA ARG B 147 -7.77 -2.49 -3.69
C ARG B 147 -8.12 -2.51 -5.17
N ILE B 148 -8.10 -3.69 -5.76
CA ILE B 148 -8.52 -3.88 -7.14
C ILE B 148 -9.72 -4.82 -7.15
N VAL B 149 -10.92 -4.27 -7.30
CA VAL B 149 -12.13 -5.09 -7.22
C VAL B 149 -13.02 -4.96 -8.48
N SER B 150 -13.79 -6.03 -8.74
CA SER B 150 -14.74 -6.11 -9.84
C SER B 150 -16.15 -5.99 -9.28
N ASN B 151 -17.05 -5.35 -10.03
CA ASN B 151 -18.46 -5.17 -9.61
C ASN B 151 -19.42 -6.18 -10.23
N ALA B 152 -18.85 -7.29 -10.74
CA ALA B 152 -19.62 -8.29 -11.52
C ALA B 152 -20.17 -7.63 -12.81
N SER B 153 -21.19 -8.22 -13.43
CA SER B 153 -21.86 -7.59 -14.58
C SER B 153 -23.26 -7.22 -14.17
N CYS B 154 -23.96 -6.48 -15.01
CA CYS B 154 -25.35 -6.10 -14.71
C CYS B 154 -26.29 -7.31 -14.63
N THR B 155 -26.07 -8.30 -15.48
CA THR B 155 -26.90 -9.50 -15.47
C THR B 155 -26.62 -10.36 -14.23
N THR B 156 -25.33 -10.60 -13.94
CA THR B 156 -24.96 -11.36 -12.74
C THR B 156 -25.43 -10.60 -11.50
N ASN B 157 -25.27 -9.29 -11.50
CA ASN B 157 -25.72 -8.47 -10.38
C ASN B 157 -27.22 -8.55 -10.18
N CYS B 158 -27.93 -8.82 -11.26
CA CYS B 158 -29.38 -8.95 -11.25
C CYS B 158 -29.83 -10.29 -10.68
N ILE B 159 -29.25 -11.38 -11.18
CA ILE B 159 -29.77 -12.71 -10.86
C ILE B 159 -29.12 -13.35 -9.62
N ILE B 160 -27.84 -13.05 -9.36
CA ILE B 160 -27.13 -13.66 -8.22
C ILE B 160 -27.94 -13.53 -6.92
N PRO B 161 -28.40 -12.33 -6.58
CA PRO B 161 -29.16 -12.22 -5.33
C PRO B 161 -30.31 -13.21 -5.22
N VAL B 162 -31.04 -13.37 -6.32
CA VAL B 162 -32.16 -14.31 -6.34
C VAL B 162 -31.63 -15.75 -6.17
N ILE B 163 -30.58 -16.09 -6.90
CA ILE B 163 -30.05 -17.45 -6.81
C ILE B 163 -29.67 -17.74 -5.37
N LYS B 164 -29.06 -16.77 -4.71
CA LYS B 164 -28.66 -16.94 -3.30
C LYS B 164 -29.88 -17.20 -2.45
N LEU B 165 -30.84 -16.27 -2.52
CA LEU B 165 -32.08 -16.42 -1.75
C LEU B 165 -32.69 -17.81 -1.91
N LEU B 166 -32.74 -18.29 -3.16
CA LEU B 166 -33.37 -19.57 -3.47
C LEU B 166 -32.53 -20.71 -2.98
N ASP B 167 -31.22 -20.61 -3.15
CA ASP B 167 -30.31 -21.68 -2.69
C ASP B 167 -30.33 -21.83 -1.17
N ASP B 168 -30.24 -20.70 -0.46
CA ASP B 168 -30.30 -20.68 0.99
C ASP B 168 -31.55 -21.35 1.47
N ALA B 169 -32.68 -21.03 0.83
CA ALA B 169 -33.99 -21.47 1.30
C ALA B 169 -34.37 -22.91 0.91
N TYR B 170 -33.91 -23.38 -0.25
CA TYR B 170 -34.36 -24.67 -0.78
C TYR B 170 -33.26 -25.59 -1.29
N GLY B 171 -32.04 -25.08 -1.38
CA GLY B 171 -30.90 -25.88 -1.84
C GLY B 171 -30.97 -26.20 -3.33
N ILE B 172 -30.36 -25.35 -4.14
CA ILE B 172 -30.37 -25.50 -5.61
C ILE B 172 -29.45 -26.62 -6.06
N GLU B 173 -29.98 -27.52 -6.87
CA GLU B 173 -29.27 -28.72 -7.29
C GLU B 173 -28.65 -28.51 -8.68
N SER B 174 -29.41 -27.82 -9.54
CA SER B 174 -28.89 -27.35 -10.83
C SER B 174 -29.78 -26.25 -11.36
N GLY B 175 -29.24 -25.46 -12.27
CA GLY B 175 -29.95 -24.29 -12.82
C GLY B 175 -29.69 -24.01 -14.29
N THR B 176 -30.65 -23.37 -14.93
CA THR B 176 -30.53 -22.96 -16.33
C THR B 176 -31.18 -21.59 -16.49
N VAL B 177 -30.58 -20.75 -17.31
CA VAL B 177 -31.07 -19.36 -17.44
C VAL B 177 -31.26 -18.93 -18.88
N THR B 178 -32.28 -18.14 -19.11
CA THR B 178 -32.43 -17.47 -20.38
C THR B 178 -32.54 -15.99 -20.09
N THR B 179 -31.72 -15.21 -20.77
CA THR B 179 -31.74 -13.77 -20.63
C THR B 179 -32.33 -13.15 -21.89
N ILE B 180 -33.30 -12.28 -21.71
CA ILE B 180 -33.89 -11.55 -22.82
C ILE B 180 -33.42 -10.10 -22.76
N HIS B 181 -32.44 -9.80 -23.60
CA HIS B 181 -31.78 -8.50 -23.64
C HIS B 181 -32.52 -7.54 -24.51
N SER B 182 -32.52 -6.26 -24.14
CA SER B 182 -33.01 -5.20 -25.03
C SER B 182 -31.88 -4.76 -25.96
N ALA B 183 -32.16 -3.81 -26.86
CA ALA B 183 -31.16 -3.27 -27.80
C ALA B 183 -30.70 -1.86 -27.42
N ASP B 196 -19.86 -14.54 -35.14
CA ASP B 196 -21.19 -13.96 -34.93
C ASP B 196 -21.67 -13.21 -36.18
N LEU B 197 -22.02 -13.98 -37.20
CA LEU B 197 -22.63 -13.43 -38.43
C LEU B 197 -24.01 -12.83 -38.12
N ARG B 198 -24.55 -13.14 -36.94
CA ARG B 198 -25.79 -12.55 -36.45
C ARG B 198 -25.62 -11.06 -36.18
N ARG B 199 -24.43 -10.67 -35.69
CA ARG B 199 -24.09 -9.27 -35.33
C ARG B 199 -24.35 -8.31 -36.50
N THR B 200 -24.06 -8.77 -37.72
CA THR B 200 -24.07 -7.94 -38.93
C THR B 200 -25.47 -7.70 -39.56
N ARG B 201 -26.41 -8.61 -39.37
CA ARG B 201 -27.70 -8.59 -40.11
C ARG B 201 -28.71 -7.59 -39.54
N ALA B 202 -29.56 -7.04 -40.42
CA ALA B 202 -30.64 -6.13 -40.00
C ALA B 202 -31.30 -6.58 -38.66
N ALA B 203 -31.52 -5.62 -37.76
CA ALA B 203 -31.82 -5.87 -36.33
C ALA B 203 -33.17 -5.34 -35.83
N SER B 204 -33.77 -4.39 -36.54
CA SER B 204 -35.04 -3.73 -36.14
C SER B 204 -36.13 -4.69 -35.63
N GLN B 205 -36.16 -5.91 -36.15
CA GLN B 205 -37.35 -6.73 -35.98
C GLN B 205 -37.06 -8.25 -35.92
N SER B 206 -36.12 -8.62 -35.06
CA SER B 206 -35.77 -10.02 -34.88
C SER B 206 -35.36 -10.30 -33.46
N ILE B 207 -35.78 -11.46 -32.96
CA ILE B 207 -35.15 -12.04 -31.77
C ILE B 207 -33.81 -12.59 -32.24
N ILE B 208 -32.74 -12.09 -31.63
CA ILE B 208 -31.39 -12.40 -32.03
C ILE B 208 -30.65 -13.11 -30.91
N PRO B 209 -30.19 -14.34 -31.16
CA PRO B 209 -29.34 -14.98 -30.17
C PRO B 209 -28.02 -14.24 -30.04
N VAL B 210 -27.57 -14.04 -28.80
CA VAL B 210 -26.26 -13.46 -28.51
C VAL B 210 -25.40 -14.50 -27.81
N ASP B 211 -24.28 -14.08 -27.24
CA ASP B 211 -23.43 -14.90 -26.40
C ASP B 211 -23.54 -14.27 -25.01
N THR B 212 -23.16 -14.97 -23.95
CA THR B 212 -23.48 -14.47 -22.62
C THR B 212 -22.55 -15.02 -21.54
N LYS B 213 -22.04 -14.13 -20.69
CA LYS B 213 -21.14 -14.54 -19.58
C LYS B 213 -21.87 -15.02 -18.31
N LEU B 214 -23.19 -14.85 -18.28
CA LEU B 214 -23.98 -15.02 -17.05
C LEU B 214 -23.73 -16.34 -16.34
N ALA B 215 -23.63 -17.41 -17.12
CA ALA B 215 -23.34 -18.73 -16.61
C ALA B 215 -21.97 -18.70 -15.95
N ALA B 216 -20.94 -18.36 -16.74
CA ALA B 216 -19.56 -18.24 -16.25
C ALA B 216 -19.49 -17.41 -14.96
N GLY B 217 -20.27 -16.33 -14.96
CA GLY B 217 -20.38 -15.42 -13.83
C GLY B 217 -21.01 -16.02 -12.60
N ILE B 218 -22.00 -16.87 -12.80
CA ILE B 218 -22.69 -17.52 -11.69
C ILE B 218 -21.81 -18.56 -11.00
N THR B 219 -21.26 -19.48 -11.79
CA THR B 219 -20.41 -20.56 -11.28
C THR B 219 -19.13 -20.02 -10.66
N ARG B 220 -18.69 -18.86 -11.13
CA ARG B 220 -17.54 -18.19 -10.52
C ARG B 220 -17.88 -17.67 -9.10
N PHE B 221 -19.02 -16.99 -8.99
CA PHE B 221 -19.46 -16.48 -7.70
C PHE B 221 -19.91 -17.59 -6.75
N PHE B 222 -20.52 -18.65 -7.31
CA PHE B 222 -20.94 -19.85 -6.58
C PHE B 222 -20.24 -21.08 -7.15
N PRO B 223 -19.02 -21.35 -6.68
CA PRO B 223 -18.25 -22.48 -7.26
C PRO B 223 -18.90 -23.85 -7.05
N GLN B 224 -19.76 -23.97 -6.05
CA GLN B 224 -20.51 -25.22 -5.83
C GLN B 224 -21.44 -25.56 -7.01
N PHE B 225 -21.55 -24.67 -8.00
CA PHE B 225 -22.41 -24.88 -9.15
C PHE B 225 -21.68 -25.15 -10.45
N ASN B 226 -20.38 -25.41 -10.42
CA ASN B 226 -19.67 -25.85 -11.62
C ASN B 226 -20.33 -27.09 -12.23
N ASP B 227 -20.47 -27.10 -13.55
CA ASP B 227 -21.17 -28.17 -14.26
C ASP B 227 -22.57 -28.42 -13.72
N ARG B 228 -23.20 -27.35 -13.26
CA ARG B 228 -24.58 -27.41 -12.77
C ARG B 228 -25.43 -26.23 -13.25
N PHE B 229 -24.79 -25.31 -13.97
CA PHE B 229 -25.46 -24.13 -14.50
C PHE B 229 -25.09 -23.92 -15.97
N GLU B 230 -26.10 -23.55 -16.74
CA GLU B 230 -25.92 -23.15 -18.14
C GLU B 230 -26.74 -21.89 -18.40
N ALA B 231 -26.46 -21.25 -19.52
CA ALA B 231 -27.18 -20.04 -19.87
C ALA B 231 -27.21 -19.82 -21.38
N ILE B 232 -28.34 -19.32 -21.88
CA ILE B 232 -28.45 -18.79 -23.24
C ILE B 232 -29.04 -17.39 -23.12
N ALA B 233 -29.04 -16.68 -24.23
CA ALA B 233 -29.57 -15.32 -24.24
C ALA B 233 -30.02 -14.89 -25.64
N VAL B 234 -31.02 -14.02 -25.66
CA VAL B 234 -31.48 -13.43 -26.91
C VAL B 234 -31.62 -11.93 -26.79
N ARG B 235 -31.45 -11.27 -27.92
CA ARG B 235 -31.64 -9.83 -28.02
C ARG B 235 -32.93 -9.56 -28.81
N VAL B 236 -33.79 -8.75 -28.21
CA VAL B 236 -35.05 -8.33 -28.86
C VAL B 236 -35.11 -6.81 -28.95
N PRO B 237 -35.83 -6.27 -29.94
CA PRO B 237 -35.81 -4.83 -30.17
C PRO B 237 -36.68 -4.04 -29.19
N THR B 238 -36.47 -4.21 -27.91
CA THR B 238 -37.18 -3.40 -26.91
C THR B 238 -36.23 -2.39 -26.35
N ILE B 239 -36.74 -1.51 -25.50
CA ILE B 239 -35.95 -0.41 -24.91
C ILE B 239 -35.48 -0.70 -23.46
N ASN B 240 -34.17 -0.68 -23.27
CA ASN B 240 -33.55 -0.48 -21.94
C ASN B 240 -33.62 -1.59 -20.89
N VAL B 241 -34.79 -2.22 -20.73
CA VAL B 241 -34.98 -3.18 -19.64
C VAL B 241 -34.76 -4.60 -20.09
N THR B 242 -34.17 -5.39 -19.21
CA THR B 242 -33.79 -6.78 -19.47
C THR B 242 -34.59 -7.70 -18.58
N ALA B 243 -34.97 -8.86 -19.12
CA ALA B 243 -35.70 -9.90 -18.42
C ALA B 243 -34.85 -11.13 -18.32
N ILE B 244 -34.80 -11.68 -17.11
CA ILE B 244 -34.04 -12.90 -16.87
C ILE B 244 -34.97 -14.01 -16.43
N ASP B 245 -34.90 -15.11 -17.18
CA ASP B 245 -35.82 -16.23 -17.01
C ASP B 245 -35.03 -17.37 -16.38
N LEU B 246 -35.18 -17.51 -15.07
CA LEU B 246 -34.36 -18.43 -14.27
C LEU B 246 -35.12 -19.70 -13.97
N SER B 247 -34.47 -20.83 -14.20
CA SER B 247 -35.05 -22.12 -13.87
C SER B 247 -34.07 -22.92 -13.04
N VAL B 248 -34.52 -23.35 -11.86
CA VAL B 248 -33.68 -24.13 -10.95
C VAL B 248 -34.40 -25.36 -10.39
N THR B 249 -33.65 -26.45 -10.22
CA THR B 249 -34.11 -27.60 -9.47
C THR B 249 -33.68 -27.41 -8.01
N VAL B 250 -34.55 -27.75 -7.07
CA VAL B 250 -34.24 -27.64 -5.65
C VAL B 250 -34.50 -28.96 -4.92
N LYS B 251 -33.89 -29.09 -3.75
CA LYS B 251 -34.06 -30.25 -2.90
C LYS B 251 -35.40 -30.18 -2.13
N LYS B 252 -35.57 -29.10 -1.39
CA LYS B 252 -36.77 -28.93 -0.56
C LYS B 252 -38.00 -28.80 -1.48
N PRO B 253 -39.08 -29.55 -1.22
CA PRO B 253 -40.29 -29.36 -2.02
C PRO B 253 -40.94 -28.01 -1.79
N VAL B 254 -41.42 -27.38 -2.86
CA VAL B 254 -41.99 -26.03 -2.78
C VAL B 254 -43.18 -25.78 -3.69
N LYS B 255 -43.94 -24.76 -3.31
CA LYS B 255 -45.08 -24.27 -4.10
C LYS B 255 -44.81 -22.84 -4.56
N ALA B 256 -45.41 -22.49 -5.69
CA ALA B 256 -45.18 -21.19 -6.32
C ALA B 256 -45.29 -20.04 -5.34
N ASN B 257 -46.38 -19.99 -4.57
CA ASN B 257 -46.63 -18.84 -3.67
C ASN B 257 -45.71 -18.81 -2.43
N GLU B 258 -45.18 -19.96 -2.04
CA GLU B 258 -44.18 -20.01 -0.96
C GLU B 258 -42.92 -19.28 -1.42
N VAL B 259 -42.47 -19.65 -2.62
CA VAL B 259 -41.34 -19.02 -3.30
C VAL B 259 -41.58 -17.51 -3.37
N ASN B 260 -42.74 -17.11 -3.85
CA ASN B 260 -43.09 -15.70 -3.90
C ASN B 260 -43.03 -15.00 -2.55
N LEU B 261 -43.50 -15.68 -1.52
CA LEU B 261 -43.53 -15.11 -0.16
C LEU B 261 -42.10 -14.94 0.36
N LEU B 262 -41.26 -15.94 0.10
CA LEU B 262 -39.84 -15.84 0.45
C LEU B 262 -39.23 -14.58 -0.14
N LEU B 263 -39.35 -14.46 -1.47
CA LEU B 263 -38.75 -13.37 -2.24
C LEU B 263 -39.32 -12.02 -1.83
N GLN B 264 -40.64 -11.96 -1.67
CA GLN B 264 -41.30 -10.74 -1.20
C GLN B 264 -40.77 -10.28 0.16
N LYS B 265 -40.54 -11.24 1.05
CA LYS B 265 -39.98 -10.94 2.38
C LYS B 265 -38.58 -10.38 2.29
N ALA B 266 -37.76 -11.03 1.46
CA ALA B 266 -36.39 -10.59 1.21
C ALA B 266 -36.37 -9.14 0.70
N ALA B 267 -37.30 -8.81 -0.21
CA ALA B 267 -37.39 -7.48 -0.80
C ALA B 267 -37.75 -6.42 0.24
N GLN B 268 -38.50 -6.86 1.25
CA GLN B 268 -38.94 -6.01 2.37
C GLN B 268 -37.95 -6.00 3.55
N GLY B 269 -37.05 -6.99 3.58
CA GLY B 269 -36.04 -7.14 4.64
C GLY B 269 -34.57 -7.05 4.22
N ALA B 270 -33.89 -8.20 4.26
CA ALA B 270 -32.46 -8.27 4.03
C ALA B 270 -32.02 -7.65 2.71
N PHE B 271 -32.88 -7.67 1.70
CA PHE B 271 -32.50 -7.18 0.36
C PHE B 271 -33.26 -5.94 -0.05
N HIS B 272 -33.73 -5.18 0.92
CA HIS B 272 -34.40 -3.92 0.64
C HIS B 272 -33.48 -3.00 -0.14
N GLY B 273 -34.01 -2.41 -1.21
CA GLY B 273 -33.22 -1.51 -2.07
C GLY B 273 -32.40 -2.23 -3.13
N ILE B 274 -32.13 -3.52 -2.94
CA ILE B 274 -31.38 -4.29 -3.91
C ILE B 274 -32.31 -5.18 -4.73
N VAL B 275 -33.13 -5.96 -4.05
CA VAL B 275 -34.15 -6.76 -4.74
C VAL B 275 -35.53 -6.18 -4.44
N ASP B 276 -36.37 -6.10 -5.47
CA ASP B 276 -37.75 -5.71 -5.30
C ASP B 276 -38.63 -6.85 -5.75
N TYR B 277 -39.89 -6.77 -5.30
CA TYR B 277 -40.92 -7.77 -5.62
C TYR B 277 -42.20 -7.08 -6.02
N THR B 278 -42.84 -7.60 -7.06
CA THR B 278 -44.12 -7.05 -7.52
C THR B 278 -45.07 -8.12 -8.05
N GLU B 279 -46.35 -7.87 -7.82
CA GLU B 279 -47.43 -8.69 -8.35
C GLU B 279 -48.34 -7.88 -9.25
N LEU B 280 -48.03 -6.59 -9.39
CA LEU B 280 -48.78 -5.72 -10.27
C LEU B 280 -48.62 -6.20 -11.72
N PRO B 281 -49.62 -5.87 -12.57
CA PRO B 281 -49.54 -6.20 -14.00
C PRO B 281 -48.74 -5.16 -14.73
N LEU B 282 -47.44 -5.41 -14.84
CA LEU B 282 -46.55 -4.44 -15.45
C LEU B 282 -45.85 -5.00 -16.69
N VAL B 283 -45.25 -4.10 -17.45
CA VAL B 283 -44.46 -4.48 -18.61
C VAL B 283 -43.05 -3.92 -18.44
N SER B 284 -42.12 -4.38 -19.28
CA SER B 284 -40.68 -4.11 -19.05
C SER B 284 -40.41 -2.63 -18.79
N VAL B 285 -40.92 -1.77 -19.68
CA VAL B 285 -40.65 -0.33 -19.59
C VAL B 285 -41.02 0.29 -18.24
N ASP B 286 -41.84 -0.39 -17.46
CA ASP B 286 -42.23 0.15 -16.15
C ASP B 286 -41.09 0.09 -15.13
N PHE B 287 -40.08 -0.71 -15.45
CA PHE B 287 -38.90 -0.84 -14.60
C PHE B 287 -37.73 -0.01 -15.13
N ASN B 288 -38.00 0.77 -16.17
CA ASN B 288 -37.06 1.74 -16.68
C ASN B 288 -36.68 2.68 -15.55
N HIS B 289 -35.39 2.88 -15.38
CA HIS B 289 -34.89 3.82 -14.36
C HIS B 289 -35.19 3.33 -12.93
N ASP B 290 -35.31 2.03 -12.77
CA ASP B 290 -35.49 1.45 -11.44
C ASP B 290 -34.12 1.07 -10.87
N PRO B 291 -33.80 1.62 -9.71
CA PRO B 291 -32.52 1.45 -9.04
C PRO B 291 -32.18 0.02 -8.64
N HIS B 292 -33.21 -0.77 -8.36
CA HIS B 292 -33.00 -2.12 -7.84
C HIS B 292 -32.16 -2.92 -8.81
N SER B 293 -31.34 -3.81 -8.26
CA SER B 293 -30.54 -4.73 -9.05
C SER B 293 -31.44 -5.71 -9.80
N ALA B 294 -32.56 -6.05 -9.16
CA ALA B 294 -33.50 -7.06 -9.66
C ALA B 294 -34.90 -6.77 -9.13
N ILE B 295 -35.90 -6.89 -10.01
CA ILE B 295 -37.27 -6.85 -9.57
C ILE B 295 -37.95 -8.16 -9.95
N VAL B 296 -38.41 -8.89 -8.94
CA VAL B 296 -39.01 -10.21 -9.18
C VAL B 296 -40.49 -10.04 -9.54
N ASP B 297 -40.88 -10.71 -10.63
CA ASP B 297 -42.28 -10.67 -11.05
C ASP B 297 -43.04 -11.87 -10.47
N GLY B 298 -43.74 -11.61 -9.38
CA GLY B 298 -44.46 -12.67 -8.68
C GLY B 298 -45.43 -13.43 -9.54
N THR B 299 -46.13 -12.70 -10.41
CA THR B 299 -47.16 -13.27 -11.28
C THR B 299 -46.61 -14.29 -12.29
N GLN B 300 -45.28 -14.33 -12.45
CA GLN B 300 -44.66 -15.25 -13.38
C GLN B 300 -43.97 -16.44 -12.71
N THR B 301 -43.98 -16.48 -11.38
CA THR B 301 -43.37 -17.59 -10.67
C THR B 301 -44.16 -18.84 -10.91
N ARG B 302 -43.44 -19.93 -11.14
CA ARG B 302 -44.05 -21.26 -11.36
C ARG B 302 -43.21 -22.35 -10.71
N VAL B 303 -43.85 -23.45 -10.31
CA VAL B 303 -43.12 -24.61 -9.82
C VAL B 303 -43.67 -25.82 -10.51
N SER B 304 -42.79 -26.58 -11.16
CA SER B 304 -43.18 -27.81 -11.87
C SER B 304 -42.85 -29.05 -11.07
N GLY B 305 -43.86 -29.83 -10.75
CA GLY B 305 -43.73 -30.82 -9.69
C GLY B 305 -43.62 -29.99 -8.44
N ALA B 306 -42.71 -30.38 -7.54
CA ALA B 306 -42.47 -29.61 -6.31
C ALA B 306 -41.05 -29.10 -6.25
N HIS B 307 -40.31 -29.28 -7.35
CA HIS B 307 -38.85 -29.15 -7.34
C HIS B 307 -38.24 -28.25 -8.43
N LEU B 308 -38.99 -27.96 -9.51
CA LEU B 308 -38.49 -27.14 -10.63
C LEU B 308 -39.09 -25.73 -10.60
N ILE B 309 -38.29 -24.73 -10.21
CA ILE B 309 -38.77 -23.37 -10.00
C ILE B 309 -38.48 -22.54 -11.21
N LYS B 310 -39.50 -21.88 -11.75
CA LYS B 310 -39.28 -20.83 -12.75
C LYS B 310 -39.63 -19.48 -12.16
N THR B 311 -38.70 -18.54 -12.32
CA THR B 311 -38.90 -17.19 -11.87
C THR B 311 -38.42 -16.23 -12.93
N LEU B 312 -39.21 -15.20 -13.20
CA LEU B 312 -38.83 -14.17 -14.16
C LEU B 312 -38.43 -12.94 -13.38
N VAL B 313 -37.22 -12.44 -13.64
CA VAL B 313 -36.72 -11.27 -12.96
C VAL B 313 -36.38 -10.18 -13.96
N TRP B 314 -36.95 -9.00 -13.72
CA TRP B 314 -36.68 -7.80 -14.51
C TRP B 314 -35.51 -7.07 -13.92
N CYS B 315 -34.79 -6.33 -14.75
CA CYS B 315 -33.85 -5.31 -14.27
C CYS B 315 -33.57 -4.27 -15.33
N ASP B 316 -33.33 -3.05 -14.88
CA ASP B 316 -32.76 -2.03 -15.76
C ASP B 316 -31.27 -2.37 -15.85
N ASN B 317 -30.88 -2.92 -16.99
CA ASN B 317 -29.53 -3.46 -17.19
C ASN B 317 -28.40 -2.44 -17.00
N GLU B 318 -28.73 -1.16 -16.96
CA GLU B 318 -27.73 -0.12 -16.78
C GLU B 318 -27.91 0.61 -15.45
N TRP B 319 -29.12 1.05 -15.18
CA TRP B 319 -29.36 1.90 -14.02
C TRP B 319 -29.10 1.17 -12.71
N GLY B 320 -29.61 -0.04 -12.60
CA GLY B 320 -29.38 -0.85 -11.42
C GLY B 320 -27.89 -0.99 -11.18
N PHE B 321 -27.19 -1.50 -12.20
CA PHE B 321 -25.75 -1.70 -12.13
C PHE B 321 -25.02 -0.41 -11.75
N ALA B 322 -25.41 0.70 -12.35
CA ALA B 322 -24.78 2.02 -12.09
C ALA B 322 -24.87 2.44 -10.62
N ASN B 323 -26.03 2.22 -10.03
CA ASN B 323 -26.21 2.51 -8.61
C ASN B 323 -25.40 1.57 -7.72
N ARG B 324 -25.26 0.31 -8.14
CA ARG B 324 -24.41 -0.65 -7.42
C ARG B 324 -22.94 -0.27 -7.49
N MET B 325 -22.54 0.32 -8.59
CA MET B 325 -21.17 0.80 -8.70
C MET B 325 -20.93 1.80 -7.60
N LEU B 326 -21.89 2.67 -7.40
CA LEU B 326 -21.76 3.70 -6.37
C LEU B 326 -21.81 3.08 -4.98
N ASP B 327 -22.71 2.12 -4.80
CA ASP B 327 -22.83 1.43 -3.52
C ASP B 327 -21.51 0.75 -3.15
N THR B 328 -20.95 0.02 -4.11
CA THR B 328 -19.70 -0.70 -3.90
C THR B 328 -18.57 0.29 -3.66
N THR B 329 -18.56 1.37 -4.42
CA THR B 329 -17.55 2.42 -4.22
C THR B 329 -17.51 2.91 -2.76
N LEU B 330 -18.68 3.29 -2.25
CA LEU B 330 -18.79 3.73 -0.86
C LEU B 330 -18.20 2.73 0.14
N ALA B 331 -18.62 1.46 0.01
CA ALA B 331 -18.12 0.38 0.87
C ALA B 331 -16.60 0.31 0.82
N MET B 332 -16.05 0.41 -0.39
CA MET B 332 -14.60 0.31 -0.59
C MET B 332 -13.84 1.46 0.09
N ALA B 333 -14.37 2.66 -0.04
CA ALA B 333 -13.76 3.84 0.57
C ALA B 333 -13.93 3.87 2.09
N THR B 334 -14.95 3.16 2.61
CA THR B 334 -15.30 3.17 4.03
C THR B 334 -14.65 2.08 4.86
N VAL B 335 -14.73 0.85 4.37
CA VAL B 335 -14.24 -0.35 5.05
C VAL B 335 -13.03 -0.05 5.91
N ALA B 336 -13.16 -0.32 7.22
CA ALA B 336 -12.09 -0.10 8.20
C ALA B 336 -11.23 -1.36 8.34
N PHE B 337 -10.35 -1.39 9.35
CA PHE B 337 -9.41 -2.50 9.52
C PHE B 337 -9.73 -3.39 10.72
N THR C 1 -23.75 -13.50 -73.33
CA THR C 1 -24.17 -12.49 -72.32
C THR C 1 -23.03 -11.56 -71.88
N VAL C 2 -23.46 -10.39 -71.45
CA VAL C 2 -22.60 -9.33 -70.89
C VAL C 2 -22.03 -9.87 -69.61
N ARG C 3 -20.75 -9.64 -69.35
CA ARG C 3 -20.17 -10.18 -68.15
C ARG C 3 -19.66 -9.13 -67.23
N VAL C 4 -20.16 -9.16 -66.02
CA VAL C 4 -19.89 -8.13 -65.02
C VAL C 4 -19.16 -8.70 -63.83
N ALA C 5 -18.35 -7.85 -63.24
CA ALA C 5 -17.74 -8.10 -61.96
C ALA C 5 -18.35 -7.12 -60.99
N ILE C 6 -18.43 -7.54 -59.72
CA ILE C 6 -18.89 -6.68 -58.66
C ILE C 6 -17.79 -6.38 -57.66
N ASN C 7 -17.45 -5.12 -57.53
CA ASN C 7 -16.48 -4.68 -56.52
C ASN C 7 -17.24 -4.21 -55.31
N GLY C 8 -17.07 -4.93 -54.21
CA GLY C 8 -17.79 -4.62 -52.98
C GLY C 8 -19.06 -5.43 -52.92
N PHE C 9 -19.15 -6.32 -51.93
CA PHE C 9 -20.31 -7.21 -51.75
C PHE C 9 -21.08 -6.85 -50.49
N GLY C 10 -21.39 -5.57 -50.39
CA GLY C 10 -22.17 -5.07 -49.27
C GLY C 10 -23.63 -5.31 -49.50
N ARG C 11 -24.46 -4.43 -48.96
CA ARG C 11 -25.90 -4.56 -49.10
C ARG C 11 -26.28 -4.44 -50.57
N ILE C 12 -25.78 -3.42 -51.24
CA ILE C 12 -26.17 -3.16 -52.60
C ILE C 12 -25.63 -4.23 -53.55
N GLY C 13 -24.36 -4.55 -53.41
CA GLY C 13 -23.75 -5.61 -54.20
C GLY C 13 -24.52 -6.92 -54.11
N ARG C 14 -24.84 -7.33 -52.90
CA ARG C 14 -25.61 -8.55 -52.69
C ARG C 14 -26.94 -8.50 -53.43
N ASN C 15 -27.63 -7.38 -53.30
CA ASN C 15 -28.92 -7.20 -53.94
C ASN C 15 -28.86 -7.19 -55.45
N VAL C 16 -27.81 -6.60 -56.01
CA VAL C 16 -27.59 -6.65 -57.44
C VAL C 16 -27.55 -8.09 -57.92
N VAL C 17 -26.81 -8.95 -57.20
CA VAL C 17 -26.74 -10.39 -57.54
C VAL C 17 -28.12 -11.03 -57.42
N ARG C 18 -28.75 -10.85 -56.27
CA ARG C 18 -30.10 -11.39 -56.05
C ARG C 18 -31.06 -10.92 -57.15
N ALA C 19 -30.97 -9.64 -57.51
CA ALA C 19 -31.83 -9.07 -58.56
C ALA C 19 -31.59 -9.67 -59.94
N LEU C 20 -30.31 -9.89 -60.26
CA LEU C 20 -29.92 -10.48 -61.55
C LEU C 20 -30.65 -11.78 -61.79
N TYR C 21 -30.70 -12.60 -60.75
CA TYR C 21 -31.33 -13.92 -60.84
C TYR C 21 -32.85 -13.85 -60.80
N GLU C 22 -33.39 -13.13 -59.83
CA GLU C 22 -34.85 -13.01 -59.68
C GLU C 22 -35.59 -12.32 -60.83
N SER C 23 -35.11 -11.18 -61.32
CA SER C 23 -35.82 -10.50 -62.42
C SER C 23 -35.59 -11.16 -63.81
N GLY C 24 -34.88 -12.29 -63.83
CA GLY C 24 -34.62 -13.03 -65.08
C GLY C 24 -33.58 -12.40 -66.00
N ARG C 25 -32.90 -11.34 -65.51
CA ARG C 25 -31.84 -10.62 -66.25
C ARG C 25 -30.59 -11.48 -66.44
N ARG C 26 -30.60 -12.62 -65.76
CA ARG C 26 -29.69 -13.71 -66.00
C ARG C 26 -29.51 -14.00 -67.51
N ALA C 27 -30.56 -13.73 -68.30
CA ALA C 27 -30.59 -13.93 -69.74
C ALA C 27 -29.65 -13.02 -70.54
N GLU C 28 -29.34 -11.85 -69.99
CA GLU C 28 -28.46 -10.89 -70.66
C GLU C 28 -27.29 -10.39 -69.78
N ILE C 29 -27.22 -10.82 -68.52
CA ILE C 29 -26.13 -10.41 -67.62
C ILE C 29 -25.61 -11.56 -66.75
N THR C 30 -24.30 -11.59 -66.54
CA THR C 30 -23.58 -12.71 -65.94
C THR C 30 -22.49 -12.20 -65.00
N VAL C 31 -22.53 -12.62 -63.73
CA VAL C 31 -21.51 -12.22 -62.74
C VAL C 31 -20.41 -13.26 -62.75
N VAL C 32 -19.20 -12.82 -63.06
CA VAL C 32 -18.06 -13.71 -63.17
C VAL C 32 -17.15 -13.63 -61.93
N ALA C 33 -17.10 -12.45 -61.32
CA ALA C 33 -16.28 -12.26 -60.14
C ALA C 33 -16.87 -11.27 -59.13
N ILE C 34 -16.65 -11.54 -57.86
CA ILE C 34 -16.98 -10.59 -56.81
C ILE C 34 -15.70 -10.36 -56.05
N ASN C 35 -15.31 -9.10 -55.91
CA ASN C 35 -14.20 -8.74 -55.06
C ASN C 35 -14.74 -8.20 -53.75
N GLU C 36 -14.20 -8.67 -52.64
CA GLU C 36 -14.75 -8.36 -51.34
C GLU C 36 -13.72 -8.62 -50.28
N LEU C 37 -13.74 -7.81 -49.23
CA LEU C 37 -12.70 -7.86 -48.19
C LEU C 37 -13.01 -8.73 -46.96
N ALA C 38 -13.88 -9.73 -47.10
CA ALA C 38 -14.19 -10.57 -45.96
C ALA C 38 -14.30 -12.03 -46.38
N ASP C 39 -14.33 -12.90 -45.38
CA ASP C 39 -14.60 -14.32 -45.55
C ASP C 39 -15.52 -14.59 -46.74
N ALA C 40 -15.17 -15.54 -47.60
CA ALA C 40 -16.09 -15.98 -48.67
C ALA C 40 -17.30 -16.72 -48.06
N ALA C 41 -17.06 -17.31 -46.89
CA ALA C 41 -18.12 -18.02 -46.15
C ALA C 41 -19.24 -17.08 -45.71
N GLY C 42 -18.86 -15.88 -45.24
CA GLY C 42 -19.82 -14.87 -44.81
C GLY C 42 -20.52 -14.19 -45.98
N MET C 43 -19.80 -14.02 -47.08
CA MET C 43 -20.43 -13.57 -48.33
C MET C 43 -21.57 -14.54 -48.70
N ALA C 44 -21.26 -15.81 -48.72
CA ALA C 44 -22.26 -16.79 -49.11
C ALA C 44 -23.47 -16.74 -48.18
N HIS C 45 -23.19 -16.66 -46.89
CA HIS C 45 -24.23 -16.65 -45.86
C HIS C 45 -25.12 -15.42 -46.02
N LEU C 46 -24.52 -14.25 -45.97
CA LEU C 46 -25.29 -13.00 -46.08
C LEU C 46 -26.06 -12.91 -47.40
N LEU C 47 -25.53 -13.51 -48.47
CA LEU C 47 -26.24 -13.54 -49.74
C LEU C 47 -27.47 -14.39 -49.62
N LYS C 48 -27.39 -15.47 -48.87
CA LYS C 48 -28.52 -16.40 -48.72
C LYS C 48 -29.63 -15.86 -47.80
N TYR C 49 -29.24 -15.21 -46.71
CA TYR C 49 -30.20 -14.76 -45.69
C TYR C 49 -30.24 -13.26 -45.57
N ASP C 50 -31.43 -12.71 -45.78
CA ASP C 50 -31.62 -11.32 -45.46
C ASP C 50 -33.06 -11.01 -45.03
N THR C 51 -33.13 -10.63 -43.75
CA THR C 51 -34.33 -10.15 -43.02
C THR C 51 -35.40 -9.42 -43.86
N SER C 52 -34.94 -8.56 -44.77
CA SER C 52 -35.86 -7.81 -45.63
C SER C 52 -36.38 -8.66 -46.80
N HIS C 53 -35.53 -9.52 -47.36
CA HIS C 53 -35.91 -10.18 -48.62
C HIS C 53 -36.30 -11.66 -48.43
N GLY C 54 -36.32 -12.10 -47.18
CA GLY C 54 -36.40 -13.53 -46.89
C GLY C 54 -35.17 -14.27 -47.43
N ARG C 55 -35.28 -15.59 -47.39
CA ARG C 55 -34.24 -16.53 -47.85
C ARG C 55 -34.12 -16.47 -49.35
N PHE C 56 -32.91 -16.34 -49.86
CA PHE C 56 -32.71 -16.30 -51.31
C PHE C 56 -33.20 -17.62 -51.92
N ALA C 57 -34.11 -17.49 -52.88
CA ALA C 57 -34.75 -18.61 -53.53
C ALA C 57 -33.75 -19.57 -54.21
N TRP C 58 -32.62 -19.05 -54.68
CA TRP C 58 -31.61 -19.89 -55.31
C TRP C 58 -30.72 -20.56 -54.29
N GLU C 59 -30.03 -21.61 -54.72
CA GLU C 59 -29.17 -22.39 -53.83
C GLU C 59 -27.77 -21.78 -53.80
N VAL C 60 -27.31 -21.39 -52.62
CA VAL C 60 -26.03 -20.70 -52.46
C VAL C 60 -25.04 -21.62 -51.77
N ARG C 61 -24.13 -22.17 -52.57
CA ARG C 61 -23.02 -22.96 -52.09
C ARG C 61 -21.85 -22.00 -52.21
N GLN C 62 -20.78 -22.27 -51.45
CA GLN C 62 -19.51 -21.52 -51.53
C GLN C 62 -18.34 -22.37 -51.06
N GLU C 63 -17.28 -22.35 -51.86
CA GLU C 63 -16.07 -23.08 -51.54
C GLU C 63 -14.96 -22.40 -52.32
N ARG C 64 -13.72 -22.52 -51.86
CA ARG C 64 -12.55 -22.00 -52.59
C ARG C 64 -12.74 -20.54 -53.08
N ASP C 65 -12.24 -20.21 -54.27
CA ASP C 65 -12.47 -18.88 -54.86
C ASP C 65 -13.82 -18.83 -55.58
N GLN C 66 -14.78 -19.65 -55.19
CA GLN C 66 -15.99 -19.84 -55.98
C GLN C 66 -17.25 -19.70 -55.15
N LEU C 67 -18.13 -18.81 -55.59
CA LEU C 67 -19.45 -18.66 -55.04
C LEU C 67 -20.41 -19.18 -56.11
N PHE C 68 -21.22 -20.19 -55.75
CA PHE C 68 -22.15 -20.86 -56.68
C PHE C 68 -23.58 -20.42 -56.43
N VAL C 69 -24.26 -19.97 -57.48
CA VAL C 69 -25.69 -19.65 -57.41
C VAL C 69 -26.39 -20.53 -58.44
N GLY C 70 -27.18 -21.50 -57.94
CA GLY C 70 -27.60 -22.60 -58.76
C GLY C 70 -26.32 -23.24 -59.24
N ASP C 71 -26.27 -23.53 -60.54
CA ASP C 71 -25.08 -24.12 -61.16
C ASP C 71 -24.10 -23.05 -61.68
N ASP C 72 -24.32 -21.78 -61.31
CA ASP C 72 -23.45 -20.69 -61.78
C ASP C 72 -22.21 -20.50 -60.92
N ALA C 73 -21.11 -20.22 -61.62
CA ALA C 73 -19.79 -20.10 -61.03
C ALA C 73 -19.30 -18.65 -60.98
N ILE C 74 -19.35 -18.05 -59.81
CA ILE C 74 -18.82 -16.70 -59.62
C ILE C 74 -17.52 -16.83 -58.84
N ARG C 75 -16.50 -16.08 -59.26
CA ARG C 75 -15.16 -16.13 -58.66
C ARG C 75 -14.94 -15.09 -57.52
N VAL C 76 -14.44 -15.51 -56.35
CA VAL C 76 -14.34 -14.60 -55.20
C VAL C 76 -12.92 -14.11 -55.02
N LEU C 77 -12.75 -12.80 -55.03
CA LEU C 77 -11.43 -12.17 -54.88
C LEU C 77 -11.39 -11.39 -53.59
N HIS C 78 -10.17 -11.11 -53.11
CA HIS C 78 -9.97 -10.31 -51.89
C HIS C 78 -8.86 -9.26 -52.05
N GLU C 79 -8.81 -8.60 -53.21
CA GLU C 79 -7.69 -7.70 -53.57
C GLU C 79 -7.83 -6.29 -53.00
N ARG C 80 -6.82 -5.83 -52.25
CA ARG C 80 -6.89 -4.50 -51.60
C ARG C 80 -6.36 -3.37 -52.47
N SER C 81 -5.95 -3.70 -53.69
CA SER C 81 -5.43 -2.69 -54.59
C SER C 81 -6.08 -2.88 -55.94
N LEU C 82 -6.80 -1.85 -56.34
CA LEU C 82 -7.61 -1.92 -57.53
C LEU C 82 -6.75 -2.39 -58.71
N GLN C 83 -5.55 -1.83 -58.82
CA GLN C 83 -4.58 -2.19 -59.87
C GLN C 83 -4.43 -3.69 -60.04
N SER C 84 -4.46 -4.41 -58.92
CA SER C 84 -4.21 -5.85 -58.93
C SER C 84 -5.46 -6.70 -59.22
N LEU C 85 -6.55 -6.05 -59.62
CA LEU C 85 -7.79 -6.78 -59.98
C LEU C 85 -7.67 -7.44 -61.35
N PRO C 86 -7.96 -8.74 -61.44
CA PRO C 86 -7.81 -9.49 -62.67
C PRO C 86 -9.00 -9.33 -63.60
N TRP C 87 -9.39 -8.10 -63.88
CA TRP C 87 -10.51 -7.86 -64.79
C TRP C 87 -10.20 -8.34 -66.22
N ARG C 88 -8.98 -8.03 -66.68
CA ARG C 88 -8.53 -8.42 -68.02
C ARG C 88 -8.61 -9.93 -68.20
N GLU C 89 -8.04 -10.66 -67.24
CA GLU C 89 -8.03 -12.12 -67.23
C GLU C 89 -9.45 -12.72 -67.34
N LEU C 90 -10.43 -12.04 -66.74
CA LEU C 90 -11.82 -12.55 -66.69
C LEU C 90 -12.70 -11.99 -67.79
N GLY C 91 -12.18 -11.04 -68.55
CA GLY C 91 -12.90 -10.47 -69.69
C GLY C 91 -14.08 -9.61 -69.29
N VAL C 92 -13.96 -8.92 -68.16
CA VAL C 92 -15.03 -8.09 -67.63
C VAL C 92 -15.46 -6.96 -68.57
N ASP C 93 -16.74 -6.96 -68.94
CA ASP C 93 -17.32 -5.92 -69.79
C ASP C 93 -17.68 -4.69 -68.95
N VAL C 94 -18.30 -4.92 -67.81
CA VAL C 94 -18.60 -3.80 -66.89
C VAL C 94 -18.28 -4.21 -65.47
N VAL C 95 -17.65 -3.30 -64.73
CA VAL C 95 -17.47 -3.46 -63.30
C VAL C 95 -18.50 -2.61 -62.58
N LEU C 96 -19.35 -3.27 -61.79
CA LEU C 96 -20.27 -2.57 -60.91
C LEU C 96 -19.57 -2.40 -59.59
N ASP C 97 -19.16 -1.17 -59.28
CA ASP C 97 -18.47 -0.91 -58.03
C ASP C 97 -19.45 -0.46 -56.96
N CYS C 98 -19.68 -1.35 -56.02
CA CYS C 98 -20.66 -1.13 -54.95
C CYS C 98 -19.98 -1.08 -53.58
N THR C 99 -18.75 -0.60 -53.57
CA THR C 99 -17.98 -0.54 -52.34
C THR C 99 -18.41 0.63 -51.52
N GLY C 100 -18.80 1.70 -52.20
CA GLY C 100 -19.14 2.95 -51.55
C GLY C 100 -17.94 3.78 -51.13
N VAL C 101 -16.75 3.20 -51.26
CA VAL C 101 -15.51 3.94 -51.04
C VAL C 101 -14.97 4.56 -52.34
N TYR C 102 -14.93 3.79 -53.42
CA TYR C 102 -14.43 4.30 -54.70
C TYR C 102 -15.48 5.10 -55.46
N GLY C 103 -15.06 6.15 -56.14
CA GLY C 103 -15.99 7.00 -56.91
C GLY C 103 -15.44 8.13 -57.77
N SER C 104 -14.13 8.30 -57.80
CA SER C 104 -13.45 9.29 -58.63
C SER C 104 -13.15 8.74 -60.00
N ARG C 105 -12.91 9.62 -60.97
CA ARG C 105 -12.48 9.18 -62.30
C ARG C 105 -11.31 8.22 -62.23
N GLU C 106 -10.35 8.59 -61.37
CA GLU C 106 -9.08 7.86 -61.25
C GLU C 106 -9.34 6.43 -60.86
N HIS C 107 -10.29 6.24 -59.94
CA HIS C 107 -10.75 4.92 -59.55
C HIS C 107 -11.33 4.20 -60.76
N GLY C 108 -12.11 4.93 -61.54
CA GLY C 108 -12.63 4.41 -62.77
C GLY C 108 -11.50 3.96 -63.66
N GLU C 109 -10.58 4.88 -63.95
CA GLU C 109 -9.44 4.59 -64.85
C GLU C 109 -8.73 3.33 -64.34
N ALA C 110 -8.55 3.28 -63.02
CA ALA C 110 -7.88 2.15 -62.35
C ALA C 110 -8.53 0.80 -62.69
N HIS C 111 -9.85 0.78 -62.61
CA HIS C 111 -10.63 -0.42 -62.95
C HIS C 111 -10.41 -0.81 -64.42
N ILE C 112 -10.48 0.19 -65.29
CA ILE C 112 -10.30 -0.01 -66.72
C ILE C 112 -8.89 -0.51 -66.99
N ALA C 113 -7.92 0.20 -66.42
CA ALA C 113 -6.51 -0.19 -66.46
C ALA C 113 -6.33 -1.66 -66.06
N ALA C 114 -7.02 -2.09 -65.01
CA ALA C 114 -6.96 -3.48 -64.54
C ALA C 114 -7.64 -4.47 -65.53
N GLY C 115 -8.32 -3.93 -66.53
CA GLY C 115 -8.83 -4.73 -67.64
C GLY C 115 -10.34 -4.71 -67.88
N ALA C 116 -11.03 -3.76 -67.28
CA ALA C 116 -12.48 -3.68 -67.40
C ALA C 116 -12.80 -2.67 -68.46
N LYS C 117 -13.74 -3.00 -69.34
CA LYS C 117 -14.11 -2.09 -70.43
C LYS C 117 -14.77 -0.83 -69.90
N LYS C 118 -15.76 -0.99 -69.04
CA LYS C 118 -16.47 0.14 -68.45
C LYS C 118 -16.71 -0.04 -66.96
N VAL C 119 -17.02 1.06 -66.29
CA VAL C 119 -17.24 1.08 -64.86
C VAL C 119 -18.59 1.75 -64.55
N LEU C 120 -19.30 1.17 -63.58
CA LEU C 120 -20.55 1.76 -63.09
C LEU C 120 -20.54 1.86 -61.56
N PHE C 121 -20.67 3.08 -61.05
CA PHE C 121 -20.66 3.29 -59.60
C PHE C 121 -22.06 3.27 -59.01
N SER C 122 -22.19 2.65 -57.84
CA SER C 122 -23.48 2.52 -57.14
C SER C 122 -23.82 3.75 -56.33
N HIS C 123 -23.29 4.89 -56.72
CA HIS C 123 -23.57 6.14 -56.02
C HIS C 123 -23.17 7.34 -56.88
N PRO C 124 -23.35 8.58 -56.34
CA PRO C 124 -23.13 9.84 -57.08
C PRO C 124 -21.70 10.07 -57.57
N GLY C 125 -20.72 9.78 -56.73
CA GLY C 125 -19.33 9.94 -57.13
C GLY C 125 -18.91 11.40 -57.23
N SER C 126 -17.66 11.64 -57.61
CA SER C 126 -17.19 12.99 -57.84
C SER C 126 -17.70 13.55 -59.20
N ASN C 127 -17.98 14.85 -59.18
CA ASN C 127 -18.49 15.62 -60.33
C ASN C 127 -17.85 15.33 -61.68
N ASP C 128 -16.53 15.16 -61.66
CA ASP C 128 -15.74 14.97 -62.88
C ASP C 128 -15.92 13.57 -63.47
N LEU C 129 -17.16 13.18 -63.75
CA LEU C 129 -17.45 11.85 -64.29
C LEU C 129 -18.15 11.96 -65.63
N ASP C 130 -18.07 10.89 -66.43
CA ASP C 130 -18.57 10.89 -67.81
C ASP C 130 -20.06 11.22 -67.94
N ALA C 131 -20.85 10.81 -66.95
CA ALA C 131 -22.31 10.93 -66.99
C ALA C 131 -22.94 10.23 -65.78
N THR C 132 -24.03 10.80 -65.26
CA THR C 132 -24.84 10.15 -64.22
C THR C 132 -26.18 9.70 -64.84
N VAL C 133 -26.49 8.39 -64.76
CA VAL C 133 -27.74 7.82 -65.35
C VAL C 133 -28.81 7.56 -64.27
N VAL C 134 -29.94 8.22 -64.41
CA VAL C 134 -31.14 7.89 -63.70
C VAL C 134 -32.01 7.16 -64.68
N TYR C 135 -31.88 5.83 -64.71
CA TYR C 135 -32.46 4.99 -65.77
C TYR C 135 -33.95 5.24 -65.89
N GLY C 136 -34.40 5.40 -67.13
CA GLY C 136 -35.80 5.71 -67.46
C GLY C 136 -36.02 7.18 -67.72
N VAL C 137 -35.01 7.99 -67.44
CA VAL C 137 -35.05 9.43 -67.69
C VAL C 137 -34.02 9.81 -68.78
N ASN C 138 -32.76 9.46 -68.57
CA ASN C 138 -31.69 9.89 -69.48
C ASN C 138 -30.70 8.80 -69.85
N GLN C 139 -31.15 7.57 -69.98
CA GLN C 139 -30.28 6.49 -70.45
C GLN C 139 -29.99 6.66 -71.93
N ASP C 140 -30.91 7.29 -72.65
CA ASP C 140 -30.75 7.61 -74.09
C ASP C 140 -29.57 8.54 -74.37
N GLN C 141 -29.08 9.22 -73.35
CA GLN C 141 -27.89 10.07 -73.47
C GLN C 141 -26.52 9.35 -73.30
N LEU C 142 -26.46 8.04 -73.50
CA LEU C 142 -25.19 7.31 -73.28
C LEU C 142 -24.37 7.05 -74.56
N ARG C 143 -23.43 7.95 -74.80
CA ARG C 143 -22.38 7.78 -75.80
C ARG C 143 -21.45 6.61 -75.40
N ALA C 144 -20.90 5.92 -76.41
CA ALA C 144 -19.81 4.93 -76.21
C ALA C 144 -18.58 5.47 -75.46
N GLU C 145 -18.23 6.73 -75.71
CA GLU C 145 -17.17 7.46 -74.96
C GLU C 145 -17.28 7.33 -73.42
N HIS C 146 -18.52 7.37 -72.91
CA HIS C 146 -18.82 7.31 -71.48
C HIS C 146 -18.56 5.89 -70.90
N ARG C 147 -17.41 5.74 -70.23
CA ARG C 147 -16.86 4.45 -69.74
C ARG C 147 -16.83 4.39 -68.21
N ILE C 148 -16.86 5.55 -67.58
CA ILE C 148 -16.96 5.67 -66.13
C ILE C 148 -18.23 6.41 -65.80
N VAL C 149 -19.27 5.69 -65.38
CA VAL C 149 -20.58 6.33 -65.13
C VAL C 149 -21.11 6.06 -63.72
N SER C 150 -21.93 7.00 -63.24
CA SER C 150 -22.59 6.91 -61.93
C SER C 150 -24.05 6.58 -62.12
N ASN C 151 -24.61 5.81 -61.19
CA ASN C 151 -26.03 5.41 -61.27
C ASN C 151 -26.96 6.25 -60.39
N ALA C 152 -26.48 7.42 -60.00
CA ALA C 152 -27.16 8.27 -59.02
C ALA C 152 -27.27 7.54 -57.67
N SER C 153 -28.18 7.96 -56.80
CA SER C 153 -28.45 7.24 -55.55
C SER C 153 -29.85 6.68 -55.61
N CYS C 154 -30.20 5.82 -54.67
CA CYS C 154 -31.54 5.24 -54.62
C CYS C 154 -32.62 6.30 -54.45
N THR C 155 -32.37 7.29 -53.60
CA THR C 155 -33.35 8.35 -53.37
C THR C 155 -33.49 9.26 -54.57
N THR C 156 -32.37 9.67 -55.17
CA THR C 156 -32.42 10.49 -56.41
C THR C 156 -33.09 9.68 -57.52
N ASN C 157 -32.73 8.41 -57.62
CA ASN C 157 -33.31 7.53 -58.64
C ASN C 157 -34.82 7.39 -58.46
N CYS C 158 -35.26 7.50 -57.21
CA CYS C 158 -36.67 7.40 -56.88
C CYS C 158 -37.44 8.66 -57.29
N ILE C 159 -36.95 9.83 -56.91
CA ILE C 159 -37.71 11.08 -57.02
C ILE C 159 -37.46 11.85 -58.31
N ILE C 160 -36.27 11.72 -58.90
CA ILE C 160 -35.97 12.42 -60.16
C ILE C 160 -37.05 12.17 -61.23
N PRO C 161 -37.38 10.90 -61.54
CA PRO C 161 -38.41 10.68 -62.55
C PRO C 161 -39.70 11.46 -62.29
N VAL C 162 -40.17 11.48 -61.05
CA VAL C 162 -41.36 12.24 -60.71
C VAL C 162 -41.14 13.73 -60.95
N ILE C 163 -40.00 14.25 -60.50
CA ILE C 163 -39.71 15.68 -60.68
C ILE C 163 -39.70 16.05 -62.16
N LYS C 164 -39.16 15.17 -62.99
CA LYS C 164 -39.17 15.38 -64.43
C LYS C 164 -40.58 15.46 -64.96
N LEU C 165 -41.36 14.42 -64.67
CA LEU C 165 -42.76 14.37 -65.10
C LEU C 165 -43.54 15.61 -64.72
N LEU C 166 -43.36 16.08 -63.49
CA LEU C 166 -44.08 17.25 -63.01
C LEU C 166 -43.56 18.53 -63.67
N ASP C 167 -42.24 18.65 -63.82
CA ASP C 167 -41.65 19.83 -64.45
C ASP C 167 -42.08 19.94 -65.91
N ASP C 168 -41.97 18.85 -66.65
CA ASP C 168 -42.39 18.82 -68.05
C ASP C 168 -43.83 19.25 -68.21
N ALA C 169 -44.70 18.82 -67.31
CA ALA C 169 -46.13 19.08 -67.44
C ALA C 169 -46.59 20.43 -66.92
N TYR C 170 -45.94 20.96 -65.88
CA TYR C 170 -46.45 22.16 -65.18
C TYR C 170 -45.40 23.26 -64.92
N GLY C 171 -44.13 22.95 -65.15
CA GLY C 171 -43.04 23.89 -64.94
C GLY C 171 -42.82 24.16 -63.47
N ILE C 172 -41.87 23.44 -62.88
CA ILE C 172 -41.54 23.61 -61.47
C ILE C 172 -40.75 24.89 -61.25
N GLU C 173 -41.19 25.67 -60.28
CA GLU C 173 -40.56 26.95 -59.97
C GLU C 173 -39.60 26.80 -58.80
N SER C 174 -40.01 26.02 -57.81
CA SER C 174 -39.13 25.66 -56.69
C SER C 174 -39.66 24.41 -55.99
N GLY C 175 -38.79 23.73 -55.25
CA GLY C 175 -39.15 22.48 -54.59
C GLY C 175 -38.51 22.26 -53.22
N THR C 176 -39.17 21.46 -52.40
CA THR C 176 -38.66 21.08 -51.09
C THR C 176 -39.07 19.64 -50.83
N VAL C 177 -38.15 18.85 -50.27
CA VAL C 177 -38.38 17.42 -50.09
C VAL C 177 -38.15 17.01 -48.65
N THR C 178 -38.91 16.03 -48.19
CA THR C 178 -38.61 15.35 -46.95
C THR C 178 -38.54 13.87 -47.26
N THR C 179 -37.46 13.23 -46.84
CA THR C 179 -37.30 11.79 -47.02
C THR C 179 -37.47 11.08 -45.66
N ILE C 180 -38.34 10.08 -45.63
CA ILE C 180 -38.51 9.25 -44.46
C ILE C 180 -37.81 7.92 -44.72
N HIS C 181 -36.64 7.77 -44.13
CA HIS C 181 -35.82 6.59 -44.31
C HIS C 181 -36.14 5.50 -43.32
N SER C 182 -36.00 4.26 -43.74
CA SER C 182 -36.12 3.13 -42.80
C SER C 182 -34.76 2.86 -42.18
N ALA C 183 -34.65 1.88 -41.28
CA ALA C 183 -33.38 1.54 -40.64
C ALA C 183 -32.80 0.25 -41.21
N PRO C 195 -17.78 14.54 -34.42
CA PRO C 195 -18.62 13.35 -34.68
C PRO C 195 -19.98 13.69 -35.33
N ASP C 196 -20.85 12.69 -35.46
CA ASP C 196 -22.29 12.89 -35.77
C ASP C 196 -23.16 12.45 -34.55
N LEU C 197 -23.30 13.34 -33.58
CA LEU C 197 -23.96 13.01 -32.29
C LEU C 197 -25.43 12.57 -32.47
N ARG C 198 -25.94 12.67 -33.69
CA ARG C 198 -27.26 12.13 -34.03
C ARG C 198 -27.19 10.65 -34.45
N ARG C 199 -26.05 10.00 -34.28
CA ARG C 199 -25.98 8.57 -34.63
C ARG C 199 -26.23 7.71 -33.40
N THR C 200 -25.25 7.60 -32.48
CA THR C 200 -25.33 6.59 -31.40
C THR C 200 -26.38 6.99 -30.36
N ARG C 201 -27.63 6.84 -30.79
CA ARG C 201 -28.83 7.21 -30.03
C ARG C 201 -29.93 6.26 -30.53
N ALA C 202 -30.63 5.63 -29.58
CA ALA C 202 -31.68 4.65 -29.89
C ALA C 202 -32.31 4.84 -31.28
N ALA C 203 -31.84 4.07 -32.25
CA ALA C 203 -32.46 3.98 -33.57
C ALA C 203 -33.82 3.27 -33.49
N SER C 204 -34.01 2.54 -32.40
CA SER C 204 -35.18 1.68 -32.22
C SER C 204 -36.50 2.41 -31.95
N GLN C 205 -36.45 3.70 -31.60
CA GLN C 205 -37.67 4.36 -31.10
C GLN C 205 -37.81 5.87 -31.30
N SER C 206 -36.94 6.46 -32.10
CA SER C 206 -37.05 7.88 -32.36
C SER C 206 -36.96 8.19 -33.83
N ILE C 207 -37.42 9.39 -34.17
CA ILE C 207 -37.28 9.96 -35.50
C ILE C 207 -35.98 10.74 -35.57
N ILE C 208 -34.96 10.16 -36.17
CA ILE C 208 -33.65 10.77 -36.13
C ILE C 208 -33.42 11.56 -37.40
N PRO C 209 -33.26 12.89 -37.31
CA PRO C 209 -32.93 13.64 -38.50
C PRO C 209 -31.54 13.29 -39.00
N VAL C 210 -31.46 12.71 -40.20
CA VAL C 210 -30.17 12.45 -40.85
C VAL C 210 -29.85 13.62 -41.78
N ASP C 211 -28.58 13.70 -42.16
CA ASP C 211 -28.10 14.64 -43.17
C ASP C 211 -28.37 13.99 -44.52
N THR C 212 -29.00 14.72 -45.44
CA THR C 212 -29.32 14.20 -46.75
C THR C 212 -28.54 14.94 -47.83
N LYS C 213 -28.23 14.24 -48.93
CA LYS C 213 -27.63 14.87 -50.10
C LYS C 213 -28.59 14.84 -51.30
N LEU C 214 -29.90 14.77 -51.03
CA LEU C 214 -30.90 14.75 -52.11
C LEU C 214 -30.95 16.03 -52.92
N ALA C 215 -31.08 17.18 -52.25
CA ALA C 215 -31.04 18.47 -52.95
C ALA C 215 -29.84 18.50 -53.90
N ALA C 216 -28.65 18.30 -53.34
CA ALA C 216 -27.45 18.26 -54.17
C ALA C 216 -27.73 17.43 -55.41
N GLY C 217 -28.16 16.19 -55.21
CA GLY C 217 -28.40 15.24 -56.31
C GLY C 217 -29.38 15.72 -57.38
N ILE C 218 -30.43 16.40 -56.92
CA ILE C 218 -31.49 16.93 -57.79
C ILE C 218 -30.97 18.10 -58.60
N THR C 219 -30.38 19.09 -57.92
CA THR C 219 -29.85 20.27 -58.59
C THR C 219 -28.69 19.94 -59.52
N ARG C 220 -27.97 18.86 -59.23
CA ARG C 220 -26.92 18.39 -60.12
C ARG C 220 -27.51 17.82 -61.41
N PHE C 221 -28.53 16.99 -61.27
CA PHE C 221 -29.23 16.42 -62.43
C PHE C 221 -30.05 17.47 -63.19
N PHE C 222 -30.65 18.40 -62.44
CA PHE C 222 -31.43 19.51 -63.01
C PHE C 222 -30.81 20.84 -62.62
N PRO C 223 -29.78 21.30 -63.36
CA PRO C 223 -29.08 22.51 -62.96
C PRO C 223 -29.95 23.75 -62.92
N GLN C 224 -31.07 23.74 -63.66
CA GLN C 224 -32.02 24.85 -63.63
C GLN C 224 -32.66 25.04 -62.27
N PHE C 225 -32.37 24.16 -61.32
CA PHE C 225 -32.97 24.25 -60.00
C PHE C 225 -32.01 24.70 -58.88
N ASN C 226 -30.81 25.13 -59.25
CA ASN C 226 -29.89 25.66 -58.24
C ASN C 226 -30.59 26.74 -57.43
N ASP C 227 -30.36 26.74 -56.11
CA ASP C 227 -31.01 27.70 -55.21
C ASP C 227 -32.54 27.72 -55.34
N ARG C 228 -33.10 26.57 -55.69
CA ARG C 228 -34.53 26.41 -55.84
C ARG C 228 -35.04 25.11 -55.21
N PHE C 229 -34.12 24.29 -54.71
CA PHE C 229 -34.45 23.03 -54.08
C PHE C 229 -33.71 22.88 -52.75
N GLU C 230 -34.41 22.34 -51.77
CA GLU C 230 -33.83 21.98 -50.50
C GLU C 230 -34.34 20.59 -50.10
N ALA C 231 -33.74 20.02 -49.08
CA ALA C 231 -34.16 18.71 -48.61
C ALA C 231 -33.79 18.51 -47.14
N ILE C 232 -34.66 17.82 -46.42
CA ILE C 232 -34.34 17.28 -45.12
C ILE C 232 -34.67 15.80 -45.16
N ALA C 233 -34.32 15.09 -44.09
CA ALA C 233 -34.61 13.66 -44.01
C ALA C 233 -34.65 13.20 -42.57
N VAL C 234 -35.44 12.16 -42.31
CA VAL C 234 -35.48 11.50 -41.02
C VAL C 234 -35.42 9.98 -41.17
N ARG C 235 -34.88 9.34 -40.14
CA ARG C 235 -34.82 7.90 -40.05
C ARG C 235 -35.82 7.47 -39.00
N VAL C 236 -36.66 6.51 -39.35
CA VAL C 236 -37.63 5.91 -38.43
C VAL C 236 -37.38 4.41 -38.40
N PRO C 237 -37.78 3.75 -37.29
CA PRO C 237 -37.49 2.33 -37.14
C PRO C 237 -38.43 1.40 -37.89
N THR C 238 -38.59 1.62 -39.19
CA THR C 238 -39.37 0.73 -40.04
C THR C 238 -38.43 -0.10 -40.90
N ILE C 239 -39.01 -1.06 -41.61
CA ILE C 239 -38.24 -2.03 -42.39
C ILE C 239 -38.19 -1.65 -43.87
N ASN C 240 -36.97 -1.49 -44.38
CA ASN C 240 -36.69 -1.61 -45.83
C ASN C 240 -37.22 -0.53 -46.80
N VAL C 241 -38.46 -0.07 -46.61
CA VAL C 241 -39.06 0.84 -47.58
C VAL C 241 -38.98 2.28 -47.14
N THR C 242 -38.71 3.14 -48.11
CA THR C 242 -38.52 4.57 -47.91
C THR C 242 -39.66 5.40 -48.51
N ALA C 243 -40.04 6.46 -47.83
CA ALA C 243 -41.09 7.35 -48.31
C ALA C 243 -40.50 8.72 -48.59
N ILE C 244 -40.82 9.26 -49.76
CA ILE C 244 -40.33 10.58 -50.14
C ILE C 244 -41.50 11.54 -50.32
N ASP C 245 -41.45 12.62 -49.56
CA ASP C 245 -42.53 13.58 -49.46
C ASP C 245 -42.08 14.81 -50.21
N LEU C 246 -42.54 14.93 -51.45
CA LEU C 246 -42.09 15.97 -52.36
C LEU C 246 -43.10 17.10 -52.42
N SER C 247 -42.62 18.32 -52.31
CA SER C 247 -43.48 19.51 -52.44
C SER C 247 -42.89 20.49 -53.44
N VAL C 248 -43.66 20.83 -54.47
CA VAL C 248 -43.19 21.72 -55.54
C VAL C 248 -44.20 22.81 -55.87
N THR C 249 -43.69 24.02 -56.16
CA THR C 249 -44.49 25.09 -56.73
C THR C 249 -44.40 24.99 -58.25
N VAL C 250 -45.54 25.16 -58.92
CA VAL C 250 -45.58 25.10 -60.39
C VAL C 250 -46.24 26.32 -61.01
N LYS C 251 -45.93 26.55 -62.27
CA LYS C 251 -46.46 27.69 -63.01
C LYS C 251 -47.90 27.44 -63.41
N LYS C 252 -48.11 26.35 -64.14
CA LYS C 252 -49.44 25.98 -64.65
C LYS C 252 -50.36 25.66 -63.46
N PRO C 253 -51.60 26.19 -63.44
CA PRO C 253 -52.52 25.84 -62.36
C PRO C 253 -52.99 24.41 -62.46
N VAL C 254 -53.08 23.71 -61.33
CA VAL C 254 -53.44 22.29 -61.32
C VAL C 254 -54.33 21.86 -60.17
N LYS C 255 -54.98 20.71 -60.39
CA LYS C 255 -55.81 20.03 -59.38
C LYS C 255 -55.24 18.67 -59.07
N ALA C 256 -55.46 18.23 -57.83
CA ALA C 256 -54.89 16.99 -57.31
C ALA C 256 -55.06 15.83 -58.28
N ASN C 257 -56.27 15.60 -58.76
CA ASN C 257 -56.54 14.45 -59.62
C ASN C 257 -55.96 14.55 -61.03
N GLU C 258 -55.73 15.78 -61.50
CA GLU C 258 -55.06 16.00 -62.80
C GLU C 258 -53.65 15.49 -62.71
N VAL C 259 -52.97 15.92 -61.64
CA VAL C 259 -51.62 15.46 -61.29
C VAL C 259 -51.54 13.93 -61.18
N ASN C 260 -52.49 13.34 -60.46
CA ASN C 260 -52.61 11.90 -60.38
C ASN C 260 -52.80 11.22 -61.74
N LEU C 261 -53.60 11.83 -62.58
CA LEU C 261 -53.88 11.28 -63.89
C LEU C 261 -52.62 11.29 -64.74
N LEU C 262 -51.91 12.40 -64.69
CA LEU C 262 -50.63 12.54 -65.39
C LEU C 262 -49.70 11.40 -65.01
N LEU C 263 -49.48 11.26 -63.70
CA LEU C 263 -48.54 10.27 -63.14
C LEU C 263 -48.97 8.85 -63.44
N GLN C 264 -50.26 8.59 -63.32
CA GLN C 264 -50.81 7.27 -63.63
C GLN C 264 -50.53 6.91 -65.09
N LYS C 265 -50.69 7.90 -65.98
CA LYS C 265 -50.49 7.68 -67.41
C LYS C 265 -49.03 7.36 -67.67
N ALA C 266 -48.16 8.12 -67.02
CA ALA C 266 -46.73 7.90 -67.11
C ALA C 266 -46.37 6.46 -66.73
N ALA C 267 -46.95 6.00 -65.62
CA ALA C 267 -46.68 4.66 -65.07
C ALA C 267 -47.06 3.54 -66.05
N GLN C 268 -48.11 3.73 -66.84
CA GLN C 268 -48.50 2.76 -67.87
C GLN C 268 -47.68 2.99 -69.16
N GLY C 269 -47.29 4.24 -69.41
CA GLY C 269 -46.68 4.59 -70.69
C GLY C 269 -45.17 4.71 -70.67
N ALA C 270 -44.70 5.96 -70.81
CA ALA C 270 -43.26 6.27 -70.94
C ALA C 270 -42.41 5.71 -69.81
N PHE C 271 -42.97 5.59 -68.61
CA PHE C 271 -42.21 5.18 -67.43
C PHE C 271 -42.61 3.81 -66.87
N HIS C 272 -43.20 2.99 -67.71
CA HIS C 272 -43.61 1.64 -67.34
C HIS C 272 -42.38 0.90 -66.85
N GLY C 273 -42.55 0.22 -65.72
CA GLY C 273 -41.46 -0.54 -65.12
C GLY C 273 -40.52 0.28 -64.25
N ILE C 274 -40.52 1.60 -64.43
CA ILE C 274 -39.68 2.50 -63.65
C ILE C 274 -40.50 3.24 -62.60
N VAL C 275 -41.57 3.88 -63.03
CA VAL C 275 -42.49 4.49 -62.07
C VAL C 275 -43.79 3.70 -62.05
N ASP C 276 -44.34 3.52 -60.86
CA ASP C 276 -45.65 2.90 -60.72
C ASP C 276 -46.59 3.86 -60.01
N TYR C 277 -47.87 3.59 -60.15
CA TYR C 277 -48.92 4.41 -59.55
C TYR C 277 -49.93 3.49 -58.86
N THR C 278 -50.39 3.91 -57.69
CA THR C 278 -51.41 3.17 -56.98
C THR C 278 -52.32 4.09 -56.17
N GLU C 279 -53.57 3.65 -56.07
CA GLU C 279 -54.61 4.30 -55.27
C GLU C 279 -55.14 3.34 -54.20
N LEU C 280 -54.59 2.14 -54.18
CA LEU C 280 -54.98 1.14 -53.19
C LEU C 280 -54.56 1.60 -51.81
N PRO C 281 -55.26 1.15 -50.76
CA PRO C 281 -54.88 1.51 -49.38
C PRO C 281 -53.76 0.60 -48.90
N LEU C 282 -52.52 1.03 -49.10
CA LEU C 282 -51.36 0.20 -48.78
C LEU C 282 -50.48 0.87 -47.76
N VAL C 283 -49.58 0.08 -47.20
CA VAL C 283 -48.59 0.58 -46.23
C VAL C 283 -47.18 0.26 -46.74
N SER C 284 -46.16 0.88 -46.14
CA SER C 284 -44.81 0.85 -46.73
C SER C 284 -44.36 -0.58 -47.09
N VAL C 285 -44.53 -1.52 -46.18
CA VAL C 285 -44.06 -2.90 -46.39
C VAL C 285 -44.67 -3.58 -47.61
N ASP C 286 -45.75 -3.03 -48.13
CA ASP C 286 -46.37 -3.60 -49.33
C ASP C 286 -45.53 -3.35 -50.59
N PHE C 287 -44.59 -2.42 -50.50
CA PHE C 287 -43.69 -2.09 -51.61
C PHE C 287 -42.33 -2.74 -51.43
N ASN C 288 -42.21 -3.55 -50.38
CA ASN C 288 -41.03 -4.36 -50.16
C ASN C 288 -40.79 -5.24 -51.37
N HIS C 289 -39.58 -5.23 -51.87
CA HIS C 289 -39.20 -6.06 -53.01
C HIS C 289 -39.85 -5.63 -54.31
N ASP C 290 -40.26 -4.36 -54.39
CA ASP C 290 -40.85 -3.83 -55.61
C ASP C 290 -39.72 -3.27 -56.47
N PRO C 291 -39.63 -3.73 -57.73
CA PRO C 291 -38.57 -3.36 -58.68
C PRO C 291 -38.67 -1.95 -59.24
N HIS C 292 -39.79 -1.28 -59.03
CA HIS C 292 -39.95 0.07 -59.51
C HIS C 292 -39.01 1.01 -58.77
N SER C 293 -38.50 2.02 -59.48
CA SER C 293 -37.67 3.07 -58.88
C SER C 293 -38.50 3.90 -57.93
N ALA C 294 -39.77 4.08 -58.27
CA ALA C 294 -40.69 4.89 -57.50
C ALA C 294 -42.11 4.38 -57.67
N ILE C 295 -42.87 4.36 -56.59
CA ILE C 295 -44.31 4.11 -56.66
C ILE C 295 -45.03 5.31 -56.10
N VAL C 296 -45.85 5.94 -56.92
CA VAL C 296 -46.59 7.13 -56.49
C VAL C 296 -47.88 6.73 -55.78
N ASP C 297 -48.10 7.31 -54.60
CA ASP C 297 -49.33 7.05 -53.84
C ASP C 297 -50.38 8.10 -54.14
N GLY C 298 -51.27 7.78 -55.07
CA GLY C 298 -52.29 8.72 -55.53
C GLY C 298 -53.12 9.31 -54.41
N THR C 299 -53.44 8.49 -53.43
CA THR C 299 -54.32 8.86 -52.32
C THR C 299 -53.71 9.97 -51.45
N GLN C 300 -52.41 10.20 -51.61
CA GLN C 300 -51.71 11.21 -50.81
C GLN C 300 -51.40 12.49 -51.60
N THR C 301 -51.73 12.51 -52.88
CA THR C 301 -51.53 13.72 -53.69
C THR C 301 -52.43 14.84 -53.20
N ARG C 302 -51.87 16.03 -53.13
CA ARG C 302 -52.59 17.22 -52.74
C ARG C 302 -52.11 18.41 -53.58
N VAL C 303 -52.97 19.42 -53.70
CA VAL C 303 -52.58 20.70 -54.31
C VAL C 303 -53.15 21.81 -53.45
N SER C 304 -52.26 22.71 -53.01
CA SER C 304 -52.62 23.85 -52.16
C SER C 304 -52.70 25.13 -52.99
N GLY C 305 -53.87 25.75 -53.00
CA GLY C 305 -54.16 26.74 -54.02
C GLY C 305 -54.22 25.95 -55.31
N ALA C 306 -53.62 26.47 -56.36
CA ALA C 306 -53.59 25.73 -57.64
C ALA C 306 -52.17 25.41 -58.05
N HIS C 307 -51.22 25.72 -57.17
CA HIS C 307 -49.80 25.83 -57.56
C HIS C 307 -48.81 25.06 -56.69
N LEU C 308 -49.21 24.64 -55.49
CA LEU C 308 -48.33 23.90 -54.55
C LEU C 308 -48.70 22.41 -54.48
N ILE C 309 -47.90 21.57 -55.13
CA ILE C 309 -48.20 20.14 -55.24
C ILE C 309 -47.47 19.37 -54.17
N LYS C 310 -48.20 18.57 -53.41
CA LYS C 310 -47.58 17.57 -52.54
C LYS C 310 -47.83 16.18 -53.09
N THR C 311 -46.77 15.40 -53.20
CA THR C 311 -46.89 14.02 -53.64
C THR C 311 -46.04 13.15 -52.76
N LEU C 312 -46.57 12.00 -52.36
CA LEU C 312 -45.82 11.03 -51.59
C LEU C 312 -45.42 9.87 -52.47
N VAL C 313 -44.13 9.60 -52.54
CA VAL C 313 -43.62 8.52 -53.35
C VAL C 313 -42.88 7.48 -52.51
N TRP C 314 -43.30 6.24 -52.65
CA TRP C 314 -42.66 5.10 -51.97
C TRP C 314 -41.58 4.56 -52.85
N CYS C 315 -40.57 3.97 -52.24
CA CYS C 315 -39.62 3.12 -52.96
C CYS C 315 -38.92 2.12 -52.04
N ASP C 316 -38.62 0.94 -52.58
CA ASP C 316 -37.72 0.02 -51.92
C ASP C 316 -36.32 0.58 -52.18
N ASN C 317 -35.76 1.20 -51.15
CA ASN C 317 -34.49 1.94 -51.28
C ASN C 317 -33.30 1.10 -51.74
N GLU C 318 -33.44 -0.21 -51.79
CA GLU C 318 -32.37 -1.05 -52.26
C GLU C 318 -32.74 -1.81 -53.51
N TRP C 319 -33.92 -2.43 -53.51
CA TRP C 319 -34.29 -3.31 -54.61
C TRP C 319 -34.47 -2.54 -55.91
N GLY C 320 -35.18 -1.41 -55.84
CA GLY C 320 -35.37 -0.58 -57.00
C GLY C 320 -34.03 -0.22 -57.59
N PHE C 321 -33.20 0.38 -56.76
CA PHE C 321 -31.87 0.80 -57.17
C PHE C 321 -31.04 -0.34 -57.78
N ALA C 322 -31.11 -1.52 -57.15
CA ALA C 322 -30.36 -2.70 -57.59
C ALA C 322 -30.76 -3.14 -59.00
N ASN C 323 -32.06 -3.07 -59.30
CA ASN C 323 -32.54 -3.38 -60.63
C ASN C 323 -32.15 -2.33 -61.64
N ARG C 324 -32.09 -1.08 -61.22
CA ARG C 324 -31.61 0.00 -62.08
C ARG C 324 -30.12 -0.15 -62.42
N MET C 325 -29.35 -0.65 -61.47
CA MET C 325 -27.94 -0.94 -61.73
C MET C 325 -27.82 -1.91 -62.89
N LEU C 326 -28.66 -2.93 -62.89
CA LEU C 326 -28.67 -3.89 -63.96
C LEU C 326 -29.17 -3.27 -65.27
N ASP C 327 -30.20 -2.45 -65.19
CA ASP C 327 -30.75 -1.80 -66.40
C ASP C 327 -29.67 -0.93 -67.04
N THR C 328 -29.02 -0.10 -66.23
CA THR C 328 -27.99 0.80 -66.71
C THR C 328 -26.82 0.00 -67.28
N THR C 329 -26.44 -1.07 -66.59
CA THR C 329 -25.37 -1.93 -67.05
C THR C 329 -25.64 -2.38 -68.49
N LEU C 330 -26.82 -2.94 -68.71
CA LEU C 330 -27.19 -3.41 -70.03
C LEU C 330 -27.03 -2.32 -71.08
N ALA C 331 -27.57 -1.15 -70.79
CA ALA C 331 -27.48 0.00 -71.70
C ALA C 331 -26.02 0.33 -72.05
N MET C 332 -25.17 0.33 -71.03
CA MET C 332 -23.75 0.64 -71.21
C MET C 332 -23.05 -0.37 -72.09
N ALA C 333 -23.33 -1.65 -71.89
CA ALA C 333 -22.71 -2.71 -72.66
C ALA C 333 -23.23 -2.76 -74.11
N THR C 334 -24.45 -2.24 -74.31
CA THR C 334 -25.14 -2.28 -75.60
C THR C 334 -24.81 -1.11 -76.54
N VAL C 335 -24.66 0.11 -76.04
CA VAL C 335 -23.98 1.14 -76.85
C VAL C 335 -22.46 0.88 -76.80
N THR D 1 -58.67 29.05 -5.23
CA THR D 1 -58.52 27.90 -6.16
C THR D 1 -59.58 27.92 -7.26
N VAL D 2 -59.15 27.56 -8.47
CA VAL D 2 -60.08 27.14 -9.52
C VAL D 2 -60.30 25.64 -9.39
N ARG D 3 -61.56 25.20 -9.44
CA ARG D 3 -61.83 23.77 -9.28
C ARG D 3 -62.39 23.17 -10.56
N VAL D 4 -61.71 22.12 -11.02
CA VAL D 4 -62.03 21.47 -12.27
C VAL D 4 -62.40 20.04 -12.04
N ALA D 5 -63.31 19.59 -12.89
CA ALA D 5 -63.65 18.19 -13.00
C ALA D 5 -63.21 17.71 -14.37
N ILE D 6 -62.82 16.45 -14.45
CA ILE D 6 -62.42 15.86 -15.70
C ILE D 6 -63.40 14.78 -16.11
N ASN D 7 -64.03 15.00 -17.26
CA ASN D 7 -64.90 13.99 -17.86
C ASN D 7 -64.10 13.19 -18.87
N GLY D 8 -63.91 11.90 -18.58
CA GLY D 8 -63.12 11.03 -19.40
C GLY D 8 -61.68 11.01 -18.96
N PHE D 9 -61.23 9.85 -18.49
CA PHE D 9 -59.89 9.64 -17.94
C PHE D 9 -59.08 8.74 -18.86
N GLY D 10 -59.08 9.11 -20.13
CA GLY D 10 -58.28 8.40 -21.12
C GLY D 10 -56.85 8.86 -21.08
N ARG D 11 -56.19 8.85 -22.23
CA ARG D 11 -54.82 9.28 -22.30
C ARG D 11 -54.71 10.75 -21.91
N ILE D 12 -55.50 11.57 -22.55
CA ILE D 12 -55.38 13.01 -22.37
C ILE D 12 -55.79 13.45 -20.97
N GLY D 13 -56.90 12.90 -20.48
CA GLY D 13 -57.35 13.16 -19.11
C GLY D 13 -56.29 12.83 -18.06
N ARG D 14 -55.69 11.65 -18.18
CA ARG D 14 -54.64 11.23 -17.27
C ARG D 14 -53.48 12.21 -17.29
N ASN D 15 -53.08 12.64 -18.48
CA ASN D 15 -51.97 13.56 -18.65
C ASN D 15 -52.27 14.94 -18.08
N VAL D 16 -53.49 15.41 -18.24
CA VAL D 16 -53.90 16.68 -17.66
C VAL D 16 -53.67 16.64 -16.15
N VAL D 17 -54.08 15.55 -15.49
CA VAL D 17 -53.83 15.40 -14.07
C VAL D 17 -52.34 15.39 -13.76
N ARG D 18 -51.58 14.52 -14.45
CA ARG D 18 -50.14 14.46 -14.24
C ARG D 18 -49.49 15.82 -14.45
N ALA D 19 -49.95 16.54 -15.47
CA ALA D 19 -49.43 17.88 -15.79
C ALA D 19 -49.76 18.91 -14.71
N LEU D 20 -50.95 18.83 -14.15
CA LEU D 20 -51.37 19.74 -13.09
C LEU D 20 -50.37 19.71 -11.94
N TYR D 21 -49.97 18.50 -11.54
CA TYR D 21 -49.08 18.32 -10.42
C TYR D 21 -47.65 18.70 -10.76
N GLU D 22 -47.13 18.12 -11.85
CA GLU D 22 -45.74 18.33 -12.24
C GLU D 22 -45.41 19.80 -12.58
N SER D 23 -46.28 20.51 -13.30
CA SER D 23 -46.03 21.93 -13.64
C SER D 23 -46.17 22.90 -12.43
N GLY D 24 -46.80 22.43 -11.35
CA GLY D 24 -47.01 23.24 -10.16
C GLY D 24 -48.14 24.25 -10.27
N ARG D 25 -49.10 23.98 -11.18
CA ARG D 25 -50.40 24.70 -11.22
C ARG D 25 -51.40 24.16 -10.18
N ARG D 26 -50.96 23.17 -9.40
CA ARG D 26 -51.64 22.67 -8.20
C ARG D 26 -51.81 23.74 -7.13
N ALA D 27 -51.34 24.96 -7.43
CA ALA D 27 -51.41 26.10 -6.53
C ALA D 27 -52.57 27.03 -6.90
N GLU D 28 -52.99 27.01 -8.17
CA GLU D 28 -54.13 27.83 -8.63
C GLU D 28 -55.35 27.00 -9.04
N ILE D 29 -55.17 25.68 -9.23
CA ILE D 29 -56.19 24.79 -9.81
C ILE D 29 -56.28 23.49 -9.04
N THR D 30 -57.50 22.96 -8.86
CA THR D 30 -57.75 21.67 -8.19
C THR D 30 -58.65 20.73 -9.01
N VAL D 31 -58.28 19.44 -9.08
CA VAL D 31 -59.19 18.43 -9.62
C VAL D 31 -60.00 17.85 -8.47
N VAL D 32 -61.32 18.04 -8.54
CA VAL D 32 -62.22 17.58 -7.47
C VAL D 32 -62.91 16.25 -7.81
N ALA D 33 -63.16 16.05 -9.11
CA ALA D 33 -63.81 14.83 -9.57
C ALA D 33 -63.30 14.39 -10.94
N ILE D 34 -63.26 13.08 -11.11
CA ILE D 34 -63.01 12.49 -12.42
C ILE D 34 -64.16 11.54 -12.69
N ASN D 35 -64.75 11.62 -13.88
CA ASN D 35 -65.75 10.65 -14.27
C ASN D 35 -65.29 9.78 -15.42
N GLU D 36 -65.06 8.50 -15.15
CA GLU D 36 -64.83 7.53 -16.21
C GLU D 36 -65.63 6.27 -15.98
N LEU D 37 -66.17 5.79 -17.09
CA LEU D 37 -66.93 4.55 -17.17
C LEU D 37 -65.92 3.41 -17.24
N ALA D 38 -65.29 3.10 -16.12
CA ALA D 38 -64.24 2.09 -16.03
C ALA D 38 -63.79 1.91 -14.57
N ASP D 39 -63.19 0.76 -14.27
CA ASP D 39 -62.71 0.50 -12.89
C ASP D 39 -61.69 1.54 -12.39
N ALA D 40 -61.95 2.07 -11.18
CA ALA D 40 -61.07 3.04 -10.49
C ALA D 40 -59.76 2.42 -10.01
N ALA D 41 -59.76 1.12 -9.69
CA ALA D 41 -58.49 0.43 -9.44
C ALA D 41 -57.67 0.37 -10.74
N GLY D 42 -58.34 0.42 -11.88
CA GLY D 42 -57.71 0.52 -13.18
C GLY D 42 -57.24 1.92 -13.49
N MET D 43 -58.11 2.90 -13.33
CA MET D 43 -57.74 4.33 -13.53
C MET D 43 -56.57 4.79 -12.63
N ALA D 44 -56.51 4.31 -11.38
CA ALA D 44 -55.38 4.59 -10.50
C ALA D 44 -54.10 4.02 -11.08
N HIS D 45 -54.17 2.77 -11.51
CA HIS D 45 -53.01 2.07 -12.03
C HIS D 45 -52.46 2.81 -13.26
N LEU D 46 -53.31 3.01 -14.26
CA LEU D 46 -52.90 3.67 -15.49
C LEU D 46 -52.40 5.10 -15.24
N LEU D 47 -52.90 5.76 -14.21
CA LEU D 47 -52.39 7.10 -13.86
C LEU D 47 -50.97 7.01 -13.34
N LYS D 48 -50.67 5.95 -12.60
CA LYS D 48 -49.34 5.75 -12.00
C LYS D 48 -48.31 5.30 -13.03
N TYR D 49 -48.69 4.41 -13.95
CA TYR D 49 -47.73 3.83 -14.90
C TYR D 49 -48.04 4.16 -16.35
N ASP D 50 -47.07 4.69 -17.07
CA ASP D 50 -47.24 4.76 -18.52
C ASP D 50 -45.94 4.78 -19.36
N THR D 51 -46.03 4.13 -20.52
CA THR D 51 -44.87 3.78 -21.37
C THR D 51 -44.18 5.05 -21.88
N SER D 52 -44.97 6.10 -22.10
CA SER D 52 -44.49 7.35 -22.69
C SER D 52 -43.81 8.33 -21.75
N HIS D 53 -43.97 8.17 -20.43
CA HIS D 53 -43.43 9.15 -19.45
C HIS D 53 -42.65 8.57 -18.24
N GLY D 54 -42.90 7.29 -17.91
CA GLY D 54 -42.37 6.65 -16.70
C GLY D 54 -43.40 6.58 -15.58
N ARG D 55 -42.91 6.26 -14.39
CA ARG D 55 -43.74 6.17 -13.17
C ARG D 55 -44.06 7.59 -12.71
N PHE D 56 -45.33 7.82 -12.41
CA PHE D 56 -45.76 9.11 -11.91
C PHE D 56 -45.09 9.37 -10.57
N ALA D 57 -44.39 10.50 -10.48
CA ALA D 57 -43.59 10.86 -9.30
C ALA D 57 -44.41 10.96 -8.00
N TRP D 58 -45.68 11.29 -8.13
CA TRP D 58 -46.55 11.40 -6.96
C TRP D 58 -47.07 10.03 -6.56
N GLU D 59 -47.56 9.95 -5.32
CA GLU D 59 -48.07 8.69 -4.78
C GLU D 59 -49.55 8.56 -5.11
N VAL D 60 -49.90 7.47 -5.80
CA VAL D 60 -51.27 7.26 -6.28
C VAL D 60 -51.95 6.12 -5.56
N ARG D 61 -53.00 6.48 -4.83
CA ARG D 61 -53.82 5.52 -4.13
C ARG D 61 -55.25 5.56 -4.64
N GLN D 62 -55.94 4.46 -4.41
CA GLN D 62 -57.33 4.33 -4.78
C GLN D 62 -58.00 3.36 -3.81
N GLU D 63 -59.00 3.89 -3.10
CA GLU D 63 -59.77 3.12 -2.13
C GLU D 63 -61.14 3.81 -2.05
N ARG D 64 -62.23 3.06 -2.25
CA ARG D 64 -63.56 3.67 -2.18
C ARG D 64 -63.79 4.49 -3.48
N ASP D 65 -64.59 5.54 -3.38
CA ASP D 65 -64.83 6.40 -4.52
C ASP D 65 -63.60 7.23 -4.79
N GLN D 66 -62.55 7.03 -4.01
CA GLN D 66 -61.49 8.04 -3.96
C GLN D 66 -60.15 7.65 -4.64
N LEU D 67 -59.69 8.58 -5.48
CA LEU D 67 -58.36 8.60 -6.06
C LEU D 67 -57.53 9.71 -5.40
N PHE D 68 -56.26 9.41 -5.14
CA PHE D 68 -55.37 10.31 -4.40
C PHE D 68 -54.01 10.56 -5.06
N VAL D 69 -53.82 11.81 -5.46
CA VAL D 69 -52.50 12.35 -5.78
C VAL D 69 -52.01 13.03 -4.49
N GLY D 70 -51.19 12.30 -3.72
CA GLY D 70 -50.73 12.76 -2.40
C GLY D 70 -51.86 13.11 -1.42
N ASP D 71 -52.03 14.42 -1.17
CA ASP D 71 -53.06 14.92 -0.26
C ASP D 71 -54.09 15.78 -0.96
N ASP D 72 -54.46 15.39 -2.18
CA ASP D 72 -55.72 15.82 -2.75
C ASP D 72 -56.61 14.62 -2.97
N ALA D 73 -57.89 14.75 -2.58
CA ALA D 73 -58.89 13.70 -2.73
C ALA D 73 -59.75 13.99 -3.95
N ILE D 74 -59.55 13.20 -5.02
CA ILE D 74 -60.33 13.35 -6.26
C ILE D 74 -61.47 12.35 -6.24
N ARG D 75 -62.70 12.81 -6.44
CA ARG D 75 -63.86 11.93 -6.35
C ARG D 75 -64.10 11.24 -7.68
N VAL D 76 -64.28 9.92 -7.63
CA VAL D 76 -64.40 9.12 -8.86
C VAL D 76 -65.87 8.81 -9.14
N LEU D 77 -66.33 9.22 -10.32
CA LEU D 77 -67.69 8.98 -10.72
C LEU D 77 -67.73 8.01 -11.91
N HIS D 78 -68.88 7.37 -12.10
CA HIS D 78 -69.09 6.46 -13.22
C HIS D 78 -70.42 6.78 -13.88
N GLU D 79 -70.67 8.08 -14.06
CA GLU D 79 -71.94 8.55 -14.61
C GLU D 79 -71.88 8.36 -16.11
N ARG D 80 -72.84 7.62 -16.62
CA ARG D 80 -72.90 7.27 -18.03
C ARG D 80 -73.66 8.37 -18.77
N SER D 81 -74.32 9.25 -17.99
CA SER D 81 -75.08 10.39 -18.55
C SER D 81 -74.63 11.77 -18.04
N LEU D 82 -74.69 12.76 -18.94
CA LEU D 82 -74.18 14.11 -18.66
C LEU D 82 -75.04 14.85 -17.62
N GLN D 83 -76.35 14.76 -17.80
CA GLN D 83 -77.34 15.37 -16.91
C GLN D 83 -77.15 14.93 -15.45
N SER D 84 -76.81 13.64 -15.22
CA SER D 84 -76.71 13.11 -13.85
C SER D 84 -75.34 13.35 -13.21
N LEU D 85 -74.53 14.20 -13.83
CA LEU D 85 -73.24 14.57 -13.24
C LEU D 85 -73.41 15.60 -12.10
N PRO D 86 -72.86 15.29 -10.91
CA PRO D 86 -72.99 16.17 -9.73
C PRO D 86 -72.05 17.41 -9.73
N TRP D 87 -71.99 18.12 -10.86
CA TRP D 87 -71.11 19.27 -10.97
C TRP D 87 -71.51 20.34 -9.96
N ARG D 88 -72.81 20.60 -9.88
CA ARG D 88 -73.34 21.62 -8.96
C ARG D 88 -72.93 21.33 -7.53
N GLU D 89 -73.17 20.08 -7.13
CA GLU D 89 -72.81 19.59 -5.78
C GLU D 89 -71.32 19.80 -5.44
N LEU D 90 -70.45 19.70 -6.44
CA LEU D 90 -69.01 19.80 -6.22
C LEU D 90 -68.45 21.21 -6.50
N GLY D 91 -69.29 22.08 -7.01
CA GLY D 91 -68.91 23.49 -7.25
C GLY D 91 -67.91 23.67 -8.37
N VAL D 92 -68.02 22.83 -9.39
CA VAL D 92 -67.09 22.82 -10.52
C VAL D 92 -67.11 24.15 -11.26
N ASP D 93 -65.94 24.77 -11.36
CA ASP D 93 -65.77 26.01 -12.14
C ASP D 93 -65.58 25.71 -13.64
N VAL D 94 -64.77 24.70 -13.95
CA VAL D 94 -64.60 24.28 -15.34
C VAL D 94 -64.57 22.77 -15.43
N VAL D 95 -65.29 22.24 -16.41
CA VAL D 95 -65.21 20.83 -16.71
C VAL D 95 -64.34 20.68 -17.92
N LEU D 96 -63.27 19.92 -17.76
CA LEU D 96 -62.43 19.53 -18.90
C LEU D 96 -62.96 18.22 -19.41
N ASP D 97 -63.57 18.24 -20.58
CA ASP D 97 -64.09 17.02 -21.16
C ASP D 97 -63.11 16.40 -22.12
N CYS D 98 -62.54 15.30 -21.68
CA CYS D 98 -61.50 14.60 -22.42
C CYS D 98 -61.96 13.20 -22.86
N THR D 99 -63.26 13.07 -23.08
CA THR D 99 -63.83 11.77 -23.44
C THR D 99 -63.57 11.47 -24.90
N GLY D 100 -63.52 12.54 -25.69
CA GLY D 100 -63.39 12.41 -27.14
C GLY D 100 -64.68 12.01 -27.82
N VAL D 101 -65.71 11.68 -27.03
CA VAL D 101 -67.05 11.43 -27.58
C VAL D 101 -67.93 12.71 -27.60
N TYR D 102 -67.94 13.45 -26.50
CA TYR D 102 -68.72 14.69 -26.41
C TYR D 102 -67.98 15.87 -27.04
N GLY D 103 -68.75 16.75 -27.69
CA GLY D 103 -68.18 17.94 -28.38
C GLY D 103 -69.14 18.94 -29.04
N SER D 104 -70.44 18.65 -29.04
CA SER D 104 -71.48 19.59 -29.52
C SER D 104 -71.86 20.63 -28.47
N ARG D 105 -72.43 21.74 -28.95
CA ARG D 105 -72.99 22.83 -28.08
C ARG D 105 -73.89 22.31 -26.95
N GLU D 106 -74.72 21.34 -27.32
CA GLU D 106 -75.69 20.72 -26.43
C GLU D 106 -75.00 19.98 -25.30
N HIS D 107 -73.93 19.26 -25.64
CA HIS D 107 -73.13 18.55 -24.62
C HIS D 107 -72.56 19.56 -23.62
N GLY D 108 -72.11 20.69 -24.14
CA GLY D 108 -71.67 21.80 -23.31
C GLY D 108 -72.80 22.26 -22.38
N GLU D 109 -73.94 22.59 -22.97
CA GLU D 109 -75.09 23.05 -22.20
C GLU D 109 -75.41 22.03 -21.10
N ALA D 110 -75.39 20.76 -21.49
CA ALA D 110 -75.67 19.64 -20.56
C ALA D 110 -74.76 19.67 -19.31
N HIS D 111 -73.47 19.86 -19.56
CA HIS D 111 -72.49 19.96 -18.49
C HIS D 111 -72.84 21.15 -17.58
N ILE D 112 -73.11 22.29 -18.21
CA ILE D 112 -73.45 23.49 -17.47
C ILE D 112 -74.73 23.28 -16.67
N ALA D 113 -75.76 22.78 -17.36
CA ALA D 113 -77.04 22.37 -16.73
C ALA D 113 -76.82 21.49 -15.49
N ALA D 114 -75.86 20.55 -15.59
CA ALA D 114 -75.52 19.65 -14.48
C ALA D 114 -74.79 20.38 -13.34
N GLY D 115 -74.37 21.62 -13.60
CA GLY D 115 -73.86 22.52 -12.54
C GLY D 115 -72.48 23.09 -12.74
N ALA D 116 -71.93 22.95 -13.94
CA ALA D 116 -70.59 23.42 -14.23
C ALA D 116 -70.71 24.82 -14.82
N LYS D 117 -69.84 25.73 -14.37
CA LYS D 117 -69.89 27.11 -14.87
C LYS D 117 -69.46 27.19 -16.34
N LYS D 118 -68.34 26.54 -16.66
CA LYS D 118 -67.81 26.52 -18.03
C LYS D 118 -67.31 25.13 -18.43
N VAL D 119 -67.20 24.95 -19.74
CA VAL D 119 -66.77 23.67 -20.33
C VAL D 119 -65.58 23.87 -21.27
N LEU D 120 -64.62 22.96 -21.20
CA LEU D 120 -63.49 22.96 -22.13
C LEU D 120 -63.30 21.57 -22.75
N PHE D 121 -63.41 21.52 -24.08
CA PHE D 121 -63.23 20.26 -24.80
C PHE D 121 -61.79 20.03 -25.23
N SER D 122 -61.35 18.78 -25.10
CA SER D 122 -59.97 18.40 -25.45
C SER D 122 -59.82 18.12 -26.93
N HIS D 123 -60.66 18.73 -27.75
CA HIS D 123 -60.60 18.54 -29.18
C HIS D 123 -61.36 19.65 -29.87
N PRO D 124 -61.37 19.62 -31.21
CA PRO D 124 -62.01 20.69 -31.97
C PRO D 124 -63.48 20.94 -31.66
N GLY D 125 -64.24 19.85 -31.47
CA GLY D 125 -65.69 19.88 -31.22
C GLY D 125 -66.50 20.37 -32.42
N SER D 126 -67.51 19.62 -32.83
CA SER D 126 -68.34 20.02 -33.98
C SER D 126 -68.66 21.53 -33.92
N ASN D 127 -68.68 22.15 -35.10
CA ASN D 127 -68.11 23.50 -35.39
C ASN D 127 -68.60 24.85 -34.81
N ASP D 128 -69.65 24.87 -34.00
CA ASP D 128 -70.35 26.13 -33.71
C ASP D 128 -70.18 26.67 -32.27
N LEU D 129 -69.17 26.17 -31.55
CA LEU D 129 -69.05 26.47 -30.10
C LEU D 129 -68.65 27.94 -29.82
N ASP D 130 -68.71 28.33 -28.54
CA ASP D 130 -68.50 29.72 -28.10
C ASP D 130 -67.12 30.28 -28.52
N ALA D 131 -66.07 29.47 -28.33
CA ALA D 131 -64.73 29.80 -28.86
C ALA D 131 -63.78 28.59 -28.94
N THR D 132 -62.80 28.68 -29.83
CA THR D 132 -61.69 27.71 -29.89
C THR D 132 -60.36 28.44 -29.61
N VAL D 133 -59.64 27.97 -28.58
CA VAL D 133 -58.40 28.59 -28.10
C VAL D 133 -57.15 27.76 -28.42
N VAL D 134 -56.26 28.34 -29.22
CA VAL D 134 -54.91 27.85 -29.38
C VAL D 134 -54.03 28.72 -28.49
N TYR D 135 -53.84 28.27 -27.25
CA TYR D 135 -53.22 29.11 -26.22
C TYR D 135 -51.89 29.63 -26.64
N GLY D 136 -51.69 30.93 -26.43
CA GLY D 136 -50.49 31.65 -26.86
C GLY D 136 -50.68 32.43 -28.15
N VAL D 137 -51.77 32.16 -28.83
CA VAL D 137 -52.11 32.86 -30.06
C VAL D 137 -53.34 33.75 -29.85
N ASN D 138 -54.44 33.15 -29.39
CA ASN D 138 -55.69 33.90 -29.27
C ASN D 138 -56.44 33.71 -27.95
N GLN D 139 -55.71 33.52 -26.85
CA GLN D 139 -56.37 33.42 -25.53
C GLN D 139 -56.92 34.79 -25.10
N ASP D 140 -56.28 35.85 -25.58
CA ASP D 140 -56.73 37.24 -25.33
C ASP D 140 -58.14 37.51 -25.87
N GLN D 141 -58.62 36.68 -26.79
CA GLN D 141 -59.99 36.80 -27.33
C GLN D 141 -61.10 36.08 -26.53
N LEU D 142 -60.81 35.51 -25.35
CA LEU D 142 -61.92 34.91 -24.55
C LEU D 142 -62.75 35.98 -23.82
N ARG D 143 -63.95 36.23 -24.34
CA ARG D 143 -64.98 36.95 -23.60
C ARG D 143 -65.43 36.13 -22.36
N ALA D 144 -65.78 36.82 -21.26
CA ALA D 144 -66.37 36.20 -20.05
C ALA D 144 -67.65 35.41 -20.34
N GLU D 145 -68.36 35.82 -21.40
CA GLU D 145 -69.54 35.10 -21.91
C GLU D 145 -69.22 33.72 -22.45
N HIS D 146 -67.99 33.50 -22.90
CA HIS D 146 -67.66 32.22 -23.57
C HIS D 146 -67.61 31.16 -22.49
N ARG D 147 -68.47 30.15 -22.64
CA ARG D 147 -68.66 29.12 -21.59
C ARG D 147 -68.46 27.70 -22.08
N ILE D 148 -68.62 27.52 -23.38
CA ILE D 148 -68.33 26.25 -24.02
C ILE D 148 -67.24 26.49 -25.03
N VAL D 149 -66.02 26.08 -24.72
CA VAL D 149 -64.87 26.31 -25.61
C VAL D 149 -64.10 25.03 -25.98
N SER D 150 -63.46 25.08 -27.14
CA SER D 150 -62.61 24.00 -27.63
C SER D 150 -61.14 24.40 -27.47
N ASN D 151 -60.28 23.42 -27.22
CA ASN D 151 -58.83 23.67 -27.08
C ASN D 151 -58.03 23.31 -28.34
N ALA D 152 -58.71 23.21 -29.46
CA ALA D 152 -58.10 22.74 -30.72
C ALA D 152 -57.62 21.30 -30.52
N SER D 153 -56.74 20.81 -31.39
CA SER D 153 -56.12 19.49 -31.21
C SER D 153 -54.66 19.68 -30.91
N CYS D 154 -53.98 18.60 -30.55
CA CYS D 154 -52.53 18.69 -30.25
C CYS D 154 -51.71 19.10 -31.48
N THR D 155 -52.08 18.61 -32.65
CA THR D 155 -51.35 18.96 -33.87
C THR D 155 -51.60 20.41 -34.30
N THR D 156 -52.87 20.83 -34.30
CA THR D 156 -53.19 22.22 -34.61
C THR D 156 -52.53 23.15 -33.59
N ASN D 157 -52.58 22.75 -32.31
CA ASN D 157 -51.96 23.54 -31.25
C ASN D 157 -50.47 23.66 -31.44
N CYS D 158 -49.90 22.64 -32.08
CA CYS D 158 -48.46 22.60 -32.34
C CYS D 158 -48.08 23.53 -33.47
N ILE D 159 -48.77 23.44 -34.61
CA ILE D 159 -48.35 24.13 -35.84
C ILE D 159 -48.97 25.52 -36.04
N ILE D 160 -50.15 25.76 -35.48
CA ILE D 160 -50.80 27.09 -35.62
C ILE D 160 -49.86 28.25 -35.21
N PRO D 161 -49.28 28.18 -34.00
CA PRO D 161 -48.41 29.29 -33.60
C PRO D 161 -47.34 29.60 -34.65
N VAL D 162 -46.72 28.56 -35.20
CA VAL D 162 -45.69 28.74 -36.23
C VAL D 162 -46.29 29.38 -37.47
N ILE D 163 -47.43 28.88 -37.90
CA ILE D 163 -48.07 29.41 -39.09
C ILE D 163 -48.37 30.89 -38.90
N LYS D 164 -48.82 31.25 -37.70
CA LYS D 164 -49.08 32.67 -37.39
C LYS D 164 -47.81 33.51 -37.50
N LEU D 165 -46.78 33.10 -36.76
CA LEU D 165 -45.51 33.79 -36.80
C LEU D 165 -45.03 33.99 -38.23
N LEU D 166 -45.13 32.95 -39.05
CA LEU D 166 -44.65 33.03 -40.43
C LEU D 166 -45.52 33.93 -41.27
N ASP D 167 -46.84 33.78 -41.12
CA ASP D 167 -47.78 34.61 -41.88
C ASP D 167 -47.61 36.10 -41.55
N ASP D 168 -47.57 36.44 -40.26
CA ASP D 168 -47.37 37.82 -39.81
C ASP D 168 -46.11 38.42 -40.43
N ALA D 169 -45.03 37.65 -40.45
CA ALA D 169 -43.73 38.16 -40.89
C ALA D 169 -43.54 38.21 -42.41
N TYR D 170 -44.14 37.28 -43.15
CA TYR D 170 -43.85 37.15 -44.58
C TYR D 170 -45.06 37.05 -45.48
N GLY D 171 -46.23 36.83 -44.88
CA GLY D 171 -47.47 36.69 -45.67
C GLY D 171 -47.56 35.37 -46.43
N ILE D 172 -48.19 34.38 -45.80
CA ILE D 172 -48.32 33.06 -46.40
C ILE D 172 -49.35 33.08 -47.52
N GLU D 173 -48.96 32.53 -48.65
CA GLU D 173 -49.82 32.54 -49.84
C GLU D 173 -50.56 31.21 -49.94
N SER D 174 -49.84 30.13 -49.66
CA SER D 174 -50.42 28.77 -49.59
C SER D 174 -49.48 27.83 -48.82
N GLY D 175 -50.04 26.73 -48.30
CA GLY D 175 -49.31 25.83 -47.41
C GLY D 175 -49.70 24.39 -47.54
N THR D 176 -48.76 23.51 -47.21
CA THR D 176 -48.94 22.06 -47.27
C THR D 176 -48.18 21.46 -46.10
N VAL D 177 -48.77 20.47 -45.45
CA VAL D 177 -48.19 19.89 -44.25
C VAL D 177 -48.12 18.38 -44.32
N THR D 178 -47.07 17.84 -43.74
CA THR D 178 -46.98 16.41 -43.50
C THR D 178 -46.72 16.22 -42.03
N THR D 179 -47.53 15.38 -41.40
CA THR D 179 -47.38 15.08 -39.98
C THR D 179 -46.86 13.66 -39.84
N ILE D 180 -45.79 13.50 -39.07
CA ILE D 180 -45.26 12.17 -38.77
C ILE D 180 -45.62 11.81 -37.33
N HIS D 181 -46.64 10.98 -37.17
CA HIS D 181 -47.13 10.61 -35.84
C HIS D 181 -46.39 9.43 -35.33
N SER D 182 -46.30 9.35 -34.01
CA SER D 182 -45.81 8.15 -33.33
C SER D 182 -46.98 7.19 -33.07
N ALA D 183 -46.69 6.04 -32.45
CA ALA D 183 -47.74 5.06 -32.13
C ALA D 183 -48.07 5.06 -30.63
N ALA D 202 -49.84 -5.99 -39.70
CA ALA D 202 -49.64 -5.14 -38.52
C ALA D 202 -49.19 -3.69 -38.85
N ALA D 203 -48.84 -2.94 -37.79
CA ALA D 203 -48.38 -1.54 -37.90
C ALA D 203 -47.02 -1.25 -37.22
N SER D 204 -46.51 -2.21 -36.44
CA SER D 204 -45.29 -2.03 -35.62
C SER D 204 -43.99 -1.79 -36.40
N GLN D 205 -44.01 -2.04 -37.71
CA GLN D 205 -42.79 -2.04 -38.53
C GLN D 205 -42.99 -1.42 -39.91
N SER D 206 -44.07 -0.65 -40.11
CA SER D 206 -44.31 -0.02 -41.41
C SER D 206 -44.65 1.47 -41.26
N ILE D 207 -44.31 2.24 -42.30
CA ILE D 207 -44.84 3.60 -42.47
C ILE D 207 -46.22 3.44 -43.05
N ILE D 208 -47.21 4.02 -42.37
CA ILE D 208 -48.62 3.82 -42.68
C ILE D 208 -49.29 5.16 -42.86
N PRO D 209 -49.77 5.45 -44.06
CA PRO D 209 -50.44 6.73 -44.24
C PRO D 209 -51.78 6.74 -43.57
N VAL D 210 -52.02 7.77 -42.78
CA VAL D 210 -53.26 7.92 -42.02
C VAL D 210 -53.95 9.26 -42.29
N ASP D 211 -55.26 9.26 -42.03
CA ASP D 211 -56.14 10.40 -42.30
C ASP D 211 -55.80 11.53 -41.37
N THR D 212 -55.83 12.74 -41.89
CA THR D 212 -55.49 13.92 -41.14
C THR D 212 -56.63 14.93 -41.18
N LYS D 213 -56.68 15.80 -40.19
CA LYS D 213 -57.68 16.86 -40.18
C LYS D 213 -56.97 18.18 -39.94
N LEU D 214 -55.68 18.19 -40.28
CA LEU D 214 -54.79 19.29 -39.97
C LEU D 214 -54.90 20.38 -41.03
N ALA D 215 -55.46 20.02 -42.17
CA ALA D 215 -55.92 21.02 -43.10
C ALA D 215 -57.12 21.70 -42.42
N ALA D 216 -58.21 20.96 -42.29
CA ALA D 216 -59.47 21.49 -41.72
C ALA D 216 -59.31 22.37 -40.47
N GLY D 217 -58.45 21.96 -39.53
CA GLY D 217 -58.18 22.75 -38.30
C GLY D 217 -57.51 24.10 -38.57
N ILE D 218 -56.58 24.11 -39.51
CA ILE D 218 -55.82 25.31 -39.86
C ILE D 218 -56.71 26.33 -40.55
N THR D 219 -57.41 25.90 -41.60
CA THR D 219 -58.32 26.77 -42.36
C THR D 219 -59.49 27.29 -41.49
N ARG D 220 -59.89 26.49 -40.51
CA ARG D 220 -60.91 26.94 -39.58
C ARG D 220 -60.36 28.09 -38.72
N PHE D 221 -59.17 27.90 -38.17
CA PHE D 221 -58.55 28.92 -37.34
C PHE D 221 -58.11 30.16 -38.16
N PHE D 222 -57.68 29.90 -39.40
CA PHE D 222 -57.28 30.95 -40.34
C PHE D 222 -58.14 30.82 -41.59
N PRO D 223 -59.34 31.43 -41.57
CA PRO D 223 -60.24 31.32 -42.72
C PRO D 223 -59.67 31.89 -44.03
N GLN D 224 -58.73 32.81 -43.93
CA GLN D 224 -58.07 33.35 -45.13
C GLN D 224 -57.31 32.29 -45.94
N PHE D 225 -57.23 31.07 -45.41
CA PHE D 225 -56.48 29.99 -46.06
C PHE D 225 -57.34 28.89 -46.68
N ASN D 226 -58.66 29.08 -46.72
CA ASN D 226 -59.53 28.12 -47.41
C ASN D 226 -59.01 27.91 -48.83
N ASP D 227 -58.99 26.65 -49.26
CA ASP D 227 -58.46 26.26 -50.58
C ASP D 227 -57.01 26.70 -50.82
N ARG D 228 -56.26 26.79 -49.73
CA ARG D 228 -54.86 27.20 -49.78
C ARG D 228 -53.97 26.34 -48.87
N PHE D 229 -54.59 25.41 -48.16
CA PHE D 229 -53.89 24.50 -47.29
C PHE D 229 -54.34 23.07 -47.50
N GLU D 230 -53.40 22.15 -47.49
CA GLU D 230 -53.69 20.72 -47.51
C GLU D 230 -52.79 20.05 -46.51
N ALA D 231 -53.11 18.80 -46.19
CA ALA D 231 -52.33 18.02 -45.24
C ALA D 231 -52.40 16.53 -45.52
N ILE D 232 -51.30 15.84 -45.28
CA ILE D 232 -51.28 14.38 -45.20
C ILE D 232 -50.60 14.01 -43.89
N ALA D 233 -50.62 12.74 -43.54
CA ALA D 233 -49.98 12.27 -42.32
C ALA D 233 -49.59 10.80 -42.41
N VAL D 234 -48.55 10.42 -41.68
CA VAL D 234 -48.17 9.03 -41.57
C VAL D 234 -47.87 8.66 -40.12
N ARG D 235 -48.13 7.39 -39.80
CA ARG D 235 -47.83 6.86 -38.50
C ARG D 235 -46.60 5.97 -38.65
N VAL D 236 -45.62 6.18 -37.78
CA VAL D 236 -44.42 5.35 -37.71
C VAL D 236 -44.28 4.80 -36.32
N PRO D 237 -43.57 3.66 -36.16
CA PRO D 237 -43.47 2.99 -34.86
C PRO D 237 -42.46 3.60 -33.87
N THR D 238 -42.56 4.91 -33.65
CA THR D 238 -41.73 5.57 -32.66
C THR D 238 -42.55 5.85 -31.43
N ILE D 239 -41.88 6.35 -30.39
CA ILE D 239 -42.50 6.61 -29.10
C ILE D 239 -42.86 8.08 -28.89
N ASN D 240 -44.15 8.33 -28.66
CA ASN D 240 -44.62 9.56 -28.00
C ASN D 240 -44.53 10.89 -28.75
N VAL D 241 -43.41 11.17 -29.42
CA VAL D 241 -43.19 12.50 -30.03
C VAL D 241 -43.55 12.53 -31.50
N THR D 242 -44.13 13.65 -31.90
CA THR D 242 -44.65 13.86 -33.25
C THR D 242 -43.85 14.95 -33.97
N ALA D 243 -43.64 14.76 -35.26
CA ALA D 243 -42.91 15.70 -36.08
C ALA D 243 -43.85 16.24 -37.12
N ILE D 244 -43.86 17.55 -37.27
CA ILE D 244 -44.68 18.21 -38.27
C ILE D 244 -43.78 18.88 -39.29
N ASP D 245 -43.99 18.53 -40.55
CA ASP D 245 -43.16 19.01 -41.65
C ASP D 245 -43.96 19.99 -42.48
N LEU D 246 -43.73 21.28 -42.22
CA LEU D 246 -44.56 22.37 -42.77
C LEU D 246 -43.88 23.00 -43.96
N SER D 247 -44.63 23.18 -45.04
CA SER D 247 -44.12 23.87 -46.21
C SER D 247 -45.07 24.98 -46.63
N VAL D 248 -44.57 26.21 -46.70
CA VAL D 248 -45.40 27.34 -47.08
C VAL D 248 -44.76 28.23 -48.15
N THR D 249 -45.56 28.77 -49.05
CA THR D 249 -45.11 29.81 -49.97
C THR D 249 -45.40 31.14 -49.30
N VAL D 250 -44.47 32.09 -49.42
CA VAL D 250 -44.63 33.42 -48.85
C VAL D 250 -44.39 34.51 -49.89
N LYS D 251 -44.94 35.70 -49.59
CA LYS D 251 -44.80 36.88 -50.46
C LYS D 251 -43.43 37.51 -50.32
N LYS D 252 -43.07 37.84 -49.09
CA LYS D 252 -41.79 38.51 -48.81
C LYS D 252 -40.66 37.51 -49.09
N PRO D 253 -39.62 37.92 -49.86
CA PRO D 253 -38.46 37.02 -50.05
C PRO D 253 -37.70 36.77 -48.74
N VAL D 254 -37.26 35.54 -48.52
CA VAL D 254 -36.57 35.18 -47.28
C VAL D 254 -35.43 34.20 -47.46
N LYS D 255 -34.56 34.16 -46.45
CA LYS D 255 -33.46 33.20 -46.35
C LYS D 255 -33.64 32.33 -45.13
N ALA D 256 -33.16 31.10 -45.20
CA ALA D 256 -33.34 30.10 -44.13
C ALA D 256 -33.03 30.63 -42.73
N ASN D 257 -31.88 31.29 -42.57
CA ASN D 257 -31.47 31.77 -41.24
C ASN D 257 -32.27 32.99 -40.74
N GLU D 258 -32.84 33.77 -41.67
CA GLU D 258 -33.73 34.87 -41.29
C GLU D 258 -34.95 34.30 -40.59
N VAL D 259 -35.55 33.31 -41.25
CA VAL D 259 -36.69 32.55 -40.72
C VAL D 259 -36.36 32.00 -39.34
N ASN D 260 -35.21 31.35 -39.24
CA ASN D 260 -34.74 30.82 -37.95
C ASN D 260 -34.62 31.90 -36.90
N LEU D 261 -34.10 33.05 -37.29
CA LEU D 261 -33.91 34.16 -36.37
C LEU D 261 -35.26 34.68 -35.87
N LEU D 262 -36.20 34.80 -36.78
CA LEU D 262 -37.55 35.20 -36.44
C LEU D 262 -38.12 34.28 -35.38
N LEU D 263 -38.08 32.99 -35.68
CA LEU D 263 -38.66 31.96 -34.79
C LEU D 263 -37.95 31.90 -33.44
N GLN D 264 -36.63 31.94 -33.48
CA GLN D 264 -35.84 31.94 -32.25
C GLN D 264 -36.23 33.12 -31.35
N LYS D 265 -36.42 34.28 -31.97
CA LYS D 265 -36.81 35.47 -31.24
C LYS D 265 -38.18 35.30 -30.59
N ALA D 266 -39.11 34.75 -31.36
CA ALA D 266 -40.47 34.45 -30.87
C ALA D 266 -40.43 33.54 -29.66
N ALA D 267 -39.53 32.55 -29.71
CA ALA D 267 -39.40 31.57 -28.64
C ALA D 267 -38.91 32.17 -27.33
N GLN D 268 -38.06 33.20 -27.42
CA GLN D 268 -37.56 33.91 -26.23
C GLN D 268 -38.47 35.05 -25.83
N GLY D 269 -39.32 35.53 -26.76
CA GLY D 269 -40.20 36.68 -26.53
C GLY D 269 -41.67 36.35 -26.43
N ALA D 270 -42.45 36.82 -27.40
CA ALA D 270 -43.93 36.72 -27.37
C ALA D 270 -44.45 35.30 -27.12
N PHE D 271 -43.70 34.28 -27.55
CA PHE D 271 -44.15 32.88 -27.48
C PHE D 271 -43.37 32.04 -26.50
N HIS D 272 -42.70 32.70 -25.55
CA HIS D 272 -41.95 32.00 -24.50
C HIS D 272 -42.89 31.03 -23.79
N GLY D 273 -42.41 29.79 -23.61
CA GLY D 273 -43.18 28.76 -22.91
C GLY D 273 -44.16 28.02 -23.78
N ILE D 274 -44.51 28.62 -24.94
CA ILE D 274 -45.41 27.99 -25.92
C ILE D 274 -44.64 27.42 -27.10
N VAL D 275 -43.82 28.25 -27.73
CA VAL D 275 -42.92 27.78 -28.80
C VAL D 275 -41.49 27.79 -28.30
N ASP D 276 -40.74 26.77 -28.65
CA ASP D 276 -39.32 26.74 -28.35
C ASP D 276 -38.55 26.59 -29.65
N TYR D 277 -37.26 26.91 -29.59
CA TYR D 277 -36.39 26.86 -30.75
C TYR D 277 -35.09 26.17 -30.35
N THR D 278 -34.56 25.33 -31.22
CA THR D 278 -33.32 24.67 -30.95
C THR D 278 -32.51 24.43 -32.24
N GLU D 279 -31.20 24.48 -32.09
CA GLU D 279 -30.23 24.16 -33.14
C GLU D 279 -29.36 22.97 -32.77
N LEU D 280 -29.57 22.45 -31.58
CA LEU D 280 -28.81 21.31 -31.08
C LEU D 280 -29.15 20.10 -31.92
N PRO D 281 -28.20 19.16 -32.04
CA PRO D 281 -28.45 17.92 -32.74
C PRO D 281 -29.24 16.94 -31.86
N LEU D 282 -30.56 16.99 -31.98
CA LEU D 282 -31.43 16.15 -31.16
C LEU D 282 -32.28 15.21 -32.00
N VAL D 283 -32.89 14.25 -31.32
CA VAL D 283 -33.81 13.29 -31.95
C VAL D 283 -35.14 13.38 -31.24
N SER D 284 -36.18 12.76 -31.82
CA SER D 284 -37.55 12.99 -31.33
C SER D 284 -37.68 12.78 -29.82
N VAL D 285 -37.20 11.66 -29.33
CA VAL D 285 -37.33 11.32 -27.90
C VAL D 285 -36.82 12.42 -26.95
N ASP D 286 -35.96 13.30 -27.45
CA ASP D 286 -35.40 14.34 -26.59
C ASP D 286 -36.44 15.36 -26.23
N PHE D 287 -37.55 15.37 -26.96
CA PHE D 287 -38.65 16.30 -26.70
C PHE D 287 -39.76 15.63 -25.92
N ASN D 288 -39.53 14.37 -25.55
CA ASN D 288 -40.44 13.65 -24.68
C ASN D 288 -40.64 14.42 -23.39
N HIS D 289 -41.89 14.63 -23.02
CA HIS D 289 -42.23 15.34 -21.78
C HIS D 289 -41.84 16.83 -21.84
N ASP D 290 -41.79 17.40 -23.05
CA ASP D 290 -41.55 18.83 -23.20
C ASP D 290 -42.87 19.58 -23.23
N PRO D 291 -43.08 20.51 -22.30
CA PRO D 291 -44.32 21.28 -22.13
C PRO D 291 -44.65 22.26 -23.25
N HIS D 292 -43.70 22.54 -24.12
CA HIS D 292 -43.96 23.47 -25.23
C HIS D 292 -44.95 22.86 -26.19
N SER D 293 -45.79 23.72 -26.78
CA SER D 293 -46.75 23.32 -27.81
C SER D 293 -46.00 22.86 -29.05
N ALA D 294 -44.86 23.49 -29.29
CA ALA D 294 -44.07 23.27 -30.49
C ALA D 294 -42.62 23.61 -30.23
N ILE D 295 -41.72 22.76 -30.69
CA ILE D 295 -40.29 23.08 -30.67
C ILE D 295 -39.75 23.11 -32.10
N VAL D 296 -39.28 24.26 -32.53
CA VAL D 296 -38.79 24.40 -33.91
C VAL D 296 -37.35 23.90 -34.02
N ASP D 297 -37.10 23.03 -35.01
CA ASP D 297 -35.75 22.53 -35.26
C ASP D 297 -35.04 23.35 -36.32
N GLY D 298 -34.24 24.31 -35.84
CA GLY D 298 -33.55 25.27 -36.72
C GLY D 298 -32.70 24.60 -37.80
N THR D 299 -32.08 23.50 -37.43
CA THR D 299 -31.18 22.78 -38.32
C THR D 299 -31.88 22.19 -39.54
N GLN D 300 -33.21 22.15 -39.50
CA GLN D 300 -33.99 21.57 -40.59
C GLN D 300 -34.72 22.62 -41.45
N THR D 301 -34.59 23.89 -41.07
CA THR D 301 -35.21 24.96 -41.84
C THR D 301 -34.54 25.09 -43.20
N ARG D 302 -35.35 25.29 -44.22
CA ARG D 302 -34.88 25.46 -45.58
C ARG D 302 -35.74 26.51 -46.27
N VAL D 303 -35.17 27.12 -47.31
CA VAL D 303 -35.93 27.99 -48.20
C VAL D 303 -35.55 27.68 -49.65
N SER D 304 -36.56 27.36 -50.45
CA SER D 304 -36.37 27.02 -51.86
C SER D 304 -36.74 28.22 -52.72
N GLY D 305 -35.78 28.68 -53.52
CA GLY D 305 -35.89 30.00 -54.12
C GLY D 305 -35.82 30.95 -52.93
N ALA D 306 -36.66 31.98 -52.93
CA ALA D 306 -36.70 32.90 -51.80
C ALA D 306 -38.06 32.85 -51.13
N HIS D 307 -38.87 31.90 -51.57
CA HIS D 307 -40.29 31.98 -51.36
C HIS D 307 -40.99 30.72 -50.76
N LEU D 308 -40.30 29.57 -50.86
CA LEU D 308 -40.82 28.30 -50.33
C LEU D 308 -40.10 27.84 -49.05
N ILE D 309 -40.77 27.99 -47.91
CA ILE D 309 -40.15 27.70 -46.60
C ILE D 309 -40.51 26.31 -46.14
N LYS D 310 -39.51 25.51 -45.81
CA LYS D 310 -39.74 24.26 -45.11
C LYS D 310 -39.25 24.36 -43.66
N THR D 311 -40.10 24.00 -42.73
CA THR D 311 -39.72 24.00 -41.33
C THR D 311 -40.22 22.72 -40.69
N LEU D 312 -39.37 22.09 -39.89
CA LEU D 312 -39.77 20.88 -39.17
C LEU D 312 -39.99 21.27 -37.72
N VAL D 313 -41.18 20.95 -37.20
CA VAL D 313 -41.51 21.27 -35.82
C VAL D 313 -41.83 20.01 -35.05
N TRP D 314 -41.17 19.83 -33.91
CA TRP D 314 -41.41 18.72 -33.01
C TRP D 314 -42.46 19.11 -31.99
N CYS D 315 -43.19 18.12 -31.50
CA CYS D 315 -44.01 18.33 -30.30
C CYS D 315 -44.30 17.01 -29.61
N ASP D 316 -44.37 17.06 -28.28
CA ASP D 316 -44.94 15.96 -27.52
C ASP D 316 -46.46 16.08 -27.69
N ASN D 317 -47.00 15.18 -28.50
CA ASN D 317 -48.41 15.26 -28.93
C ASN D 317 -49.42 15.19 -27.79
N GLU D 318 -48.97 14.82 -26.59
CA GLU D 318 -49.88 14.72 -25.46
C GLU D 318 -49.53 15.73 -24.38
N TRP D 319 -48.26 15.78 -24.03
CA TRP D 319 -47.84 16.60 -22.90
C TRP D 319 -48.08 18.07 -23.18
N GLY D 320 -47.64 18.52 -24.35
CA GLY D 320 -47.82 19.93 -24.73
C GLY D 320 -49.29 20.28 -24.61
N PHE D 321 -50.10 19.52 -25.30
CA PHE D 321 -51.52 19.75 -25.32
C PHE D 321 -52.11 19.78 -23.91
N ALA D 322 -51.70 18.81 -23.09
CA ALA D 322 -52.20 18.70 -21.71
C ALA D 322 -51.95 19.98 -20.90
N ASN D 323 -50.75 20.53 -21.04
CA ASN D 323 -50.39 21.76 -20.36
C ASN D 323 -51.16 22.97 -20.93
N ARG D 324 -51.47 22.93 -22.22
CA ARG D 324 -52.32 23.97 -22.81
C ARG D 324 -53.74 23.90 -22.25
N MET D 325 -54.19 22.68 -21.98
CA MET D 325 -55.52 22.51 -21.43
C MET D 325 -55.59 23.29 -20.14
N LEU D 326 -54.55 23.12 -19.33
CA LEU D 326 -54.48 23.80 -18.04
C LEU D 326 -54.32 25.32 -18.23
N ASP D 327 -53.51 25.74 -19.18
CA ASP D 327 -53.34 27.16 -19.44
C ASP D 327 -54.67 27.80 -19.85
N THR D 328 -55.39 27.15 -20.76
CA THR D 328 -56.67 27.65 -21.25
C THR D 328 -57.69 27.65 -20.11
N THR D 329 -57.69 26.59 -19.32
CA THR D 329 -58.57 26.50 -18.17
C THR D 329 -58.43 27.75 -17.28
N LEU D 330 -57.20 28.04 -16.89
CA LEU D 330 -56.92 29.21 -16.07
C LEU D 330 -57.47 30.49 -16.66
N ALA D 331 -57.20 30.72 -17.94
CA ALA D 331 -57.69 31.93 -18.64
C ALA D 331 -59.22 32.00 -18.57
N MET D 332 -59.88 30.87 -18.78
CA MET D 332 -61.35 30.81 -18.76
C MET D 332 -61.92 31.17 -17.38
N ALA D 333 -61.30 30.63 -16.34
CA ALA D 333 -61.77 30.85 -14.98
C ALA D 333 -61.48 32.29 -14.51
N THR D 334 -60.48 32.91 -15.13
CA THR D 334 -59.97 34.25 -14.74
C THR D 334 -60.64 35.41 -15.49
N VAL D 335 -60.61 35.26 -16.83
CA VAL D 335 -61.24 36.16 -17.80
C VAL D 335 -61.27 37.63 -17.37
N THR E 1 -6.39 49.67 2.80
CA THR E 1 -6.30 49.01 1.47
C THR E 1 -7.38 47.95 1.23
N VAL E 2 -7.44 47.54 -0.02
CA VAL E 2 -8.32 46.48 -0.53
C VAL E 2 -7.59 45.13 -0.53
N ARG E 3 -8.25 44.12 -0.06
CA ARG E 3 -7.67 42.82 -0.08
C ARG E 3 -8.23 41.96 -1.16
N VAL E 4 -7.37 41.26 -1.83
CA VAL E 4 -7.80 40.33 -2.86
C VAL E 4 -7.18 38.94 -2.69
N ALA E 5 -7.97 37.94 -3.07
CA ALA E 5 -7.50 36.60 -3.20
C ALA E 5 -7.52 36.26 -4.68
N ILE E 6 -6.59 35.41 -5.09
CA ILE E 6 -6.54 34.95 -6.48
C ILE E 6 -6.86 33.46 -6.55
N ASN E 7 -7.91 33.12 -7.28
CA ASN E 7 -8.25 31.73 -7.53
C ASN E 7 -7.70 31.36 -8.88
N GLY E 8 -6.74 30.46 -8.88
CA GLY E 8 -6.08 30.03 -10.10
C GLY E 8 -4.82 30.84 -10.31
N PHE E 9 -3.67 30.18 -10.29
CA PHE E 9 -2.37 30.84 -10.44
C PHE E 9 -1.72 30.45 -11.75
N GLY E 10 -2.49 30.58 -12.83
CA GLY E 10 -1.99 30.30 -14.15
C GLY E 10 -1.21 31.46 -14.69
N ARG E 11 -1.23 31.63 -15.99
CA ARG E 11 -0.51 32.72 -16.63
C ARG E 11 -1.05 34.05 -16.16
N ILE E 12 -2.37 34.20 -16.23
CA ILE E 12 -3.01 35.47 -15.91
C ILE E 12 -2.89 35.78 -14.43
N GLY E 13 -3.16 34.80 -13.61
CA GLY E 13 -3.02 34.97 -12.16
C GLY E 13 -1.64 35.45 -11.76
N ARG E 14 -0.62 34.78 -12.29
CA ARG E 14 0.76 35.16 -12.01
C ARG E 14 1.04 36.61 -12.40
N ASN E 15 0.59 36.98 -13.60
CA ASN E 15 0.78 38.34 -14.12
C ASN E 15 0.05 39.39 -13.29
N VAL E 16 -1.15 39.08 -12.83
CA VAL E 16 -1.85 39.99 -11.94
C VAL E 16 -0.96 40.31 -10.74
N VAL E 17 -0.39 39.27 -10.13
CA VAL E 17 0.48 39.49 -8.98
C VAL E 17 1.68 40.35 -9.39
N ARG E 18 2.36 39.94 -10.44
CA ARG E 18 3.50 40.72 -10.91
C ARG E 18 3.12 42.17 -11.17
N ALA E 19 1.96 42.36 -11.80
CA ALA E 19 1.48 43.70 -12.14
C ALA E 19 1.22 44.52 -10.89
N LEU E 20 0.64 43.88 -9.87
CA LEU E 20 0.31 44.58 -8.62
C LEU E 20 1.52 45.29 -8.08
N TYR E 21 2.64 44.58 -8.06
CA TYR E 21 3.90 45.08 -7.48
C TYR E 21 4.60 46.08 -8.40
N GLU E 22 4.75 45.73 -9.67
CA GLU E 22 5.42 46.59 -10.63
C GLU E 22 4.69 47.91 -10.93
N SER E 23 3.42 47.81 -11.35
CA SER E 23 2.60 49.00 -11.63
C SER E 23 2.59 50.00 -10.49
N GLY E 24 2.67 49.51 -9.25
CA GLY E 24 2.68 50.37 -8.08
C GLY E 24 1.28 50.50 -7.51
N ARG E 25 0.33 49.77 -8.11
CA ARG E 25 -1.00 49.66 -7.53
C ARG E 25 -0.93 48.84 -6.27
N ARG E 26 0.28 48.68 -5.74
CA ARG E 26 0.50 47.94 -4.53
C ARG E 26 0.18 48.84 -3.36
N ALA E 27 0.28 50.16 -3.52
CA ALA E 27 -0.13 51.05 -2.43
C ALA E 27 -1.65 51.19 -2.36
N GLU E 28 -2.37 50.27 -2.99
CA GLU E 28 -3.82 50.34 -3.12
C GLU E 28 -4.50 48.97 -3.03
N ILE E 29 -3.75 47.90 -3.34
CA ILE E 29 -4.21 46.50 -3.29
C ILE E 29 -3.16 45.56 -2.66
N THR E 30 -3.63 44.56 -1.90
CA THR E 30 -2.78 43.49 -1.36
C THR E 30 -3.39 42.14 -1.69
N VAL E 31 -2.54 41.18 -2.04
CA VAL E 31 -2.95 39.79 -2.22
C VAL E 31 -2.72 39.07 -0.91
N VAL E 32 -3.76 38.45 -0.36
CA VAL E 32 -3.69 37.74 0.91
C VAL E 32 -3.62 36.24 0.72
N ALA E 33 -4.26 35.73 -0.34
CA ALA E 33 -4.27 34.31 -0.62
C ALA E 33 -4.24 34.03 -2.11
N ILE E 34 -3.58 32.92 -2.47
CA ILE E 34 -3.67 32.37 -3.81
C ILE E 34 -4.11 30.95 -3.60
N ASN E 35 -5.19 30.59 -4.25
CA ASN E 35 -5.59 29.23 -4.19
C ASN E 35 -5.20 28.54 -5.49
N GLU E 36 -4.54 27.40 -5.36
CA GLU E 36 -3.93 26.76 -6.51
C GLU E 36 -3.74 25.26 -6.34
N LEU E 37 -4.00 24.49 -7.38
CA LEU E 37 -3.86 23.04 -7.28
C LEU E 37 -2.43 22.52 -7.17
N ALA E 38 -1.47 23.14 -7.88
CA ALA E 38 -0.03 22.76 -7.75
C ALA E 38 0.66 23.26 -6.45
N ASP E 39 1.70 22.54 -6.04
CA ASP E 39 2.54 22.84 -4.84
C ASP E 39 3.08 24.27 -4.73
N ALA E 40 3.11 24.78 -3.50
CA ALA E 40 3.67 26.10 -3.18
C ALA E 40 5.01 26.44 -3.84
N ALA E 41 5.84 25.42 -4.10
CA ALA E 41 7.16 25.65 -4.68
C ALA E 41 7.08 25.79 -6.20
N GLY E 42 6.23 25.00 -6.85
CA GLY E 42 5.96 25.20 -8.28
C GLY E 42 5.49 26.63 -8.53
N MET E 43 4.51 27.05 -7.74
CA MET E 43 3.96 28.42 -7.79
C MET E 43 5.08 29.44 -7.79
N ALA E 44 5.92 29.30 -6.82
CA ALA E 44 6.95 30.28 -6.59
C ALA E 44 7.93 30.39 -7.77
N HIS E 45 8.28 29.25 -8.35
CA HIS E 45 9.20 29.19 -9.49
C HIS E 45 8.67 29.96 -10.65
N LEU E 46 7.51 29.52 -11.09
CA LEU E 46 6.88 30.12 -12.25
C LEU E 46 6.59 31.61 -12.07
N LEU E 47 6.34 32.03 -10.84
CA LEU E 47 6.15 33.46 -10.56
C LEU E 47 7.44 34.23 -10.75
N LYS E 48 8.56 33.61 -10.39
CA LYS E 48 9.87 34.26 -10.50
C LYS E 48 10.39 34.31 -11.92
N TYR E 49 10.21 33.24 -12.68
CA TYR E 49 10.76 33.14 -14.03
C TYR E 49 9.69 33.03 -15.12
N ASP E 50 9.68 33.92 -16.07
CA ASP E 50 8.66 33.78 -17.07
C ASP E 50 9.15 33.88 -18.50
N THR E 51 8.80 32.86 -19.30
CA THR E 51 9.16 32.72 -20.75
C THR E 51 9.09 34.06 -21.54
N SER E 52 8.08 34.86 -21.20
CA SER E 52 7.65 36.05 -21.96
C SER E 52 7.91 37.40 -21.24
N HIS E 53 8.28 37.37 -19.96
CA HIS E 53 8.41 38.59 -19.15
C HIS E 53 9.72 38.71 -18.30
N GLY E 54 10.61 37.71 -18.37
CA GLY E 54 11.91 37.76 -17.68
C GLY E 54 11.90 37.45 -16.17
N ARG E 55 12.99 37.79 -15.45
CA ARG E 55 13.04 37.50 -14.01
C ARG E 55 12.27 38.55 -13.25
N PHE E 56 11.38 38.11 -12.38
CA PHE E 56 10.60 39.04 -11.58
C PHE E 56 11.53 39.82 -10.68
N ALA E 57 11.43 41.14 -10.75
CA ALA E 57 12.32 42.06 -10.02
C ALA E 57 12.28 41.86 -8.49
N TRP E 58 11.13 41.43 -7.97
CA TRP E 58 10.99 41.22 -6.54
C TRP E 58 11.52 39.86 -6.12
N GLU E 59 11.79 39.72 -4.83
CA GLU E 59 12.35 38.48 -4.30
C GLU E 59 11.21 37.53 -3.95
N VAL E 60 11.25 36.35 -4.55
CA VAL E 60 10.21 35.35 -4.37
C VAL E 60 10.76 34.24 -3.51
N ARG E 61 10.48 34.38 -2.20
CA ARG E 61 10.83 33.39 -1.18
C ARG E 61 9.62 32.48 -1.04
N GLN E 62 9.77 31.42 -0.26
CA GLN E 62 8.68 30.48 -0.03
C GLN E 62 8.94 29.66 1.24
N GLU E 63 7.90 29.47 2.01
CA GLU E 63 8.07 28.88 3.30
C GLU E 63 6.71 28.33 3.65
N ARG E 64 6.66 27.39 4.59
CA ARG E 64 5.42 27.03 5.26
C ARG E 64 4.29 27.04 4.25
N ASP E 65 3.16 27.66 4.61
CA ASP E 65 1.97 27.78 3.77
C ASP E 65 1.93 29.12 3.04
N GLN E 66 3.10 29.77 2.90
CA GLN E 66 3.22 31.16 2.42
C GLN E 66 4.15 31.33 1.23
N LEU E 67 3.72 32.18 0.31
CA LEU E 67 4.59 32.73 -0.71
C LEU E 67 5.01 34.09 -0.19
N PHE E 68 6.11 34.62 -0.72
CA PHE E 68 6.60 35.93 -0.32
C PHE E 68 7.02 36.73 -1.55
N VAL E 69 6.43 37.91 -1.73
CA VAL E 69 6.87 38.84 -2.75
C VAL E 69 7.32 40.07 -1.96
N GLY E 70 8.60 40.38 -1.99
CA GLY E 70 9.18 41.29 -1.01
C GLY E 70 8.87 40.84 0.42
N ASP E 71 8.66 41.81 1.31
CA ASP E 71 8.31 41.52 2.72
C ASP E 71 6.82 41.20 2.88
N ASP E 72 6.10 41.15 1.76
CA ASP E 72 4.71 40.70 1.75
C ASP E 72 4.56 39.19 1.73
N ALA E 73 3.77 38.72 2.70
CA ALA E 73 3.51 37.31 2.97
C ALA E 73 2.13 36.98 2.43
N ILE E 74 2.08 36.25 1.33
CA ILE E 74 0.85 35.83 0.70
C ILE E 74 0.66 34.37 1.10
N ARG E 75 -0.57 33.90 1.23
CA ARG E 75 -0.89 32.53 1.71
C ARG E 75 -1.29 31.59 0.58
N VAL E 76 -0.95 30.30 0.65
CA VAL E 76 -1.21 29.37 -0.46
C VAL E 76 -2.23 28.31 -0.07
N LEU E 77 -3.28 28.16 -0.87
CA LEU E 77 -4.30 27.15 -0.65
C LEU E 77 -4.32 26.16 -1.80
N HIS E 78 -4.87 24.98 -1.54
CA HIS E 78 -5.04 23.95 -2.57
C HIS E 78 -6.44 23.36 -2.49
N GLU E 79 -7.39 24.21 -2.12
CA GLU E 79 -8.78 23.79 -2.01
C GLU E 79 -9.31 23.42 -3.39
N ARG E 80 -9.80 22.19 -3.48
CA ARG E 80 -10.16 21.57 -4.74
C ARG E 80 -11.52 22.12 -5.15
N SER E 81 -12.48 22.09 -4.19
CA SER E 81 -13.83 22.65 -4.35
C SER E 81 -13.90 24.16 -4.04
N LEU E 82 -15.02 24.79 -4.37
CA LEU E 82 -15.20 26.23 -4.14
C LEU E 82 -15.74 26.61 -2.74
N GLN E 83 -16.56 25.76 -2.12
CA GLN E 83 -17.27 26.16 -0.88
C GLN E 83 -16.32 26.14 0.29
N SER E 84 -15.29 25.34 0.16
CA SER E 84 -14.34 25.18 1.25
C SER E 84 -13.25 26.25 1.27
N LEU E 85 -13.39 27.29 0.45
CA LEU E 85 -12.43 28.39 0.40
C LEU E 85 -12.60 29.29 1.63
N PRO E 86 -11.51 29.56 2.37
CA PRO E 86 -11.56 30.36 3.58
C PRO E 86 -11.55 31.87 3.34
N TRP E 87 -12.40 32.33 2.42
CA TRP E 87 -12.44 33.76 2.07
C TRP E 87 -12.88 34.59 3.26
N ARG E 88 -13.89 34.11 3.97
CA ARG E 88 -14.42 34.79 5.18
C ARG E 88 -13.34 34.98 6.23
N GLU E 89 -12.66 33.89 6.54
CA GLU E 89 -11.54 33.87 7.48
C GLU E 89 -10.45 34.92 7.13
N LEU E 90 -10.23 35.15 5.84
CA LEU E 90 -9.15 36.05 5.39
C LEU E 90 -9.61 37.48 5.11
N GLY E 91 -10.92 37.69 5.18
CA GLY E 91 -11.53 39.01 4.96
C GLY E 91 -11.40 39.52 3.52
N VAL E 92 -11.47 38.62 2.56
CA VAL E 92 -11.33 38.94 1.14
C VAL E 92 -12.41 39.90 0.64
N ASP E 93 -11.99 41.05 0.12
CA ASP E 93 -12.91 42.05 -0.45
C ASP E 93 -13.29 41.69 -1.88
N VAL E 94 -12.31 41.29 -2.68
CA VAL E 94 -12.58 40.80 -4.03
C VAL E 94 -11.79 39.52 -4.31
N VAL E 95 -12.45 38.56 -4.92
CA VAL E 95 -11.76 37.39 -5.45
C VAL E 95 -11.58 37.56 -6.94
N LEU E 96 -10.32 37.58 -7.37
CA LEU E 96 -10.01 37.52 -8.78
C LEU E 96 -9.90 36.07 -9.16
N ASP E 97 -10.87 35.56 -9.90
CA ASP E 97 -10.82 34.18 -10.35
C ASP E 97 -10.21 34.06 -11.75
N CYS E 98 -9.00 33.52 -11.78
CA CYS E 98 -8.22 33.41 -12.99
C CYS E 98 -7.95 31.95 -13.33
N THR E 99 -8.90 31.10 -12.98
CA THR E 99 -8.78 29.67 -13.22
C THR E 99 -9.09 29.35 -14.66
N GLY E 100 -9.99 30.12 -15.24
CA GLY E 100 -10.47 29.88 -16.58
C GLY E 100 -11.51 28.78 -16.65
N VAL E 101 -11.69 28.05 -15.54
CA VAL E 101 -12.72 27.03 -15.47
C VAL E 101 -14.04 27.58 -14.93
N TYR E 102 -13.98 28.36 -13.86
CA TYR E 102 -15.17 28.97 -13.26
C TYR E 102 -15.58 30.25 -13.96
N GLY E 103 -16.89 30.47 -14.09
CA GLY E 103 -17.43 31.63 -14.79
C GLY E 103 -18.93 31.85 -14.78
N SER E 104 -19.66 30.88 -14.22
CA SER E 104 -21.09 31.03 -13.98
C SER E 104 -21.28 31.82 -12.70
N ARG E 105 -22.40 32.51 -12.57
CA ARG E 105 -22.68 33.28 -11.36
C ARG E 105 -22.92 32.35 -10.18
N GLU E 106 -23.35 31.11 -10.42
CA GLU E 106 -23.41 30.16 -9.31
C GLU E 106 -22.02 30.05 -8.70
N HIS E 107 -21.01 30.02 -9.57
CA HIS E 107 -19.62 30.02 -9.14
C HIS E 107 -19.35 31.31 -8.36
N GLY E 108 -19.84 32.43 -8.89
CA GLY E 108 -19.75 33.70 -8.21
C GLY E 108 -20.37 33.62 -6.83
N GLU E 109 -21.63 33.19 -6.78
CA GLU E 109 -22.36 33.04 -5.52
C GLU E 109 -21.55 32.17 -4.53
N ALA E 110 -21.00 31.07 -5.06
CA ALA E 110 -20.19 30.14 -4.27
C ALA E 110 -18.99 30.83 -3.59
N HIS E 111 -18.30 31.67 -4.35
CA HIS E 111 -17.17 32.45 -3.82
C HIS E 111 -17.67 33.38 -2.70
N ILE E 112 -18.75 34.08 -2.97
CA ILE E 112 -19.33 35.01 -2.02
C ILE E 112 -19.77 34.24 -0.76
N ALA E 113 -20.51 33.15 -0.99
CA ALA E 113 -20.92 32.23 0.07
C ALA E 113 -19.72 31.85 0.94
N ALA E 114 -18.60 31.53 0.30
CA ALA E 114 -17.37 31.14 1.00
C ALA E 114 -16.76 32.31 1.79
N GLY E 115 -17.23 33.53 1.54
CA GLY E 115 -16.89 34.70 2.37
C GLY E 115 -16.31 35.91 1.66
N ALA E 116 -16.40 35.91 0.33
CA ALA E 116 -15.84 37.00 -0.46
C ALA E 116 -16.96 38.00 -0.72
N LYS E 117 -16.63 39.28 -0.62
CA LYS E 117 -17.63 40.32 -0.84
C LYS E 117 -18.03 40.39 -2.31
N LYS E 118 -17.03 40.39 -3.19
CA LYS E 118 -17.25 40.46 -4.64
C LYS E 118 -16.33 39.52 -5.39
N VAL E 119 -16.70 39.24 -6.63
CA VAL E 119 -15.96 38.34 -7.50
C VAL E 119 -15.68 38.99 -8.85
N LEU E 120 -14.48 38.80 -9.38
CA LEU E 120 -14.13 39.30 -10.71
C LEU E 120 -13.52 38.18 -11.54
N PHE E 121 -14.14 37.87 -12.66
CA PHE E 121 -13.63 36.82 -13.53
C PHE E 121 -12.68 37.36 -14.59
N SER E 122 -11.63 36.59 -14.86
CA SER E 122 -10.60 36.95 -15.84
C SER E 122 -10.99 36.56 -17.27
N HIS E 123 -12.29 36.49 -17.52
CA HIS E 123 -12.81 36.18 -18.84
C HIS E 123 -14.28 36.58 -18.94
N PRO E 124 -14.92 36.40 -20.14
CA PRO E 124 -16.32 36.76 -20.36
C PRO E 124 -17.29 36.17 -19.34
N GLY E 125 -17.12 34.90 -19.04
CA GLY E 125 -18.01 34.20 -18.13
C GLY E 125 -18.96 33.35 -18.95
N SER E 126 -19.49 32.29 -18.34
CA SER E 126 -20.59 31.49 -18.91
C SER E 126 -21.91 32.26 -18.78
N ASN E 127 -21.83 33.39 -18.07
CA ASN E 127 -22.81 34.47 -18.08
C ASN E 127 -24.14 34.17 -17.40
N ASP E 128 -25.12 35.02 -17.69
CA ASP E 128 -26.05 35.56 -16.72
C ASP E 128 -25.27 36.20 -15.55
N LEU E 129 -24.27 37.01 -15.89
CA LEU E 129 -23.49 37.72 -14.89
C LEU E 129 -23.98 39.16 -14.65
N ASP E 130 -23.67 39.69 -13.47
CA ASP E 130 -24.00 41.06 -13.06
C ASP E 130 -23.53 42.12 -14.08
N ALA E 131 -22.27 42.04 -14.49
CA ALA E 131 -21.67 43.04 -15.39
C ALA E 131 -20.49 42.51 -16.27
N THR E 132 -20.02 43.37 -17.18
CA THR E 132 -18.83 43.10 -18.01
C THR E 132 -18.08 44.42 -18.20
N VAL E 133 -16.97 44.59 -17.48
CA VAL E 133 -16.23 45.85 -17.50
C VAL E 133 -15.05 45.78 -18.44
N VAL E 134 -15.09 46.65 -19.46
CA VAL E 134 -13.91 46.94 -20.28
C VAL E 134 -13.36 48.26 -19.79
N TYR E 135 -12.46 48.17 -18.82
CA TYR E 135 -12.03 49.35 -18.05
C TYR E 135 -11.57 50.44 -18.98
N GLY E 136 -12.03 51.66 -18.69
CA GLY E 136 -11.75 52.86 -19.50
C GLY E 136 -12.89 53.21 -20.46
N VAL E 137 -13.85 52.31 -20.58
CA VAL E 137 -15.01 52.50 -21.43
C VAL E 137 -16.27 52.58 -20.57
N ASN E 138 -16.53 51.56 -19.76
CA ASN E 138 -17.75 51.50 -18.97
C ASN E 138 -17.60 51.14 -17.49
N GLN E 139 -16.49 51.52 -16.87
CA GLN E 139 -16.32 51.28 -15.43
C GLN E 139 -17.23 52.19 -14.61
N ASP E 140 -17.59 53.33 -15.20
CA ASP E 140 -18.55 54.27 -14.59
C ASP E 140 -19.95 53.67 -14.37
N GLN E 141 -20.25 52.59 -15.10
CA GLN E 141 -21.52 51.86 -14.96
C GLN E 141 -21.50 50.79 -13.88
N LEU E 142 -20.45 50.76 -13.06
CA LEU E 142 -20.40 49.78 -12.00
C LEU E 142 -21.28 50.30 -10.88
N ARG E 143 -21.96 49.37 -10.23
CA ARG E 143 -22.89 49.68 -9.19
C ARG E 143 -22.63 48.80 -7.97
N ALA E 144 -22.71 49.38 -6.77
CA ALA E 144 -22.49 48.61 -5.53
C ALA E 144 -23.22 47.28 -5.56
N GLU E 145 -24.27 47.20 -6.37
CA GLU E 145 -25.05 45.97 -6.56
C GLU E 145 -24.31 44.89 -7.36
N HIS E 146 -23.49 45.28 -8.35
CA HIS E 146 -22.77 44.30 -9.17
C HIS E 146 -21.66 43.70 -8.30
N ARG E 147 -21.82 42.41 -7.96
CA ARG E 147 -20.90 41.67 -7.04
C ARG E 147 -20.19 40.51 -7.76
N ILE E 148 -20.76 40.07 -8.86
CA ILE E 148 -20.15 39.09 -9.72
C ILE E 148 -19.97 39.71 -11.09
N VAL E 149 -18.75 40.10 -11.43
CA VAL E 149 -18.49 40.80 -12.69
C VAL E 149 -17.39 40.13 -13.52
N SER E 150 -17.47 40.33 -14.84
CA SER E 150 -16.50 39.81 -15.80
C SER E 150 -15.63 40.94 -16.31
N ASN E 151 -14.36 40.65 -16.58
CA ASN E 151 -13.42 41.67 -17.07
C ASN E 151 -13.22 41.63 -18.56
N ALA E 152 -14.15 41.00 -19.28
CA ALA E 152 -14.02 40.76 -20.72
C ALA E 152 -12.83 39.87 -20.98
N SER E 153 -12.32 39.86 -22.21
CA SER E 153 -11.07 39.15 -22.54
C SER E 153 -9.99 40.17 -22.91
N CYS E 154 -8.76 39.71 -23.04
CA CYS E 154 -7.65 40.59 -23.40
C CYS E 154 -7.83 41.16 -24.79
N THR E 155 -8.33 40.38 -25.72
CA THR E 155 -8.54 40.87 -27.08
C THR E 155 -9.71 41.85 -27.13
N THR E 156 -10.83 41.52 -26.48
CA THR E 156 -11.95 42.45 -26.43
C THR E 156 -11.53 43.70 -25.69
N ASN E 157 -10.78 43.54 -24.61
CA ASN E 157 -10.31 44.69 -23.82
C ASN E 157 -9.37 45.58 -24.64
N CYS E 158 -8.72 44.98 -25.62
CA CYS E 158 -7.83 45.70 -26.51
C CYS E 158 -8.59 46.52 -27.54
N ILE E 159 -9.54 45.89 -28.24
CA ILE E 159 -10.16 46.49 -29.43
C ILE E 159 -11.45 47.27 -29.16
N ILE E 160 -12.18 46.91 -28.11
CA ILE E 160 -13.41 47.62 -27.77
C ILE E 160 -13.18 49.13 -27.65
N PRO E 161 -12.18 49.58 -26.86
CA PRO E 161 -11.99 51.02 -26.74
C PRO E 161 -11.86 51.74 -28.09
N VAL E 162 -11.11 51.13 -29.01
CA VAL E 162 -10.95 51.70 -30.36
C VAL E 162 -12.26 51.72 -31.10
N ILE E 163 -13.00 50.62 -31.07
CA ILE E 163 -14.31 50.55 -31.75
C ILE E 163 -15.26 51.66 -31.24
N LYS E 164 -15.26 51.87 -29.93
CA LYS E 164 -16.07 52.93 -29.32
C LYS E 164 -15.65 54.28 -29.87
N LEU E 165 -14.37 54.58 -29.73
CA LEU E 165 -13.86 55.85 -30.23
C LEU E 165 -14.27 56.08 -31.67
N LEU E 166 -14.15 55.06 -32.51
CA LEU E 166 -14.45 55.19 -33.94
C LEU E 166 -15.94 55.34 -34.16
N ASP E 167 -16.73 54.55 -33.44
CA ASP E 167 -18.19 54.58 -33.57
C ASP E 167 -18.76 55.93 -33.15
N ASP E 168 -18.33 56.42 -31.99
CA ASP E 168 -18.73 57.73 -31.50
C ASP E 168 -18.47 58.80 -32.53
N ALA E 169 -17.29 58.78 -33.13
CA ALA E 169 -16.86 59.85 -34.02
C ALA E 169 -17.40 59.76 -35.46
N TYR E 170 -17.64 58.56 -35.97
CA TYR E 170 -18.00 58.37 -37.38
C TYR E 170 -19.17 57.46 -37.67
N GLY E 171 -19.67 56.78 -36.64
CA GLY E 171 -20.81 55.89 -36.76
C GLY E 171 -20.49 54.66 -37.56
N ILE E 172 -20.09 53.59 -36.87
CA ILE E 172 -19.73 52.34 -37.54
C ILE E 172 -20.99 51.65 -38.06
N GLU E 173 -20.92 51.20 -39.31
CA GLU E 173 -22.04 50.55 -39.97
C GLU E 173 -21.88 49.03 -39.94
N SER E 174 -20.65 48.58 -40.15
CA SER E 174 -20.30 47.16 -40.00
C SER E 174 -18.79 47.00 -39.89
N GLY E 175 -18.36 45.87 -39.34
CA GLY E 175 -16.94 45.66 -39.04
C GLY E 175 -16.48 44.23 -39.22
N THR E 176 -15.19 44.08 -39.47
CA THR E 176 -14.56 42.78 -39.61
C THR E 176 -13.16 42.85 -38.97
N VAL E 177 -12.76 41.80 -38.26
CA VAL E 177 -11.50 41.83 -37.53
C VAL E 177 -10.65 40.64 -37.87
N THR E 178 -9.34 40.85 -37.89
CA THR E 178 -8.37 39.77 -37.89
C THR E 178 -7.43 39.95 -36.72
N THR E 179 -7.29 38.92 -35.92
CA THR E 179 -6.38 38.93 -34.79
C THR E 179 -5.16 38.06 -35.10
N ILE E 180 -3.98 38.62 -34.92
CA ILE E 180 -2.74 37.87 -35.08
C ILE E 180 -2.16 37.62 -33.69
N HIS E 181 -2.37 36.39 -33.23
CA HIS E 181 -1.96 35.92 -31.93
C HIS E 181 -0.52 35.43 -31.92
N SER E 182 0.17 35.64 -30.80
CA SER E 182 1.48 35.03 -30.58
C SER E 182 1.31 33.64 -29.98
N ALA E 183 2.41 32.95 -29.71
CA ALA E 183 2.34 31.61 -29.11
C ALA E 183 2.77 31.67 -27.66
N HIS E 194 -8.41 16.58 -31.15
CA HIS E 194 -9.85 16.34 -31.20
C HIS E 194 -10.65 17.56 -31.69
N PRO E 195 -10.35 18.79 -31.15
CA PRO E 195 -11.16 19.97 -31.57
C PRO E 195 -10.94 20.41 -33.04
N ASP E 196 -9.71 20.77 -33.37
CA ASP E 196 -9.29 21.13 -34.74
C ASP E 196 -8.36 20.01 -35.21
N LEU E 197 -8.14 19.93 -36.52
CA LEU E 197 -7.05 19.11 -37.08
C LEU E 197 -5.80 19.98 -37.29
N ARG E 198 -5.98 21.30 -37.24
CA ARG E 198 -4.89 22.28 -37.24
C ARG E 198 -4.13 22.37 -35.91
N ARG E 199 -4.82 22.12 -34.80
CA ARG E 199 -4.29 22.31 -33.44
C ARG E 199 -2.98 21.56 -33.11
N THR E 200 -2.82 20.31 -33.57
CA THR E 200 -1.65 19.48 -33.24
C THR E 200 -0.53 19.51 -34.29
N ARG E 201 -0.23 20.69 -34.84
CA ARG E 201 0.75 20.83 -35.93
C ARG E 201 1.84 21.84 -35.55
N ALA E 202 3.02 21.68 -36.16
CA ALA E 202 4.24 22.38 -35.70
C ALA E 202 4.08 23.90 -35.70
N ALA E 203 4.10 24.46 -34.48
CA ALA E 203 3.87 25.88 -34.21
C ALA E 203 5.05 26.77 -34.63
N SER E 204 6.24 26.18 -34.67
CA SER E 204 7.51 26.87 -35.00
C SER E 204 7.53 27.73 -36.30
N GLN E 205 6.70 27.40 -37.28
CA GLN E 205 6.97 27.86 -38.64
C GLN E 205 5.81 28.10 -39.58
N SER E 206 4.58 27.84 -39.16
CA SER E 206 3.46 28.05 -40.07
C SER E 206 2.60 29.14 -39.49
N ILE E 207 1.77 29.75 -40.34
CA ILE E 207 0.71 30.63 -39.89
C ILE E 207 -0.52 29.75 -39.72
N ILE E 208 -1.20 29.90 -38.58
CA ILE E 208 -2.20 28.91 -38.17
C ILE E 208 -3.55 29.53 -37.92
N PRO E 209 -4.54 29.30 -38.82
CA PRO E 209 -5.90 29.79 -38.59
C PRO E 209 -6.55 29.14 -37.39
N VAL E 210 -7.19 29.93 -36.52
CA VAL E 210 -7.92 29.40 -35.37
C VAL E 210 -9.26 30.06 -35.07
N ASP E 211 -10.00 29.45 -34.15
CA ASP E 211 -11.31 29.95 -33.74
C ASP E 211 -11.12 31.25 -32.98
N THR E 212 -12.12 32.11 -33.05
CA THR E 212 -12.07 33.35 -32.31
C THR E 212 -13.48 33.74 -31.88
N LYS E 213 -13.59 34.23 -30.66
CA LYS E 213 -14.88 34.65 -30.09
C LYS E 213 -14.98 36.21 -29.98
N LEU E 214 -14.09 36.92 -30.65
CA LEU E 214 -14.07 38.38 -30.61
C LEU E 214 -15.35 38.97 -31.26
N ALA E 215 -15.72 38.44 -32.42
CA ALA E 215 -17.00 38.75 -33.08
C ALA E 215 -18.20 38.79 -32.10
N ALA E 216 -18.23 37.84 -31.16
CA ALA E 216 -19.26 37.80 -30.15
C ALA E 216 -18.93 38.86 -29.11
N GLY E 217 -17.78 38.72 -28.47
CA GLY E 217 -17.44 39.63 -27.38
C GLY E 217 -17.81 41.07 -27.74
N ILE E 218 -17.63 41.43 -29.01
CA ILE E 218 -17.91 42.78 -29.50
C ILE E 218 -19.39 43.05 -29.57
N THR E 219 -20.11 42.15 -30.21
CA THR E 219 -21.56 42.28 -30.36
C THR E 219 -22.27 42.22 -29.00
N ARG E 220 -21.71 41.46 -28.06
CA ARG E 220 -22.27 41.40 -26.70
C ARG E 220 -22.14 42.77 -26.04
N PHE E 221 -20.95 43.36 -26.11
CA PHE E 221 -20.68 44.67 -25.53
C PHE E 221 -21.40 45.80 -26.29
N PHE E 222 -21.49 45.66 -27.60
CA PHE E 222 -22.21 46.60 -28.45
C PHE E 222 -23.32 45.85 -29.17
N PRO E 223 -24.52 45.74 -28.55
CA PRO E 223 -25.59 44.95 -29.16
C PRO E 223 -26.10 45.52 -30.51
N GLN E 224 -25.88 46.82 -30.72
CA GLN E 224 -26.24 47.45 -32.00
C GLN E 224 -25.48 46.89 -33.20
N PHE E 225 -24.53 46.00 -32.94
CA PHE E 225 -23.70 45.42 -34.00
C PHE E 225 -24.01 43.94 -34.33
N ASN E 226 -25.05 43.37 -33.73
CA ASN E 226 -25.44 42.00 -34.07
C ASN E 226 -25.57 41.89 -35.58
N ASP E 227 -25.06 40.79 -36.12
CA ASP E 227 -25.05 40.55 -37.57
C ASP E 227 -24.40 41.70 -38.36
N ARG E 228 -23.41 42.34 -37.73
CA ARG E 228 -22.67 43.41 -38.38
C ARG E 228 -21.15 43.31 -38.15
N PHE E 229 -20.75 42.32 -37.35
CA PHE E 229 -19.38 42.08 -37.03
C PHE E 229 -19.03 40.62 -37.23
N GLU E 230 -17.83 40.39 -37.76
CA GLU E 230 -17.27 39.05 -37.86
C GLU E 230 -15.81 39.11 -37.50
N ALA E 231 -15.23 37.95 -37.22
CA ALA E 231 -13.83 37.89 -36.82
C ALA E 231 -13.19 36.58 -37.24
N ILE E 232 -11.92 36.66 -37.63
CA ILE E 232 -11.07 35.47 -37.76
C ILE E 232 -9.81 35.75 -36.98
N ALA E 233 -8.98 34.72 -36.83
CA ALA E 233 -7.70 34.87 -36.10
C ALA E 233 -6.69 33.85 -36.58
N VAL E 234 -5.42 34.21 -36.45
CA VAL E 234 -4.32 33.28 -36.71
C VAL E 234 -3.26 33.33 -35.61
N ARG E 235 -2.60 32.20 -35.39
CA ARG E 235 -1.51 32.10 -34.43
C ARG E 235 -0.23 32.04 -35.25
N VAL E 236 0.73 32.88 -34.90
CA VAL E 236 2.07 32.87 -35.49
C VAL E 236 3.12 32.70 -34.38
N PRO E 237 4.29 32.16 -34.73
CA PRO E 237 5.30 31.86 -33.72
C PRO E 237 6.10 33.07 -33.30
N THR E 238 5.42 34.11 -32.82
CA THR E 238 6.09 35.24 -32.21
C THR E 238 5.90 35.22 -30.70
N ILE E 239 6.56 36.15 -30.03
CA ILE E 239 6.56 36.20 -28.56
C ILE E 239 5.57 37.26 -28.02
N ASN E 240 4.64 36.81 -27.20
CA ASN E 240 3.95 37.67 -26.22
C ASN E 240 2.95 38.73 -26.73
N VAL E 241 3.30 39.45 -27.79
CA VAL E 241 2.46 40.57 -28.24
C VAL E 241 1.52 40.15 -29.37
N THR E 242 0.32 40.70 -29.29
CA THR E 242 -0.76 40.42 -30.22
C THR E 242 -1.12 41.66 -31.06
N ALA E 243 -1.42 41.40 -32.34
CA ALA E 243 -1.80 42.46 -33.28
C ALA E 243 -3.23 42.24 -33.73
N ILE E 244 -4.03 43.29 -33.67
CA ILE E 244 -5.43 43.23 -34.08
C ILE E 244 -5.65 44.15 -35.26
N ASP E 245 -6.14 43.56 -36.34
CA ASP E 245 -6.28 44.24 -37.62
C ASP E 245 -7.76 44.52 -37.85
N LEU E 246 -8.18 45.73 -37.53
CA LEU E 246 -9.61 46.09 -37.49
C LEU E 246 -10.02 46.82 -38.74
N SER E 247 -11.13 46.40 -39.34
CA SER E 247 -11.68 47.06 -40.52
C SER E 247 -13.15 47.39 -40.31
N VAL E 248 -13.49 48.66 -40.44
CA VAL E 248 -14.86 49.10 -40.24
C VAL E 248 -15.36 50.02 -41.36
N THR E 249 -16.62 49.87 -41.73
CA THR E 249 -17.31 50.85 -42.58
C THR E 249 -17.94 51.92 -41.69
N VAL E 250 -17.83 53.18 -42.08
CA VAL E 250 -18.42 54.28 -41.32
C VAL E 250 -19.29 55.18 -42.18
N LYS E 251 -20.22 55.86 -41.53
CA LYS E 251 -21.15 56.77 -42.19
C LYS E 251 -20.46 58.08 -42.59
N LYS E 252 -19.86 58.74 -41.60
CA LYS E 252 -19.19 60.01 -41.83
C LYS E 252 -17.96 59.77 -42.73
N PRO E 253 -17.76 60.59 -43.78
CA PRO E 253 -16.55 60.44 -44.61
C PRO E 253 -15.31 60.85 -43.86
N VAL E 254 -14.23 60.09 -44.05
CA VAL E 254 -12.97 60.34 -43.30
C VAL E 254 -11.70 60.13 -44.10
N LYS E 255 -10.63 60.73 -43.60
CA LYS E 255 -9.29 60.53 -44.12
C LYS E 255 -8.37 59.88 -43.07
N ALA E 256 -7.39 59.13 -43.55
CA ALA E 256 -6.50 58.37 -42.69
C ALA E 256 -5.97 59.23 -41.52
N ASN E 257 -5.44 60.40 -41.81
CA ASN E 257 -4.82 61.23 -40.75
C ASN E 257 -5.82 61.85 -39.76
N GLU E 258 -7.06 62.04 -40.20
CA GLU E 258 -8.12 62.53 -39.31
C GLU E 258 -8.37 61.49 -38.24
N VAL E 259 -8.55 60.25 -38.70
CA VAL E 259 -8.71 59.08 -37.83
C VAL E 259 -7.55 59.03 -36.84
N ASN E 260 -6.32 59.12 -37.35
CA ASN E 260 -5.13 59.11 -36.50
C ASN E 260 -5.15 60.23 -35.46
N LEU E 261 -5.59 61.40 -35.89
CA LEU E 261 -5.65 62.56 -34.99
C LEU E 261 -6.67 62.35 -33.87
N LEU E 262 -7.80 61.77 -34.24
CA LEU E 262 -8.84 61.42 -33.26
C LEU E 262 -8.30 60.49 -32.20
N LEU E 263 -7.67 59.40 -32.66
CA LEU E 263 -7.11 58.36 -31.79
C LEU E 263 -5.95 58.87 -30.92
N GLN E 264 -5.07 59.65 -31.53
CA GLN E 264 -3.97 60.27 -30.79
C GLN E 264 -4.49 61.17 -29.65
N LYS E 265 -5.54 61.93 -29.95
CA LYS E 265 -6.16 62.81 -28.97
C LYS E 265 -6.75 62.02 -27.81
N ALA E 266 -7.45 60.96 -28.16
CA ALA E 266 -8.01 60.04 -27.17
C ALA E 266 -6.92 59.51 -26.24
N ALA E 267 -5.78 59.15 -26.82
CA ALA E 267 -4.66 58.57 -26.06
C ALA E 267 -4.08 59.53 -24.99
N GLN E 268 -4.10 60.83 -25.21
CA GLN E 268 -3.63 61.78 -24.17
C GLN E 268 -4.77 62.18 -23.28
N GLY E 269 -5.97 62.17 -23.83
CA GLY E 269 -7.13 62.69 -23.12
C GLY E 269 -7.91 61.63 -22.39
N ALA E 270 -9.14 61.42 -22.85
CA ALA E 270 -10.11 60.54 -22.18
C ALA E 270 -9.61 59.11 -21.96
N PHE E 271 -8.71 58.62 -22.81
CA PHE E 271 -8.24 57.22 -22.71
C PHE E 271 -6.78 57.09 -22.32
N HIS E 272 -6.26 58.12 -21.66
CA HIS E 272 -4.87 58.12 -21.19
C HIS E 272 -4.67 56.95 -20.28
N GLY E 273 -3.58 56.21 -20.51
CA GLY E 273 -3.25 55.04 -19.71
C GLY E 273 -3.95 53.76 -20.16
N ILE E 274 -5.01 53.88 -20.94
CA ILE E 274 -5.74 52.71 -21.47
C ILE E 274 -5.44 52.50 -22.96
N VAL E 275 -5.57 53.55 -23.76
CA VAL E 275 -5.16 53.51 -25.16
C VAL E 275 -3.93 54.39 -25.36
N ASP E 276 -3.00 53.88 -26.15
CA ASP E 276 -1.85 54.66 -26.55
C ASP E 276 -1.80 54.76 -28.07
N TYR E 277 -1.05 55.75 -28.55
CA TYR E 277 -0.90 56.01 -29.97
C TYR E 277 0.56 56.18 -30.28
N THR E 278 0.99 55.65 -31.40
CA THR E 278 2.37 55.82 -31.81
C THR E 278 2.49 55.90 -33.33
N GLU E 279 3.47 56.70 -33.77
CA GLU E 279 3.86 56.81 -35.17
C GLU E 279 5.31 56.37 -35.39
N LEU E 280 5.96 55.96 -34.31
CA LEU E 280 7.34 55.50 -34.37
C LEU E 280 7.40 54.19 -35.12
N PRO E 281 8.56 53.89 -35.76
CA PRO E 281 8.73 52.64 -36.48
C PRO E 281 9.10 51.53 -35.50
N LEU E 282 8.09 50.84 -35.02
CA LEU E 282 8.28 49.81 -34.00
C LEU E 282 7.79 48.46 -34.48
N VAL E 283 8.20 47.42 -33.75
CA VAL E 283 7.80 46.04 -34.03
C VAL E 283 7.15 45.48 -32.77
N SER E 284 6.48 44.33 -32.92
CA SER E 284 5.60 43.85 -31.86
C SER E 284 6.27 43.82 -30.50
N VAL E 285 7.46 43.23 -30.43
CA VAL E 285 8.18 43.08 -29.17
C VAL E 285 8.39 44.41 -28.43
N ASP E 286 8.28 45.54 -29.12
CA ASP E 286 8.48 46.83 -28.47
C ASP E 286 7.35 47.15 -27.49
N PHE E 287 6.24 46.45 -27.67
CA PHE E 287 5.06 46.65 -26.83
C PHE E 287 4.98 45.59 -25.76
N ASN E 288 6.00 44.73 -25.70
CA ASN E 288 6.14 43.78 -24.61
C ASN E 288 6.14 44.53 -23.28
N HIS E 289 5.32 44.05 -22.35
CA HIS E 289 5.24 44.62 -21.01
C HIS E 289 4.63 46.03 -21.01
N ASP E 290 3.86 46.34 -22.04
CA ASP E 290 3.18 47.64 -22.10
C ASP E 290 1.81 47.55 -21.40
N PRO E 291 1.57 48.37 -20.37
CA PRO E 291 0.38 48.35 -19.54
C PRO E 291 -0.90 48.81 -20.24
N HIS E 292 -0.78 49.44 -21.39
CA HIS E 292 -1.96 49.91 -22.13
C HIS E 292 -2.78 48.72 -22.61
N SER E 293 -4.09 48.90 -22.66
CA SER E 293 -4.99 47.90 -23.20
C SER E 293 -4.77 47.73 -24.68
N ALA E 294 -4.43 48.84 -25.34
CA ALA E 294 -4.27 48.90 -26.79
C ALA E 294 -3.30 50.01 -27.16
N ILE E 295 -2.42 49.74 -28.10
CA ILE E 295 -1.58 50.78 -28.67
C ILE E 295 -1.85 50.86 -30.17
N VAL E 296 -2.32 52.02 -30.61
CA VAL E 296 -2.67 52.20 -32.01
C VAL E 296 -1.46 52.57 -32.84
N ASP E 297 -1.24 51.84 -33.92
CA ASP E 297 -0.12 52.12 -34.80
C ASP E 297 -0.54 53.04 -35.94
N GLY E 298 -0.28 54.33 -35.74
CA GLY E 298 -0.69 55.36 -36.70
C GLY E 298 -0.23 55.09 -38.11
N THR E 299 0.99 54.59 -38.24
CA THR E 299 1.61 54.37 -39.54
C THR E 299 0.89 53.33 -40.38
N GLN E 300 0.03 52.54 -39.74
CA GLN E 300 -0.72 51.49 -40.43
C GLN E 300 -2.19 51.85 -40.70
N THR E 301 -2.63 53.03 -40.24
CA THR E 301 -3.99 53.48 -40.52
C THR E 301 -4.19 53.74 -42.01
N ARG E 302 -5.33 53.30 -42.52
CA ARG E 302 -5.70 53.50 -43.91
C ARG E 302 -7.19 53.79 -43.98
N VAL E 303 -7.60 54.46 -45.05
CA VAL E 303 -9.02 54.63 -45.36
C VAL E 303 -9.23 54.40 -46.84
N SER E 304 -10.09 53.44 -47.18
CA SER E 304 -10.38 53.06 -48.57
C SER E 304 -11.67 53.73 -48.98
N GLY E 305 -11.61 54.52 -50.05
CA GLY E 305 -12.68 55.44 -50.36
C GLY E 305 -12.65 56.47 -49.25
N ALA E 306 -13.81 56.83 -48.73
CA ALA E 306 -13.86 57.73 -47.56
C ALA E 306 -14.50 57.06 -46.33
N HIS E 307 -14.80 55.77 -46.46
CA HIS E 307 -15.70 55.08 -45.54
C HIS E 307 -15.21 53.74 -44.96
N LEU E 308 -14.15 53.15 -45.53
CA LEU E 308 -13.58 51.88 -45.03
C LEU E 308 -12.26 52.12 -44.31
N ILE E 309 -12.29 52.02 -42.97
CA ILE E 309 -11.13 52.31 -42.12
C ILE E 309 -10.43 51.03 -41.74
N LYS E 310 -9.12 50.97 -42.00
CA LYS E 310 -8.29 49.90 -41.46
C LYS E 310 -7.37 50.49 -40.41
N THR E 311 -7.36 49.86 -39.25
CA THR E 311 -6.46 50.26 -38.18
C THR E 311 -5.80 49.02 -37.58
N LEU E 312 -4.50 49.09 -37.35
CA LEU E 312 -3.78 48.01 -36.69
C LEU E 312 -3.50 48.41 -35.24
N VAL E 313 -3.92 47.57 -34.31
CA VAL E 313 -3.74 47.85 -32.89
C VAL E 313 -2.95 46.75 -32.22
N TRP E 314 -1.86 47.14 -31.56
CA TRP E 314 -1.02 46.21 -30.80
C TRP E 314 -1.55 46.10 -29.40
N CYS E 315 -1.31 44.95 -28.77
CA CYS E 315 -1.43 44.85 -27.31
C CYS E 315 -0.61 43.69 -26.75
N ASP E 316 -0.10 43.89 -25.54
CA ASP E 316 0.45 42.80 -24.77
C ASP E 316 -0.74 42.06 -24.22
N ASN E 317 -1.00 40.90 -24.82
CA ASN E 317 -2.23 40.15 -24.55
C ASN E 317 -2.39 39.69 -23.11
N GLU E 318 -1.35 39.80 -22.30
CA GLU E 318 -1.44 39.42 -20.90
C GLU E 318 -1.25 40.59 -19.98
N TRP E 319 -0.24 41.42 -20.24
CA TRP E 319 0.11 42.47 -19.31
C TRP E 319 -0.97 43.54 -19.24
N GLY E 320 -1.45 43.95 -20.40
CA GLY E 320 -2.51 44.94 -20.47
C GLY E 320 -3.69 44.45 -19.65
N PHE E 321 -4.16 43.27 -20.01
CA PHE E 321 -5.30 42.66 -19.34
C PHE E 321 -5.12 42.55 -17.82
N ALA E 322 -3.94 42.14 -17.40
CA ALA E 322 -3.61 41.96 -16.00
C ALA E 322 -3.75 43.27 -15.25
N ASN E 323 -3.26 44.36 -15.83
CA ASN E 323 -3.38 45.67 -15.21
C ASN E 323 -4.85 46.13 -15.15
N ARG E 324 -5.61 45.79 -16.17
CA ARG E 324 -7.05 46.10 -16.17
C ARG E 324 -7.79 45.33 -15.09
N MET E 325 -7.35 44.12 -14.81
CA MET E 325 -7.94 43.34 -13.73
C MET E 325 -7.80 44.13 -12.46
N LEU E 326 -6.62 44.71 -12.25
CA LEU E 326 -6.34 45.50 -11.06
C LEU E 326 -7.13 46.80 -11.06
N ASP E 327 -7.24 47.44 -12.22
CA ASP E 327 -8.01 48.66 -12.32
C ASP E 327 -9.49 48.41 -11.97
N THR E 328 -10.06 47.36 -12.56
CA THR E 328 -11.45 47.00 -12.32
C THR E 328 -11.68 46.60 -10.88
N THR E 329 -10.74 45.88 -10.31
CA THR E 329 -10.82 45.49 -8.89
C THR E 329 -10.98 46.72 -8.02
N LEU E 330 -10.11 47.70 -8.20
CA LEU E 330 -10.17 48.94 -7.43
C LEU E 330 -11.55 49.60 -7.53
N ALA E 331 -12.02 49.79 -8.75
CA ALA E 331 -13.35 50.37 -8.98
C ALA E 331 -14.45 49.61 -8.23
N MET E 332 -14.38 48.28 -8.28
CA MET E 332 -15.36 47.45 -7.61
C MET E 332 -15.33 47.65 -6.08
N ALA E 333 -14.14 47.68 -5.51
CA ALA E 333 -13.99 47.81 -4.06
C ALA E 333 -14.34 49.21 -3.59
N THR E 334 -14.26 50.18 -4.50
CA THR E 334 -14.47 51.61 -4.22
C THR E 334 -15.92 52.08 -4.34
N VAL E 335 -16.56 51.71 -5.46
CA VAL E 335 -17.97 52.01 -5.71
C VAL E 335 -18.85 51.52 -4.53
N THR F 1 11.27 25.14 -80.11
CA THR F 1 11.54 25.42 -78.68
C THR F 1 11.61 26.94 -78.41
N VAL F 2 10.94 27.41 -77.34
CA VAL F 2 11.12 28.80 -76.92
C VAL F 2 12.37 28.86 -76.10
N ARG F 3 13.25 29.80 -76.42
CA ARG F 3 14.53 29.89 -75.71
C ARG F 3 14.63 31.17 -74.94
N VAL F 4 14.84 31.01 -73.64
CA VAL F 4 14.87 32.12 -72.72
C VAL F 4 16.21 32.24 -72.07
N ALA F 5 16.55 33.48 -71.77
CA ALA F 5 17.69 33.80 -70.94
C ALA F 5 17.15 34.41 -69.64
N ILE F 6 17.88 34.20 -68.56
CA ILE F 6 17.53 34.80 -67.27
C ILE F 6 18.58 35.82 -66.84
N ASN F 7 18.14 37.06 -66.69
CA ASN F 7 19.01 38.10 -66.17
C ASN F 7 18.74 38.21 -64.67
N GLY F 8 19.75 37.87 -63.88
CA GLY F 8 19.61 37.90 -62.44
C GLY F 8 19.19 36.56 -61.91
N PHE F 9 20.08 35.91 -61.16
CA PHE F 9 19.86 34.57 -60.62
C PHE F 9 19.67 34.61 -59.11
N GLY F 10 18.82 35.51 -58.67
CA GLY F 10 18.48 35.64 -57.27
C GLY F 10 17.49 34.58 -56.88
N ARG F 11 16.64 34.89 -55.92
CA ARG F 11 15.64 33.95 -55.44
C ARG F 11 14.65 33.58 -56.55
N ILE F 12 14.12 34.61 -57.20
CA ILE F 12 13.10 34.41 -58.24
C ILE F 12 13.67 33.73 -59.49
N GLY F 13 14.82 34.19 -59.94
CA GLY F 13 15.51 33.55 -61.06
C GLY F 13 15.77 32.08 -60.84
N ARG F 14 16.29 31.74 -59.67
CA ARG F 14 16.53 30.34 -59.33
C ARG F 14 15.24 29.51 -59.38
N ASN F 15 14.17 30.05 -58.84
CA ASN F 15 12.89 29.38 -58.81
C ASN F 15 12.27 29.20 -60.18
N VAL F 16 12.43 30.19 -61.03
CA VAL F 16 11.99 30.07 -62.42
C VAL F 16 12.63 28.84 -63.07
N VAL F 17 13.93 28.68 -62.90
CA VAL F 17 14.63 27.52 -63.42
C VAL F 17 14.06 26.24 -62.80
N ARG F 18 14.03 26.19 -61.48
CA ARG F 18 13.53 25.00 -60.79
C ARG F 18 12.14 24.66 -61.32
N ALA F 19 11.31 25.70 -61.44
CA ALA F 19 9.92 25.54 -61.88
C ALA F 19 9.85 25.01 -63.32
N LEU F 20 10.73 25.50 -64.19
CA LEU F 20 10.76 25.05 -65.57
C LEU F 20 10.85 23.54 -65.64
N TYR F 21 11.77 22.98 -64.86
CA TYR F 21 12.02 21.54 -64.86
C TYR F 21 10.93 20.75 -64.16
N GLU F 22 10.58 21.14 -62.94
CA GLU F 22 9.59 20.41 -62.16
C GLU F 22 8.23 20.40 -62.82
N SER F 23 7.87 21.46 -63.51
CA SER F 23 6.56 21.52 -64.16
C SER F 23 6.55 20.92 -65.58
N GLY F 24 7.68 20.39 -66.05
CA GLY F 24 7.73 19.84 -67.38
C GLY F 24 7.58 20.86 -68.50
N ARG F 25 7.52 22.16 -68.16
CA ARG F 25 7.46 23.21 -69.19
C ARG F 25 8.78 23.25 -69.95
N ARG F 26 9.74 22.44 -69.51
CA ARG F 26 11.02 22.31 -70.18
C ARG F 26 10.94 21.64 -71.56
N ALA F 27 9.85 20.92 -71.82
CA ALA F 27 9.62 20.38 -73.16
C ALA F 27 9.41 21.51 -74.18
N GLU F 28 8.95 22.64 -73.68
CA GLU F 28 8.51 23.79 -74.48
C GLU F 28 9.40 25.05 -74.33
N ILE F 29 10.15 25.15 -73.23
CA ILE F 29 11.08 26.26 -73.03
C ILE F 29 12.48 25.75 -72.71
N THR F 30 13.50 26.51 -73.12
CA THR F 30 14.90 26.19 -72.75
C THR F 30 15.54 27.40 -72.14
N VAL F 31 16.22 27.20 -71.04
CA VAL F 31 17.07 28.27 -70.56
C VAL F 31 18.40 28.05 -71.22
N VAL F 32 18.85 29.04 -71.97
CA VAL F 32 20.13 28.94 -72.69
C VAL F 32 21.26 29.69 -72.00
N ALA F 33 20.90 30.76 -71.29
CA ALA F 33 21.88 31.56 -70.57
C ALA F 33 21.33 32.16 -69.28
N ILE F 34 22.20 32.26 -68.28
CA ILE F 34 21.90 32.99 -67.08
C ILE F 34 23.01 34.01 -66.89
N ASN F 35 22.63 35.23 -66.50
CA ASN F 35 23.60 36.26 -66.15
C ASN F 35 23.40 36.81 -64.75
N GLU F 36 24.40 36.68 -63.89
CA GLU F 36 24.38 37.34 -62.59
C GLU F 36 25.76 37.79 -62.16
N LEU F 37 25.78 38.94 -61.50
CA LEU F 37 26.95 39.55 -60.91
C LEU F 37 27.28 38.80 -59.60
N ALA F 38 27.42 37.49 -59.70
CA ALA F 38 27.73 36.64 -58.56
C ALA F 38 28.61 35.46 -58.95
N ASP F 39 29.21 34.85 -57.94
CA ASP F 39 30.17 33.77 -58.12
C ASP F 39 29.45 32.57 -58.71
N ALA F 40 29.88 32.12 -59.90
CA ALA F 40 29.19 31.03 -60.65
C ALA F 40 29.17 29.68 -59.94
N ALA F 41 30.12 29.45 -59.05
CA ALA F 41 30.14 28.24 -58.22
C ALA F 41 29.01 28.30 -57.24
N GLY F 42 28.77 29.51 -56.72
CA GLY F 42 27.71 29.76 -55.75
C GLY F 42 26.33 29.70 -56.38
N MET F 43 26.25 30.04 -57.66
CA MET F 43 25.00 29.92 -58.38
C MET F 43 24.55 28.49 -58.40
N ALA F 44 25.43 27.57 -58.78
CA ALA F 44 25.12 26.15 -58.82
C ALA F 44 24.62 25.65 -57.47
N HIS F 45 25.35 26.01 -56.43
CA HIS F 45 25.08 25.56 -55.06
C HIS F 45 23.71 26.03 -54.60
N LEU F 46 23.47 27.33 -54.65
CA LEU F 46 22.18 27.88 -54.27
C LEU F 46 21.01 27.34 -55.10
N LEU F 47 21.25 26.97 -56.36
CA LEU F 47 20.19 26.35 -57.19
C LEU F 47 19.85 24.97 -56.67
N LYS F 48 20.85 24.24 -56.21
CA LYS F 48 20.67 22.87 -55.70
C LYS F 48 20.00 22.84 -54.32
N TYR F 49 20.40 23.74 -53.43
CA TYR F 49 19.92 23.74 -52.03
C TYR F 49 19.04 24.95 -51.69
N ASP F 50 17.78 24.70 -51.38
CA ASP F 50 16.88 25.77 -50.98
C ASP F 50 16.06 25.56 -49.70
N THR F 51 16.12 26.58 -48.83
CA THR F 51 15.48 26.64 -47.50
C THR F 51 13.93 26.41 -47.51
N SER F 52 13.26 26.92 -48.53
CA SER F 52 11.83 26.69 -48.71
C SER F 52 11.57 25.31 -49.33
N HIS F 53 12.28 25.03 -50.41
CA HIS F 53 11.83 24.02 -51.36
C HIS F 53 12.62 22.69 -51.30
N GLY F 54 13.70 22.64 -50.52
CA GLY F 54 14.45 21.37 -50.35
C GLY F 54 15.47 21.15 -51.45
N ARG F 55 16.08 19.97 -51.47
CA ARG F 55 17.14 19.69 -52.46
C ARG F 55 16.49 19.58 -53.83
N PHE F 56 17.06 20.29 -54.81
CA PHE F 56 16.54 20.23 -56.16
C PHE F 56 16.69 18.81 -56.68
N ALA F 57 15.57 18.26 -57.14
CA ALA F 57 15.51 16.87 -57.60
C ALA F 57 16.44 16.57 -58.78
N TRP F 58 16.73 17.57 -59.58
CA TRP F 58 17.63 17.38 -60.72
C TRP F 58 19.08 17.48 -60.31
N GLU F 59 19.97 16.94 -61.14
CA GLU F 59 21.40 16.94 -60.84
C GLU F 59 22.07 18.23 -61.34
N VAL F 60 22.68 18.98 -60.42
CA VAL F 60 23.25 20.30 -60.72
C VAL F 60 24.79 20.32 -60.65
N ARG F 61 25.40 20.81 -61.73
CA ARG F 61 26.86 20.92 -61.86
C ARG F 61 27.26 22.29 -62.38
N GLN F 62 28.51 22.65 -62.14
CA GLN F 62 29.03 23.92 -62.59
C GLN F 62 30.48 23.79 -62.95
N GLU F 63 30.88 24.40 -64.06
CA GLU F 63 32.25 24.29 -64.54
C GLU F 63 32.59 25.34 -65.60
N ARG F 64 33.58 26.17 -65.26
CA ARG F 64 34.00 27.31 -66.05
C ARG F 64 32.81 28.24 -66.18
N ASP F 65 32.29 28.36 -67.39
CA ASP F 65 31.20 29.27 -67.66
C ASP F 65 29.93 28.51 -68.03
N GLN F 66 29.75 27.31 -67.47
CA GLN F 66 28.54 26.56 -67.72
C GLN F 66 27.89 26.06 -66.42
N LEU F 67 26.57 26.26 -66.29
CA LEU F 67 25.75 25.57 -65.30
C LEU F 67 25.09 24.38 -65.98
N PHE F 68 24.85 23.31 -65.22
CA PHE F 68 24.26 22.09 -65.77
C PHE F 68 23.07 21.55 -64.97
N VAL F 69 21.86 21.94 -65.32
CA VAL F 69 20.73 21.22 -64.74
C VAL F 69 20.49 19.98 -65.59
N GLY F 70 20.51 18.81 -64.98
CA GLY F 70 20.36 17.59 -65.75
C GLY F 70 21.45 17.55 -66.79
N ASP F 71 21.08 17.17 -68.01
CA ASP F 71 22.04 17.08 -69.11
C ASP F 71 22.15 18.39 -69.90
N ASP F 72 21.29 19.34 -69.54
CA ASP F 72 21.32 20.69 -70.09
C ASP F 72 22.50 21.53 -69.62
N ALA F 73 23.03 22.34 -70.53
CA ALA F 73 24.12 23.24 -70.27
C ALA F 73 23.61 24.64 -70.43
N ILE F 74 23.71 25.45 -69.39
CA ILE F 74 23.33 26.84 -69.49
C ILE F 74 24.59 27.69 -69.46
N ARG F 75 24.68 28.65 -70.39
CA ARG F 75 25.84 29.51 -70.46
C ARG F 75 25.73 30.51 -69.37
N VAL F 76 26.73 30.55 -68.51
CA VAL F 76 26.75 31.48 -67.37
C VAL F 76 27.53 32.73 -67.75
N LEU F 77 26.87 33.88 -67.66
CA LEU F 77 27.48 35.15 -68.02
C LEU F 77 27.62 36.03 -66.80
N HIS F 78 28.53 36.98 -66.89
CA HIS F 78 28.84 37.88 -65.79
C HIS F 78 28.87 39.37 -66.21
N GLU F 79 27.98 39.80 -67.10
CA GLU F 79 28.06 41.17 -67.61
C GLU F 79 27.49 42.15 -66.62
N ARG F 80 28.17 43.28 -66.46
CA ARG F 80 27.81 44.30 -65.46
C ARG F 80 26.82 45.32 -66.03
N SER F 81 26.63 45.34 -67.35
CA SER F 81 25.67 46.26 -67.96
C SER F 81 24.97 45.63 -69.17
N LEU F 82 23.75 46.11 -69.43
CA LEU F 82 22.84 45.47 -70.38
C LEU F 82 23.29 45.43 -71.85
N GLN F 83 24.11 46.41 -72.24
CA GLN F 83 24.50 46.61 -73.63
C GLN F 83 25.29 45.42 -74.22
N SER F 84 26.16 44.84 -73.39
CA SER F 84 27.13 43.80 -73.79
C SER F 84 26.62 42.36 -73.64
N LEU F 85 25.31 42.19 -73.47
CA LEU F 85 24.72 40.86 -73.35
C LEU F 85 24.61 40.18 -74.73
N PRO F 86 25.13 38.94 -74.85
CA PRO F 86 25.12 38.24 -76.14
C PRO F 86 23.79 37.58 -76.45
N TRP F 87 22.69 38.32 -76.33
CA TRP F 87 21.36 37.75 -76.60
C TRP F 87 21.20 37.35 -78.06
N ARG F 88 21.67 38.20 -78.96
CA ARG F 88 21.63 37.93 -80.38
C ARG F 88 22.38 36.65 -80.73
N GLU F 89 23.60 36.54 -80.22
CA GLU F 89 24.41 35.36 -80.43
C GLU F 89 23.73 34.05 -80.00
N LEU F 90 22.92 34.11 -78.94
CA LEU F 90 22.27 32.92 -78.37
C LEU F 90 20.84 32.69 -78.85
N GLY F 91 20.32 33.64 -79.64
CA GLY F 91 19.00 33.53 -80.27
C GLY F 91 17.84 33.64 -79.29
N VAL F 92 18.05 34.40 -78.23
CA VAL F 92 17.08 34.53 -77.14
C VAL F 92 15.74 35.07 -77.65
N ASP F 93 14.67 34.31 -77.40
CA ASP F 93 13.30 34.71 -77.75
C ASP F 93 12.71 35.61 -76.66
N VAL F 94 12.92 35.24 -75.41
CA VAL F 94 12.49 36.09 -74.31
C VAL F 94 13.56 36.15 -73.23
N VAL F 95 13.81 37.35 -72.71
CA VAL F 95 14.65 37.51 -71.55
C VAL F 95 13.75 37.73 -70.36
N LEU F 96 13.90 36.85 -69.37
CA LEU F 96 13.26 37.03 -68.09
C LEU F 96 14.23 37.76 -67.22
N ASP F 97 13.95 39.02 -66.92
CA ASP F 97 14.82 39.81 -66.07
C ASP F 97 14.34 39.76 -64.62
N CYS F 98 15.10 39.05 -63.80
CA CYS F 98 14.76 38.82 -62.40
C CYS F 98 15.80 39.44 -61.47
N THR F 99 16.39 40.54 -61.93
CA THR F 99 17.44 41.22 -61.17
C THR F 99 16.81 42.03 -60.08
N GLY F 100 15.62 42.55 -60.36
CA GLY F 100 14.96 43.45 -59.44
C GLY F 100 15.49 44.86 -59.50
N VAL F 101 16.61 45.07 -60.21
CA VAL F 101 17.16 46.43 -60.42
C VAL F 101 16.59 47.05 -61.70
N TYR F 102 16.60 46.31 -62.80
CA TYR F 102 16.15 46.81 -64.09
C TYR F 102 14.64 46.73 -64.19
N GLY F 103 14.02 47.71 -64.84
CA GLY F 103 12.55 47.75 -64.97
C GLY F 103 11.91 48.84 -65.81
N SER F 104 12.70 49.67 -66.46
CA SER F 104 12.16 50.76 -67.26
C SER F 104 11.88 50.25 -68.67
N ARG F 105 11.48 51.17 -69.55
CA ARG F 105 11.38 50.85 -70.98
C ARG F 105 12.78 50.69 -71.49
N GLU F 106 13.62 51.67 -71.15
CA GLU F 106 14.96 51.78 -71.71
C GLU F 106 15.73 50.51 -71.47
N HIS F 107 15.58 49.96 -70.27
CA HIS F 107 16.19 48.70 -69.91
C HIS F 107 15.69 47.61 -70.84
N GLY F 108 14.39 47.64 -71.10
CA GLY F 108 13.80 46.73 -72.04
C GLY F 108 14.42 46.87 -73.40
N GLU F 109 14.45 48.11 -73.89
CA GLU F 109 15.01 48.41 -75.23
C GLU F 109 16.44 47.90 -75.29
N ALA F 110 17.19 48.14 -74.22
CA ALA F 110 18.58 47.70 -74.10
C ALA F 110 18.73 46.20 -74.30
N HIS F 111 17.87 45.43 -73.65
CA HIS F 111 17.85 43.97 -73.80
C HIS F 111 17.58 43.60 -75.25
N ILE F 112 16.57 44.21 -75.82
CA ILE F 112 16.19 43.95 -77.22
C ILE F 112 17.33 44.34 -78.15
N ALA F 113 17.86 45.53 -77.96
CA ALA F 113 19.05 45.98 -78.67
C ALA F 113 20.17 44.95 -78.62
N ALA F 114 20.37 44.34 -77.46
CA ALA F 114 21.41 43.33 -77.25
C ALA F 114 21.10 42.02 -77.94
N GLY F 115 19.87 41.89 -78.46
CA GLY F 115 19.48 40.79 -79.36
C GLY F 115 18.28 39.93 -78.95
N ALA F 116 17.57 40.37 -77.93
CA ALA F 116 16.46 39.62 -77.38
C ALA F 116 15.18 40.12 -78.04
N LYS F 117 14.33 39.18 -78.45
CA LYS F 117 13.08 39.53 -79.16
C LYS F 117 12.12 40.22 -78.21
N LYS F 118 11.95 39.66 -77.02
CA LYS F 118 11.05 40.24 -76.02
C LYS F 118 11.65 40.19 -74.62
N VAL F 119 11.09 41.01 -73.74
CA VAL F 119 11.55 41.12 -72.35
C VAL F 119 10.39 40.96 -71.38
N LEU F 120 10.62 40.22 -70.30
CA LEU F 120 9.62 40.06 -69.24
C LEU F 120 10.23 40.34 -67.89
N PHE F 121 9.71 41.34 -67.21
CA PHE F 121 10.24 41.72 -65.89
C PHE F 121 9.53 40.99 -64.75
N SER F 122 10.32 40.58 -63.75
CA SER F 122 9.79 39.85 -62.59
C SER F 122 9.20 40.78 -61.52
N HIS F 123 8.75 41.96 -61.94
CA HIS F 123 8.16 42.91 -61.02
C HIS F 123 7.36 43.94 -61.82
N PRO F 124 6.69 44.89 -61.15
CA PRO F 124 5.77 45.71 -61.95
C PRO F 124 6.39 46.84 -62.77
N GLY F 125 7.72 46.95 -62.74
CA GLY F 125 8.45 47.93 -63.56
C GLY F 125 8.02 49.36 -63.32
N SER F 126 8.28 50.22 -64.30
CA SER F 126 7.77 51.59 -64.28
C SER F 126 6.29 51.60 -64.72
N ASN F 127 5.72 52.79 -64.92
CA ASN F 127 4.26 52.91 -65.11
C ASN F 127 3.75 52.65 -66.55
N ASP F 128 4.67 52.61 -67.51
CA ASP F 128 4.30 52.74 -68.91
C ASP F 128 4.95 51.69 -69.81
N LEU F 129 5.01 50.46 -69.35
CA LEU F 129 5.48 49.36 -70.18
C LEU F 129 4.37 48.99 -71.15
N ASP F 130 4.69 48.13 -72.10
CA ASP F 130 3.72 47.70 -73.12
C ASP F 130 2.52 46.93 -72.56
N ALA F 131 2.75 46.13 -71.50
CA ALA F 131 1.67 45.36 -70.85
C ALA F 131 2.06 44.93 -69.43
N THR F 132 1.08 44.81 -68.55
CA THR F 132 1.27 44.10 -67.28
C THR F 132 0.39 42.89 -67.32
N VAL F 133 0.98 41.72 -67.18
CA VAL F 133 0.20 40.50 -67.24
C VAL F 133 0.07 39.83 -65.87
N VAL F 134 -1.16 39.76 -65.37
CA VAL F 134 -1.47 38.91 -64.23
C VAL F 134 -2.09 37.67 -64.82
N TYR F 135 -1.26 36.69 -65.11
CA TYR F 135 -1.67 35.52 -65.92
C TYR F 135 -2.89 34.83 -65.36
N GLY F 136 -3.84 34.56 -66.24
CA GLY F 136 -5.13 33.97 -65.88
C GLY F 136 -6.24 35.00 -65.84
N VAL F 137 -5.87 36.28 -65.83
CA VAL F 137 -6.82 37.37 -65.81
C VAL F 137 -6.80 38.12 -67.13
N ASN F 138 -5.63 38.57 -67.58
CA ASN F 138 -5.54 39.38 -68.80
C ASN F 138 -4.44 38.99 -69.76
N GLN F 139 -4.10 37.71 -69.83
CA GLN F 139 -3.09 37.26 -70.78
C GLN F 139 -3.62 37.32 -72.20
N ASP F 140 -4.94 37.23 -72.34
CA ASP F 140 -5.63 37.40 -73.64
C ASP F 140 -5.45 38.79 -74.28
N GLN F 141 -5.05 39.78 -73.49
CA GLN F 141 -4.76 41.12 -73.97
C GLN F 141 -3.32 41.32 -74.40
N LEU F 142 -2.51 40.30 -74.22
CA LEU F 142 -1.18 40.32 -74.79
C LEU F 142 -1.39 40.24 -76.28
N ARG F 143 -0.82 41.21 -76.99
CA ARG F 143 -0.69 41.17 -78.44
C ARG F 143 0.77 40.85 -78.77
N ALA F 144 1.06 40.62 -80.04
CA ALA F 144 2.43 40.30 -80.43
C ALA F 144 3.35 41.51 -80.47
N GLU F 145 2.77 42.72 -80.41
CA GLU F 145 3.57 43.95 -80.48
C GLU F 145 4.07 44.45 -79.12
N HIS F 146 3.53 43.86 -78.03
CA HIS F 146 4.04 44.08 -76.67
C HIS F 146 5.33 43.26 -76.47
N ARG F 147 6.44 43.97 -76.35
CA ARG F 147 7.78 43.35 -76.35
C ARG F 147 8.49 43.54 -75.01
N ILE F 148 8.08 44.56 -74.27
CA ILE F 148 8.57 44.81 -72.95
C ILE F 148 7.39 44.73 -71.98
N VAL F 149 7.29 43.63 -71.26
CA VAL F 149 6.14 43.45 -70.37
C VAL F 149 6.57 43.14 -68.92
N SER F 150 5.68 43.49 -68.00
CA SER F 150 5.82 43.22 -66.56
C SER F 150 4.91 42.08 -66.15
N ASN F 151 5.33 41.31 -65.16
CA ASN F 151 4.55 40.16 -64.68
C ASN F 151 3.85 40.47 -63.36
N ALA F 152 3.68 41.75 -63.07
CA ALA F 152 3.14 42.18 -61.77
C ALA F 152 4.06 41.69 -60.64
N SER F 153 3.58 41.67 -59.41
CA SER F 153 4.36 41.11 -58.29
C SER F 153 3.69 39.84 -57.83
N CYS F 154 4.33 39.11 -56.94
CA CYS F 154 3.75 37.87 -56.41
C CYS F 154 2.48 38.13 -55.63
N THR F 155 2.46 39.22 -54.85
CA THR F 155 1.29 39.54 -54.05
C THR F 155 0.13 40.00 -54.93
N THR F 156 0.41 40.90 -55.87
CA THR F 156 -0.63 41.34 -56.82
C THR F 156 -1.12 40.13 -57.65
N ASN F 157 -0.19 39.28 -58.06
CA ASN F 157 -0.54 38.10 -58.82
C ASN F 157 -1.42 37.16 -58.02
N CYS F 158 -1.26 37.21 -56.72
CA CYS F 158 -2.03 36.38 -55.82
C CYS F 158 -3.45 36.89 -55.66
N ILE F 159 -3.60 38.18 -55.35
CA ILE F 159 -4.91 38.73 -54.95
C ILE F 159 -5.75 39.30 -56.10
N ILE F 160 -5.11 39.80 -57.16
CA ILE F 160 -5.84 40.33 -58.32
C ILE F 160 -6.93 39.36 -58.83
N PRO F 161 -6.58 38.11 -59.11
CA PRO F 161 -7.61 37.19 -59.61
C PRO F 161 -8.84 37.11 -58.72
N VAL F 162 -8.64 37.10 -57.41
CA VAL F 162 -9.76 37.08 -56.46
C VAL F 162 -10.54 38.39 -56.54
N ILE F 163 -9.85 39.52 -56.60
CA ILE F 163 -10.53 40.81 -56.66
C ILE F 163 -11.40 40.90 -57.91
N LYS F 164 -10.88 40.38 -59.01
CA LYS F 164 -11.65 40.32 -60.26
C LYS F 164 -12.90 39.50 -60.09
N LEU F 165 -12.73 38.26 -59.65
CA LEU F 165 -13.86 37.36 -59.43
C LEU F 165 -14.94 37.98 -58.56
N LEU F 166 -14.53 38.65 -57.49
CA LEU F 166 -15.48 39.28 -56.58
C LEU F 166 -16.13 40.51 -57.19
N ASP F 167 -15.34 41.31 -57.88
CA ASP F 167 -15.86 42.52 -58.53
C ASP F 167 -16.88 42.19 -59.61
N ASP F 168 -16.54 41.25 -60.47
CA ASP F 168 -17.44 40.78 -61.55
C ASP F 168 -18.76 40.30 -60.99
N ALA F 169 -18.70 39.55 -59.90
CA ALA F 169 -19.89 38.92 -59.34
C ALA F 169 -20.75 39.86 -58.48
N TYR F 170 -20.12 40.80 -57.76
CA TYR F 170 -20.85 41.59 -56.73
C TYR F 170 -20.63 43.08 -56.80
N GLY F 171 -19.66 43.51 -57.60
CA GLY F 171 -19.36 44.94 -57.74
C GLY F 171 -18.73 45.55 -56.50
N ILE F 172 -17.39 45.56 -56.48
CA ILE F 172 -16.64 46.07 -55.34
C ILE F 172 -16.71 47.57 -55.32
N GLU F 173 -17.02 48.12 -54.16
CA GLU F 173 -17.20 49.55 -53.99
C GLU F 173 -15.93 50.14 -53.40
N SER F 174 -15.34 49.43 -52.43
CA SER F 174 -14.03 49.80 -51.87
C SER F 174 -13.40 48.60 -51.20
N GLY F 175 -12.09 48.65 -51.01
CA GLY F 175 -11.33 47.51 -50.48
C GLY F 175 -10.14 47.88 -49.62
N THR F 176 -9.79 46.97 -48.71
CA THR F 176 -8.66 47.15 -47.80
C THR F 176 -7.99 45.79 -47.61
N VAL F 177 -6.67 45.78 -47.62
CA VAL F 177 -5.92 44.51 -47.59
C VAL F 177 -4.87 44.50 -46.50
N THR F 178 -4.69 43.34 -45.89
CA THR F 178 -3.57 43.11 -44.99
C THR F 178 -2.83 41.91 -45.48
N THR F 179 -1.52 42.07 -45.68
CA THR F 179 -0.67 40.98 -46.15
C THR F 179 0.22 40.51 -45.02
N ILE F 180 0.19 39.21 -44.75
CA ILE F 180 1.06 38.63 -43.74
C ILE F 180 2.17 37.87 -44.48
N HIS F 181 3.35 38.50 -44.53
CA HIS F 181 4.49 37.90 -45.21
C HIS F 181 5.29 37.00 -44.29
N SER F 182 5.93 36.02 -44.89
CA SER F 182 6.91 35.20 -44.19
C SER F 182 8.30 35.86 -44.29
N ALA F 183 9.32 35.25 -43.69
CA ALA F 183 10.68 35.79 -43.74
C ALA F 183 11.56 34.99 -44.70
N ASP F 196 13.83 53.96 -41.96
CA ASP F 196 13.29 52.68 -41.52
C ASP F 196 14.15 51.96 -40.44
N LEU F 197 13.92 52.29 -39.18
CA LEU F 197 14.62 51.64 -38.05
C LEU F 197 13.90 50.35 -37.59
N ARG F 198 13.27 49.64 -38.52
CA ARG F 198 12.59 48.37 -38.25
C ARG F 198 13.37 47.19 -38.85
N ARG F 199 13.83 47.36 -40.10
CA ARG F 199 14.77 46.41 -40.73
C ARG F 199 16.03 46.26 -39.89
N THR F 200 16.38 47.31 -39.15
CA THR F 200 17.60 47.32 -38.29
C THR F 200 17.46 46.45 -37.00
N ARG F 201 16.59 45.43 -37.03
CA ARG F 201 16.21 44.68 -35.81
C ARG F 201 15.78 43.19 -35.99
N ALA F 202 15.64 42.50 -34.84
CA ALA F 202 15.48 41.02 -34.74
C ALA F 202 14.15 40.40 -35.21
N ALA F 203 14.18 39.93 -36.47
CA ALA F 203 13.07 39.30 -37.19
C ALA F 203 12.59 37.89 -36.70
N SER F 204 13.37 37.24 -35.82
CA SER F 204 13.08 35.87 -35.36
C SER F 204 11.92 35.80 -34.34
N GLN F 205 11.45 36.93 -33.81
CA GLN F 205 10.43 36.87 -32.75
C GLN F 205 9.33 37.93 -32.84
N SER F 206 9.27 38.66 -33.96
CA SER F 206 8.33 39.78 -34.04
C SER F 206 7.44 39.82 -35.30
N ILE F 207 6.25 40.38 -35.08
CA ILE F 207 5.40 40.85 -36.15
C ILE F 207 5.96 42.22 -36.50
N ILE F 208 6.38 42.40 -37.74
CA ILE F 208 7.07 43.62 -38.16
C ILE F 208 6.33 44.30 -39.27
N PRO F 209 5.78 45.49 -39.01
CA PRO F 209 5.22 46.21 -40.13
C PRO F 209 6.27 46.46 -41.21
N VAL F 210 5.84 46.44 -42.46
CA VAL F 210 6.72 46.67 -43.60
C VAL F 210 5.92 47.38 -44.64
N ASP F 211 6.59 48.12 -45.49
CA ASP F 211 5.92 48.86 -46.54
C ASP F 211 5.51 47.89 -47.65
N THR F 212 4.39 48.19 -48.31
CA THR F 212 3.82 47.33 -49.32
C THR F 212 3.46 48.09 -50.57
N LYS F 213 3.75 47.50 -51.71
CA LYS F 213 3.40 48.12 -52.99
C LYS F 213 2.10 47.54 -53.56
N LEU F 214 1.22 47.02 -52.70
CA LEU F 214 0.06 46.25 -53.16
C LEU F 214 -1.10 47.15 -53.56
N ALA F 215 -1.43 48.13 -52.72
CA ALA F 215 -2.48 49.10 -53.03
C ALA F 215 -2.17 49.81 -54.35
N ALA F 216 -0.90 50.17 -54.55
CA ALA F 216 -0.42 50.74 -55.82
C ALA F 216 -0.76 49.82 -56.96
N GLY F 217 -0.37 48.56 -56.80
CA GLY F 217 -0.49 47.51 -57.82
C GLY F 217 -1.91 47.18 -58.21
N ILE F 218 -2.81 47.21 -57.24
CA ILE F 218 -4.21 46.90 -57.48
C ILE F 218 -4.86 48.01 -58.27
N THR F 219 -4.72 49.24 -57.78
CA THR F 219 -5.33 50.43 -58.43
C THR F 219 -4.75 50.67 -59.83
N ARG F 220 -3.51 50.26 -60.05
CA ARG F 220 -2.91 50.33 -61.37
C ARG F 220 -3.58 49.34 -62.32
N PHE F 221 -3.75 48.12 -61.88
CA PHE F 221 -4.41 47.09 -62.68
C PHE F 221 -5.92 47.35 -62.84
N PHE F 222 -6.55 47.87 -61.78
CA PHE F 222 -7.96 48.25 -61.79
C PHE F 222 -8.08 49.75 -61.49
N PRO F 223 -7.97 50.61 -62.52
CA PRO F 223 -7.99 52.04 -62.29
C PRO F 223 -9.29 52.55 -61.68
N GLN F 224 -10.39 51.82 -61.88
CA GLN F 224 -11.68 52.19 -61.27
C GLN F 224 -11.62 52.17 -59.73
N PHE F 225 -10.50 51.75 -59.16
CA PHE F 225 -10.37 51.68 -57.71
C PHE F 225 -9.43 52.73 -57.09
N ASN F 226 -9.01 53.71 -57.88
CA ASN F 226 -8.24 54.82 -57.31
C ASN F 226 -8.98 55.42 -56.14
N ASP F 227 -8.26 55.72 -55.07
CA ASP F 227 -8.87 56.26 -53.84
C ASP F 227 -10.00 55.38 -53.30
N ARG F 228 -9.89 54.08 -53.54
CA ARG F 228 -10.87 53.12 -53.04
C ARG F 228 -10.22 51.88 -52.45
N PHE F 229 -8.90 51.81 -52.54
CA PHE F 229 -8.12 50.71 -52.02
C PHE F 229 -6.92 51.18 -51.21
N GLU F 230 -6.71 50.50 -50.08
CA GLU F 230 -5.53 50.72 -49.26
C GLU F 230 -4.94 49.37 -48.86
N ALA F 231 -3.73 49.40 -48.35
CA ALA F 231 -3.06 48.17 -47.94
C ALA F 231 -2.05 48.40 -46.83
N ILE F 232 -1.96 47.47 -45.92
CA ILE F 232 -0.86 47.40 -44.96
C ILE F 232 -0.26 46.00 -45.07
N ALA F 233 0.86 45.79 -44.38
CA ALA F 233 1.51 44.48 -44.40
C ALA F 233 2.40 44.26 -43.18
N VAL F 234 2.52 43.01 -42.76
CA VAL F 234 3.42 42.65 -41.67
C VAL F 234 4.27 41.45 -42.02
N ARG F 235 5.46 41.42 -41.45
CA ARG F 235 6.37 40.29 -41.61
C ARG F 235 6.39 39.49 -40.31
N VAL F 236 6.15 38.19 -40.43
CA VAL F 236 6.22 37.27 -39.28
C VAL F 236 7.24 36.17 -39.57
N PRO F 237 7.82 35.58 -38.53
CA PRO F 237 8.89 34.63 -38.72
C PRO F 237 8.43 33.23 -39.10
N THR F 238 7.65 33.13 -40.16
CA THR F 238 7.25 31.83 -40.69
C THR F 238 8.03 31.54 -41.95
N ILE F 239 7.84 30.34 -42.50
CA ILE F 239 8.56 29.89 -43.68
C ILE F 239 7.73 29.98 -44.97
N ASN F 240 8.25 30.75 -45.92
CA ASN F 240 7.87 30.62 -47.35
C ASN F 240 6.48 31.05 -47.82
N VAL F 241 5.43 30.71 -47.09
CA VAL F 241 4.06 30.99 -47.53
C VAL F 241 3.49 32.29 -46.97
N THR F 242 2.75 32.98 -47.81
CA THR F 242 2.19 34.29 -47.50
C THR F 242 0.67 34.22 -47.44
N ALA F 243 0.10 34.96 -46.49
CA ALA F 243 -1.35 35.05 -46.31
C ALA F 243 -1.83 36.49 -46.60
N ILE F 244 -2.87 36.58 -47.44
CA ILE F 244 -3.46 37.85 -47.80
C ILE F 244 -4.88 37.90 -47.27
N ASP F 245 -5.10 38.91 -46.43
CA ASP F 245 -6.37 39.10 -45.74
C ASP F 245 -7.09 40.25 -46.43
N LEU F 246 -8.03 39.91 -47.31
CA LEU F 246 -8.72 40.88 -48.15
C LEU F 246 -10.07 41.22 -47.59
N SER F 247 -10.37 42.51 -47.52
CA SER F 247 -11.69 42.98 -47.12
C SER F 247 -12.26 43.93 -48.18
N VAL F 248 -13.46 43.63 -48.66
CA VAL F 248 -14.11 44.47 -49.66
C VAL F 248 -15.59 44.74 -49.33
N THR F 249 -16.04 45.95 -49.67
CA THR F 249 -17.47 46.31 -49.66
C THR F 249 -18.02 46.06 -51.06
N VAL F 250 -19.20 45.48 -51.13
CA VAL F 250 -19.83 45.18 -52.42
C VAL F 250 -21.25 45.73 -52.46
N LYS F 251 -21.73 45.91 -53.68
CA LYS F 251 -23.09 46.40 -53.94
C LYS F 251 -24.12 45.32 -53.73
N LYS F 252 -23.95 44.20 -54.45
CA LYS F 252 -24.88 43.06 -54.36
C LYS F 252 -24.82 42.42 -52.95
N PRO F 253 -25.97 42.20 -52.30
CA PRO F 253 -25.94 41.53 -51.00
C PRO F 253 -25.48 40.10 -51.12
N VAL F 254 -24.69 39.64 -50.17
CA VAL F 254 -24.13 38.27 -50.23
C VAL F 254 -24.00 37.58 -48.88
N LYS F 255 -23.91 36.25 -48.95
CA LYS F 255 -23.66 35.41 -47.80
C LYS F 255 -22.31 34.72 -47.95
N ALA F 256 -21.70 34.37 -46.83
CA ALA F 256 -20.38 33.75 -46.81
C ALA F 256 -20.27 32.57 -47.77
N ASN F 257 -21.20 31.63 -47.70
CA ASN F 257 -21.11 30.40 -48.51
C ASN F 257 -21.38 30.62 -50.00
N GLU F 258 -22.13 31.66 -50.33
CA GLU F 258 -22.35 32.04 -51.74
C GLU F 258 -21.01 32.45 -52.36
N VAL F 259 -20.33 33.36 -51.66
CA VAL F 259 -18.98 33.79 -52.00
C VAL F 259 -18.05 32.57 -52.17
N ASN F 260 -18.06 31.68 -51.19
CA ASN F 260 -17.28 30.46 -51.28
C ASN F 260 -17.62 29.66 -52.52
N LEU F 261 -18.90 29.54 -52.81
CA LEU F 261 -19.35 28.73 -53.94
C LEU F 261 -18.84 29.34 -55.25
N LEU F 262 -18.94 30.66 -55.34
CA LEU F 262 -18.44 31.39 -56.50
C LEU F 262 -16.99 31.06 -56.73
N LEU F 263 -16.19 31.24 -55.68
CA LEU F 263 -14.74 31.06 -55.75
C LEU F 263 -14.36 29.61 -56.05
N GLN F 264 -15.05 28.67 -55.41
CA GLN F 264 -14.84 27.25 -55.64
C GLN F 264 -15.10 26.87 -57.09
N LYS F 265 -16.15 27.46 -57.67
CA LYS F 265 -16.49 27.24 -59.07
C LYS F 265 -15.40 27.77 -59.99
N ALA F 266 -14.95 28.98 -59.70
CA ALA F 266 -13.86 29.60 -60.46
C ALA F 266 -12.64 28.68 -60.46
N ALA F 267 -12.33 28.08 -59.31
CA ALA F 267 -11.16 27.24 -59.13
C ALA F 267 -11.21 25.97 -59.97
N GLN F 268 -12.43 25.47 -60.20
CA GLN F 268 -12.67 24.28 -61.06
C GLN F 268 -12.90 24.64 -62.53
N GLY F 269 -13.23 25.91 -62.78
CA GLY F 269 -13.53 26.38 -64.13
C GLY F 269 -12.54 27.35 -64.75
N ALA F 270 -12.97 28.60 -64.92
CA ALA F 270 -12.20 29.63 -65.61
C ALA F 270 -10.80 29.83 -65.06
N PHE F 271 -10.61 29.63 -63.75
CA PHE F 271 -9.32 29.88 -63.09
C PHE F 271 -8.61 28.61 -62.62
N HIS F 272 -8.92 27.49 -63.27
CA HIS F 272 -8.25 26.24 -62.94
C HIS F 272 -6.76 26.38 -63.17
N GLY F 273 -5.99 25.93 -62.18
CA GLY F 273 -4.52 26.01 -62.22
C GLY F 273 -3.96 27.34 -61.74
N ILE F 274 -4.79 28.38 -61.71
CA ILE F 274 -4.37 29.70 -61.26
C ILE F 274 -4.89 30.00 -59.85
N VAL F 275 -6.19 29.83 -59.65
CA VAL F 275 -6.78 29.94 -58.32
C VAL F 275 -7.22 28.57 -57.85
N ASP F 276 -6.96 28.29 -56.58
CA ASP F 276 -7.45 27.06 -55.95
C ASP F 276 -8.32 27.41 -54.77
N TYR F 277 -9.13 26.44 -54.36
CA TYR F 277 -10.05 26.61 -53.26
C TYR F 277 -9.94 25.42 -52.35
N THR F 278 -10.01 25.66 -51.06
CA THR F 278 -9.99 24.58 -50.11
C THR F 278 -10.80 24.91 -48.86
N GLU F 279 -11.37 23.85 -48.29
CA GLU F 279 -12.11 23.91 -47.02
C GLU F 279 -11.46 23.03 -45.97
N LEU F 280 -10.40 22.33 -46.37
CA LEU F 280 -9.67 21.43 -45.47
C LEU F 280 -9.01 22.26 -44.39
N PRO F 281 -8.80 21.66 -43.20
CA PRO F 281 -8.13 22.34 -42.10
C PRO F 281 -6.62 22.30 -42.29
N LEU F 282 -6.09 23.32 -42.96
CA LEU F 282 -4.67 23.37 -43.29
C LEU F 282 -3.97 24.55 -42.63
N VAL F 283 -2.65 24.53 -42.66
CA VAL F 283 -1.84 25.64 -42.17
C VAL F 283 -0.91 26.08 -43.30
N SER F 284 -0.27 27.24 -43.14
CA SER F 284 0.44 27.89 -44.26
C SER F 284 1.39 26.93 -45.01
N VAL F 285 2.22 26.22 -44.25
CA VAL F 285 3.23 25.34 -44.81
C VAL F 285 2.64 24.29 -45.74
N ASP F 286 1.35 24.04 -45.65
CA ASP F 286 0.72 23.04 -46.54
C ASP F 286 0.61 23.54 -47.98
N PHE F 287 0.77 24.85 -48.18
CA PHE F 287 0.73 25.44 -49.49
C PHE F 287 2.13 25.72 -50.02
N ASN F 288 3.12 25.29 -49.26
CA ASN F 288 4.52 25.33 -49.71
C ASN F 288 4.65 24.55 -51.00
N HIS F 289 5.27 25.18 -51.99
CA HIS F 289 5.49 24.55 -53.29
C HIS F 289 4.18 24.31 -54.05
N ASP F 290 3.17 25.12 -53.77
CA ASP F 290 1.92 25.05 -54.53
C ASP F 290 2.00 26.04 -55.71
N PRO F 291 1.82 25.54 -56.94
CA PRO F 291 1.90 26.30 -58.20
C PRO F 291 0.77 27.30 -58.45
N HIS F 292 -0.29 27.25 -57.66
CA HIS F 292 -1.37 28.20 -57.84
C HIS F 292 -0.94 29.60 -57.46
N SER F 293 -1.47 30.60 -58.15
CA SER F 293 -1.21 31.99 -57.82
C SER F 293 -1.82 32.35 -56.48
N ALA F 294 -2.92 31.67 -56.19
CA ALA F 294 -3.72 31.95 -55.00
C ALA F 294 -4.52 30.71 -54.60
N ILE F 295 -4.56 30.42 -53.31
CA ILE F 295 -5.44 29.38 -52.78
C ILE F 295 -6.39 30.03 -51.78
N VAL F 296 -7.67 29.95 -52.06
CA VAL F 296 -8.68 30.56 -51.18
C VAL F 296 -9.05 29.61 -50.05
N ASP F 297 -9.00 30.12 -48.83
CA ASP F 297 -9.36 29.33 -47.67
C ASP F 297 -10.80 29.57 -47.32
N GLY F 298 -11.66 28.67 -47.78
CA GLY F 298 -13.11 28.76 -47.60
C GLY F 298 -13.55 28.89 -46.15
N THR F 299 -12.85 28.19 -45.26
CA THR F 299 -13.18 28.18 -43.84
C THR F 299 -12.99 29.56 -43.19
N GLN F 300 -12.31 30.46 -43.87
CA GLN F 300 -12.04 31.78 -43.29
C GLN F 300 -12.88 32.88 -43.90
N THR F 301 -13.70 32.53 -44.90
CA THR F 301 -14.59 33.52 -45.54
C THR F 301 -15.65 34.01 -44.55
N ARG F 302 -15.88 35.31 -44.57
CA ARG F 302 -16.90 35.94 -43.71
C ARG F 302 -17.62 37.04 -44.47
N VAL F 303 -18.85 37.32 -44.08
CA VAL F 303 -19.54 38.49 -44.61
C VAL F 303 -20.18 39.22 -43.46
N SER F 304 -19.87 40.50 -43.32
CA SER F 304 -20.41 41.34 -42.24
C SER F 304 -21.56 42.21 -42.74
N GLY F 305 -22.72 42.07 -42.13
CA GLY F 305 -23.94 42.55 -42.76
C GLY F 305 -24.10 41.69 -44.01
N ALA F 306 -24.46 42.29 -45.14
CA ALA F 306 -24.58 41.54 -46.39
C ALA F 306 -23.58 42.04 -47.42
N HIS F 307 -22.73 42.97 -47.02
CA HIS F 307 -21.94 43.80 -47.95
C HIS F 307 -20.43 43.89 -47.72
N LEU F 308 -19.94 43.46 -46.56
CA LEU F 308 -18.50 43.48 -46.22
C LEU F 308 -17.89 42.09 -46.21
N ILE F 309 -17.14 41.76 -47.27
CA ILE F 309 -16.61 40.41 -47.45
C ILE F 309 -15.18 40.34 -46.93
N LYS F 310 -14.91 39.39 -46.05
CA LYS F 310 -13.52 39.05 -45.70
C LYS F 310 -13.16 37.71 -46.31
N THR F 311 -12.02 37.68 -46.99
CA THR F 311 -11.50 36.43 -47.52
C THR F 311 -10.01 36.34 -47.25
N LEU F 312 -9.57 35.18 -46.80
CA LEU F 312 -8.15 34.92 -46.57
C LEU F 312 -7.64 34.07 -47.70
N VAL F 313 -6.61 34.57 -48.37
CA VAL F 313 -6.00 33.84 -49.49
C VAL F 313 -4.54 33.53 -49.18
N TRP F 314 -4.18 32.25 -49.31
CA TRP F 314 -2.80 31.81 -49.18
C TRP F 314 -2.13 31.88 -50.54
N CYS F 315 -0.82 32.03 -50.53
CA CYS F 315 0.02 31.78 -51.73
C CYS F 315 1.47 31.47 -51.34
N ASP F 316 2.11 30.61 -52.10
CA ASP F 316 3.56 30.50 -52.05
C ASP F 316 4.10 31.70 -52.83
N ASN F 317 4.60 32.67 -52.08
CA ASN F 317 4.99 33.98 -52.64
C ASN F 317 6.08 33.93 -53.72
N GLU F 318 6.72 32.77 -53.87
CA GLU F 318 7.74 32.60 -54.88
C GLU F 318 7.35 31.60 -55.94
N TRP F 319 6.89 30.44 -55.51
CA TRP F 319 6.65 29.36 -56.45
C TRP F 319 5.52 29.68 -57.44
N GLY F 320 4.43 30.21 -56.90
CA GLY F 320 3.29 30.61 -57.72
C GLY F 320 3.79 31.58 -58.79
N PHE F 321 4.38 32.67 -58.32
CA PHE F 321 4.88 33.70 -59.20
C PHE F 321 5.84 33.15 -60.25
N ALA F 322 6.72 32.26 -59.84
CA ALA F 322 7.72 31.66 -60.72
C ALA F 322 7.07 30.90 -61.88
N ASN F 323 6.01 30.16 -61.56
CA ASN F 323 5.28 29.43 -62.59
C ASN F 323 4.49 30.34 -63.51
N ARG F 324 3.99 31.45 -62.98
CA ARG F 324 3.33 32.46 -63.79
C ARG F 324 4.32 33.13 -64.74
N MET F 325 5.57 33.30 -64.32
CA MET F 325 6.59 33.86 -65.19
C MET F 325 6.70 32.99 -66.44
N LEU F 326 6.68 31.69 -66.22
CA LEU F 326 6.79 30.74 -67.30
C LEU F 326 5.54 30.75 -68.14
N ASP F 327 4.38 30.85 -67.50
CA ASP F 327 3.11 30.91 -68.24
C ASP F 327 3.08 32.14 -69.15
N THR F 328 3.42 33.29 -68.59
CA THR F 328 3.42 34.53 -69.34
C THR F 328 4.44 34.46 -70.48
N THR F 329 5.61 33.90 -70.20
CA THR F 329 6.65 33.75 -71.20
C THR F 329 6.10 33.02 -72.40
N LEU F 330 5.47 31.87 -72.16
CA LEU F 330 4.90 31.08 -73.25
C LEU F 330 3.93 31.89 -74.10
N ALA F 331 3.01 32.57 -73.44
CA ALA F 331 2.04 33.42 -74.11
C ALA F 331 2.74 34.46 -75.00
N MET F 332 3.77 35.11 -74.45
CA MET F 332 4.51 36.12 -75.19
C MET F 332 5.19 35.56 -76.46
N ALA F 333 5.80 34.39 -76.33
CA ALA F 333 6.50 33.78 -77.45
C ALA F 333 5.53 33.23 -78.49
N THR F 334 4.29 32.94 -78.06
CA THR F 334 3.27 32.30 -78.91
C THR F 334 2.40 33.29 -79.65
N VAL F 335 1.96 34.31 -78.92
CA VAL F 335 0.98 35.26 -79.40
C VAL F 335 1.26 35.54 -80.86
N ALA F 336 0.36 35.06 -81.70
CA ALA F 336 0.45 35.28 -83.13
C ALA F 336 -0.25 36.59 -83.46
N PHE F 337 -0.04 37.00 -84.70
CA PHE F 337 -0.57 38.25 -85.17
C PHE F 337 -2.00 38.16 -85.72
N ARG F 338 -2.36 37.24 -86.47
N THR G 1 34.23 60.69 -10.45
CA THR G 1 33.69 59.68 -11.41
C THR G 1 34.63 59.51 -12.59
N VAL G 2 34.88 58.26 -12.94
CA VAL G 2 35.65 57.89 -14.14
C VAL G 2 34.82 58.27 -15.36
N ARG G 3 35.42 58.93 -16.33
CA ARG G 3 34.67 59.28 -17.47
C ARG G 3 35.12 58.46 -18.63
N VAL G 4 34.15 57.98 -19.36
CA VAL G 4 34.39 57.15 -20.53
C VAL G 4 33.68 57.68 -21.75
N ALA G 5 34.31 57.45 -22.88
CA ALA G 5 33.71 57.70 -24.16
C ALA G 5 33.50 56.34 -24.81
N ILE G 6 32.46 56.25 -25.64
CA ILE G 6 32.21 55.01 -26.42
C ILE G 6 32.37 55.25 -27.91
N ASN G 7 33.30 54.53 -28.49
CA ASN G 7 33.48 54.55 -29.94
C ASN G 7 32.73 53.39 -30.54
N GLY G 8 31.72 53.70 -31.33
CA GLY G 8 30.86 52.69 -31.91
C GLY G 8 29.65 52.42 -31.01
N PHE G 9 28.46 52.74 -31.51
CA PHE G 9 27.23 52.58 -30.76
C PHE G 9 26.38 51.48 -31.40
N GLY G 10 27.02 50.33 -31.62
CA GLY G 10 26.33 49.17 -32.13
C GLY G 10 25.59 48.44 -31.01
N ARG G 11 25.46 47.13 -31.16
CA ARG G 11 24.77 46.32 -30.18
C ARG G 11 25.48 46.42 -28.84
N ILE G 12 26.78 46.18 -28.85
CA ILE G 12 27.56 46.13 -27.61
C ILE G 12 27.66 47.50 -26.94
N GLY G 13 27.92 48.53 -27.75
CA GLY G 13 27.99 49.88 -27.25
C GLY G 13 26.71 50.28 -26.55
N ARG G 14 25.59 49.99 -27.18
CA ARG G 14 24.31 50.33 -26.61
C ARG G 14 24.12 49.66 -25.27
N ASN G 15 24.47 48.39 -25.21
CA ASN G 15 24.33 47.59 -24.00
C ASN G 15 25.21 48.08 -22.86
N VAL G 16 26.43 48.49 -23.20
CA VAL G 16 27.33 49.06 -22.20
C VAL G 16 26.67 50.25 -21.51
N VAL G 17 26.06 51.11 -22.30
CA VAL G 17 25.33 52.24 -21.74
C VAL G 17 24.18 51.77 -20.87
N ARG G 18 23.32 50.94 -21.42
CA ARG G 18 22.19 50.41 -20.65
C ARG G 18 22.67 49.78 -19.34
N ALA G 19 23.76 49.02 -19.43
CA ALA G 19 24.33 48.32 -18.29
C ALA G 19 24.83 49.28 -17.23
N LEU G 20 25.48 50.34 -17.68
CA LEU G 20 26.02 51.35 -16.77
C LEU G 20 24.93 51.85 -15.85
N TYR G 21 23.77 52.15 -16.42
CA TYR G 21 22.66 52.71 -15.66
C TYR G 21 21.96 51.69 -14.80
N GLU G 22 21.60 50.55 -15.40
CA GLU G 22 20.87 49.49 -14.69
C GLU G 22 21.68 48.85 -13.60
N SER G 23 22.98 48.65 -13.86
CA SER G 23 23.85 48.05 -12.86
C SER G 23 23.97 48.91 -11.61
N GLY G 24 23.55 50.17 -11.71
CA GLY G 24 23.70 51.11 -10.63
C GLY G 24 25.12 51.64 -10.62
N ARG G 25 25.93 51.21 -11.59
CA ARG G 25 27.34 51.58 -11.61
C ARG G 25 27.52 52.96 -12.23
N ARG G 26 26.41 53.69 -12.34
CA ARG G 26 26.44 55.08 -12.82
C ARG G 26 27.06 56.00 -11.76
N ALA G 27 27.04 55.57 -10.50
CA ALA G 27 27.69 56.31 -9.41
C ALA G 27 29.22 56.36 -9.53
N GLU G 28 29.84 55.34 -10.11
CA GLU G 28 31.30 55.30 -10.28
C GLU G 28 31.81 55.77 -11.65
N ILE G 29 31.06 55.47 -12.73
CA ILE G 29 31.47 55.79 -14.13
C ILE G 29 30.44 56.64 -14.89
N THR G 30 30.91 57.59 -15.72
CA THR G 30 30.04 58.43 -16.58
C THR G 30 30.40 58.38 -18.07
N VAL G 31 29.38 58.30 -18.93
CA VAL G 31 29.59 58.38 -20.39
C VAL G 31 29.43 59.83 -20.77
N VAL G 32 30.48 60.38 -21.37
CA VAL G 32 30.52 61.79 -21.76
C VAL G 32 30.31 61.95 -23.26
N ALA G 33 30.78 60.98 -24.04
CA ALA G 33 30.63 61.05 -25.49
C ALA G 33 30.44 59.68 -26.14
N ILE G 34 29.62 59.67 -27.18
CA ILE G 34 29.49 58.49 -28.04
C ILE G 34 29.80 58.92 -29.46
N ASN G 35 30.63 58.17 -30.16
CA ASN G 35 30.99 58.49 -31.53
C ASN G 35 30.43 57.46 -32.46
N GLU G 36 29.55 57.88 -33.36
CA GLU G 36 28.83 56.95 -34.23
C GLU G 36 28.78 57.43 -35.68
N LEU G 37 28.79 56.48 -36.62
CA LEU G 37 28.56 56.76 -38.05
C LEU G 37 27.07 56.84 -38.45
N ALA G 38 26.16 56.42 -37.57
CA ALA G 38 24.72 56.51 -37.86
C ALA G 38 24.14 57.89 -37.52
N ASP G 39 22.86 58.07 -37.85
CA ASP G 39 22.13 59.29 -37.53
C ASP G 39 22.19 59.40 -36.01
N ALA G 40 21.85 60.55 -35.44
CA ALA G 40 21.81 60.69 -33.97
C ALA G 40 20.55 60.10 -33.33
N ALA G 41 19.37 60.46 -33.85
CA ALA G 41 18.10 59.86 -33.38
C ALA G 41 18.07 58.36 -33.66
N GLY G 42 18.67 57.95 -34.77
CA GLY G 42 18.87 56.53 -35.05
C GLY G 42 19.33 55.82 -33.79
N MET G 43 20.34 56.41 -33.16
CA MET G 43 20.91 55.88 -31.92
C MET G 43 19.95 55.98 -30.74
N ALA G 44 19.34 57.15 -30.54
CA ALA G 44 18.44 57.33 -29.39
C ALA G 44 17.34 56.29 -29.42
N HIS G 45 16.77 56.08 -30.59
CA HIS G 45 15.69 55.10 -30.76
C HIS G 45 16.17 53.69 -30.43
N LEU G 46 17.21 53.23 -31.10
CA LEU G 46 17.78 51.92 -30.84
C LEU G 46 18.25 51.72 -29.40
N LEU G 47 18.68 52.78 -28.74
CA LEU G 47 19.01 52.68 -27.33
C LEU G 47 17.77 52.42 -26.50
N LYS G 48 16.66 53.06 -26.87
CA LYS G 48 15.42 52.94 -26.10
C LYS G 48 14.72 51.59 -26.27
N TYR G 49 14.72 51.08 -27.49
CA TYR G 49 13.99 49.85 -27.84
C TYR G 49 14.94 48.76 -28.31
N ASP G 50 15.06 47.65 -27.58
CA ASP G 50 15.64 46.51 -28.27
C ASP G 50 15.06 45.13 -27.99
N THR G 51 14.96 44.45 -29.15
CA THR G 51 14.32 43.17 -29.44
C THR G 51 14.83 41.99 -28.62
N SER G 52 16.09 42.11 -28.18
CA SER G 52 16.68 41.15 -27.27
C SER G 52 16.05 41.25 -25.86
N HIS G 53 15.87 42.47 -25.35
CA HIS G 53 15.51 42.70 -23.94
C HIS G 53 14.08 43.28 -23.76
N GLY G 54 13.99 44.52 -23.25
CA GLY G 54 12.73 45.27 -23.16
C GLY G 54 13.00 46.74 -23.48
N ARG G 55 11.98 47.59 -23.27
CA ARG G 55 12.10 49.06 -23.36
C ARG G 55 13.06 49.49 -22.28
N PHE G 56 14.02 50.35 -22.63
CA PHE G 56 14.98 50.85 -21.64
C PHE G 56 14.21 51.63 -20.56
N ALA G 57 14.43 51.24 -19.31
CA ALA G 57 13.72 51.80 -18.17
C ALA G 57 13.94 53.32 -18.01
N TRP G 58 15.08 53.81 -18.45
CA TRP G 58 15.41 55.23 -18.37
C TRP G 58 14.79 56.00 -19.52
N GLU G 59 14.66 57.32 -19.32
CA GLU G 59 14.06 58.16 -20.34
C GLU G 59 15.13 58.63 -21.32
N VAL G 60 14.93 58.33 -22.60
CA VAL G 60 15.91 58.63 -23.64
C VAL G 60 15.39 59.71 -24.58
N ARG G 61 16.04 60.87 -24.59
CA ARG G 61 15.67 61.98 -25.52
C ARG G 61 16.78 62.10 -26.61
N GLN G 62 16.67 63.04 -27.54
CA GLN G 62 17.69 63.19 -28.58
C GLN G 62 17.60 64.53 -29.30
N GLU G 63 18.69 65.31 -29.26
CA GLU G 63 18.78 66.61 -29.97
C GLU G 63 20.15 66.78 -30.63
N ARG G 64 20.18 66.50 -31.93
CA ARG G 64 21.28 66.85 -32.82
C ARG G 64 22.68 66.26 -32.45
N ASP G 65 23.51 67.02 -31.74
CA ASP G 65 24.84 66.53 -31.35
C ASP G 65 24.75 65.97 -29.92
N GLN G 66 23.54 65.92 -29.36
CA GLN G 66 23.34 65.43 -28.01
C GLN G 66 22.59 64.11 -27.93
N LEU G 67 22.66 63.49 -26.75
CA LEU G 67 21.84 62.35 -26.35
C LEU G 67 21.62 62.42 -24.84
N PHE G 68 20.38 62.18 -24.41
CA PHE G 68 20.02 62.27 -23.01
C PHE G 68 19.54 60.93 -22.49
N VAL G 69 20.19 60.48 -21.43
CA VAL G 69 19.76 59.34 -20.66
C VAL G 69 19.56 59.87 -19.27
N GLY G 70 18.31 59.94 -18.84
CA GLY G 70 17.98 60.60 -17.59
C GLY G 70 18.41 62.04 -17.76
N ASP G 71 18.94 62.62 -16.68
CA ASP G 71 19.45 63.99 -16.69
C ASP G 71 20.83 64.15 -17.37
N ASP G 72 21.49 63.06 -17.69
CA ASP G 72 22.86 63.15 -18.20
C ASP G 72 22.98 63.50 -19.69
N ALA G 73 23.95 64.36 -20.01
CA ALA G 73 24.21 64.80 -21.37
C ALA G 73 25.35 63.99 -21.95
N ILE G 74 25.21 63.58 -23.20
CA ILE G 74 26.25 62.75 -23.82
C ILE G 74 26.54 63.25 -25.23
N ARG G 75 27.73 63.80 -25.42
CA ARG G 75 28.03 64.47 -26.68
C ARG G 75 28.12 63.42 -27.82
N VAL G 76 27.25 63.58 -28.80
CA VAL G 76 27.19 62.64 -29.90
C VAL G 76 28.10 63.18 -30.99
N LEU G 77 29.05 62.34 -31.39
CA LEU G 77 30.02 62.71 -32.43
C LEU G 77 29.83 61.82 -33.62
N HIS G 78 30.32 62.29 -34.76
CA HIS G 78 30.26 61.53 -36.01
C HIS G 78 31.60 61.52 -36.78
N GLU G 79 32.72 61.21 -36.11
CA GLU G 79 34.08 61.22 -36.75
C GLU G 79 34.57 59.90 -37.38
N ARG G 80 34.93 59.92 -38.67
CA ARG G 80 35.42 58.74 -39.41
C ARG G 80 36.92 58.48 -39.22
N SER G 81 37.60 59.33 -38.45
CA SER G 81 39.00 59.06 -38.11
C SER G 81 39.30 59.43 -36.67
N LEU G 82 40.14 58.58 -36.07
CA LEU G 82 40.40 58.56 -34.64
C LEU G 82 41.16 59.83 -34.21
N GLN G 83 42.10 60.23 -35.06
CA GLN G 83 42.86 61.51 -34.98
C GLN G 83 41.96 62.67 -34.56
N SER G 84 40.82 62.81 -35.23
CA SER G 84 39.99 63.99 -35.04
C SER G 84 39.02 63.88 -33.85
N LEU G 85 39.16 62.83 -33.05
CA LEU G 85 38.28 62.63 -31.87
C LEU G 85 38.69 63.58 -30.73
N PRO G 86 37.73 64.34 -30.20
CA PRO G 86 37.99 65.32 -29.16
C PRO G 86 38.08 64.72 -27.77
N TRP G 87 38.87 63.66 -27.63
CA TRP G 87 39.00 63.00 -26.33
C TRP G 87 39.66 63.90 -25.28
N ARG G 88 40.70 64.60 -25.71
CA ARG G 88 41.42 65.55 -24.85
C ARG G 88 40.48 66.61 -24.31
N GLU G 89 39.75 67.24 -25.23
CA GLU G 89 38.76 68.27 -24.90
C GLU G 89 37.76 67.79 -23.82
N LEU G 90 37.39 66.51 -23.86
CA LEU G 90 36.35 65.97 -22.97
C LEU G 90 36.89 65.31 -21.70
N GLY G 91 38.21 65.18 -21.65
CA GLY G 91 38.89 64.62 -20.50
C GLY G 91 38.66 63.12 -20.31
N VAL G 92 38.54 62.41 -21.42
CA VAL G 92 38.26 60.97 -21.41
C VAL G 92 39.36 60.16 -20.71
N ASP G 93 38.96 59.44 -19.66
CA ASP G 93 39.85 58.55 -18.90
C ASP G 93 40.02 57.20 -19.61
N VAL G 94 38.91 56.65 -20.08
CA VAL G 94 38.93 55.42 -20.88
C VAL G 94 38.00 55.51 -22.08
N VAL G 95 38.50 55.11 -23.24
CA VAL G 95 37.66 54.95 -24.41
C VAL G 95 37.34 53.48 -24.57
N LEU G 96 36.05 53.18 -24.53
CA LEU G 96 35.56 51.84 -24.84
C LEU G 96 35.25 51.81 -26.31
N ASP G 97 36.08 51.11 -27.07
CA ASP G 97 35.86 51.02 -28.50
C ASP G 97 35.08 49.77 -28.81
N CYS G 98 33.84 49.98 -29.22
CA CYS G 98 32.91 48.89 -29.52
C CYS G 98 32.49 48.89 -30.99
N THR G 99 33.39 49.37 -31.85
CA THR G 99 33.10 49.49 -33.27
C THR G 99 33.20 48.14 -33.93
N GLY G 100 34.09 47.32 -33.42
CA GLY G 100 34.40 46.02 -34.03
C GLY G 100 35.30 46.10 -35.25
N VAL G 101 35.56 47.32 -35.71
CA VAL G 101 36.51 47.54 -36.80
C VAL G 101 37.93 47.80 -36.28
N TYR G 102 38.05 48.68 -35.29
CA TYR G 102 39.37 49.00 -34.70
C TYR G 102 39.83 47.95 -33.68
N GLY G 103 41.13 47.69 -33.64
CA GLY G 103 41.67 46.70 -32.70
C GLY G 103 43.19 46.44 -32.60
N SER G 104 44.02 47.08 -33.43
CA SER G 104 45.47 46.91 -33.28
C SER G 104 46.04 48.00 -32.39
N ARG G 105 47.29 47.81 -31.96
CA ARG G 105 48.04 48.81 -31.18
C ARG G 105 47.82 50.23 -31.70
N GLU G 106 48.04 50.41 -32.99
CA GLU G 106 48.07 51.73 -33.63
C GLU G 106 46.76 52.47 -33.41
N HIS G 107 45.67 51.74 -33.53
CA HIS G 107 44.34 52.28 -33.26
C HIS G 107 44.25 52.74 -31.82
N GLY G 108 44.82 51.95 -30.93
CA GLY G 108 44.93 52.33 -29.52
C GLY G 108 45.69 53.62 -29.36
N GLU G 109 46.90 53.65 -29.92
CA GLU G 109 47.78 54.83 -29.85
C GLU G 109 46.98 56.06 -30.36
N ALA G 110 46.32 55.86 -31.50
CA ALA G 110 45.53 56.90 -32.15
C ALA G 110 44.51 57.51 -31.18
N HIS G 111 43.81 56.65 -30.45
CA HIS G 111 42.84 57.10 -29.45
C HIS G 111 43.50 57.92 -28.35
N ILE G 112 44.63 57.39 -27.86
CA ILE G 112 45.40 58.06 -26.81
C ILE G 112 45.95 59.40 -27.33
N ALA G 113 46.54 59.37 -28.52
CA ALA G 113 46.97 60.58 -29.23
C ALA G 113 45.86 61.63 -29.29
N ALA G 114 44.64 61.19 -29.58
CA ALA G 114 43.47 62.09 -29.64
C ALA G 114 43.06 62.66 -28.24
N GLY G 115 43.63 62.08 -27.19
CA GLY G 115 43.49 62.63 -25.84
C GLY G 115 42.93 61.70 -24.76
N ALA G 116 42.87 60.42 -25.07
CA ALA G 116 42.30 59.45 -24.14
C ALA G 116 43.42 58.79 -23.37
N LYS G 117 43.24 58.66 -22.07
CA LYS G 117 44.29 58.09 -21.22
C LYS G 117 44.51 56.62 -21.52
N LYS G 118 43.42 55.88 -21.58
CA LYS G 118 43.49 54.45 -21.88
C LYS G 118 42.41 54.02 -22.86
N VAL G 119 42.62 52.86 -23.47
CA VAL G 119 41.70 52.28 -24.45
C VAL G 119 41.32 50.86 -24.06
N LEU G 120 40.03 50.53 -24.22
CA LEU G 120 39.53 49.16 -24.00
C LEU G 120 38.72 48.66 -25.20
N PHE G 121 39.18 47.60 -25.83
CA PHE G 121 38.49 47.05 -26.98
C PHE G 121 37.46 45.99 -26.60
N SER G 122 36.32 46.04 -27.26
CA SER G 122 35.21 45.10 -27.02
C SER G 122 35.40 43.78 -27.77
N HIS G 123 36.64 43.42 -28.05
CA HIS G 123 36.93 42.16 -28.71
C HIS G 123 38.41 41.81 -28.55
N PRO G 124 38.83 40.64 -29.10
CA PRO G 124 40.23 40.22 -29.05
C PRO G 124 41.21 41.12 -29.79
N GLY G 125 40.94 41.38 -31.07
CA GLY G 125 41.85 42.16 -31.92
C GLY G 125 43.12 41.39 -32.21
N SER G 126 44.10 42.07 -32.78
CA SER G 126 45.41 41.45 -33.01
C SER G 126 46.17 41.24 -31.66
N ASN G 127 47.06 40.26 -31.68
CA ASN G 127 47.70 39.64 -30.48
C ASN G 127 48.51 40.54 -29.52
N ASP G 128 49.21 41.52 -30.09
CA ASP G 128 50.24 42.25 -29.40
C ASP G 128 49.80 43.41 -28.46
N LEU G 129 48.54 43.43 -28.00
CA LEU G 129 48.13 44.54 -27.17
C LEU G 129 48.58 44.29 -25.72
N ASP G 130 48.56 45.37 -24.92
CA ASP G 130 49.13 45.37 -23.56
C ASP G 130 48.65 44.19 -22.70
N ALA G 131 47.34 43.89 -22.74
CA ALA G 131 46.78 42.74 -22.02
C ALA G 131 45.35 42.41 -22.46
N THR G 132 44.98 41.12 -22.43
CA THR G 132 43.59 40.70 -22.64
C THR G 132 43.02 40.35 -21.26
N VAL G 133 42.00 41.10 -20.79
CA VAL G 133 41.38 40.86 -19.46
C VAL G 133 40.08 40.08 -19.59
N VAL G 134 40.06 38.89 -18.98
CA VAL G 134 38.85 38.14 -18.74
C VAL G 134 38.52 38.41 -17.28
N TYR G 135 37.70 39.43 -17.05
CA TYR G 135 37.46 39.92 -15.70
C TYR G 135 36.99 38.80 -14.78
N GLY G 136 37.58 38.74 -13.59
CA GLY G 136 37.30 37.70 -12.59
C GLY G 136 38.37 36.61 -12.58
N VAL G 137 39.20 36.59 -13.61
CA VAL G 137 40.27 35.61 -13.74
C VAL G 137 41.64 36.30 -13.60
N ASN G 138 41.89 37.30 -14.43
CA ASN G 138 43.20 37.95 -14.45
C ASN G 138 43.18 39.48 -14.46
N GLN G 139 42.21 40.08 -13.80
CA GLN G 139 42.19 41.54 -13.69
C GLN G 139 43.27 42.04 -12.74
N ASP G 140 43.66 41.18 -11.79
CA ASP G 140 44.78 41.46 -10.87
C ASP G 140 46.12 41.66 -11.59
N GLN G 141 46.24 41.20 -12.83
CA GLN G 141 47.45 41.40 -13.66
C GLN G 141 47.51 42.74 -14.43
N LEU G 142 46.72 43.73 -14.03
CA LEU G 142 46.78 45.05 -14.69
C LEU G 142 47.75 46.03 -14.01
N ARG G 143 48.84 46.31 -14.69
CA ARG G 143 49.74 47.39 -14.32
C ARG G 143 49.20 48.68 -14.96
N ALA G 144 49.74 49.83 -14.60
CA ALA G 144 49.35 51.11 -15.22
C ALA G 144 49.91 51.31 -16.65
N GLU G 145 50.96 50.55 -17.00
CA GLU G 145 51.56 50.58 -18.35
C GLU G 145 50.61 49.98 -19.39
N HIS G 146 49.67 49.19 -18.89
CA HIS G 146 48.60 48.65 -19.70
C HIS G 146 47.60 49.79 -20.02
N ARG G 147 47.72 50.34 -21.22
CA ARG G 147 46.89 51.48 -21.67
C ARG G 147 45.98 51.10 -22.84
N ILE G 148 46.39 50.09 -23.60
CA ILE G 148 45.61 49.55 -24.69
C ILE G 148 45.29 48.09 -24.38
N VAL G 149 44.06 47.82 -23.94
CA VAL G 149 43.71 46.47 -23.50
C VAL G 149 42.47 45.94 -24.21
N SER G 150 42.41 44.62 -24.32
CA SER G 150 41.30 43.88 -24.92
C SER G 150 40.48 43.22 -23.83
N ASN G 151 39.17 43.16 -24.03
CA ASN G 151 38.25 42.55 -23.06
C ASN G 151 37.87 41.10 -23.41
N ALA G 152 38.66 40.47 -24.28
CA ALA G 152 38.33 39.15 -24.81
C ALA G 152 37.02 39.23 -25.64
N SER G 153 36.36 38.10 -25.86
CA SER G 153 35.03 38.09 -26.48
C SER G 153 34.03 37.61 -25.47
N CYS G 154 32.74 37.70 -25.79
CA CYS G 154 31.68 37.23 -24.89
C CYS G 154 31.73 35.73 -24.64
N THR G 155 32.05 34.96 -25.67
CA THR G 155 32.16 33.50 -25.53
C THR G 155 33.41 33.11 -24.73
N THR G 156 34.54 33.72 -25.02
CA THR G 156 35.75 33.47 -24.23
C THR G 156 35.53 33.95 -22.79
N ASN G 157 34.92 35.10 -22.64
CA ASN G 157 34.61 35.60 -21.30
C ASN G 157 33.66 34.70 -20.51
N CYS G 158 32.86 33.94 -21.25
CA CYS G 158 31.95 32.99 -20.65
C CYS G 158 32.62 31.72 -20.20
N ILE G 159 33.42 31.12 -21.07
CA ILE G 159 33.95 29.77 -20.80
C ILE G 159 35.32 29.76 -20.10
N ILE G 160 36.14 30.79 -20.29
CA ILE G 160 37.48 30.83 -19.69
C ILE G 160 37.44 30.62 -18.18
N PRO G 161 36.58 31.36 -17.46
CA PRO G 161 36.51 31.12 -16.01
C PRO G 161 36.26 29.65 -15.64
N VAL G 162 35.38 28.98 -16.35
CA VAL G 162 35.09 27.57 -16.10
C VAL G 162 36.31 26.71 -16.41
N ILE G 163 36.96 26.97 -17.53
CA ILE G 163 38.16 26.20 -17.89
C ILE G 163 39.27 26.35 -16.85
N LYS G 164 39.42 27.55 -16.31
CA LYS G 164 40.38 27.79 -15.24
C LYS G 164 40.04 26.98 -14.02
N LEU G 165 38.81 27.14 -13.53
CA LEU G 165 38.36 26.40 -12.36
C LEU G 165 38.60 24.90 -12.52
N LEU G 166 38.27 24.36 -13.68
CA LEU G 166 38.42 22.92 -13.91
C LEU G 166 39.90 22.52 -14.02
N ASP G 167 40.69 23.33 -14.70
CA ASP G 167 42.11 23.05 -14.85
C ASP G 167 42.80 23.07 -13.49
N ASP G 168 42.57 24.12 -12.71
CA ASP G 168 43.17 24.26 -11.38
C ASP G 168 42.87 23.06 -10.52
N ALA G 169 41.64 22.56 -10.60
CA ALA G 169 41.16 21.50 -9.72
C ALA G 169 41.53 20.10 -10.19
N TYR G 170 41.59 19.88 -11.48
CA TYR G 170 41.77 18.50 -12.02
C TYR G 170 42.85 18.32 -13.09
N GLY G 171 43.40 19.42 -13.57
CA GLY G 171 44.43 19.40 -14.59
C GLY G 171 43.89 18.94 -15.93
N ILE G 172 43.51 19.90 -16.77
CA ILE G 172 42.94 19.60 -18.08
C ILE G 172 44.03 19.16 -19.02
N GLU G 173 43.80 18.04 -19.70
CA GLU G 173 44.78 17.44 -20.62
C GLU G 173 44.48 17.85 -22.05
N SER G 174 43.20 17.87 -22.41
CA SER G 174 42.74 18.39 -23.69
C SER G 174 41.25 18.71 -23.63
N GLY G 175 40.80 19.56 -24.55
CA GLY G 175 39.43 20.03 -24.54
C GLY G 175 38.82 20.24 -25.91
N THR G 176 37.50 20.18 -25.96
CA THR G 176 36.74 20.44 -27.18
C THR G 176 35.42 21.16 -26.80
N VAL G 177 35.02 22.12 -27.60
CA VAL G 177 33.87 22.92 -27.27
C VAL G 177 32.88 23.00 -28.41
N THR G 178 31.61 23.03 -28.07
CA THR G 178 30.57 23.36 -29.02
C THR G 178 29.78 24.54 -28.49
N THR G 179 29.65 25.57 -29.30
CA THR G 179 28.88 26.76 -28.92
C THR G 179 27.57 26.79 -29.69
N ILE G 180 26.48 26.93 -28.98
CA ILE G 180 25.18 27.08 -29.59
C ILE G 180 24.74 28.53 -29.47
N HIS G 181 24.89 29.27 -30.56
CA HIS G 181 24.57 30.72 -30.56
C HIS G 181 23.15 30.95 -30.91
N SER G 182 22.61 32.06 -30.42
CA SER G 182 21.28 32.51 -30.82
C SER G 182 21.43 33.41 -32.03
N ALA G 183 20.32 33.95 -32.53
CA ALA G 183 20.35 34.85 -33.69
C ALA G 183 20.09 36.29 -33.26
N PRO G 195 31.05 35.41 -49.29
CA PRO G 195 31.62 34.90 -48.02
C PRO G 195 31.41 33.37 -47.84
N ASP G 196 30.84 32.95 -46.71
CA ASP G 196 30.35 31.56 -46.46
C ASP G 196 28.93 31.34 -47.07
N LEU G 197 28.79 30.35 -47.94
CA LEU G 197 27.50 30.06 -48.63
C LEU G 197 26.38 29.62 -47.68
N ARG G 198 26.73 29.32 -46.43
CA ARG G 198 25.75 29.05 -45.40
C ARG G 198 25.10 30.33 -44.93
N ARG G 199 25.71 31.47 -45.20
CA ARG G 199 25.23 32.73 -44.64
C ARG G 199 24.03 33.29 -45.45
N THR G 200 23.86 32.82 -46.69
CA THR G 200 22.81 33.31 -47.59
C THR G 200 21.48 32.49 -47.49
N ARG G 201 21.02 32.17 -46.28
CA ARG G 201 19.90 31.22 -46.11
C ARG G 201 19.19 31.36 -44.76
N ALA G 202 17.93 30.91 -44.70
CA ALA G 202 17.00 31.26 -43.63
C ALA G 202 17.46 30.79 -42.24
N ALA G 203 17.44 31.72 -41.28
CA ALA G 203 17.83 31.42 -39.89
C ALA G 203 16.77 30.59 -39.17
N SER G 204 15.51 30.88 -39.48
CA SER G 204 14.37 30.51 -38.62
C SER G 204 14.00 29.05 -38.51
N GLN G 205 14.48 28.22 -39.42
CA GLN G 205 14.14 26.82 -39.32
C GLN G 205 15.37 25.92 -39.20
N SER G 206 16.57 26.48 -39.29
CA SER G 206 17.75 25.64 -39.43
C SER G 206 18.81 25.83 -38.34
N ILE G 207 19.50 24.72 -38.03
CA ILE G 207 20.76 24.71 -37.28
C ILE G 207 21.87 24.98 -38.31
N ILE G 208 22.58 26.09 -38.15
CA ILE G 208 23.56 26.54 -39.13
C ILE G 208 24.96 26.50 -38.56
N PRO G 209 25.83 25.63 -39.10
CA PRO G 209 27.20 25.71 -38.65
C PRO G 209 27.80 27.09 -38.97
N VAL G 210 28.50 27.68 -37.99
CA VAL G 210 29.19 28.96 -38.19
C VAL G 210 30.69 28.87 -37.79
N ASP G 211 31.48 29.89 -38.15
CA ASP G 211 32.87 29.92 -37.76
C ASP G 211 32.92 30.36 -36.32
N THR G 212 33.81 29.72 -35.59
CA THR G 212 34.01 30.03 -34.17
C THR G 212 35.48 30.28 -33.96
N LYS G 213 35.78 31.33 -33.21
CA LYS G 213 37.16 31.69 -32.95
C LYS G 213 37.44 31.41 -31.48
N LEU G 214 36.55 30.64 -30.86
CA LEU G 214 36.64 30.38 -29.43
C LEU G 214 37.92 29.59 -29.13
N ALA G 215 38.19 28.59 -29.98
CA ALA G 215 39.43 27.82 -29.93
C ALA G 215 40.62 28.77 -29.75
N ALA G 216 40.83 29.58 -30.78
CA ALA G 216 41.94 30.52 -30.83
C ALA G 216 42.04 31.40 -29.57
N GLY G 217 40.90 31.83 -29.06
CA GLY G 217 40.82 32.65 -27.83
C GLY G 217 41.25 31.93 -26.57
N ILE G 218 40.92 30.65 -26.46
CA ILE G 218 41.26 29.84 -25.28
C ILE G 218 42.76 29.58 -25.24
N THR G 219 43.31 29.09 -26.35
CA THR G 219 44.73 28.78 -26.43
C THR G 219 45.59 30.03 -26.26
N ARG G 220 45.08 31.18 -26.68
CA ARG G 220 45.79 32.44 -26.50
C ARG G 220 45.86 32.79 -25.03
N PHE G 221 44.74 32.68 -24.34
CA PHE G 221 44.69 32.95 -22.90
C PHE G 221 45.42 31.89 -22.07
N PHE G 222 45.32 30.65 -22.51
CA PHE G 222 46.00 29.51 -21.89
C PHE G 222 46.94 28.88 -22.92
N PRO G 223 48.17 29.40 -23.03
CA PRO G 223 49.09 28.87 -24.04
C PRO G 223 49.44 27.39 -23.84
N GLN G 224 49.34 26.91 -22.61
CA GLN G 224 49.61 25.50 -22.33
C GLN G 224 48.66 24.54 -23.07
N PHE G 225 47.67 25.09 -23.75
CA PHE G 225 46.68 24.27 -24.44
C PHE G 225 46.79 24.31 -25.96
N ASN G 226 47.85 24.89 -26.52
CA ASN G 226 48.06 24.84 -27.96
C ASN G 226 48.01 23.39 -28.44
N ASP G 227 47.34 23.16 -29.57
CA ASP G 227 47.14 21.80 -30.11
C ASP G 227 46.51 20.83 -29.09
N ARG G 228 45.67 21.39 -28.23
CA ARG G 228 44.95 20.60 -27.22
C ARG G 228 43.49 21.04 -27.07
N PHE G 229 43.12 22.06 -27.83
CA PHE G 229 41.76 22.58 -27.83
C PHE G 229 41.26 22.79 -29.25
N GLU G 230 40.01 22.41 -29.48
CA GLU G 230 39.32 22.70 -30.72
C GLU G 230 37.91 23.22 -30.39
N ALA G 231 37.25 23.79 -31.39
CA ALA G 231 35.91 24.32 -31.19
C ALA G 231 35.12 24.31 -32.50
N ILE G 232 33.83 24.03 -32.38
CA ILE G 232 32.86 24.25 -33.45
C ILE G 232 31.74 25.09 -32.89
N ALA G 233 30.86 25.54 -33.76
CA ALA G 233 29.70 26.34 -33.32
C ALA G 233 28.55 26.23 -34.29
N VAL G 234 27.34 26.39 -33.76
CA VAL G 234 26.14 26.47 -34.57
C VAL G 234 25.27 27.60 -34.12
N ARG G 235 24.52 28.13 -35.09
CA ARG G 235 23.53 29.19 -34.85
C ARG G 235 22.17 28.58 -34.98
N VAL G 236 21.34 28.78 -33.96
CA VAL G 236 19.94 28.36 -33.95
C VAL G 236 19.02 29.57 -33.77
N PRO G 237 17.77 29.46 -34.23
CA PRO G 237 16.86 30.60 -34.16
C PRO G 237 16.22 30.81 -32.80
N THR G 238 17.05 30.96 -31.77
CA THR G 238 16.57 31.36 -30.45
C THR G 238 16.95 32.80 -30.15
N ILE G 239 16.44 33.29 -29.02
CA ILE G 239 16.62 34.69 -28.63
C ILE G 239 17.72 34.88 -27.59
N ASN G 240 18.71 35.68 -27.96
CA ASN G 240 19.62 36.36 -27.00
C ASN G 240 20.65 35.51 -26.21
N VAL G 241 20.25 34.36 -25.69
CA VAL G 241 21.12 33.57 -24.83
C VAL G 241 21.87 32.47 -25.56
N THR G 242 23.12 32.30 -25.19
CA THR G 242 24.04 31.34 -25.79
C THR G 242 24.38 30.21 -24.85
N ALA G 243 24.52 29.00 -25.39
CA ALA G 243 24.89 27.82 -24.60
C ALA G 243 26.22 27.30 -25.07
N ILE G 244 27.10 27.02 -24.12
CA ILE G 244 28.41 26.51 -24.44
C ILE G 244 28.54 25.13 -23.86
N ASP G 245 28.87 24.19 -24.72
CA ASP G 245 28.94 22.77 -24.39
C ASP G 245 30.42 22.39 -24.38
N LEU G 246 30.98 22.35 -23.18
CA LEU G 246 32.41 22.15 -22.98
C LEU G 246 32.71 20.73 -22.61
N SER G 247 33.69 20.13 -23.27
CA SER G 247 34.14 18.77 -22.96
C SER G 247 35.65 18.77 -22.75
N VAL G 248 36.08 18.29 -21.59
CA VAL G 248 37.51 18.25 -21.25
C VAL G 248 37.92 16.91 -20.64
N THR G 249 39.14 16.47 -21.00
CA THR G 249 39.79 15.33 -20.35
C THR G 249 40.64 15.88 -19.20
N VAL G 250 40.59 15.22 -18.06
CA VAL G 250 41.36 15.63 -16.89
C VAL G 250 42.22 14.50 -16.35
N LYS G 251 43.26 14.88 -15.61
CA LYS G 251 44.17 13.93 -14.97
C LYS G 251 43.55 13.31 -13.73
N LYS G 252 43.14 14.15 -12.80
CA LYS G 252 42.55 13.69 -11.53
C LYS G 252 41.21 13.00 -11.82
N PRO G 253 40.98 11.79 -11.28
CA PRO G 253 39.66 11.17 -11.45
C PRO G 253 38.54 11.93 -10.75
N VAL G 254 37.38 12.05 -11.39
CA VAL G 254 36.27 12.83 -10.85
C VAL G 254 34.90 12.22 -11.12
N LYS G 255 33.95 12.66 -10.29
CA LYS G 255 32.53 12.31 -10.44
C LYS G 255 31.72 13.58 -10.71
N ALA G 256 30.63 13.40 -11.44
CA ALA G 256 29.78 14.52 -11.86
C ALA G 256 29.47 15.50 -10.73
N ASN G 257 29.02 15.00 -9.58
CA ASN G 257 28.61 15.89 -8.49
C ASN G 257 29.77 16.57 -7.77
N GLU G 258 30.95 15.98 -7.84
CA GLU G 258 32.15 16.63 -7.29
C GLU G 258 32.45 17.89 -8.08
N VAL G 259 32.46 17.72 -9.41
CA VAL G 259 32.61 18.82 -10.35
C VAL G 259 31.58 19.91 -10.08
N ASN G 260 30.33 19.51 -9.95
CA ASN G 260 29.25 20.45 -9.62
C ASN G 260 29.49 21.18 -8.28
N LEU G 261 29.99 20.45 -7.29
CA LEU G 261 30.24 21.03 -5.97
C LEU G 261 31.36 22.06 -6.05
N LEU G 262 32.40 21.74 -6.82
CA LEU G 262 33.50 22.67 -7.09
C LEU G 262 32.99 23.99 -7.67
N LEU G 263 32.27 23.86 -8.77
CA LEU G 263 31.76 25.01 -9.50
C LEU G 263 30.78 25.81 -8.65
N GLN G 264 29.89 25.13 -7.94
CA GLN G 264 28.92 25.78 -7.05
C GLN G 264 29.64 26.63 -5.99
N LYS G 265 30.72 26.08 -5.46
CA LYS G 265 31.51 26.76 -4.44
C LYS G 265 32.16 28.01 -5.01
N ALA G 266 32.71 27.87 -6.21
CA ALA G 266 33.30 28.99 -6.93
C ALA G 266 32.30 30.11 -7.16
N ALA G 267 31.08 29.75 -7.51
CA ALA G 267 30.01 30.72 -7.76
C ALA G 267 29.69 31.53 -6.51
N GLN G 268 29.80 30.93 -5.34
CA GLN G 268 29.51 31.62 -4.08
C GLN G 268 30.74 32.40 -3.68
N GLY G 269 31.90 31.83 -3.97
CA GLY G 269 33.16 32.32 -3.43
C GLY G 269 33.93 33.19 -4.39
N ALA G 270 35.09 32.70 -4.81
CA ALA G 270 36.06 33.47 -5.61
C ALA G 270 35.45 34.11 -6.86
N PHE G 271 34.43 33.47 -7.43
CA PHE G 271 33.82 33.93 -8.70
C PHE G 271 32.42 34.50 -8.56
N HIS G 272 32.07 34.93 -7.36
CA HIS G 272 30.77 35.50 -7.09
C HIS G 272 30.60 36.67 -8.00
N GLY G 273 29.43 36.75 -8.63
CA GLY G 273 29.12 37.85 -9.56
C GLY G 273 29.62 37.67 -10.97
N ILE G 274 30.58 36.76 -11.16
CA ILE G 274 31.12 36.42 -12.50
C ILE G 274 30.61 35.06 -13.02
N VAL G 275 30.74 34.03 -12.19
CA VAL G 275 30.17 32.72 -12.51
C VAL G 275 29.02 32.46 -11.56
N ASP G 276 27.95 31.90 -12.11
CA ASP G 276 26.84 31.45 -11.29
C ASP G 276 26.64 29.95 -11.51
N TYR G 277 25.89 29.35 -10.59
CA TYR G 277 25.59 27.94 -10.66
C TYR G 277 24.13 27.75 -10.40
N THR G 278 23.52 26.81 -11.11
CA THR G 278 22.13 26.49 -10.88
C THR G 278 21.84 25.02 -11.13
N GLU G 279 20.89 24.49 -10.36
CA GLU G 279 20.33 23.14 -10.52
C GLU G 279 18.82 23.19 -10.79
N LEU G 280 18.27 24.40 -10.88
CA LEU G 280 16.86 24.60 -11.21
C LEU G 280 16.57 24.16 -12.66
N PRO G 281 15.32 23.74 -12.92
CA PRO G 281 14.96 23.36 -14.27
C PRO G 281 14.64 24.62 -15.08
N LEU G 282 15.63 25.14 -15.78
CA LEU G 282 15.45 26.37 -16.53
C LEU G 282 15.77 26.17 -18.00
N VAL G 283 15.36 27.15 -18.79
CA VAL G 283 15.63 27.16 -20.24
C VAL G 283 16.37 28.44 -20.57
N SER G 284 16.91 28.52 -21.78
CA SER G 284 17.87 29.60 -22.12
C SER G 284 17.37 30.99 -21.79
N VAL G 285 16.14 31.31 -22.19
CA VAL G 285 15.57 32.63 -21.95
C VAL G 285 15.55 33.04 -20.48
N ASP G 286 15.68 32.11 -19.55
CA ASP G 286 15.67 32.46 -18.13
C ASP G 286 16.94 33.16 -17.69
N PHE G 287 17.95 33.08 -18.55
CA PHE G 287 19.25 33.75 -18.31
C PHE G 287 19.36 35.05 -19.09
N ASN G 288 18.31 35.40 -19.80
CA ASN G 288 18.22 36.68 -20.47
C ASN G 288 18.45 37.77 -19.45
N HIS G 289 19.31 38.71 -19.78
CA HIS G 289 19.58 39.87 -18.92
C HIS G 289 20.27 39.47 -17.61
N ASP G 290 20.98 38.35 -17.64
CA ASP G 290 21.75 37.91 -16.48
C ASP G 290 23.18 38.46 -16.61
N PRO G 291 23.63 39.24 -15.60
CA PRO G 291 24.92 39.90 -15.57
C PRO G 291 26.12 38.98 -15.45
N HIS G 292 25.91 37.73 -15.09
CA HIS G 292 27.04 36.82 -14.94
C HIS G 292 27.68 36.58 -16.29
N SER G 293 28.99 36.35 -16.29
CA SER G 293 29.73 35.99 -17.48
C SER G 293 29.34 34.60 -17.93
N ALA G 294 29.01 33.77 -16.94
CA ALA G 294 28.68 32.36 -17.18
C ALA G 294 27.77 31.84 -16.09
N ILE G 295 26.76 31.06 -16.47
CA ILE G 295 25.96 30.33 -15.50
C ILE G 295 26.08 28.85 -15.80
N VAL G 296 26.56 28.09 -14.84
CA VAL G 296 26.75 26.66 -15.03
C VAL G 296 25.46 25.93 -14.71
N ASP G 297 25.07 25.04 -15.62
CA ASP G 297 23.88 24.22 -15.42
C ASP G 297 24.26 22.88 -14.83
N GLY G 298 24.13 22.79 -13.52
CA GLY G 298 24.51 21.58 -12.79
C GLY G 298 23.87 20.31 -13.30
N THR G 299 22.59 20.41 -13.67
CA THR G 299 21.79 19.27 -14.10
C THR G 299 22.34 18.64 -15.39
N GLN G 300 23.20 19.37 -16.08
CA GLN G 300 23.74 18.90 -17.35
C GLN G 300 25.19 18.44 -17.24
N THR G 301 25.77 18.50 -16.05
CA THR G 301 27.13 18.02 -15.85
C THR G 301 27.18 16.51 -15.95
N ARG G 302 28.19 16.00 -16.63
CA ARG G 302 28.40 14.57 -16.78
C ARG G 302 29.89 14.25 -16.69
N VAL G 303 30.22 13.02 -16.32
CA VAL G 303 31.60 12.53 -16.40
C VAL G 303 31.61 11.13 -17.00
N SER G 304 32.34 10.97 -18.09
CA SER G 304 32.44 9.70 -18.79
C SER G 304 33.72 9.00 -18.37
N GLY G 305 33.60 7.79 -17.85
CA GLY G 305 34.71 7.17 -17.15
C GLY G 305 34.87 8.01 -15.91
N ALA G 306 36.12 8.34 -15.57
CA ALA G 306 36.37 9.24 -14.44
C ALA G 306 37.09 10.50 -14.89
N HIS G 307 37.26 10.66 -16.20
CA HIS G 307 38.22 11.61 -16.77
C HIS G 307 37.67 12.54 -17.84
N LEU G 308 36.51 12.25 -18.41
CA LEU G 308 35.90 13.09 -19.49
C LEU G 308 34.71 13.87 -18.96
N ILE G 309 34.92 15.18 -18.77
CA ILE G 309 33.89 16.03 -18.16
C ILE G 309 33.11 16.76 -19.22
N LYS G 310 31.79 16.65 -19.17
CA LYS G 310 30.93 17.51 -19.97
C LYS G 310 30.22 18.47 -19.04
N THR G 311 30.28 19.75 -19.40
CA THR G 311 29.56 20.78 -18.69
C THR G 311 28.88 21.72 -19.68
N LEU G 312 27.64 22.06 -19.41
CA LEU G 312 26.92 23.03 -20.22
C LEU G 312 26.85 24.36 -19.49
N VAL G 313 27.32 25.42 -20.13
CA VAL G 313 27.31 26.74 -19.54
C VAL G 313 26.51 27.72 -20.37
N TRP G 314 25.57 28.38 -19.71
CA TRP G 314 24.74 29.40 -20.34
C TRP G 314 25.41 30.73 -20.17
N CYS G 315 25.15 31.64 -21.10
CA CYS G 315 25.43 33.05 -20.89
C CYS G 315 24.57 33.96 -21.78
N ASP G 316 24.22 35.14 -21.26
CA ASP G 316 23.69 36.19 -22.10
C ASP G 316 24.88 36.77 -22.84
N ASN G 317 24.97 36.45 -24.12
CA ASN G 317 26.15 36.77 -24.94
C ASN G 317 26.47 38.27 -25.09
N GLU G 318 25.54 39.12 -24.67
CA GLU G 318 25.75 40.56 -24.73
C GLU G 318 25.79 41.20 -23.38
N TRP G 319 24.84 40.84 -22.52
CA TRP G 319 24.69 41.51 -21.24
C TRP G 319 25.84 41.22 -20.31
N GLY G 320 26.23 39.95 -20.25
CA GLY G 320 27.36 39.56 -19.41
C GLY G 320 28.59 40.32 -19.83
N PHE G 321 28.90 40.23 -21.11
CA PHE G 321 30.06 40.91 -21.68
C PHE G 321 30.02 42.42 -21.42
N ALA G 322 28.86 43.02 -21.60
CA ALA G 322 28.67 44.47 -21.40
C ALA G 322 29.03 44.91 -19.99
N ASN G 323 28.61 44.13 -19.01
CA ASN G 323 28.95 44.39 -17.61
C ASN G 323 30.42 44.17 -17.30
N ARG G 324 31.04 43.21 -17.98
CA ARG G 324 32.48 42.98 -17.84
C ARG G 324 33.29 44.15 -18.42
N MET G 325 32.77 44.75 -19.47
CA MET G 325 33.40 45.91 -20.06
C MET G 325 33.50 46.99 -19.02
N LEU G 326 32.43 47.16 -18.27
CA LEU G 326 32.39 48.15 -17.22
C LEU G 326 33.30 47.74 -16.06
N ASP G 327 33.29 46.47 -15.70
CA ASP G 327 34.15 45.99 -14.61
C ASP G 327 35.63 46.23 -14.95
N THR G 328 36.01 45.87 -16.15
CA THR G 328 37.37 46.04 -16.59
C THR G 328 37.72 47.52 -16.63
N THR G 329 36.80 48.34 -17.14
CA THR G 329 37.03 49.79 -17.23
C THR G 329 37.39 50.36 -15.87
N LEU G 330 36.61 50.03 -14.85
CA LEU G 330 36.88 50.46 -13.49
C LEU G 330 38.25 50.08 -13.05
N ALA G 331 38.59 48.81 -13.21
CA ALA G 331 39.92 48.31 -12.84
C ALA G 331 41.03 49.11 -13.51
N MET G 332 40.88 49.38 -14.80
CA MET G 332 41.87 50.14 -15.57
C MET G 332 42.08 51.57 -15.06
N ALA G 333 40.97 52.23 -14.73
CA ALA G 333 40.98 53.60 -14.26
C ALA G 333 41.46 53.71 -12.83
N THR G 334 41.39 52.61 -12.09
CA THR G 334 41.78 52.54 -10.67
C THR G 334 43.26 52.19 -10.42
N VAL G 335 43.86 51.32 -11.22
CA VAL G 335 45.31 51.09 -11.11
C VAL G 335 46.09 52.37 -11.52
N THR H 1 4.81 -10.90 -51.49
CA THR H 1 4.82 -9.65 -50.70
C THR H 1 4.91 -9.99 -49.22
N VAL H 2 5.84 -9.35 -48.50
CA VAL H 2 5.80 -9.37 -47.02
C VAL H 2 4.64 -8.46 -46.61
N ARG H 3 3.81 -8.93 -45.70
CA ARG H 3 2.66 -8.12 -45.30
C ARG H 3 2.74 -7.69 -43.84
N VAL H 4 2.70 -6.38 -43.65
CA VAL H 4 2.87 -5.81 -42.34
C VAL H 4 1.64 -5.09 -41.91
N ALA H 5 1.44 -5.08 -40.60
CA ALA H 5 0.43 -4.27 -39.95
C ALA H 5 1.15 -3.24 -39.12
N ILE H 6 0.54 -2.08 -38.97
CA ILE H 6 1.13 -1.04 -38.11
C ILE H 6 0.23 -0.77 -36.92
N ASN H 7 0.78 -0.96 -35.73
CA ASN H 7 0.06 -0.66 -34.50
C ASN H 7 0.50 0.70 -34.02
N GLY H 8 -0.42 1.66 -34.05
CA GLY H 8 -0.11 3.05 -33.67
C GLY H 8 0.27 3.86 -34.88
N PHE H 9 -0.58 4.83 -35.22
CA PHE H 9 -0.40 5.67 -36.41
C PHE H 9 -0.04 7.09 -36.02
N GLY H 10 0.95 7.19 -35.14
CA GLY H 10 1.46 8.47 -34.71
C GLY H 10 2.40 9.04 -35.76
N ARG H 11 3.39 9.79 -35.30
CA ARG H 11 4.35 10.39 -36.19
C ARG H 11 5.16 9.33 -36.92
N ILE H 12 5.67 8.38 -36.16
CA ILE H 12 6.56 7.36 -36.73
C ILE H 12 5.81 6.39 -37.62
N GLY H 13 4.63 5.96 -37.18
CA GLY H 13 3.77 5.11 -38.00
C GLY H 13 3.46 5.72 -39.37
N ARG H 14 3.04 6.98 -39.33
CA ARG H 14 2.70 7.69 -40.55
C ARG H 14 3.89 7.71 -41.48
N ASN H 15 5.07 7.98 -40.92
CA ASN H 15 6.29 8.06 -41.72
C ASN H 15 6.72 6.73 -42.32
N VAL H 16 6.52 5.67 -41.57
CA VAL H 16 6.80 4.34 -42.08
C VAL H 16 6.00 4.09 -43.35
N VAL H 17 4.71 4.45 -43.31
CA VAL H 17 3.85 4.32 -44.48
C VAL H 17 4.38 5.19 -45.60
N ARG H 18 4.55 6.47 -45.33
CA ARG H 18 5.06 7.38 -46.36
C ARG H 18 6.37 6.84 -46.96
N ALA H 19 7.24 6.33 -46.09
CA ALA H 19 8.53 5.80 -46.51
C ALA H 19 8.39 4.60 -47.39
N LEU H 20 7.47 3.72 -47.05
CA LEU H 20 7.23 2.49 -47.81
C LEU H 20 7.01 2.81 -49.28
N TYR H 21 6.18 3.81 -49.52
CA TYR H 21 5.80 4.20 -50.86
C TYR H 21 6.90 4.98 -51.57
N GLU H 22 7.41 6.02 -50.93
CA GLU H 22 8.45 6.85 -51.54
C GLU H 22 9.71 6.06 -51.86
N SER H 23 10.07 5.12 -51.00
CA SER H 23 11.28 4.36 -51.21
C SER H 23 11.05 3.29 -52.24
N GLY H 24 9.81 3.06 -52.63
CA GLY H 24 9.49 2.01 -53.59
C GLY H 24 9.51 0.62 -52.97
N ARG H 25 9.96 0.50 -51.72
CA ARG H 25 9.89 -0.78 -50.97
C ARG H 25 8.43 -1.30 -50.80
N ARG H 26 7.49 -0.57 -51.39
CA ARG H 26 6.15 -1.08 -51.67
C ARG H 26 6.23 -2.41 -52.45
N ALA H 27 6.94 -2.43 -53.57
CA ALA H 27 7.18 -3.67 -54.32
C ALA H 27 7.31 -4.94 -53.43
N GLU H 28 7.99 -4.80 -52.30
CA GLU H 28 8.31 -5.95 -51.48
C GLU H 28 7.44 -6.04 -50.22
N ILE H 29 6.79 -4.94 -49.83
CA ILE H 29 5.94 -4.96 -48.62
C ILE H 29 4.63 -4.18 -48.72
N THR H 30 3.52 -4.84 -48.40
CA THR H 30 2.19 -4.20 -48.36
C THR H 30 1.73 -4.02 -46.92
N VAL H 31 1.34 -2.80 -46.56
CA VAL H 31 0.66 -2.54 -45.30
C VAL H 31 -0.77 -2.97 -45.51
N VAL H 32 -1.24 -3.90 -44.67
CA VAL H 32 -2.61 -4.43 -44.81
C VAL H 32 -3.58 -3.82 -43.80
N ALA H 33 -3.06 -3.48 -42.63
CA ALA H 33 -3.86 -2.90 -41.57
C ALA H 33 -3.10 -1.86 -40.74
N ILE H 34 -3.83 -0.86 -40.30
CA ILE H 34 -3.32 0.10 -39.33
C ILE H 34 -4.27 0.16 -38.15
N ASN H 35 -3.72 0.22 -36.94
CA ASN H 35 -4.50 0.38 -35.71
C ASN H 35 -4.03 1.50 -34.78
N GLU H 36 -4.91 2.48 -34.59
CA GLU H 36 -4.74 3.54 -33.61
C GLU H 36 -6.12 3.83 -33.09
N LEU H 37 -6.20 3.89 -31.77
CA LEU H 37 -7.34 4.46 -31.08
C LEU H 37 -7.21 5.97 -31.29
N ALA H 38 -7.88 6.44 -32.33
CA ALA H 38 -7.83 7.83 -32.85
C ALA H 38 -8.77 7.80 -34.03
N ASP H 39 -9.40 8.91 -34.36
CA ASP H 39 -10.42 8.85 -35.41
C ASP H 39 -9.80 8.70 -36.82
N ALA H 40 -10.37 7.80 -37.60
CA ALA H 40 -9.89 7.44 -38.94
C ALA H 40 -9.51 8.62 -39.84
N ALA H 41 -10.34 9.66 -39.90
CA ALA H 41 -10.12 10.80 -40.82
C ALA H 41 -8.93 11.68 -40.41
N GLY H 42 -8.76 11.89 -39.09
CA GLY H 42 -7.56 12.52 -38.53
C GLY H 42 -6.27 11.82 -38.93
N MET H 43 -6.35 10.51 -39.13
CA MET H 43 -5.26 9.75 -39.70
C MET H 43 -5.12 10.07 -41.19
N ALA H 44 -6.15 9.85 -42.04
CA ALA H 44 -6.01 10.08 -43.49
C ALA H 44 -5.43 11.46 -43.72
N HIS H 45 -6.00 12.43 -43.02
CA HIS H 45 -5.60 13.84 -43.17
C HIS H 45 -4.13 14.02 -42.76
N LEU H 46 -3.81 13.62 -41.54
CA LEU H 46 -2.45 13.72 -41.06
C LEU H 46 -1.44 12.93 -41.89
N LEU H 47 -1.86 11.86 -42.54
CA LEU H 47 -0.98 11.13 -43.44
C LEU H 47 -0.70 12.00 -44.67
N LYS H 48 -1.70 12.71 -45.15
CA LYS H 48 -1.56 13.52 -46.36
C LYS H 48 -0.74 14.79 -46.12
N TYR H 49 -0.95 15.44 -44.98
CA TYR H 49 -0.30 16.73 -44.72
C TYR H 49 0.69 16.67 -43.54
N ASP H 50 1.98 16.84 -43.81
CA ASP H 50 3.01 16.70 -42.77
C ASP H 50 3.93 17.91 -42.66
N THR H 51 4.10 18.38 -41.42
CA THR H 51 4.69 19.71 -41.13
C THR H 51 6.13 19.91 -41.67
N SER H 52 6.84 18.79 -41.86
CA SER H 52 8.25 18.78 -42.30
C SER H 52 8.45 18.25 -43.72
N HIS H 53 7.68 17.24 -44.11
CA HIS H 53 8.00 16.47 -45.32
C HIS H 53 7.16 16.85 -46.59
N GLY H 54 6.30 17.87 -46.46
CA GLY H 54 5.41 18.31 -47.57
C GLY H 54 4.08 17.56 -47.66
N ARG H 55 3.29 17.88 -48.69
CA ARG H 55 2.08 17.11 -49.02
C ARG H 55 2.56 15.76 -49.51
N PHE H 56 1.93 14.69 -49.03
CA PHE H 56 2.26 13.34 -49.48
C PHE H 56 1.94 13.22 -50.97
N ALA H 57 2.95 12.83 -51.74
CA ALA H 57 2.86 12.76 -53.20
C ALA H 57 1.75 11.82 -53.67
N TRP H 58 1.45 10.79 -52.89
CA TRP H 58 0.42 9.82 -53.26
C TRP H 58 -0.96 10.36 -52.91
N GLU H 59 -1.98 9.76 -53.51
CA GLU H 59 -3.36 10.19 -53.29
C GLU H 59 -3.95 9.44 -52.08
N VAL H 60 -4.38 10.20 -51.08
CA VAL H 60 -4.87 9.63 -49.82
C VAL H 60 -6.34 9.87 -49.53
N ARG H 61 -7.05 8.83 -49.09
CA ARG H 61 -8.49 8.93 -48.83
C ARG H 61 -8.85 8.09 -47.62
N GLN H 62 -9.92 8.46 -46.92
CA GLN H 62 -10.40 7.68 -45.80
C GLN H 62 -11.92 7.70 -45.74
N GLU H 63 -12.52 6.62 -46.26
CA GLU H 63 -13.95 6.39 -46.20
C GLU H 63 -14.17 5.11 -45.41
N ARG H 64 -15.22 5.06 -44.59
CA ARG H 64 -15.50 3.85 -43.80
C ARG H 64 -14.43 3.61 -42.70
N ASP H 65 -13.98 2.37 -42.58
CA ASP H 65 -12.85 2.01 -41.71
C ASP H 65 -11.71 1.52 -42.63
N GLN H 66 -11.42 2.33 -43.64
CA GLN H 66 -10.46 1.96 -44.69
C GLN H 66 -9.63 3.20 -45.04
N LEU H 67 -8.31 3.09 -44.95
CA LEU H 67 -7.42 4.15 -45.37
C LEU H 67 -6.93 3.83 -46.77
N PHE H 68 -6.64 4.86 -47.54
CA PHE H 68 -6.27 4.66 -48.93
C PHE H 68 -5.04 5.45 -49.32
N VAL H 69 -3.97 4.74 -49.60
CA VAL H 69 -2.77 5.33 -50.16
C VAL H 69 -2.73 4.82 -51.57
N GLY H 70 -2.71 5.72 -52.55
CA GLY H 70 -2.74 5.32 -53.94
C GLY H 70 -3.90 4.40 -54.14
N ASP H 71 -3.66 3.25 -54.78
CA ASP H 71 -4.71 2.25 -55.00
C ASP H 71 -4.89 1.26 -53.85
N ASP H 72 -3.95 1.23 -52.91
CA ASP H 72 -4.05 0.36 -51.74
C ASP H 72 -5.11 0.78 -50.68
N ALA H 73 -5.88 -0.22 -50.26
CA ALA H 73 -6.92 -0.07 -49.27
C ALA H 73 -6.42 -0.72 -48.00
N ILE H 74 -6.12 0.10 -47.01
CA ILE H 74 -5.55 -0.38 -45.77
C ILE H 74 -6.67 -0.45 -44.77
N ARG H 75 -6.92 -1.63 -44.21
CA ARG H 75 -8.02 -1.76 -43.27
C ARG H 75 -7.64 -1.05 -41.97
N VAL H 76 -8.52 -0.18 -41.52
CA VAL H 76 -8.27 0.64 -40.34
C VAL H 76 -8.98 0.05 -39.13
N LEU H 77 -8.23 -0.22 -38.08
CA LEU H 77 -8.79 -0.83 -36.89
C LEU H 77 -8.72 0.14 -35.74
N HIS H 78 -9.55 -0.08 -34.72
CA HIS H 78 -9.57 0.79 -33.51
C HIS H 78 -9.55 -0.04 -32.22
N GLU H 79 -8.78 -1.12 -32.21
CA GLU H 79 -8.66 -1.97 -31.03
C GLU H 79 -7.96 -1.24 -29.94
N ARG H 80 -8.28 -1.63 -28.73
CA ARG H 80 -7.82 -0.93 -27.53
C ARG H 80 -6.78 -1.81 -26.81
N SER H 81 -6.81 -3.13 -27.07
CA SER H 81 -5.89 -4.10 -26.44
C SER H 81 -5.52 -5.28 -27.37
N LEU H 82 -4.29 -5.77 -27.17
CA LEU H 82 -3.58 -6.56 -28.18
C LEU H 82 -4.26 -7.86 -28.64
N GLN H 83 -4.90 -8.55 -27.70
CA GLN H 83 -5.46 -9.87 -28.00
C GLN H 83 -6.51 -9.78 -29.13
N SER H 84 -7.36 -8.75 -29.11
CA SER H 84 -8.48 -8.68 -30.07
C SER H 84 -8.05 -8.17 -31.46
N LEU H 85 -6.75 -8.09 -31.70
CA LEU H 85 -6.27 -7.70 -33.01
C LEU H 85 -6.36 -8.88 -34.01
N PRO H 86 -7.00 -8.66 -35.18
CA PRO H 86 -7.20 -9.68 -36.19
C PRO H 86 -5.98 -9.94 -37.06
N TRP H 87 -4.82 -10.12 -36.44
CA TRP H 87 -3.59 -10.36 -37.19
C TRP H 87 -3.66 -11.67 -37.98
N ARG H 88 -4.17 -12.70 -37.31
CA ARG H 88 -4.31 -14.02 -37.92
C ARG H 88 -5.16 -13.94 -39.18
N GLU H 89 -6.31 -13.31 -39.02
CA GLU H 89 -7.26 -13.11 -40.12
C GLU H 89 -6.64 -12.40 -41.33
N LEU H 90 -5.69 -11.51 -41.07
CA LEU H 90 -5.07 -10.72 -42.16
C LEU H 90 -3.75 -11.30 -42.66
N GLY H 91 -3.27 -12.34 -41.98
CA GLY H 91 -2.04 -13.03 -42.39
C GLY H 91 -0.78 -12.22 -42.21
N VAL H 92 -0.78 -11.38 -41.18
CA VAL H 92 0.33 -10.46 -40.88
C VAL H 92 1.63 -11.21 -40.62
N ASP H 93 2.66 -10.90 -41.43
CA ASP H 93 4.00 -11.47 -41.28
C ASP H 93 4.79 -10.73 -40.20
N VAL H 94 4.72 -9.40 -40.20
CA VAL H 94 5.34 -8.59 -39.15
C VAL H 94 4.42 -7.47 -38.71
N VAL H 95 4.33 -7.28 -37.40
CA VAL H 95 3.66 -6.12 -36.85
C VAL H 95 4.71 -5.10 -36.46
N LEU H 96 4.63 -3.91 -37.06
CA LEU H 96 5.43 -2.78 -36.63
C LEU H 96 4.63 -2.01 -35.58
N ASP H 97 5.05 -2.12 -34.34
CA ASP H 97 4.36 -1.41 -33.27
C ASP H 97 5.02 -0.06 -33.03
N CYS H 98 4.31 0.99 -33.40
CA CYS H 98 4.81 2.36 -33.32
C CYS H 98 3.96 3.19 -32.36
N THR H 99 3.37 2.52 -31.37
CA THR H 99 2.47 3.16 -30.42
C THR H 99 3.26 3.95 -29.42
N GLY H 100 4.46 3.42 -29.14
CA GLY H 100 5.30 4.00 -28.10
C GLY H 100 4.87 3.62 -26.68
N VAL H 101 3.67 3.04 -26.54
CA VAL H 101 3.21 2.54 -25.25
C VAL H 101 3.68 1.08 -25.04
N TYR H 102 3.47 0.22 -26.04
CA TYR H 102 3.83 -1.20 -25.94
C TYR H 102 5.32 -1.42 -26.21
N GLY H 103 5.91 -2.36 -25.48
CA GLY H 103 7.35 -2.65 -25.60
C GLY H 103 7.97 -3.82 -24.82
N SER H 104 7.22 -4.55 -24.00
CA SER H 104 7.78 -5.74 -23.28
C SER H 104 7.55 -7.06 -24.04
N ARG H 105 8.31 -8.09 -23.65
CA ARG H 105 8.09 -9.45 -24.18
C ARG H 105 6.62 -9.79 -24.31
N GLU H 106 5.88 -9.52 -23.24
CA GLU H 106 4.47 -9.94 -23.14
C GLU H 106 3.62 -9.31 -24.22
N HIS H 107 3.87 -8.01 -24.47
CA HIS H 107 3.20 -7.27 -25.54
C HIS H 107 3.52 -7.92 -26.90
N GLY H 108 4.78 -8.32 -27.06
CA GLY H 108 5.20 -9.06 -28.23
C GLY H 108 4.44 -10.36 -28.36
N GLU H 109 4.46 -11.15 -27.30
CA GLU H 109 3.74 -12.43 -27.28
C GLU H 109 2.26 -12.22 -27.65
N ALA H 110 1.64 -11.20 -27.04
CA ALA H 110 0.23 -10.83 -27.29
C ALA H 110 -0.06 -10.61 -28.78
N HIS H 111 0.82 -9.86 -29.43
CA HIS H 111 0.72 -9.62 -30.88
C HIS H 111 0.80 -10.93 -31.65
N ILE H 112 1.78 -11.77 -31.29
CA ILE H 112 1.98 -13.06 -31.94
C ILE H 112 0.75 -13.95 -31.68
N ALA H 113 0.35 -14.03 -30.42
CA ALA H 113 -0.89 -14.71 -30.04
C ALA H 113 -2.07 -14.29 -30.91
N ALA H 114 -2.21 -12.98 -31.14
CA ALA H 114 -3.31 -12.43 -31.97
C ALA H 114 -3.18 -12.80 -33.45
N GLY H 115 -2.02 -13.35 -33.83
CA GLY H 115 -1.82 -13.97 -35.15
C GLY H 115 -0.67 -13.43 -35.99
N ALA H 116 0.22 -12.68 -35.37
CA ALA H 116 1.33 -12.09 -36.09
C ALA H 116 2.55 -12.98 -35.92
N LYS H 117 3.25 -13.21 -37.02
CA LYS H 117 4.43 -14.09 -36.99
C LYS H 117 5.54 -13.47 -36.17
N LYS H 118 5.84 -12.20 -36.46
CA LYS H 118 6.88 -11.46 -35.75
C LYS H 118 6.44 -10.04 -35.38
N VAL H 119 7.18 -9.47 -34.43
CA VAL H 119 6.89 -8.11 -33.94
C VAL H 119 8.16 -7.26 -34.02
N LEU H 120 8.01 -6.01 -34.43
CA LEU H 120 9.11 -5.03 -34.42
C LEU H 120 8.67 -3.75 -33.72
N PHE H 121 9.37 -3.39 -32.65
CA PHE H 121 9.06 -2.18 -31.90
C PHE H 121 9.85 -0.98 -32.40
N SER H 122 9.17 0.16 -32.47
CA SER H 122 9.76 1.43 -32.93
C SER H 122 10.55 2.16 -31.84
N HIS H 123 11.03 1.41 -30.86
CA HIS H 123 11.81 1.98 -29.77
C HIS H 123 12.53 0.85 -29.07
N PRO H 124 13.30 1.14 -28.01
CA PRO H 124 14.15 0.12 -27.36
C PRO H 124 13.37 -0.97 -26.62
N GLY H 125 12.31 -0.57 -25.95
CA GLY H 125 11.46 -1.49 -25.20
C GLY H 125 12.23 -2.20 -24.09
N SER H 126 11.49 -2.95 -23.27
CA SER H 126 12.09 -3.80 -22.24
C SER H 126 13.33 -4.55 -22.78
N ASN H 127 14.33 -4.64 -21.92
CA ASN H 127 15.61 -5.31 -22.23
C ASN H 127 15.47 -6.62 -23.00
N ASP H 128 14.85 -7.60 -22.35
CA ASP H 128 14.95 -9.02 -22.75
C ASP H 128 14.07 -9.36 -23.93
N LEU H 129 14.53 -9.04 -25.13
CA LEU H 129 13.80 -9.37 -26.35
C LEU H 129 14.66 -10.31 -27.16
N ASP H 130 14.04 -11.01 -28.11
CA ASP H 130 14.76 -11.98 -28.90
C ASP H 130 15.92 -11.31 -29.69
N ALA H 131 15.90 -9.97 -29.78
CA ALA H 131 16.98 -9.18 -30.44
C ALA H 131 16.83 -7.63 -30.40
N THR H 132 17.92 -6.91 -30.73
CA THR H 132 17.92 -5.45 -30.97
C THR H 132 18.71 -5.03 -32.22
N VAL H 133 18.04 -4.42 -33.19
CA VAL H 133 18.69 -4.14 -34.47
C VAL H 133 18.92 -2.63 -34.76
N VAL H 134 20.20 -2.28 -34.88
CA VAL H 134 20.60 -1.01 -35.46
C VAL H 134 21.03 -1.37 -36.85
N TYR H 135 20.10 -1.29 -37.79
CA TYR H 135 20.33 -1.78 -39.15
C TYR H 135 21.55 -1.15 -39.79
N GLY H 136 22.37 -2.02 -40.39
CA GLY H 136 23.64 -1.65 -41.01
C GLY H 136 24.84 -1.98 -40.13
N VAL H 137 24.55 -2.32 -38.88
CA VAL H 137 25.58 -2.66 -37.92
C VAL H 137 25.45 -4.13 -37.55
N ASN H 138 24.27 -4.54 -37.06
CA ASN H 138 24.09 -5.91 -36.55
C ASN H 138 22.82 -6.63 -37.01
N GLN H 139 22.39 -6.33 -38.25
CA GLN H 139 21.25 -7.05 -38.83
C GLN H 139 21.61 -8.50 -39.16
N ASP H 140 22.90 -8.72 -39.44
CA ASP H 140 23.45 -10.06 -39.69
C ASP H 140 23.29 -11.00 -38.50
N GLN H 141 23.08 -10.45 -37.31
CA GLN H 141 22.83 -11.25 -36.09
C GLN H 141 21.37 -11.71 -35.86
N LEU H 142 20.53 -11.66 -36.88
CA LEU H 142 19.13 -12.08 -36.73
C LEU H 142 18.93 -13.56 -37.06
N ARG H 143 18.01 -14.19 -36.33
CA ARG H 143 17.72 -15.62 -36.45
C ARG H 143 16.26 -15.91 -36.86
N ALA H 144 15.96 -17.19 -37.08
CA ALA H 144 14.59 -17.69 -37.06
C ALA H 144 13.96 -17.40 -35.69
N GLU H 145 14.62 -17.91 -34.64
CA GLU H 145 14.17 -17.82 -33.22
C GLU H 145 13.68 -16.42 -32.82
N HIS H 146 14.17 -15.40 -33.55
CA HIS H 146 13.95 -13.99 -33.21
C HIS H 146 12.62 -13.49 -33.71
N ARG H 147 11.70 -13.24 -32.79
CA ARG H 147 10.32 -12.89 -33.17
C ARG H 147 9.78 -11.59 -32.58
N ILE H 148 10.37 -11.17 -31.46
CA ILE H 148 10.05 -9.91 -30.84
C ILE H 148 11.33 -9.10 -30.80
N VAL H 149 11.46 -8.11 -31.69
CA VAL H 149 12.69 -7.33 -31.78
C VAL H 149 12.47 -5.82 -31.65
N SER H 150 13.49 -5.12 -31.20
CA SER H 150 13.47 -3.66 -31.08
C SER H 150 14.30 -3.06 -32.19
N ASN H 151 13.92 -1.89 -32.66
CA ASN H 151 14.68 -1.18 -33.72
C ASN H 151 15.59 -0.07 -33.18
N ALA H 152 15.87 -0.11 -31.88
CA ALA H 152 16.59 0.98 -31.20
C ALA H 152 15.76 2.27 -31.28
N SER H 153 16.40 3.42 -31.06
CA SER H 153 15.72 4.73 -31.22
C SER H 153 16.33 5.43 -32.42
N CYS H 154 15.73 6.55 -32.84
CA CYS H 154 16.28 7.31 -33.97
C CYS H 154 17.67 7.89 -33.69
N THR H 155 17.88 8.35 -32.44
CA THR H 155 19.18 8.90 -32.04
C THR H 155 20.26 7.81 -31.91
N THR H 156 19.93 6.71 -31.25
CA THR H 156 20.88 5.58 -31.18
C THR H 156 21.16 5.06 -32.59
N ASN H 157 20.12 4.96 -33.41
CA ASN H 157 20.29 4.49 -34.78
C ASN H 157 21.16 5.42 -35.61
N CYS H 158 21.16 6.69 -35.22
CA CYS H 158 21.97 7.69 -35.86
C CYS H 158 23.44 7.59 -35.48
N ILE H 159 23.73 7.53 -34.18
CA ILE H 159 25.11 7.65 -33.69
C ILE H 159 25.87 6.30 -33.54
N ILE H 160 25.14 5.21 -33.25
CA ILE H 160 25.77 3.89 -33.08
C ILE H 160 26.69 3.51 -34.24
N PRO H 161 26.23 3.64 -35.51
CA PRO H 161 27.11 3.29 -36.63
C PRO H 161 28.45 4.03 -36.57
N VAL H 162 28.39 5.33 -36.26
CA VAL H 162 29.61 6.14 -36.17
C VAL H 162 30.49 5.66 -35.02
N ILE H 163 29.88 5.41 -33.86
CA ILE H 163 30.65 4.95 -32.71
C ILE H 163 31.37 3.64 -33.03
N LYS H 164 30.68 2.76 -33.76
CA LYS H 164 31.28 1.48 -34.19
C LYS H 164 32.47 1.73 -35.09
N LEU H 165 32.24 2.46 -36.16
CA LEU H 165 33.30 2.78 -37.09
C LEU H 165 34.52 3.33 -36.36
N LEU H 166 34.30 4.25 -35.42
CA LEU H 166 35.41 4.90 -34.71
C LEU H 166 36.09 3.93 -33.78
N ASP H 167 35.30 3.13 -33.07
CA ASP H 167 35.83 2.16 -32.10
C ASP H 167 36.68 1.11 -32.79
N ASP H 168 36.15 0.56 -33.88
CA ASP H 168 36.88 -0.43 -34.69
C ASP H 168 38.22 0.12 -35.15
N ALA H 169 38.24 1.36 -35.59
CA ALA H 169 39.43 1.95 -36.20
C ALA H 169 40.45 2.45 -35.18
N TYR H 170 39.99 2.95 -34.03
CA TYR H 170 40.89 3.63 -33.10
C TYR H 170 40.79 3.21 -31.64
N GLY H 171 39.77 2.42 -31.32
CA GLY H 171 39.59 1.94 -29.95
C GLY H 171 39.15 3.04 -28.99
N ILE H 172 37.84 3.18 -28.84
CA ILE H 172 37.26 4.23 -27.99
C ILE H 172 37.45 3.87 -26.54
N GLU H 173 37.96 4.83 -25.78
CA GLU H 173 38.25 4.60 -24.37
C GLU H 173 37.11 5.12 -23.52
N SER H 174 36.60 6.28 -23.89
CA SER H 174 35.40 6.87 -23.25
C SER H 174 34.76 7.93 -24.16
N GLY H 175 33.48 8.21 -23.93
CA GLY H 175 32.72 9.07 -24.80
C GLY H 175 31.65 9.91 -24.11
N THR H 176 31.35 11.05 -24.73
CA THR H 176 30.35 11.97 -24.22
C THR H 176 29.61 12.57 -25.41
N VAL H 177 28.30 12.71 -25.28
CA VAL H 177 27.47 13.15 -26.40
C VAL H 177 26.54 14.28 -26.04
N THR H 178 26.35 15.19 -26.98
CA THR H 178 25.33 16.22 -26.86
C THR H 178 24.43 16.12 -28.08
N THR H 179 23.14 16.01 -27.82
CA THR H 179 22.15 15.93 -28.90
C THR H 179 21.37 17.23 -28.98
N ILE H 180 21.32 17.81 -30.17
CA ILE H 180 20.55 19.00 -30.40
C ILE H 180 19.29 18.66 -31.20
N HIS H 181 18.20 18.54 -30.46
CA HIS H 181 16.90 18.14 -30.97
C HIS H 181 16.15 19.31 -31.58
N SER H 182 15.38 19.04 -32.63
CA SER H 182 14.44 20.03 -33.14
C SER H 182 13.10 19.89 -32.40
N ALA H 183 12.11 20.72 -32.73
CA ALA H 183 10.80 20.67 -32.05
C ALA H 183 9.77 20.03 -32.95
N ALA H 202 7.50 28.03 -22.65
CA ALA H 202 7.39 28.06 -24.11
C ALA H 202 8.70 27.61 -24.86
N ALA H 203 8.50 26.97 -26.02
CA ALA H 203 9.57 26.36 -26.85
C ALA H 203 10.14 27.23 -27.99
N SER H 204 9.31 28.06 -28.62
CA SER H 204 9.65 28.75 -29.90
C SER H 204 10.64 29.94 -29.80
N GLN H 205 11.35 30.04 -28.68
CA GLN H 205 12.35 31.08 -28.48
C GLN H 205 13.60 30.56 -27.79
N SER H 206 13.49 29.52 -26.97
CA SER H 206 14.58 29.11 -26.11
C SER H 206 15.37 27.95 -26.67
N ILE H 207 16.52 27.70 -26.05
CA ILE H 207 17.20 26.41 -26.05
C ILE H 207 16.78 25.69 -24.76
N ILE H 208 16.08 24.56 -24.87
CA ILE H 208 15.56 23.87 -23.69
C ILE H 208 16.31 22.57 -23.40
N PRO H 209 16.82 22.44 -22.16
CA PRO H 209 17.45 21.23 -21.74
C PRO H 209 16.39 20.20 -21.48
N VAL H 210 16.57 19.01 -22.07
CA VAL H 210 15.59 17.93 -22.00
C VAL H 210 16.24 16.60 -21.62
N ASP H 211 15.42 15.67 -21.15
CA ASP H 211 15.87 14.31 -20.80
C ASP H 211 16.30 13.50 -22.04
N THR H 212 17.22 12.58 -21.82
CA THR H 212 17.77 11.87 -22.93
C THR H 212 18.18 10.48 -22.52
N LYS H 213 17.85 9.51 -23.36
CA LYS H 213 18.03 8.12 -23.04
C LYS H 213 19.18 7.56 -23.87
N LEU H 214 19.94 8.43 -24.54
CA LEU H 214 20.83 8.05 -25.64
C LEU H 214 22.08 7.29 -25.22
N ALA H 215 22.51 7.53 -23.97
CA ALA H 215 23.69 6.88 -23.40
C ALA H 215 23.32 5.49 -22.95
N ALA H 216 22.15 5.37 -22.34
CA ALA H 216 21.61 4.07 -21.92
C ALA H 216 21.57 3.19 -23.14
N GLY H 217 21.16 3.77 -24.24
CA GLY H 217 21.08 3.08 -25.51
C GLY H 217 22.42 2.65 -26.07
N ILE H 218 23.44 3.47 -25.88
CA ILE H 218 24.78 3.18 -26.38
C ILE H 218 25.44 2.07 -25.57
N THR H 219 25.43 2.23 -24.25
CA THR H 219 26.03 1.24 -23.34
C THR H 219 25.33 -0.11 -23.40
N ARG H 220 24.04 -0.09 -23.69
CA ARG H 220 23.30 -1.34 -23.88
C ARG H 220 23.78 -2.06 -25.15
N PHE H 221 23.89 -1.33 -26.24
CA PHE H 221 24.35 -1.89 -27.50
C PHE H 221 25.86 -2.24 -27.45
N PHE H 222 26.64 -1.43 -26.76
CA PHE H 222 28.05 -1.67 -26.54
C PHE H 222 28.30 -1.78 -25.05
N PRO H 223 28.14 -2.98 -24.47
CA PRO H 223 28.33 -3.15 -23.02
C PRO H 223 29.74 -2.83 -22.51
N GLN H 224 30.74 -2.93 -23.40
CA GLN H 224 32.13 -2.55 -23.05
C GLN H 224 32.28 -1.06 -22.65
N PHE H 225 31.21 -0.29 -22.79
CA PHE H 225 31.23 1.15 -22.49
C PHE H 225 30.45 1.55 -21.24
N ASN H 226 30.00 0.58 -20.44
CA ASN H 226 29.40 0.91 -19.15
C ASN H 226 30.34 1.80 -18.33
N ASP H 227 29.78 2.83 -17.72
CA ASP H 227 30.56 3.83 -16.96
C ASP H 227 31.67 4.47 -17.79
N ARG H 228 31.43 4.59 -19.08
CA ARG H 228 32.39 5.19 -20.00
C ARG H 228 31.71 6.11 -21.01
N PHE H 229 30.39 6.19 -20.93
CA PHE H 229 29.61 7.07 -21.79
C PHE H 229 28.56 7.84 -21.02
N GLU H 230 28.43 9.12 -21.36
CA GLU H 230 27.38 9.96 -20.81
C GLU H 230 26.76 10.74 -21.96
N ALA H 231 25.61 11.35 -21.68
CA ALA H 231 24.87 12.12 -22.70
C ALA H 231 24.00 13.21 -22.09
N ILE H 232 23.97 14.37 -22.74
CA ILE H 232 23.01 15.41 -22.44
C ILE H 232 22.31 15.73 -23.74
N ALA H 233 21.24 16.52 -23.66
CA ALA H 233 20.48 16.92 -24.86
C ALA H 233 19.75 18.23 -24.67
N VAL H 234 19.59 18.97 -25.75
CA VAL H 234 18.80 20.19 -25.74
C VAL H 234 17.85 20.24 -26.93
N ARG H 235 16.72 20.92 -26.71
CA ARG H 235 15.71 21.15 -27.74
C ARG H 235 15.76 22.61 -28.15
N VAL H 236 15.86 22.82 -29.45
CA VAL H 236 15.87 24.16 -30.01
C VAL H 236 14.75 24.25 -31.04
N PRO H 237 14.25 25.48 -31.29
CA PRO H 237 13.09 25.65 -32.16
C PRO H 237 13.39 25.58 -33.64
N THR H 238 14.05 24.53 -34.07
CA THR H 238 14.27 24.31 -35.49
C THR H 238 13.32 23.23 -35.99
N ILE H 239 13.34 23.01 -37.30
CA ILE H 239 12.45 22.05 -37.96
C ILE H 239 13.12 20.71 -38.26
N ASN H 240 12.56 19.65 -37.70
CA ASN H 240 12.74 18.27 -38.21
C ASN H 240 14.10 17.59 -38.04
N VAL H 241 15.20 18.28 -38.32
CA VAL H 241 16.51 17.63 -38.33
C VAL H 241 17.23 17.80 -37.00
N THR H 242 17.94 16.74 -36.62
CA THR H 242 18.65 16.65 -35.34
C THR H 242 20.16 16.57 -35.60
N ALA H 243 20.90 17.21 -34.70
CA ALA H 243 22.36 17.23 -34.74
C ALA H 243 22.88 16.53 -33.51
N ILE H 244 23.82 15.61 -33.73
CA ILE H 244 24.48 14.90 -32.66
C ILE H 244 25.95 15.25 -32.59
N ASP H 245 26.38 15.73 -31.43
CA ASP H 245 27.72 16.25 -31.21
C ASP H 245 28.46 15.26 -30.34
N LEU H 246 29.25 14.41 -31.00
CA LEU H 246 29.89 13.27 -30.37
C LEU H 246 31.32 13.58 -30.03
N SER H 247 31.74 13.29 -28.82
CA SER H 247 33.12 13.43 -28.43
C SER H 247 33.63 12.14 -27.83
N VAL H 248 34.73 11.60 -28.37
CA VAL H 248 35.33 10.37 -27.85
C VAL H 248 36.84 10.48 -27.66
N THR H 249 37.33 9.81 -26.62
CA THR H 249 38.77 9.59 -26.45
C THR H 249 39.13 8.25 -27.10
N VAL H 250 40.24 8.21 -27.83
CA VAL H 250 40.70 7.00 -28.48
C VAL H 250 42.14 6.64 -28.13
N LYS H 251 42.47 5.38 -28.31
CA LYS H 251 43.81 4.86 -28.03
C LYS H 251 44.77 5.30 -29.15
N LYS H 252 44.45 4.90 -30.36
CA LYS H 252 45.30 5.16 -31.54
C LYS H 252 45.36 6.68 -31.78
N PRO H 253 46.55 7.26 -31.94
CA PRO H 253 46.62 8.68 -32.26
C PRO H 253 46.04 9.00 -33.64
N VAL H 254 45.31 10.11 -33.74
CA VAL H 254 44.66 10.46 -35.00
C VAL H 254 44.63 11.94 -35.31
N LYS H 255 44.46 12.23 -36.61
CA LYS H 255 44.28 13.60 -37.13
C LYS H 255 42.89 13.76 -37.74
N ALA H 256 42.38 14.97 -37.67
CA ALA H 256 41.01 15.26 -38.13
C ALA H 256 40.68 14.65 -39.50
N ASN H 257 41.53 14.88 -40.50
CA ASN H 257 41.25 14.41 -41.86
C ASN H 257 41.37 12.90 -42.04
N GLU H 258 42.16 12.23 -41.19
CA GLU H 258 42.22 10.76 -41.20
C GLU H 258 40.88 10.18 -40.78
N VAL H 259 40.34 10.72 -39.70
CA VAL H 259 39.00 10.41 -39.23
C VAL H 259 37.97 10.63 -40.33
N ASN H 260 38.03 11.79 -40.96
CA ASN H 260 37.13 12.12 -42.08
C ASN H 260 37.25 11.13 -43.23
N LEU H 261 38.47 10.73 -43.54
CA LEU H 261 38.73 9.78 -44.63
C LEU H 261 38.16 8.40 -44.29
N LEU H 262 38.33 7.99 -43.05
CA LEU H 262 37.75 6.74 -42.59
C LEU H 262 36.25 6.76 -42.82
N LEU H 263 35.59 7.79 -42.29
CA LEU H 263 34.13 7.90 -42.33
C LEU H 263 33.63 8.04 -43.77
N GLN H 264 34.30 8.85 -44.56
CA GLN H 264 33.95 9.00 -45.97
C GLN H 264 34.00 7.65 -46.70
N LYS H 265 35.02 6.86 -46.42
CA LYS H 265 35.18 5.54 -47.03
C LYS H 265 34.03 4.61 -46.62
N ALA H 266 33.70 4.62 -45.34
CA ALA H 266 32.57 3.84 -44.81
C ALA H 266 31.28 4.19 -45.53
N ALA H 267 31.07 5.48 -45.79
CA ALA H 267 29.85 5.98 -46.43
C ALA H 267 29.73 5.49 -47.87
N GLN H 268 30.89 5.29 -48.52
CA GLN H 268 30.97 4.75 -49.90
C GLN H 268 31.09 3.22 -49.95
N GLY H 269 31.40 2.62 -48.83
CA GLY H 269 31.56 1.18 -48.76
C GLY H 269 30.57 0.48 -47.87
N ALA H 270 31.08 -0.09 -46.78
CA ALA H 270 30.30 -0.96 -45.89
C ALA H 270 28.99 -0.33 -45.39
N PHE H 271 28.96 0.99 -45.29
CA PHE H 271 27.80 1.67 -44.72
C PHE H 271 27.04 2.51 -45.71
N HIS H 272 27.19 2.17 -46.99
CA HIS H 272 26.47 2.87 -48.06
C HIS H 272 24.96 2.78 -47.81
N GLY H 273 24.29 3.92 -47.92
CA GLY H 273 22.85 3.97 -47.70
C GLY H 273 22.44 4.12 -46.26
N ILE H 274 23.34 3.79 -45.32
CA ILE H 274 23.08 3.94 -43.89
C ILE H 274 23.80 5.17 -43.30
N VAL H 275 25.10 5.29 -43.57
CA VAL H 275 25.86 6.49 -43.19
C VAL H 275 26.26 7.26 -44.46
N ASP H 276 26.11 8.57 -44.40
CA ASP H 276 26.58 9.43 -45.48
C ASP H 276 27.61 10.43 -44.92
N TYR H 277 28.39 10.97 -45.84
CA TYR H 277 29.47 11.90 -45.50
C TYR H 277 29.39 13.10 -46.42
N THR H 278 29.61 14.28 -45.86
CA THR H 278 29.60 15.48 -46.67
C THR H 278 30.56 16.52 -46.14
N GLU H 279 31.14 17.26 -47.08
CA GLU H 279 32.03 18.39 -46.79
C GLU H 279 31.47 19.69 -47.34
N LEU H 280 30.30 19.60 -47.96
CA LEU H 280 29.61 20.78 -48.51
C LEU H 280 29.16 21.68 -47.37
N PRO H 281 29.04 22.98 -47.65
CA PRO H 281 28.53 23.92 -46.65
C PRO H 281 27.03 23.91 -46.57
N LEU H 282 26.50 23.06 -45.69
CA LEU H 282 25.07 22.86 -45.58
C LEU H 282 24.55 23.22 -44.19
N VAL H 283 23.25 23.33 -44.08
CA VAL H 283 22.56 23.61 -42.81
C VAL H 283 21.55 22.50 -42.55
N SER H 284 21.03 22.43 -41.32
CA SER H 284 20.24 21.25 -40.89
C SER H 284 19.17 20.86 -41.91
N VAL H 285 18.38 21.86 -42.31
CA VAL H 285 17.23 21.63 -43.21
C VAL H 285 17.62 20.94 -44.53
N ASP H 286 18.89 20.99 -44.89
CA ASP H 286 19.30 20.33 -46.12
C ASP H 286 19.27 18.83 -46.02
N PHE H 287 19.20 18.32 -44.81
CA PHE H 287 19.15 16.87 -44.58
C PHE H 287 17.73 16.43 -44.31
N ASN H 288 16.78 17.36 -44.40
CA ASN H 288 15.36 17.06 -44.29
C ASN H 288 15.01 16.01 -45.34
N HIS H 289 14.33 14.97 -44.89
CA HIS H 289 13.90 13.90 -45.80
C HIS H 289 15.07 13.10 -46.37
N ASP H 290 16.17 13.04 -45.64
CA ASP H 290 17.32 12.23 -46.03
C ASP H 290 17.21 10.87 -45.37
N PRO H 291 17.19 9.82 -46.18
CA PRO H 291 17.01 8.42 -45.77
C PRO H 291 18.12 7.84 -44.91
N HIS H 292 19.29 8.44 -44.95
CA HIS H 292 20.42 7.91 -44.19
C HIS H 292 20.12 7.96 -42.69
N SER H 293 20.66 6.99 -41.95
CA SER H 293 20.56 6.97 -40.49
C SER H 293 21.37 8.11 -39.88
N ALA H 294 22.45 8.47 -40.56
CA ALA H 294 23.40 9.48 -40.10
C ALA H 294 24.14 10.08 -41.28
N ILE H 295 24.31 11.40 -41.26
CA ILE H 295 25.16 12.09 -42.21
C ILE H 295 26.26 12.82 -41.45
N VAL H 296 27.50 12.43 -41.73
CA VAL H 296 28.64 13.01 -41.03
C VAL H 296 29.05 14.30 -41.70
N ASP H 297 29.18 15.36 -40.90
CA ASP H 297 29.63 16.65 -41.43
C ASP H 297 31.14 16.78 -41.28
N GLY H 298 31.85 16.49 -42.36
CA GLY H 298 33.32 16.52 -42.35
C GLY H 298 33.93 17.82 -41.89
N THR H 299 33.30 18.91 -42.26
CA THR H 299 33.82 20.26 -41.97
C THR H 299 33.83 20.56 -40.48
N GLN H 300 33.14 19.74 -39.70
CA GLN H 300 33.04 19.95 -38.27
C GLN H 300 33.90 18.97 -37.45
N THR H 301 34.57 18.05 -38.12
CA THR H 301 35.44 17.10 -37.44
C THR H 301 36.65 17.81 -36.87
N ARG H 302 36.99 17.46 -35.63
CA ARG H 302 38.13 18.01 -34.92
C ARG H 302 38.82 16.93 -34.13
N VAL H 303 40.11 17.12 -33.87
CA VAL H 303 40.83 16.24 -32.95
C VAL H 303 41.64 17.15 -32.02
N SER H 304 41.48 16.94 -30.72
CA SER H 304 42.21 17.70 -29.70
C SER H 304 43.33 16.86 -29.12
N GLY H 305 44.55 17.36 -29.22
CA GLY H 305 45.71 16.51 -29.06
C GLY H 305 45.63 15.53 -30.21
N ALA H 306 45.91 14.27 -29.95
CA ALA H 306 45.84 13.25 -30.99
C ALA H 306 44.77 12.21 -30.67
N HIS H 307 44.04 12.45 -29.58
CA HIS H 307 43.22 11.41 -28.93
C HIS H 307 41.77 11.77 -28.64
N LEU H 308 41.40 13.06 -28.70
CA LEU H 308 40.01 13.50 -28.44
C LEU H 308 39.29 13.91 -29.72
N ILE H 309 38.39 13.08 -30.19
CA ILE H 309 37.73 13.32 -31.47
C ILE H 309 36.38 13.97 -31.25
N LYS H 310 36.13 15.06 -31.95
CA LYS H 310 34.78 15.62 -32.03
C LYS H 310 34.23 15.46 -33.43
N THR H 311 33.04 14.91 -33.53
CA THR H 311 32.36 14.77 -34.80
C THR H 311 30.91 15.20 -34.63
N LEU H 312 30.42 15.98 -35.60
CA LEU H 312 29.02 16.39 -35.64
C LEU H 312 28.28 15.58 -36.69
N VAL H 313 27.23 14.88 -36.27
CA VAL H 313 26.46 14.05 -37.17
C VAL H 313 25.01 14.54 -37.23
N TRP H 314 24.54 14.77 -38.45
CA TRP H 314 23.17 15.17 -38.71
C TRP H 314 22.34 13.94 -38.92
N CYS H 315 21.05 14.02 -38.59
CA CYS H 315 20.07 13.02 -39.03
C CYS H 315 18.65 13.60 -39.07
N ASP H 316 17.86 13.13 -40.05
CA ASP H 316 16.42 13.33 -40.00
C ASP H 316 15.90 12.34 -38.97
N ASN H 317 15.56 12.86 -37.79
CA ASN H 317 15.20 12.04 -36.61
C ASN H 317 13.98 11.14 -36.81
N GLU H 318 13.25 11.36 -37.91
CA GLU H 318 12.10 10.52 -38.20
C GLU H 318 12.29 9.71 -39.46
N TRP H 319 12.70 10.36 -40.52
CA TRP H 319 12.76 9.72 -41.83
C TRP H 319 13.79 8.58 -41.88
N GLY H 320 14.98 8.86 -41.39
CA GLY H 320 16.01 7.85 -41.34
C GLY H 320 15.47 6.63 -40.61
N PHE H 321 15.00 6.86 -39.39
CA PHE H 321 14.50 5.80 -38.53
C PHE H 321 13.40 5.00 -39.21
N ALA H 322 12.50 5.71 -39.88
CA ALA H 322 11.37 5.11 -40.59
C ALA H 322 11.80 4.14 -41.68
N ASN H 323 12.80 4.55 -42.44
CA ASN H 323 13.37 3.68 -43.47
C ASN H 323 14.11 2.47 -42.88
N ARG H 324 14.73 2.67 -41.71
CA ARG H 324 15.37 1.54 -40.99
C ARG H 324 14.33 0.56 -40.48
N MET H 325 13.18 1.05 -40.09
CA MET H 325 12.10 0.16 -39.67
C MET H 325 11.80 -0.79 -40.81
N LEU H 326 11.71 -0.24 -42.01
CA LEU H 326 11.41 -1.03 -43.19
C LEU H 326 12.57 -1.95 -43.52
N ASP H 327 13.80 -1.47 -43.40
CA ASP H 327 14.96 -2.33 -43.68
C ASP H 327 14.95 -3.53 -42.75
N THR H 328 14.77 -3.25 -41.46
CA THR H 328 14.79 -4.31 -40.44
C THR H 328 13.66 -5.27 -40.71
N THR H 329 12.49 -4.73 -41.02
CA THR H 329 11.32 -5.58 -41.28
C THR H 329 11.65 -6.61 -42.35
N LEU H 330 12.19 -6.16 -43.46
CA LEU H 330 12.57 -7.05 -44.55
C LEU H 330 13.51 -8.15 -44.12
N ALA H 331 14.56 -7.76 -43.40
CA ALA H 331 15.51 -8.73 -42.84
C ALA H 331 14.80 -9.79 -41.97
N MET H 332 13.87 -9.33 -41.12
CA MET H 332 13.13 -10.22 -40.21
C MET H 332 12.27 -11.23 -40.96
N ALA H 333 11.60 -10.75 -41.99
CA ALA H 333 10.73 -11.59 -42.82
C ALA H 333 11.51 -12.54 -43.72
N THR H 334 12.75 -12.18 -44.03
CA THR H 334 13.62 -12.97 -44.94
C THR H 334 14.42 -14.08 -44.23
N VAL H 335 14.87 -13.84 -43.00
CA VAL H 335 15.60 -14.83 -42.18
C VAL H 335 14.61 -15.87 -41.63
N THR I 1 37.64 50.93 18.94
CA THR I 1 37.79 49.45 18.87
C THR I 1 39.23 49.07 18.49
N VAL I 2 39.70 47.98 19.11
CA VAL I 2 40.97 47.33 18.76
C VAL I 2 40.72 46.40 17.58
N ARG I 3 41.62 46.40 16.61
CA ARG I 3 41.43 45.56 15.45
C ARG I 3 42.49 44.48 15.36
N VAL I 4 42.03 43.22 15.32
CA VAL I 4 42.90 42.08 15.29
C VAL I 4 42.74 41.27 14.01
N ALA I 5 43.85 40.66 13.62
CA ALA I 5 43.86 39.71 12.54
C ALA I 5 44.22 38.39 13.15
N ILE I 6 43.70 37.31 12.58
CA ILE I 6 44.04 35.98 13.04
C ILE I 6 44.82 35.27 11.96
N ASN I 7 46.02 34.82 12.31
CA ASN I 7 46.82 33.98 11.42
C ASN I 7 46.63 32.55 11.86
N GLY I 8 46.03 31.75 10.98
CA GLY I 8 45.76 30.36 11.28
C GLY I 8 44.36 30.23 11.83
N PHE I 9 43.51 29.52 11.09
CA PHE I 9 42.11 29.33 11.47
C PHE I 9 41.85 27.86 11.81
N GLY I 10 42.68 27.34 12.70
CA GLY I 10 42.52 25.99 13.20
C GLY I 10 41.50 25.95 14.32
N ARG I 11 41.68 25.00 15.23
CA ARG I 11 40.78 24.87 16.36
C ARG I 11 40.79 26.12 17.20
N ILE I 12 41.97 26.57 17.57
CA ILE I 12 42.09 27.69 18.50
C ILE I 12 41.63 28.99 17.86
N GLY I 13 42.07 29.21 16.62
CA GLY I 13 41.66 30.39 15.85
C GLY I 13 40.14 30.52 15.75
N ARG I 14 39.51 29.42 15.38
CA ARG I 14 38.05 29.39 15.28
C ARG I 14 37.38 29.74 16.59
N ASN I 15 37.92 29.22 17.68
CA ASN I 15 37.37 29.45 19.01
C ASN I 15 37.54 30.87 19.46
N VAL I 16 38.68 31.46 19.14
CA VAL I 16 38.89 32.87 19.46
C VAL I 16 37.78 33.72 18.84
N VAL I 17 37.49 33.48 17.57
CA VAL I 17 36.42 34.18 16.89
C VAL I 17 35.10 33.92 17.63
N ARG I 18 34.76 32.66 17.82
CA ARG I 18 33.52 32.32 18.49
C ARG I 18 33.46 33.00 19.84
N ALA I 19 34.58 33.00 20.56
CA ALA I 19 34.65 33.59 21.89
C ALA I 19 34.44 35.09 21.82
N LEU I 20 35.00 35.74 20.82
CA LEU I 20 34.86 37.19 20.68
C LEU I 20 33.39 37.62 20.68
N TYR I 21 32.59 36.88 19.93
CA TYR I 21 31.20 37.20 19.78
C TYR I 21 30.38 36.82 21.00
N GLU I 22 30.53 35.58 21.47
CA GLU I 22 29.76 35.08 22.61
C GLU I 22 30.14 35.76 23.90
N SER I 23 31.44 35.80 24.14
CA SER I 23 32.01 36.44 25.32
C SER I 23 31.45 37.83 25.53
N GLY I 24 31.13 38.48 24.41
CA GLY I 24 30.56 39.82 24.44
C GLY I 24 31.64 40.85 24.23
N ARG I 25 32.89 40.41 24.09
CA ARG I 25 34.01 41.33 23.92
C ARG I 25 34.08 41.97 22.55
N ARG I 26 33.20 41.58 21.64
CA ARG I 26 33.07 42.24 20.34
C ARG I 26 32.94 43.77 20.47
N ALA I 27 32.37 44.20 21.60
CA ALA I 27 32.24 45.62 21.91
C ALA I 27 33.57 46.37 21.94
N GLU I 28 34.68 45.69 22.22
CA GLU I 28 35.98 46.36 22.17
C GLU I 28 36.90 45.84 21.06
N ILE I 29 36.61 44.68 20.46
CA ILE I 29 37.50 44.13 19.44
C ILE I 29 36.79 43.73 18.15
N THR I 30 37.44 44.01 17.02
CA THR I 30 36.96 43.57 15.71
C THR I 30 38.01 42.70 14.99
N VAL I 31 37.60 41.52 14.53
CA VAL I 31 38.45 40.71 13.64
C VAL I 31 38.25 41.27 12.23
N VAL I 32 39.34 41.71 11.62
CA VAL I 32 39.27 42.31 10.29
C VAL I 32 39.72 41.34 9.19
N ALA I 33 40.64 40.43 9.54
CA ALA I 33 41.17 39.48 8.60
C ALA I 33 41.48 38.16 9.26
N ILE I 34 41.28 37.09 8.50
CA ILE I 34 41.76 35.77 8.88
C ILE I 34 42.61 35.27 7.73
N ASN I 35 43.80 34.79 8.05
CA ASN I 35 44.65 34.19 7.08
C ASN I 35 44.58 32.69 7.26
N GLU I 36 44.29 31.99 6.18
CA GLU I 36 44.16 30.54 6.22
C GLU I 36 44.48 29.94 4.85
N LEU I 37 45.29 28.87 4.85
CA LEU I 37 45.55 28.08 3.63
C LEU I 37 44.26 27.45 3.11
N ALA I 38 43.47 26.89 4.01
CA ALA I 38 42.12 26.35 3.69
C ALA I 38 41.11 27.36 3.07
N ASP I 39 40.28 26.87 2.16
CA ASP I 39 39.36 27.70 1.38
C ASP I 39 38.24 28.37 2.21
N ALA I 40 37.91 29.59 1.80
CA ALA I 40 36.91 30.44 2.45
C ALA I 40 35.57 29.76 2.78
N ALA I 41 35.19 28.80 1.95
CA ALA I 41 33.96 28.04 2.15
C ALA I 41 34.09 27.11 3.34
N GLY I 42 35.25 26.47 3.44
CA GLY I 42 35.47 25.46 4.47
C GLY I 42 35.63 26.09 5.83
N MET I 43 36.40 27.16 5.85
CA MET I 43 36.56 28.01 7.01
C MET I 43 35.21 28.27 7.63
N ALA I 44 34.30 28.68 6.76
CA ALA I 44 32.98 29.07 7.19
C ALA I 44 32.22 27.91 7.82
N HIS I 45 32.32 26.73 7.20
CA HIS I 45 31.62 25.56 7.67
C HIS I 45 32.10 25.14 9.04
N LEU I 46 33.40 24.91 9.17
CA LEU I 46 33.98 24.53 10.43
C LEU I 46 33.74 25.57 11.53
N LEU I 47 33.66 26.84 11.17
CA LEU I 47 33.34 27.87 12.17
C LEU I 47 31.93 27.68 12.68
N LYS I 48 31.02 27.32 11.79
CA LYS I 48 29.61 27.17 12.15
C LYS I 48 29.35 25.90 12.97
N TYR I 49 30.00 24.80 12.62
CA TYR I 49 29.74 23.50 13.25
C TYR I 49 30.97 22.96 14.03
N ASP I 50 30.93 22.99 15.36
CA ASP I 50 31.97 22.34 16.16
C ASP I 50 31.57 22.26 17.63
N THR I 51 31.88 21.10 18.24
CA THR I 51 31.54 20.75 19.64
C THR I 51 31.67 21.88 20.66
N ARG I 55 26.29 24.15 17.34
CA ARG I 55 26.13 25.11 16.26
C ARG I 55 26.41 26.51 16.76
N PHE I 56 27.24 27.25 16.04
CA PHE I 56 27.54 28.62 16.39
C PHE I 56 26.27 29.45 16.30
N ALA I 57 25.95 30.13 17.39
CA ALA I 57 24.69 30.90 17.52
C ALA I 57 24.55 32.02 16.47
N TRP I 58 25.67 32.55 16.02
CA TRP I 58 25.65 33.61 15.01
C TRP I 58 25.50 33.03 13.61
N GLU I 59 25.12 33.88 12.66
CA GLU I 59 24.91 33.46 11.30
C GLU I 59 26.20 33.60 10.50
N VAL I 60 26.65 32.49 9.92
CA VAL I 60 27.92 32.44 9.21
C VAL I 60 27.67 32.29 7.70
N ARG I 61 28.00 33.34 6.93
CA ARG I 61 27.80 33.36 5.48
C ARG I 61 29.14 33.60 4.79
N GLN I 62 29.24 33.36 3.47
CA GLN I 62 30.49 33.66 2.71
C GLN I 62 30.35 33.94 1.20
N GLU I 63 31.05 34.98 0.73
CA GLU I 63 31.02 35.41 -0.69
C GLU I 63 32.31 36.09 -1.06
N ARG I 64 32.82 35.84 -2.25
CA ARG I 64 34.17 36.27 -2.69
C ARG I 64 35.12 36.18 -1.51
N ASP I 65 35.98 37.18 -1.33
CA ASP I 65 36.96 37.18 -0.22
C ASP I 65 36.41 37.53 1.19
N GLN I 66 35.10 37.45 1.39
CA GLN I 66 34.48 37.81 2.66
C GLN I 66 33.85 36.63 3.41
N LEU I 67 34.14 36.54 4.71
CA LEU I 67 33.45 35.63 5.62
C LEU I 67 32.63 36.47 6.59
N PHE I 68 31.34 36.22 6.67
CA PHE I 68 30.48 37.09 7.45
C PHE I 68 30.05 36.40 8.70
N VAL I 69 30.14 37.11 9.83
CA VAL I 69 29.62 36.61 11.08
C VAL I 69 28.63 37.64 11.58
N GLY I 70 27.35 37.33 11.40
CA GLY I 70 26.29 38.29 11.64
C GLY I 70 26.37 39.41 10.62
N ASP I 71 26.34 40.64 11.11
CA ASP I 71 26.45 41.86 10.30
C ASP I 71 27.89 42.12 9.83
N ASP I 72 28.86 41.55 10.54
CA ASP I 72 30.27 41.84 10.31
C ASP I 72 30.85 41.12 9.10
N ALA I 73 31.81 41.76 8.46
CA ALA I 73 32.44 41.22 7.25
C ALA I 73 33.94 41.13 7.47
N ILE I 74 34.44 39.91 7.64
CA ILE I 74 35.87 39.64 7.85
C ILE I 74 36.51 39.17 6.56
N ARG I 75 37.66 39.74 6.23
CA ARG I 75 38.36 39.40 4.98
C ARG I 75 39.20 38.14 5.11
N VAL I 76 39.17 37.27 4.09
CA VAL I 76 39.90 35.99 4.13
C VAL I 76 41.12 36.03 3.23
N LEU I 77 42.28 35.67 3.77
CA LEU I 77 43.53 35.65 3.02
C LEU I 77 44.06 34.24 2.96
N HIS I 78 44.93 33.99 1.99
CA HIS I 78 45.57 32.67 1.83
C HIS I 78 47.05 32.83 1.56
N GLU I 79 47.65 33.76 2.30
CA GLU I 79 49.06 34.03 2.16
C GLU I 79 49.85 33.00 2.94
N ARG I 80 50.88 32.50 2.29
CA ARG I 80 51.57 31.30 2.70
C ARG I 80 52.79 31.76 3.51
N SER I 81 53.48 32.76 2.96
CA SER I 81 54.58 33.44 3.63
C SER I 81 54.04 34.63 4.42
N LEU I 82 54.73 35.01 5.49
CA LEU I 82 54.27 36.15 6.29
C LEU I 82 54.58 37.48 5.62
N GLN I 83 55.72 37.57 4.94
CA GLN I 83 56.19 38.86 4.45
C GLN I 83 55.10 39.57 3.64
N SER I 84 54.27 38.78 2.97
CA SER I 84 53.24 39.28 2.08
C SER I 84 51.86 39.51 2.74
N LEU I 85 51.80 39.47 4.06
CA LEU I 85 50.54 39.72 4.76
C LEU I 85 50.22 41.22 4.75
N PRO I 86 49.01 41.60 4.32
CA PRO I 86 48.59 43.00 4.26
C PRO I 86 48.12 43.59 5.59
N TRP I 87 48.93 43.40 6.64
CA TRP I 87 48.55 43.92 7.96
C TRP I 87 48.50 45.45 7.99
N ARG I 88 49.48 46.07 7.34
CA ARG I 88 49.55 47.53 7.24
C ARG I 88 48.31 48.10 6.59
N GLU I 89 47.98 47.53 5.43
CA GLU I 89 46.78 47.91 4.67
C GLU I 89 45.48 47.85 5.49
N LEU I 90 45.39 46.90 6.42
CA LEU I 90 44.18 46.69 7.23
C LEU I 90 44.22 47.37 8.62
N GLY I 91 45.38 47.94 8.95
CA GLY I 91 45.54 48.67 10.19
C GLY I 91 45.49 47.80 11.42
N VAL I 92 46.00 46.59 11.30
CA VAL I 92 46.00 45.61 12.38
C VAL I 92 46.76 46.09 13.63
N ASP I 93 46.06 46.16 14.76
CA ASP I 93 46.67 46.52 16.05
C ASP I 93 47.37 45.33 16.71
N VAL I 94 46.72 44.17 16.69
CA VAL I 94 47.34 42.93 17.17
C VAL I 94 47.07 41.77 16.22
N VAL I 95 48.10 40.99 15.92
CA VAL I 95 47.92 39.73 15.20
C VAL I 95 47.96 38.60 16.19
N LEU I 96 46.85 37.84 16.25
CA LEU I 96 46.80 36.61 17.01
C LEU I 96 47.23 35.50 16.06
N ASP I 97 48.43 34.97 16.27
CA ASP I 97 48.89 33.89 15.45
C ASP I 97 48.58 32.55 16.11
N CYS I 98 47.63 31.84 15.50
CA CYS I 98 47.13 30.57 16.00
C CYS I 98 47.41 29.45 15.01
N THR I 99 48.51 29.59 14.30
CA THR I 99 48.91 28.58 13.31
C THR I 99 49.53 27.39 14.00
N GLY I 100 50.22 27.64 15.11
CA GLY I 100 50.97 26.60 15.77
C GLY I 100 52.30 26.25 15.11
N VAL I 101 52.55 26.80 13.93
CA VAL I 101 53.84 26.67 13.26
C VAL I 101 54.78 27.82 13.63
N TYR I 102 54.29 29.06 13.55
CA TYR I 102 55.11 30.22 13.86
C TYR I 102 55.18 30.49 15.36
N GLY I 103 56.35 30.95 15.82
CA GLY I 103 56.57 31.19 17.24
C GLY I 103 57.88 31.82 17.61
N SER I 104 58.69 32.04 16.58
CA SER I 104 60.04 32.51 16.76
C SER I 104 59.94 34.00 16.76
N ARG I 105 60.95 34.64 17.35
CA ARG I 105 60.99 36.08 17.48
C ARG I 105 60.90 36.72 16.12
N GLU I 106 61.65 36.14 15.22
CA GLU I 106 61.76 36.59 13.83
C GLU I 106 60.40 36.57 13.17
N HIS I 107 59.62 35.54 13.48
CA HIS I 107 58.25 35.42 13.00
C HIS I 107 57.44 36.60 13.47
N GLY I 108 57.62 36.96 14.74
CA GLY I 108 57.01 38.16 15.32
C GLY I 108 57.41 39.40 14.53
N GLU I 109 58.71 39.60 14.38
CA GLU I 109 59.24 40.75 13.63
C GLU I 109 58.60 40.79 12.23
N ALA I 110 58.53 39.63 11.58
CA ALA I 110 57.95 39.49 10.23
C ALA I 110 56.52 40.01 10.15
N HIS I 111 55.72 39.65 11.14
CA HIS I 111 54.34 40.12 11.28
C HIS I 111 54.30 41.64 11.43
N ILE I 112 55.14 42.16 12.32
CA ILE I 112 55.22 43.60 12.55
C ILE I 112 55.68 44.31 11.27
N ALA I 113 56.76 43.81 10.69
CA ALA I 113 57.25 44.27 9.38
C ALA I 113 56.13 44.32 8.34
N ALA I 114 55.28 43.31 8.33
CA ALA I 114 54.14 43.27 7.41
C ALA I 114 53.05 44.32 7.74
N GLY I 115 53.15 44.93 8.91
CA GLY I 115 52.32 46.09 9.27
C GLY I 115 51.48 45.95 10.54
N ALA I 116 51.79 44.97 11.37
CA ALA I 116 51.06 44.73 12.60
C ALA I 116 51.80 45.37 13.75
N LYS I 117 51.09 46.08 14.60
CA LYS I 117 51.71 46.78 15.72
C LYS I 117 52.30 45.79 16.71
N LYS I 118 51.49 44.80 17.09
CA LYS I 118 51.90 43.77 18.04
C LYS I 118 51.49 42.36 17.58
N VAL I 119 52.16 41.37 18.16
CA VAL I 119 51.89 39.97 17.89
C VAL I 119 51.61 39.20 19.19
N LEU I 120 50.64 38.30 19.14
CA LEU I 120 50.35 37.39 20.26
C LEU I 120 50.28 35.95 19.76
N PHE I 121 51.14 35.09 20.29
CA PHE I 121 51.16 33.67 19.90
C PHE I 121 50.28 32.83 20.80
N SER I 122 49.59 31.87 20.18
CA SER I 122 48.67 30.96 20.88
C SER I 122 49.38 29.78 21.53
N HIS I 123 50.66 29.95 21.82
CA HIS I 123 51.45 28.91 22.45
C HIS I 123 52.73 29.50 23.08
N PRO I 124 53.52 28.66 23.77
CA PRO I 124 54.81 29.02 24.34
C PRO I 124 55.77 29.77 23.45
N GLY I 125 55.72 29.58 22.14
CA GLY I 125 56.67 30.23 21.24
C GLY I 125 58.01 29.49 21.19
N SER I 126 58.50 29.28 19.97
CA SER I 126 59.76 28.58 19.72
C SER I 126 60.94 29.29 20.42
N ASN I 127 60.84 30.62 20.49
CA ASN I 127 61.94 31.48 20.92
C ASN I 127 61.69 32.20 22.23
N ASP I 128 62.74 32.89 22.68
CA ASP I 128 62.59 33.92 23.71
C ASP I 128 61.89 35.11 23.08
N LEU I 129 60.88 35.63 23.77
CA LEU I 129 60.08 36.74 23.29
C LEU I 129 59.89 37.76 24.43
N ASP I 130 59.36 38.94 24.08
CA ASP I 130 59.14 40.03 25.04
C ASP I 130 58.51 39.59 26.39
N ALA I 131 57.67 38.58 26.34
CA ALA I 131 57.15 38.02 27.58
C ALA I 131 56.11 36.94 27.33
N THR I 132 55.87 36.14 28.36
CA THR I 132 54.73 35.22 28.41
C THR I 132 53.66 35.81 29.36
N VAL I 133 52.41 35.83 28.91
CA VAL I 133 51.29 36.23 29.78
C VAL I 133 50.37 35.05 30.11
N VAL I 134 50.30 34.71 31.38
CA VAL I 134 49.25 33.87 31.92
C VAL I 134 48.25 34.82 32.57
N TYR I 135 47.25 35.23 31.79
CA TYR I 135 46.34 36.31 32.18
C TYR I 135 45.70 36.01 33.51
N GLY I 136 45.70 37.02 34.38
CA GLY I 136 45.16 36.92 35.75
C GLY I 136 46.26 36.73 36.78
N VAL I 137 47.46 36.40 36.30
CA VAL I 137 48.64 36.25 37.16
C VAL I 137 49.65 37.38 36.96
N ASN I 138 50.07 37.58 35.70
CA ASN I 138 51.12 38.57 35.38
C ASN I 138 50.84 39.48 34.19
N GLN I 139 49.58 39.81 33.94
CA GLN I 139 49.26 40.75 32.86
C GLN I 139 49.74 42.16 33.22
N ASP I 140 49.77 42.44 34.52
CA ASP I 140 50.27 43.73 35.05
C ASP I 140 51.74 44.02 34.68
N GLN I 141 52.47 42.99 34.30
CA GLN I 141 53.86 43.12 33.85
C GLN I 141 54.04 43.40 32.34
N LEU I 142 52.98 43.69 31.61
CA LEU I 142 53.18 44.05 30.22
C LEU I 142 53.56 45.51 30.09
N ARG I 143 54.83 45.78 29.82
CA ARG I 143 55.26 47.10 29.35
C ARG I 143 54.78 47.31 27.92
N ALA I 144 54.73 48.57 27.50
CA ALA I 144 54.35 48.96 26.13
C ALA I 144 55.35 48.45 25.10
N GLU I 145 56.61 48.36 25.49
CA GLU I 145 57.67 47.94 24.56
C GLU I 145 57.54 46.48 24.13
N HIS I 146 56.74 45.71 24.84
CA HIS I 146 56.53 44.29 24.60
C HIS I 146 55.53 44.04 23.47
N ARG I 147 56.06 43.68 22.31
CA ARG I 147 55.32 43.68 21.04
C ARG I 147 55.15 42.29 20.45
N ILE I 148 56.02 41.37 20.87
CA ILE I 148 55.90 39.97 20.50
C ILE I 148 55.73 39.16 21.79
N VAL I 149 54.51 38.73 22.08
CA VAL I 149 54.24 38.02 23.34
C VAL I 149 53.60 36.65 23.11
N SER I 150 53.82 35.75 24.08
CA SER I 150 53.22 34.42 24.10
C SER I 150 52.09 34.38 25.14
N ASN I 151 51.07 33.58 24.88
CA ASN I 151 49.94 33.44 25.81
C ASN I 151 50.02 32.19 26.67
N ALA I 152 51.23 31.58 26.73
CA ALA I 152 51.42 30.29 27.39
C ALA I 152 50.65 29.21 26.65
N SER I 153 50.38 28.06 27.28
CA SER I 153 49.49 27.04 26.69
C SER I 153 48.21 26.93 27.53
N CYS I 154 47.23 26.18 27.05
CA CYS I 154 45.97 26.03 27.78
C CYS I 154 46.18 25.34 29.10
N THR I 155 47.05 24.34 29.12
CA THR I 155 47.31 23.60 30.36
C THR I 155 48.09 24.46 31.36
N THR I 156 49.12 25.14 30.89
CA THR I 156 49.86 26.05 31.76
C THR I 156 48.95 27.15 32.24
N ASN I 157 48.12 27.67 31.34
CA ASN I 157 47.18 28.74 31.69
C ASN I 157 46.18 28.26 32.73
N CYS I 158 45.90 26.96 32.71
CA CYS I 158 44.98 26.36 33.66
C CYS I 158 45.59 26.21 35.06
N ILE I 159 46.79 25.64 35.13
CA ILE I 159 47.36 25.25 36.42
C ILE I 159 48.25 26.31 37.06
N ILE I 160 48.89 27.17 36.28
CA ILE I 160 49.76 28.20 36.85
C ILE I 160 49.06 29.04 37.93
N PRO I 161 47.85 29.56 37.64
CA PRO I 161 47.17 30.36 38.68
C PRO I 161 47.05 29.64 40.02
N VAL I 162 46.68 28.36 39.96
CA VAL I 162 46.55 27.54 41.17
C VAL I 162 47.91 27.37 41.86
N ILE I 163 48.94 27.07 41.09
CA ILE I 163 50.27 26.92 41.66
C ILE I 163 50.72 28.21 42.36
N LYS I 164 50.42 29.36 41.75
CA LYS I 164 50.73 30.65 42.36
C LYS I 164 50.00 30.83 43.68
N LEU I 165 48.69 30.67 43.64
CA LEU I 165 47.89 30.77 44.85
C LEU I 165 48.44 29.88 45.99
N LEU I 166 48.79 28.65 45.65
CA LEU I 166 49.27 27.70 46.64
C LEU I 166 50.66 28.07 47.16
N ASP I 167 51.52 28.47 46.24
CA ASP I 167 52.90 28.86 46.59
C ASP I 167 52.92 30.10 47.51
N ASP I 168 52.16 31.12 47.12
CA ASP I 168 52.04 32.35 47.91
C ASP I 168 51.58 32.03 49.33
N ALA I 169 50.59 31.15 49.45
CA ALA I 169 49.97 30.88 50.74
C ALA I 169 50.72 29.89 51.64
N TYR I 170 51.45 28.94 51.04
CA TYR I 170 52.07 27.84 51.81
C TYR I 170 53.52 27.52 51.46
N GLY I 171 54.02 28.08 50.38
CA GLY I 171 55.41 27.87 49.96
C GLY I 171 55.66 26.47 49.41
N ILE I 172 55.53 26.33 48.10
CA ILE I 172 55.68 25.04 47.46
C ILE I 172 57.14 24.67 47.42
N GLU I 173 57.44 23.45 47.84
CA GLU I 173 58.81 22.96 47.92
C GLU I 173 59.15 22.12 46.70
N SER I 174 58.18 21.31 46.27
CA SER I 174 58.28 20.57 44.99
C SER I 174 56.89 20.13 44.56
N GLY I 175 56.78 19.80 43.27
CA GLY I 175 55.50 19.45 42.68
C GLY I 175 55.57 18.39 41.61
N THR I 176 54.43 17.73 41.41
CA THR I 176 54.30 16.73 40.36
C THR I 176 52.87 16.81 39.84
N VAL I 177 52.72 16.68 38.52
CA VAL I 177 51.42 16.86 37.87
C VAL I 177 51.08 15.68 36.97
N THR I 178 49.80 15.35 36.93
CA THR I 178 49.26 14.46 35.92
C THR I 178 48.11 15.17 35.21
N THR I 179 48.19 15.20 33.89
CA THR I 179 47.15 15.81 33.08
C THR I 179 46.34 14.70 32.39
N ILE I 180 45.02 14.77 32.51
CA ILE I 180 44.15 13.84 31.81
C ILE I 180 43.45 14.56 30.66
N HIS I 181 44.00 14.37 29.47
CA HIS I 181 43.56 15.05 28.26
C HIS I 181 42.35 14.34 27.67
N SER I 182 41.46 15.11 27.05
CA SER I 182 40.41 14.53 26.22
C SER I 182 40.95 14.31 24.78
N ALA I 183 40.11 13.78 23.88
CA ALA I 183 40.51 13.57 22.48
C ALA I 183 39.84 14.59 21.57
N HIS I 194 54.90 7.74 12.93
CA HIS I 194 56.35 7.89 12.86
C HIS I 194 57.05 8.28 14.21
N PRO I 195 56.46 9.20 14.99
CA PRO I 195 57.22 9.65 16.16
C PRO I 195 57.21 8.61 17.31
N ASP I 196 56.15 8.62 18.12
CA ASP I 196 55.97 7.70 19.24
C ASP I 196 55.23 6.44 18.77
N LEU I 197 55.71 5.28 19.19
CA LEU I 197 55.07 3.99 18.82
C LEU I 197 53.71 3.79 19.50
N ARG I 198 53.43 4.55 20.56
CA ARG I 198 52.11 4.57 21.19
C ARG I 198 51.09 5.19 20.24
N ARG I 199 51.41 6.36 19.70
CA ARG I 199 50.49 7.13 18.85
C ARG I 199 50.26 6.53 17.45
N THR I 200 50.07 5.21 17.36
CA THR I 200 49.67 4.58 16.11
C THR I 200 48.55 3.54 16.29
N ARG I 201 47.92 3.50 17.47
CA ARG I 201 46.82 2.55 17.76
C ARG I 201 45.57 3.21 18.37
N ALA I 202 44.49 2.43 18.45
CA ALA I 202 43.16 2.93 18.84
C ALA I 202 43.13 3.62 20.21
N ALA I 203 42.69 4.88 20.21
CA ALA I 203 42.48 5.71 21.40
C ALA I 203 41.04 5.60 21.89
N SER I 204 40.22 4.83 21.17
CA SER I 204 38.78 4.71 21.41
C SER I 204 38.46 4.09 22.78
N GLN I 205 39.40 3.26 23.24
CA GLN I 205 39.20 2.38 24.37
C GLN I 205 40.29 2.44 25.41
N SER I 206 41.39 3.14 25.10
CA SER I 206 42.59 3.04 25.91
C SER I 206 42.88 4.32 26.65
N ILE I 207 43.56 4.17 27.79
CA ILE I 207 44.28 5.24 28.45
C ILE I 207 45.66 5.26 27.80
N ILE I 208 45.97 6.33 27.08
CA ILE I 208 47.26 6.41 26.40
C ILE I 208 48.09 7.48 27.06
N PRO I 209 49.35 7.17 27.38
CA PRO I 209 50.28 8.19 27.84
C PRO I 209 50.87 8.94 26.68
N VAL I 210 51.01 10.26 26.86
CA VAL I 210 51.60 11.16 25.87
C VAL I 210 52.63 12.04 26.55
N ASP I 211 53.40 12.74 25.75
CA ASP I 211 54.42 13.60 26.29
C ASP I 211 53.80 14.88 26.82
N THR I 212 54.46 15.51 27.78
CA THR I 212 53.91 16.72 28.41
C THR I 212 54.93 17.80 28.69
N LYS I 213 54.90 18.88 27.91
CA LYS I 213 55.73 20.05 28.22
C LYS I 213 55.33 20.80 29.52
N LEU I 214 54.23 20.41 30.15
CA LEU I 214 53.76 21.09 31.38
C LEU I 214 54.78 21.12 32.52
N ALA I 215 55.71 20.17 32.51
CA ALA I 215 56.89 20.25 33.37
C ALA I 215 57.58 21.59 33.07
N ALA I 216 57.98 21.73 31.80
CA ALA I 216 58.77 22.88 31.32
C ALA I 216 58.06 24.21 31.53
N GLY I 217 56.82 24.29 31.04
CA GLY I 217 56.05 25.53 31.08
C GLY I 217 56.01 26.15 32.46
N ILE I 218 55.91 25.30 33.47
CA ILE I 218 55.79 25.73 34.87
C ILE I 218 57.09 26.32 35.39
N THR I 219 58.17 25.56 35.17
CA THR I 219 59.50 25.96 35.61
C THR I 219 59.99 27.19 34.86
N ARG I 220 59.54 27.37 33.62
CA ARG I 220 59.85 28.58 32.86
C ARG I 220 59.18 29.80 33.51
N PHE I 221 57.90 29.66 33.81
CA PHE I 221 57.13 30.73 34.43
C PHE I 221 57.56 30.97 35.88
N PHE I 222 57.88 29.88 36.57
CA PHE I 222 58.40 29.93 37.96
C PHE I 222 59.80 29.34 38.04
N PRO I 223 60.84 30.14 37.73
CA PRO I 223 62.20 29.57 37.67
C PRO I 223 62.70 28.98 39.00
N GLN I 224 62.12 29.45 40.11
CA GLN I 224 62.46 28.90 41.42
C GLN I 224 62.12 27.41 41.57
N PHE I 225 61.48 26.84 40.56
CA PHE I 225 61.07 25.44 40.61
C PHE I 225 61.87 24.52 39.69
N ASN I 226 62.96 25.02 39.09
CA ASN I 226 63.83 24.13 38.28
C ASN I 226 64.24 22.92 39.11
N ASP I 227 64.20 21.75 38.48
CA ASP I 227 64.49 20.48 39.16
C ASP I 227 63.64 20.28 40.43
N ARG I 228 62.42 20.79 40.39
CA ARG I 228 61.46 20.62 41.50
C ARG I 228 60.05 20.30 41.01
N PHE I 229 59.88 20.24 39.70
CA PHE I 229 58.60 19.93 39.09
C PHE I 229 58.78 18.89 38.00
N GLU I 230 57.85 17.95 37.94
CA GLU I 230 57.77 16.99 36.84
C GLU I 230 56.32 16.86 36.42
N ALA I 231 56.11 16.26 35.25
CA ALA I 231 54.77 16.09 34.73
C ALA I 231 54.65 14.86 33.84
N ILE I 232 53.51 14.19 33.93
CA ILE I 232 53.12 13.18 32.95
C ILE I 232 51.73 13.54 32.45
N ALA I 233 51.28 12.84 31.43
CA ALA I 233 49.94 13.07 30.88
C ALA I 233 49.38 11.84 30.20
N VAL I 234 48.06 11.71 30.22
CA VAL I 234 47.39 10.66 29.44
C VAL I 234 46.21 11.20 28.68
N ARG I 235 45.94 10.60 27.53
CA ARG I 235 44.76 10.92 26.73
C ARG I 235 43.73 9.81 26.90
N VAL I 236 42.51 10.23 27.22
CA VAL I 236 41.36 9.32 27.33
C VAL I 236 40.26 9.75 26.35
N PRO I 237 39.38 8.82 25.96
CA PRO I 237 38.39 9.13 24.94
C PRO I 237 37.17 9.87 25.46
N THR I 238 37.40 11.00 26.12
CA THR I 238 36.31 11.87 26.54
C THR I 238 36.27 13.10 25.65
N ILE I 239 35.24 13.91 25.85
CA ILE I 239 34.97 15.10 25.02
C ILE I 239 35.44 16.38 25.69
N ASN I 240 36.33 17.08 25.01
CA ASN I 240 36.56 18.53 25.20
C ASN I 240 37.26 18.99 26.49
N VAL I 241 36.85 18.46 27.64
CA VAL I 241 37.33 18.98 28.95
C VAL I 241 38.49 18.18 29.51
N THR I 242 39.44 18.92 30.07
CA THR I 242 40.70 18.38 30.57
C THR I 242 40.78 18.49 32.09
N ALA I 243 41.37 17.47 32.70
CA ALA I 243 41.53 17.40 34.14
C ALA I 243 43.01 17.38 34.50
N ILE I 244 43.39 18.24 35.43
CA ILE I 244 44.76 18.34 35.86
C ILE I 244 44.83 17.96 37.31
N ASP I 245 45.67 16.98 37.58
CA ASP I 245 45.81 16.37 38.91
C ASP I 245 47.15 16.82 39.49
N LEU I 246 47.09 17.84 40.34
CA LEU I 246 48.28 18.52 40.83
C LEU I 246 48.62 18.04 42.23
N SER I 247 49.89 17.70 42.44
CA SER I 247 50.38 17.32 43.76
C SER I 247 51.61 18.12 44.13
N VAL I 248 51.54 18.82 45.27
CA VAL I 248 52.64 19.67 45.73
C VAL I 248 52.96 19.45 47.22
N THR I 249 54.25 19.49 47.55
CA THR I 249 54.73 19.54 48.93
C THR I 249 54.86 21.03 49.35
N VAL I 250 54.37 21.35 50.53
CA VAL I 250 54.45 22.71 51.04
C VAL I 250 55.10 22.80 52.43
N LYS I 251 55.64 23.98 52.72
CA LYS I 251 56.32 24.26 53.99
C LYS I 251 55.31 24.39 55.10
N LYS I 252 54.38 25.31 54.93
CA LYS I 252 53.37 25.60 55.95
C LYS I 252 52.45 24.37 56.11
N PRO I 253 52.19 23.93 57.35
CA PRO I 253 51.23 22.83 57.54
C PRO I 253 49.79 23.24 57.21
N VAL I 254 49.07 22.34 56.53
CA VAL I 254 47.70 22.62 56.06
C VAL I 254 46.75 21.45 56.15
N LYS I 255 45.47 21.82 56.15
CA LYS I 255 44.36 20.88 56.09
C LYS I 255 43.53 21.08 54.80
N ALA I 256 42.95 20.00 54.30
CA ALA I 256 42.23 19.98 53.03
C ALA I 256 41.26 21.16 52.89
N ASN I 257 40.43 21.41 53.90
CA ASN I 257 39.42 22.49 53.81
C ASN I 257 39.98 23.91 53.91
N GLU I 258 41.15 24.06 54.54
CA GLU I 258 41.84 25.36 54.56
C GLU I 258 42.26 25.74 53.16
N VAL I 259 42.89 24.77 52.48
CA VAL I 259 43.26 24.87 51.06
C VAL I 259 42.05 25.22 50.19
N ASN I 260 40.96 24.50 50.39
CA ASN I 260 39.71 24.78 49.70
C ASN I 260 39.18 26.19 49.97
N LEU I 261 39.29 26.64 51.22
CA LEU I 261 38.82 27.96 51.59
C LEU I 261 39.65 29.05 50.91
N LEU I 262 40.96 28.84 50.88
CA LEU I 262 41.89 29.74 50.19
C LEU I 262 41.49 29.91 48.74
N LEU I 263 41.36 28.77 48.04
CA LEU I 263 41.04 28.75 46.61
C LEU I 263 39.66 29.32 46.32
N GLN I 264 38.69 28.95 47.13
CA GLN I 264 37.33 29.49 46.99
C GLN I 264 37.33 31.02 47.10
N LYS I 265 38.12 31.54 48.04
CA LYS I 265 38.24 32.99 48.25
C LYS I 265 38.85 33.67 47.04
N ALA I 266 39.91 33.06 46.52
CA ALA I 266 40.58 33.54 45.31
C ALA I 266 39.60 33.64 44.14
N ALA I 267 38.77 32.63 44.00
CA ALA I 267 37.78 32.53 42.92
C ALA I 267 36.75 33.66 42.96
N GLN I 268 36.37 34.12 44.15
CA GLN I 268 35.43 35.24 44.26
C GLN I 268 36.16 36.59 44.34
N GLY I 269 37.46 36.57 44.67
CA GLY I 269 38.24 37.80 44.82
C GLY I 269 39.21 38.08 43.68
N ALA I 270 40.49 38.01 43.99
CA ALA I 270 41.58 38.38 43.07
C ALA I 270 41.54 37.66 41.74
N PHE I 271 41.01 36.43 41.72
CA PHE I 271 41.00 35.62 40.49
C PHE I 271 39.61 35.39 39.92
N HIS I 272 38.68 36.28 40.25
CA HIS I 272 37.33 36.19 39.72
C HIS I 272 37.38 36.20 38.19
N GLY I 273 36.63 35.28 37.58
CA GLY I 273 36.57 35.19 36.14
C GLY I 273 37.71 34.40 35.52
N ILE I 274 38.79 34.20 36.26
CA ILE I 274 39.93 33.39 35.80
C ILE I 274 39.96 32.00 36.45
N VAL I 275 39.86 31.97 37.76
CA VAL I 275 39.74 30.72 38.49
C VAL I 275 38.33 30.64 39.09
N ASP I 276 37.75 29.45 39.03
CA ASP I 276 36.49 29.19 39.69
C ASP I 276 36.66 28.04 40.67
N TYR I 277 35.71 27.95 41.59
CA TYR I 277 35.72 26.92 42.62
C TYR I 277 34.34 26.31 42.70
N THR I 278 34.30 24.99 42.88
CA THR I 278 33.04 24.30 43.04
C THR I 278 33.16 23.12 43.97
N GLU I 279 32.06 22.88 44.70
CA GLU I 279 31.89 21.71 45.56
C GLU I 279 30.73 20.82 45.10
N LEU I 280 30.04 21.26 44.06
CA LEU I 280 28.92 20.52 43.50
C LEU I 280 29.42 19.21 42.92
N PRO I 281 28.56 18.18 42.90
CA PRO I 281 28.92 16.90 42.29
C PRO I 281 28.76 16.96 40.78
N LEU I 282 29.86 17.30 40.11
CA LEU I 282 29.85 17.49 38.66
C LEU I 282 30.82 16.54 37.96
N VAL I 283 30.65 16.43 36.64
CA VAL I 283 31.52 15.60 35.80
C VAL I 283 32.10 16.48 34.72
N SER I 284 33.13 16.01 34.04
CA SER I 284 33.94 16.86 33.16
C SER I 284 33.09 17.71 32.22
N VAL I 285 32.17 17.07 31.50
CA VAL I 285 31.33 17.74 30.51
C VAL I 285 30.58 18.97 31.04
N ASP I 286 30.42 19.07 32.36
CA ASP I 286 29.72 20.20 32.95
C ASP I 286 30.51 21.47 32.84
N PHE I 287 31.81 21.34 32.58
CA PHE I 287 32.69 22.49 32.43
C PHE I 287 32.94 22.79 30.97
N ASN I 288 32.28 22.04 30.10
CA ASN I 288 32.29 22.34 28.67
C ASN I 288 31.84 23.78 28.46
N HIS I 289 32.59 24.52 27.67
CA HIS I 289 32.25 25.90 27.33
C HIS I 289 32.32 26.86 28.54
N ASP I 290 33.12 26.49 29.53
CA ASP I 290 33.35 27.34 30.70
C ASP I 290 34.56 28.25 30.43
N PRO I 291 34.33 29.57 30.48
CA PRO I 291 35.34 30.59 30.18
C PRO I 291 36.49 30.70 31.18
N HIS I 292 36.34 30.09 32.35
CA HIS I 292 37.41 30.13 33.35
C HIS I 292 38.66 29.39 32.83
N SER I 293 39.83 29.88 33.21
CA SER I 293 41.10 29.23 32.91
C SER I 293 41.18 27.88 33.63
N ALA I 294 40.63 27.88 34.84
CA ALA I 294 40.69 26.73 35.75
C ALA I 294 39.45 26.70 36.68
N ILE I 295 38.87 25.53 36.88
CA ILE I 295 37.85 25.36 37.89
C ILE I 295 38.32 24.32 38.88
N VAL I 296 38.45 24.74 40.12
CA VAL I 296 38.95 23.84 41.17
C VAL I 296 37.81 23.00 41.72
N ASP I 297 38.02 21.69 41.78
CA ASP I 297 37.03 20.80 42.33
C ASP I 297 37.32 20.56 43.81
N GLY I 298 36.63 21.30 44.66
CA GLY I 298 36.82 21.24 46.12
C GLY I 298 36.69 19.85 46.71
N THR I 299 35.76 19.08 46.17
CA THR I 299 35.45 17.73 46.65
C THR I 299 36.60 16.75 46.42
N GLN I 300 37.57 17.13 45.61
CA GLN I 300 38.72 16.26 45.32
C GLN I 300 40.02 16.70 46.00
N THR I 301 39.96 17.81 46.74
CA THR I 301 41.13 18.28 47.50
C THR I 301 41.45 17.31 48.64
N ARG I 302 42.75 17.04 48.78
CA ARG I 302 43.27 16.17 49.84
C ARG I 302 44.59 16.73 50.36
N VAL I 303 44.92 16.40 51.60
CA VAL I 303 46.23 16.69 52.15
C VAL I 303 46.74 15.44 52.85
N SER I 304 47.93 14.99 52.47
CA SER I 304 48.55 13.79 53.06
C SER I 304 49.62 14.23 54.06
N GLY I 305 49.47 13.78 55.30
CA GLY I 305 50.21 14.39 56.40
C GLY I 305 49.64 15.78 56.54
N ALA I 306 50.52 16.77 56.69
CA ALA I 306 50.08 18.18 56.70
C ALA I 306 50.68 18.97 55.54
N HIS I 307 51.41 18.28 54.67
CA HIS I 307 52.34 18.93 53.73
C HIS I 307 52.21 18.53 52.26
N LEU I 308 51.49 17.44 51.97
CA LEU I 308 51.30 16.98 50.58
C LEU I 308 49.88 17.27 50.10
N ILE I 309 49.75 18.26 49.23
CA ILE I 309 48.43 18.70 48.75
C ILE I 309 48.13 18.09 47.39
N LYS I 310 46.97 17.44 47.30
CA LYS I 310 46.45 17.03 46.01
C LYS I 310 45.24 17.87 45.67
N THR I 311 45.25 18.44 44.48
CA THR I 311 44.10 19.21 43.99
C THR I 311 43.81 18.80 42.54
N LEU I 312 42.52 18.62 42.24
CA LEU I 312 42.08 18.32 40.89
C LEU I 312 41.46 19.58 40.31
N VAL I 313 41.98 20.01 39.17
CA VAL I 313 41.48 21.20 38.50
C VAL I 313 40.97 20.85 37.11
N TRP I 314 39.74 21.26 36.83
CA TRP I 314 39.15 21.09 35.50
C TRP I 314 39.44 22.31 34.66
N CYS I 315 39.50 22.12 33.35
CA CYS I 315 39.42 23.25 32.41
C CYS I 315 38.94 22.82 31.04
N ASP I 316 38.18 23.69 30.38
CA ASP I 316 37.89 23.52 28.96
C ASP I 316 39.15 23.92 28.22
N ASN I 317 39.87 22.92 27.73
CA ASN I 317 41.22 23.13 27.20
C ASN I 317 41.28 24.10 26.02
N GLU I 318 40.15 24.46 25.45
CA GLU I 318 40.15 25.37 24.32
C GLU I 318 39.46 26.66 24.64
N TRP I 319 38.28 26.58 25.26
CA TRP I 319 37.45 27.76 25.48
C TRP I 319 38.10 28.73 26.46
N GLY I 320 38.59 28.20 27.57
CA GLY I 320 39.26 29.02 28.56
C GLY I 320 40.40 29.78 27.90
N PHE I 321 41.29 29.02 27.26
CA PHE I 321 42.45 29.58 26.60
C PHE I 321 42.04 30.65 25.59
N ALA I 322 41.02 30.36 24.80
CA ALA I 322 40.55 31.26 23.75
C ALA I 322 40.11 32.61 24.32
N ASN I 323 39.40 32.56 25.45
CA ASN I 323 39.00 33.79 26.13
C ASN I 323 40.19 34.55 26.73
N ARG I 324 41.18 33.83 27.22
CA ARG I 324 42.42 34.44 27.68
C ARG I 324 43.20 35.11 26.54
N MET I 325 43.14 34.54 25.35
CA MET I 325 43.75 35.17 24.18
C MET I 325 43.18 36.57 23.97
N LEU I 326 41.87 36.66 24.13
CA LEU I 326 41.18 37.93 23.98
C LEU I 326 41.51 38.88 25.13
N ASP I 327 41.54 38.36 26.35
CA ASP I 327 41.88 39.16 27.53
C ASP I 327 43.29 39.76 27.39
N THR I 328 44.25 38.92 27.00
CA THR I 328 45.62 39.37 26.81
C THR I 328 45.70 40.37 25.68
N THR I 329 44.97 40.12 24.60
CA THR I 329 44.97 41.04 23.45
C THR I 329 44.57 42.41 23.90
N LEU I 330 43.47 42.50 24.64
CA LEU I 330 43.01 43.79 25.16
C LEU I 330 44.10 44.51 25.94
N ALA I 331 44.69 43.81 26.91
CA ALA I 331 45.74 44.37 27.73
C ALA I 331 46.88 44.91 26.86
N MET I 332 47.26 44.16 25.84
CA MET I 332 48.36 44.54 24.95
C MET I 332 48.07 45.81 24.15
N ALA I 333 46.83 45.91 23.68
CA ALA I 333 46.39 47.08 22.91
C ALA I 333 46.18 48.33 23.80
N THR I 334 45.95 48.10 25.08
CA THR I 334 45.65 49.16 26.04
C THR I 334 46.91 49.78 26.68
N VAL I 335 47.92 48.96 26.97
CA VAL I 335 49.03 49.39 27.84
C VAL I 335 49.80 50.63 27.27
N ALA I 336 49.50 51.80 27.86
CA ALA I 336 49.91 53.12 27.32
C ALA I 336 51.08 53.72 28.12
N THR J 1 42.89 -32.91 45.49
CA THR J 1 42.29 -31.69 44.89
C THR J 1 41.69 -30.74 45.94
N VAL J 2 42.05 -29.46 45.89
CA VAL J 2 41.37 -28.49 46.74
C VAL J 2 40.03 -28.24 46.08
N ARG J 3 38.96 -28.28 46.84
CA ARG J 3 37.63 -28.08 46.26
C ARG J 3 36.96 -26.84 46.80
N VAL J 4 36.61 -25.96 45.87
CA VAL J 4 36.04 -24.66 46.21
C VAL J 4 34.64 -24.52 45.68
N ALA J 5 33.86 -23.76 46.44
CA ALA J 5 32.56 -23.30 46.00
C ALA J 5 32.64 -21.81 45.84
N ILE J 6 31.86 -21.28 44.90
CA ILE J 6 31.80 -19.84 44.69
C ILE J 6 30.43 -19.29 45.01
N ASN J 7 30.37 -18.41 45.99
CA ASN J 7 29.14 -17.73 46.36
C ASN J 7 29.07 -16.38 45.64
N GLY J 8 28.14 -16.28 44.71
CA GLY J 8 28.00 -15.08 43.91
C GLY J 8 28.76 -15.25 42.62
N PHE J 9 28.04 -15.25 41.51
CA PHE J 9 28.60 -15.44 40.17
C PHE J 9 28.49 -14.14 39.37
N GLY J 10 28.92 -13.05 39.99
CA GLY J 10 28.98 -11.76 39.33
C GLY J 10 30.19 -11.67 38.42
N ARG J 11 30.70 -10.46 38.27
CA ARG J 11 31.86 -10.25 37.41
C ARG J 11 33.08 -11.01 37.94
N ILE J 12 33.35 -10.83 39.23
CA ILE J 12 34.53 -11.39 39.86
C ILE J 12 34.45 -12.91 39.97
N GLY J 13 33.31 -13.43 40.38
CA GLY J 13 33.09 -14.86 40.42
C GLY J 13 33.31 -15.53 39.06
N ARG J 14 32.72 -14.96 38.02
CA ARG J 14 32.88 -15.49 36.69
C ARG J 14 34.35 -15.55 36.31
N ASN J 15 35.08 -14.48 36.63
CA ASN J 15 36.48 -14.37 36.28
C ASN J 15 37.36 -15.39 37.00
N VAL J 16 37.04 -15.61 38.27
CA VAL J 16 37.73 -16.62 39.08
C VAL J 16 37.64 -17.97 38.36
N VAL J 17 36.45 -18.32 37.92
CA VAL J 17 36.27 -19.56 37.17
C VAL J 17 37.10 -19.55 35.88
N ARG J 18 36.95 -18.51 35.07
CA ARG J 18 37.72 -18.41 33.85
C ARG J 18 39.21 -18.51 34.15
N ALA J 19 39.64 -17.83 35.19
CA ALA J 19 41.06 -17.81 35.58
C ALA J 19 41.55 -19.21 35.99
N LEU J 20 40.71 -19.93 36.73
CA LEU J 20 41.07 -21.26 37.18
C LEU J 20 41.46 -22.14 36.00
N TYR J 21 40.68 -22.08 34.94
CA TYR J 21 40.93 -22.91 33.77
C TYR J 21 42.08 -22.42 32.91
N GLU J 22 42.09 -21.12 32.60
CA GLU J 22 43.14 -20.55 31.75
C GLU J 22 44.52 -20.63 32.38
N SER J 23 44.59 -20.44 33.70
CA SER J 23 45.87 -20.55 34.40
C SER J 23 46.33 -22.00 34.56
N GLY J 24 45.45 -22.96 34.28
CA GLY J 24 45.80 -24.37 34.38
C GLY J 24 45.95 -24.86 35.82
N ARG J 25 45.57 -23.99 36.79
CA ARG J 25 45.50 -24.34 38.23
C ARG J 25 44.22 -25.16 38.50
N ARG J 26 43.74 -25.78 37.43
CA ARG J 26 42.66 -26.76 37.43
C ARG J 26 43.20 -28.15 37.79
N ALA J 27 44.50 -28.34 37.75
CA ALA J 27 45.08 -29.55 38.32
C ALA J 27 44.78 -29.57 39.83
N GLU J 28 44.89 -28.42 40.49
CA GLU J 28 44.92 -28.40 41.94
C GLU J 28 43.59 -28.03 42.59
N ILE J 29 42.62 -27.60 41.78
CA ILE J 29 41.34 -27.15 42.30
C ILE J 29 40.17 -27.56 41.40
N THR J 30 39.06 -27.95 42.03
CA THR J 30 37.80 -28.05 41.33
C THR J 30 36.86 -27.06 41.97
N VAL J 31 36.18 -26.31 41.12
CA VAL J 31 34.96 -25.64 41.51
C VAL J 31 33.90 -26.73 41.48
N VAL J 32 33.27 -26.96 42.62
CA VAL J 32 32.23 -27.99 42.76
C VAL J 32 30.81 -27.41 42.76
N ALA J 33 30.68 -26.19 43.26
CA ALA J 33 29.39 -25.51 43.28
C ALA J 33 29.50 -24.01 43.08
N ILE J 34 28.51 -23.45 42.40
CA ILE J 34 28.33 -22.01 42.31
C ILE J 34 26.94 -21.67 42.79
N ASN J 35 26.84 -20.67 43.68
CA ASN J 35 25.57 -20.17 44.15
C ASN J 35 25.31 -18.74 43.72
N GLU J 36 24.41 -18.54 42.77
CA GLU J 36 23.87 -17.20 42.57
C GLU J 36 22.35 -17.21 42.51
N LEU J 37 21.80 -16.13 43.08
CA LEU J 37 20.40 -15.76 42.97
C LEU J 37 20.14 -15.18 41.58
N ALA J 38 20.02 -16.03 40.59
CA ALA J 38 19.77 -15.57 39.24
C ALA J 38 19.68 -16.73 38.31
N ASP J 39 19.33 -16.42 37.07
CA ASP J 39 18.94 -17.42 36.08
C ASP J 39 20.14 -18.32 35.70
N ALA J 40 19.92 -19.62 35.70
CA ALA J 40 21.00 -20.59 35.42
C ALA J 40 21.51 -20.56 33.98
N ALA J 41 20.62 -20.38 32.99
CA ALA J 41 21.07 -20.22 31.62
C ALA J 41 21.83 -18.91 31.46
N GLY J 42 21.41 -17.90 32.23
CA GLY J 42 22.03 -16.57 32.22
C GLY J 42 23.45 -16.57 32.75
N MET J 43 23.69 -17.38 33.76
CA MET J 43 25.03 -17.57 34.26
C MET J 43 25.95 -18.24 33.21
N ALA J 44 25.48 -19.32 32.57
CA ALA J 44 26.26 -20.01 31.54
C ALA J 44 26.65 -19.05 30.44
N HIS J 45 25.67 -18.27 29.99
CA HIS J 45 25.86 -17.34 28.88
C HIS J 45 26.89 -16.29 29.22
N LEU J 46 26.68 -15.61 30.33
CA LEU J 46 27.64 -14.59 30.77
C LEU J 46 29.05 -15.13 31.05
N LEU J 47 29.15 -16.40 31.45
CA LEU J 47 30.48 -17.03 31.60
C LEU J 47 31.16 -17.22 30.24
N LYS J 48 30.39 -17.57 29.23
CA LYS J 48 30.95 -17.81 27.90
C LYS J 48 31.33 -16.51 27.19
N TYR J 49 30.50 -15.47 27.31
CA TYR J 49 30.72 -14.22 26.59
C TYR J 49 31.06 -13.09 27.57
N ASP J 50 32.34 -12.80 27.68
CA ASP J 50 32.76 -11.59 28.33
C ASP J 50 33.10 -10.60 27.22
N THR J 51 32.52 -9.41 27.37
CA THR J 51 32.81 -8.21 26.60
C THR J 51 34.33 -7.97 26.50
N SER J 52 34.92 -7.69 27.67
CA SER J 52 36.30 -7.22 27.78
C SER J 52 37.34 -8.31 27.52
N HIS J 53 36.96 -9.56 27.83
CA HIS J 53 37.91 -10.67 27.83
C HIS J 53 37.77 -11.60 26.62
N GLY J 54 36.64 -11.55 25.94
CA GLY J 54 36.45 -12.35 24.72
C GLY J 54 35.69 -13.64 25.00
N ARG J 55 35.48 -14.45 23.96
CA ARG J 55 34.73 -15.70 24.12
C ARG J 55 35.60 -16.61 24.97
N PHE J 56 35.02 -17.21 25.99
CA PHE J 56 35.74 -18.15 26.84
C PHE J 56 36.17 -19.35 26.00
N ALA J 57 37.47 -19.64 26.03
CA ALA J 57 38.08 -20.68 25.22
C ALA J 57 37.49 -22.07 25.48
N TRP J 58 37.02 -22.30 26.69
CA TRP J 58 36.45 -23.59 27.05
C TRP J 58 34.99 -23.68 26.64
N GLU J 59 34.49 -24.91 26.53
CA GLU J 59 33.10 -25.14 26.09
C GLU J 59 32.16 -25.09 27.29
N VAL J 60 31.19 -24.19 27.23
CA VAL J 60 30.25 -23.96 28.33
C VAL J 60 28.79 -24.40 28.00
N ARG J 61 28.19 -25.25 28.85
CA ARG J 61 26.76 -25.65 28.73
C ARG J 61 25.99 -25.51 30.04
N GLN J 62 24.69 -25.73 29.96
CA GLN J 62 23.86 -25.60 31.13
C GLN J 62 22.59 -26.39 30.99
N GLU J 63 22.49 -27.51 31.69
CA GLU J 63 21.25 -28.25 31.71
C GLU J 63 20.79 -28.46 33.15
N ARG J 64 19.56 -28.00 33.44
CA ARG J 64 18.87 -28.31 34.68
C ARG J 64 19.52 -27.51 35.81
N ASP J 65 20.14 -28.19 36.79
CA ASP J 65 20.85 -27.54 37.92
C ASP J 65 22.37 -27.53 37.76
N GLN J 66 22.87 -27.79 36.56
CA GLN J 66 24.31 -27.96 36.28
C GLN J 66 24.82 -26.97 35.22
N LEU J 67 25.86 -26.23 35.57
CA LEU J 67 26.75 -25.58 34.62
C LEU J 67 27.73 -26.65 34.03
N PHE J 68 28.26 -26.45 32.83
CA PHE J 68 29.23 -27.44 32.30
C PHE J 68 30.45 -26.80 31.65
N VAL J 69 31.41 -26.41 32.46
CA VAL J 69 32.65 -25.89 31.91
C VAL J 69 33.48 -27.03 31.38
N GLY J 70 33.70 -27.06 30.08
CA GLY J 70 34.41 -28.16 29.41
C GLY J 70 33.70 -29.47 29.71
N ASP J 71 34.44 -30.49 30.09
CA ASP J 71 33.83 -31.74 30.50
C ASP J 71 33.41 -31.72 31.98
N ASP J 72 33.85 -30.74 32.74
CA ASP J 72 33.52 -30.70 34.14
C ASP J 72 32.04 -30.44 34.30
N ALA J 73 31.54 -30.55 35.54
CA ALA J 73 30.12 -30.31 35.89
C ALA J 73 30.07 -29.58 37.20
N ILE J 74 29.45 -28.40 37.20
CA ILE J 74 29.36 -27.64 38.43
C ILE J 74 27.90 -27.58 38.85
N ARG J 75 27.64 -27.87 40.12
CA ARG J 75 26.29 -27.80 40.64
C ARG J 75 25.97 -26.37 40.91
N VAL J 76 24.84 -25.96 40.37
CA VAL J 76 24.37 -24.61 40.44
C VAL J 76 23.30 -24.54 41.49
N LEU J 77 23.49 -23.67 42.47
CA LEU J 77 22.56 -23.49 43.57
C LEU J 77 21.94 -22.11 43.51
N HIS J 78 20.77 -21.96 44.16
CA HIS J 78 20.06 -20.67 44.21
C HIS J 78 19.58 -20.28 45.62
N GLU J 79 20.43 -20.42 46.65
CA GLU J 79 20.03 -20.13 48.06
C GLU J 79 20.16 -18.67 48.46
N ARG J 80 19.07 -18.09 48.97
CA ARG J 80 19.07 -16.72 49.44
C ARG J 80 19.92 -16.62 50.68
N SER J 81 19.54 -17.35 51.72
CA SER J 81 20.26 -17.35 53.00
C SER J 81 21.45 -18.32 52.96
N LEU J 82 22.42 -18.07 53.84
CA LEU J 82 23.67 -18.81 53.86
C LEU J 82 23.57 -20.03 54.76
N GLN J 83 22.53 -20.07 55.58
CA GLN J 83 22.34 -21.16 56.53
C GLN J 83 22.16 -22.48 55.80
N SER J 84 21.45 -22.40 54.67
CA SER J 84 20.97 -23.55 53.87
C SER J 84 21.90 -23.97 52.73
N LEU J 85 23.14 -23.48 52.74
CA LEU J 85 24.11 -23.88 51.73
C LEU J 85 24.68 -25.28 52.01
N PRO J 86 24.62 -26.20 51.03
CA PRO J 86 25.08 -27.56 51.22
C PRO J 86 26.59 -27.74 51.12
N TRP J 87 27.34 -26.89 51.82
CA TRP J 87 28.81 -26.97 51.76
C TRP J 87 29.30 -28.29 52.30
N ARG J 88 28.73 -28.71 53.43
CA ARG J 88 29.11 -29.96 54.08
C ARG J 88 28.93 -31.13 53.13
N GLU J 89 27.75 -31.19 52.53
CA GLU J 89 27.41 -32.23 51.57
C GLU J 89 28.40 -32.32 50.41
N LEU J 90 28.97 -31.18 50.01
CA LEU J 90 29.89 -31.13 48.86
C LEU J 90 31.37 -31.19 49.22
N GLY J 91 31.65 -31.16 50.51
CA GLY J 91 33.02 -31.26 51.01
C GLY J 91 33.89 -30.07 50.68
N VAL J 92 33.27 -28.90 50.66
CA VAL J 92 33.94 -27.64 50.33
C VAL J 92 35.09 -27.30 51.31
N ASP J 93 36.30 -27.16 50.75
CA ASP J 93 37.50 -26.78 51.51
C ASP J 93 37.57 -25.29 51.69
N VAL J 94 37.30 -24.54 50.62
CA VAL J 94 37.22 -23.07 50.70
C VAL J 94 36.02 -22.56 49.93
N VAL J 95 35.29 -21.61 50.53
CA VAL J 95 34.26 -20.88 49.81
C VAL J 95 34.81 -19.54 49.46
N LEU J 96 34.81 -19.24 48.16
CA LEU J 96 35.14 -17.92 47.68
C LEU J 96 33.84 -17.16 47.58
N ASP J 97 33.64 -16.18 48.46
CA ASP J 97 32.42 -15.39 48.41
C ASP J 97 32.62 -14.11 47.62
N CYS J 98 32.04 -14.09 46.43
CA CYS J 98 32.21 -12.99 45.49
C CYS J 98 30.90 -12.28 45.27
N THR J 99 30.04 -12.28 46.29
CA THR J 99 28.74 -11.66 46.19
C THR J 99 28.87 -10.17 46.28
N GLY J 100 29.84 -9.74 47.07
CA GLY J 100 29.98 -8.33 47.37
C GLY J 100 29.01 -7.84 48.44
N VAL J 101 28.05 -8.66 48.83
CA VAL J 101 27.11 -8.30 49.91
C VAL J 101 27.65 -8.81 51.25
N TYR J 102 28.07 -10.07 51.28
CA TYR J 102 28.55 -10.68 52.53
C TYR J 102 30.01 -10.29 52.81
N GLY J 103 30.32 -10.10 54.10
CA GLY J 103 31.69 -9.72 54.49
C GLY J 103 32.10 -9.62 55.98
N SER J 104 31.22 -9.95 56.93
CA SER J 104 31.56 -9.82 58.35
C SER J 104 32.18 -11.12 58.89
N ARG J 105 32.51 -11.12 60.19
CA ARG J 105 32.79 -12.36 60.96
C ARG J 105 31.68 -13.42 60.84
N GLU J 106 30.44 -12.93 61.02
CA GLU J 106 29.24 -13.77 61.15
C GLU J 106 28.90 -14.49 59.85
N HIS J 107 29.01 -13.76 58.74
CA HIS J 107 28.80 -14.34 57.43
C HIS J 107 29.81 -15.46 57.22
N GLY J 108 31.04 -15.21 57.63
CA GLY J 108 32.07 -16.23 57.57
C GLY J 108 31.67 -17.44 58.38
N GLU J 109 31.32 -17.23 59.65
CA GLU J 109 30.92 -18.32 60.55
C GLU J 109 29.77 -19.11 59.93
N ALA J 110 28.82 -18.38 59.33
CA ALA J 110 27.66 -18.98 58.65
C ALA J 110 28.05 -19.96 57.54
N HIS J 111 29.01 -19.54 56.74
CA HIS J 111 29.52 -20.38 55.67
C HIS J 111 30.14 -21.64 56.25
N ILE J 112 30.95 -21.46 57.28
CA ILE J 112 31.62 -22.57 57.96
C ILE J 112 30.60 -23.52 58.61
N ALA J 113 29.65 -22.93 59.34
CA ALA J 113 28.52 -23.64 59.91
C ALA J 113 27.82 -24.48 58.85
N ALA J 114 27.63 -23.92 57.67
CA ALA J 114 26.98 -24.64 56.56
C ALA J 114 27.85 -25.77 55.98
N GLY J 115 29.11 -25.82 56.38
CA GLY J 115 29.99 -26.98 56.10
C GLY J 115 31.31 -26.69 55.39
N ALA J 116 31.67 -25.42 55.32
CA ALA J 116 32.87 -25.00 54.61
C ALA J 116 34.00 -24.86 55.62
N LYS J 117 35.17 -25.41 55.28
CA LYS J 117 36.30 -25.37 56.18
C LYS J 117 36.78 -23.93 56.37
N LYS J 118 36.97 -23.23 55.26
CA LYS J 118 37.42 -21.83 55.29
C LYS J 118 36.66 -20.96 54.29
N VAL J 119 36.74 -19.64 54.52
CA VAL J 119 36.06 -18.63 53.71
C VAL J 119 37.06 -17.57 53.22
N LEU J 120 36.91 -17.18 51.96
CA LEU J 120 37.71 -16.09 51.38
C LEU J 120 36.82 -15.07 50.69
N PHE J 121 36.84 -13.83 51.20
CA PHE J 121 36.02 -12.77 50.63
C PHE J 121 36.75 -12.04 49.51
N SER J 122 36.00 -11.70 48.47
CA SER J 122 36.53 -10.99 47.31
C SER J 122 36.56 -9.47 47.52
N HIS J 123 36.64 -9.05 48.79
CA HIS J 123 36.76 -7.64 49.11
C HIS J 123 37.34 -7.50 50.51
N PRO J 124 37.67 -6.27 50.94
CA PRO J 124 38.30 -6.13 52.26
C PRO J 124 37.44 -6.63 53.45
N GLY J 125 36.15 -6.80 53.22
CA GLY J 125 35.27 -7.31 54.24
C GLY J 125 35.08 -6.30 55.34
N SER J 126 35.37 -6.70 56.57
CA SER J 126 35.34 -5.79 57.68
C SER J 126 36.65 -5.89 58.46
N ASN J 127 36.78 -5.02 59.47
CA ASN J 127 37.97 -4.91 60.35
C ASN J 127 38.39 -6.21 61.08
N ASP J 128 37.45 -6.78 61.83
CA ASP J 128 37.67 -7.97 62.67
C ASP J 128 38.06 -9.34 62.00
N LEU J 129 38.14 -9.46 60.68
CA LEU J 129 38.40 -10.78 60.08
C LEU J 129 39.71 -11.39 60.57
N ASP J 130 39.87 -12.68 60.36
CA ASP J 130 41.11 -13.37 60.75
C ASP J 130 42.33 -12.76 60.08
N ALA J 131 42.21 -12.35 58.82
CA ALA J 131 43.36 -11.78 58.11
C ALA J 131 43.01 -11.26 56.72
N THR J 132 43.68 -10.20 56.28
CA THR J 132 43.60 -9.78 54.88
C THR J 132 44.90 -10.02 54.14
N VAL J 133 44.79 -10.77 53.06
CA VAL J 133 45.94 -11.18 52.29
C VAL J 133 46.05 -10.40 50.98
N VAL J 134 47.14 -9.64 50.85
CA VAL J 134 47.55 -9.08 49.57
C VAL J 134 48.64 -10.01 49.07
N TYR J 135 48.24 -11.01 48.29
CA TYR J 135 49.13 -12.09 47.91
C TYR J 135 50.39 -11.57 47.28
N GLY J 136 51.51 -12.11 47.72
CA GLY J 136 52.86 -11.69 47.27
C GLY J 136 53.54 -10.76 48.27
N VAL J 137 52.76 -10.23 49.20
CA VAL J 137 53.28 -9.35 50.23
C VAL J 137 53.24 -10.07 51.59
N ASN J 138 52.05 -10.53 52.01
CA ASN J 138 51.89 -11.11 53.34
C ASN J 138 51.15 -12.44 53.40
N GLN J 139 51.27 -13.26 52.37
CA GLN J 139 50.65 -14.58 52.40
C GLN J 139 51.37 -15.49 53.39
N ASP J 140 52.64 -15.22 53.62
CA ASP J 140 53.45 -15.94 54.63
C ASP J 140 52.94 -15.78 56.08
N GLN J 141 52.11 -14.77 56.32
CA GLN J 141 51.46 -14.57 57.62
C GLN J 141 50.16 -15.33 57.75
N LEU J 142 49.79 -16.05 56.70
CA LEU J 142 48.65 -16.93 56.79
C LEU J 142 49.01 -18.04 57.74
N ARG J 143 48.21 -18.20 58.79
CA ARG J 143 48.24 -19.40 59.64
C ARG J 143 46.98 -20.21 59.29
N ALA J 144 47.06 -21.54 59.39
CA ALA J 144 45.90 -22.42 59.12
C ALA J 144 44.71 -22.15 60.06
N GLU J 145 44.97 -21.62 61.26
CA GLU J 145 43.91 -21.18 62.19
C GLU J 145 43.10 -19.97 61.65
N HIS J 146 43.53 -19.41 60.50
CA HIS J 146 42.84 -18.31 59.82
C HIS J 146 41.84 -18.84 58.81
N ARG J 147 40.56 -18.72 59.16
CA ARG J 147 39.48 -19.44 58.47
C ARG J 147 38.55 -18.50 57.71
N ILE J 148 38.47 -17.26 58.16
CA ILE J 148 37.69 -16.24 57.50
C ILE J 148 38.67 -15.14 57.11
N VAL J 149 39.00 -15.08 55.83
CA VAL J 149 39.99 -14.10 55.39
C VAL J 149 39.46 -13.26 54.24
N SER J 150 40.03 -12.05 54.10
CA SER J 150 39.73 -11.12 53.01
C SER J 150 40.89 -11.09 52.02
N ASN J 151 40.60 -10.85 50.75
CA ASN J 151 41.64 -10.77 49.71
C ASN J 151 41.98 -9.33 49.31
N ALA J 152 41.64 -8.38 50.17
CA ALA J 152 41.76 -6.93 49.88
C ALA J 152 40.88 -6.58 48.67
N SER J 153 41.12 -5.46 48.02
CA SER J 153 40.40 -5.13 46.76
C SER J 153 41.37 -5.19 45.60
N CYS J 154 40.88 -5.07 44.37
CA CYS J 154 41.76 -5.11 43.20
C CYS J 154 42.73 -3.93 43.17
N THR J 155 42.25 -2.76 43.59
CA THR J 155 43.09 -1.57 43.57
C THR J 155 44.15 -1.64 44.67
N THR J 156 43.75 -2.04 45.88
CA THR J 156 44.71 -2.23 46.98
C THR J 156 45.70 -3.32 46.61
N ASN J 157 45.20 -4.41 46.05
CA ASN J 157 46.06 -5.51 45.60
C ASN J 157 47.05 -5.08 44.54
N CYS J 158 46.66 -4.06 43.77
CA CYS J 158 47.51 -3.51 42.72
C CYS J 158 48.62 -2.62 43.29
N ILE J 159 48.28 -1.68 44.17
CA ILE J 159 49.24 -0.66 44.60
C ILE J 159 50.03 -1.01 45.89
N ILE J 160 49.46 -1.82 46.77
CA ILE J 160 50.14 -2.20 48.03
C ILE J 160 51.55 -2.75 47.76
N PRO J 161 51.70 -3.72 46.85
CA PRO J 161 53.05 -4.25 46.62
C PRO J 161 54.06 -3.14 46.32
N VAL J 162 53.67 -2.22 45.46
CA VAL J 162 54.56 -1.13 45.06
C VAL J 162 54.84 -0.25 46.26
N ILE J 163 53.83 0.10 47.03
CA ILE J 163 54.06 0.91 48.24
C ILE J 163 55.03 0.22 49.19
N LYS J 164 54.89 -1.09 49.36
CA LYS J 164 55.82 -1.83 50.20
C LYS J 164 57.24 -1.70 49.65
N LEU J 165 57.44 -2.08 48.39
CA LEU J 165 58.75 -2.01 47.75
C LEU J 165 59.38 -0.64 47.94
N LEU J 166 58.60 0.42 47.78
CA LEU J 166 59.12 1.78 47.90
C LEU J 166 59.42 2.15 49.35
N ASP J 167 58.53 1.76 50.26
CA ASP J 167 58.73 2.04 51.68
C ASP J 167 59.97 1.34 52.22
N ASP J 168 60.09 0.05 51.92
CA ASP J 168 61.26 -0.74 52.33
C ASP J 168 62.55 -0.09 51.87
N ALA J 169 62.56 0.37 50.61
CA ALA J 169 63.79 0.88 50.00
C ALA J 169 64.14 2.32 50.39
N TYR J 170 63.13 3.17 50.63
CA TYR J 170 63.38 4.61 50.78
C TYR J 170 62.67 5.26 51.95
N GLY J 171 61.77 4.53 52.58
CA GLY J 171 61.05 5.04 53.75
C GLY J 171 60.04 6.12 53.40
N ILE J 172 58.81 5.70 53.15
CA ILE J 172 57.73 6.62 52.74
C ILE J 172 57.25 7.45 53.93
N GLU J 173 57.20 8.76 53.73
CA GLU J 173 56.85 9.71 54.78
C GLU J 173 55.37 10.10 54.70
N SER J 174 54.91 10.26 53.46
CA SER J 174 53.48 10.46 53.18
C SER J 174 53.20 10.17 51.70
N GLY J 175 51.93 9.90 51.40
CA GLY J 175 51.52 9.52 50.05
C GLY J 175 50.16 10.02 49.65
N THR J 176 49.98 10.14 48.33
CA THR J 176 48.70 10.55 47.74
C THR J 176 48.53 9.79 46.44
N VAL J 177 47.30 9.35 46.18
CA VAL J 177 47.03 8.48 45.03
C VAL J 177 45.87 9.01 44.19
N THR J 178 45.99 8.84 42.87
CA THR J 178 44.87 9.05 41.97
C THR J 178 44.67 7.77 41.17
N THR J 179 43.44 7.26 41.19
CA THR J 179 43.11 6.05 40.45
C THR J 179 42.25 6.42 39.25
N ILE J 180 42.65 5.96 38.08
CA ILE J 180 41.88 6.20 36.87
C ILE J 180 41.21 4.90 36.49
N HIS J 181 39.92 4.79 36.82
CA HIS J 181 39.17 3.54 36.55
C HIS J 181 38.59 3.55 35.19
N SER J 182 38.44 2.36 34.63
CA SER J 182 37.68 2.18 33.40
C SER J 182 36.18 2.00 33.74
N ALA J 183 35.34 1.78 32.72
CA ALA J 183 33.90 1.56 32.93
C ALA J 183 33.53 0.10 32.64
N ASP J 196 24.74 10.21 45.61
CA ASP J 196 25.77 10.48 44.59
C ASP J 196 25.16 10.82 43.20
N LEU J 197 25.03 12.12 42.94
CA LEU J 197 24.27 12.61 41.79
C LEU J 197 24.98 12.34 40.47
N ARG J 198 26.31 12.31 40.52
CA ARG J 198 27.15 11.93 39.38
C ARG J 198 26.70 10.61 38.76
N ARG J 199 26.23 9.70 39.62
CA ARG J 199 25.94 8.27 39.31
C ARG J 199 25.12 8.05 38.03
N THR J 200 23.97 8.72 37.93
CA THR J 200 23.04 8.56 36.79
C THR J 200 23.69 8.96 35.45
N ARG J 201 24.32 10.13 35.48
CA ARG J 201 24.66 10.88 34.26
C ARG J 201 25.57 10.18 33.26
N ALA J 202 25.30 10.38 31.98
CA ALA J 202 25.86 9.53 30.96
C ALA J 202 27.34 9.44 31.13
N ALA J 203 27.76 8.21 31.33
CA ALA J 203 29.14 7.87 31.53
C ALA J 203 29.98 8.08 30.31
N SER J 204 29.40 7.74 29.17
CA SER J 204 30.23 7.47 27.96
C SER J 204 31.13 8.62 27.48
N GLN J 205 30.83 9.85 27.82
CA GLN J 205 31.57 10.97 27.24
C GLN J 205 32.47 11.73 28.22
N SER J 206 32.50 11.32 29.49
CA SER J 206 33.08 12.15 30.55
C SER J 206 34.15 11.49 31.37
N ILE J 207 34.92 12.36 32.02
CA ILE J 207 35.74 12.00 33.18
C ILE J 207 34.84 12.17 34.37
N ILE J 208 34.68 11.10 35.14
CA ILE J 208 33.72 11.07 36.25
C ILE J 208 34.42 10.76 37.56
N PRO J 209 34.46 11.74 38.48
CA PRO J 209 35.00 11.48 39.80
C PRO J 209 34.09 10.53 40.55
N VAL J 210 34.69 9.58 41.25
CA VAL J 210 33.95 8.65 42.07
C VAL J 210 34.52 8.74 43.47
N ASP J 211 33.85 8.12 44.43
CA ASP J 211 34.46 7.87 45.73
C ASP J 211 35.41 6.67 45.62
N THR J 212 36.32 6.60 46.58
CA THR J 212 37.24 5.47 46.65
C THR J 212 37.52 5.05 48.09
N LYS J 213 37.96 3.78 48.19
CA LYS J 213 38.34 3.17 49.46
C LYS J 213 39.83 2.82 49.48
N LEU J 214 40.56 3.14 48.40
CA LEU J 214 41.99 2.78 48.30
C LEU J 214 42.83 3.34 49.47
N ALA J 215 42.53 4.55 49.91
CA ALA J 215 43.23 5.13 51.06
C ALA J 215 42.95 4.31 52.35
N ALA J 216 41.67 4.12 52.67
CA ALA J 216 41.28 3.34 53.83
C ALA J 216 42.00 2.02 53.81
N GLY J 217 42.06 1.42 52.62
CA GLY J 217 42.69 0.12 52.39
C GLY J 217 44.18 0.09 52.61
N ILE J 218 44.84 1.18 52.24
CA ILE J 218 46.29 1.30 52.41
C ILE J 218 46.65 1.49 53.88
N THR J 219 46.00 2.45 54.53
CA THR J 219 46.28 2.74 55.95
C THR J 219 45.90 1.57 56.87
N ARG J 220 44.94 0.77 56.44
CA ARG J 220 44.58 -0.43 57.17
C ARG J 220 45.68 -1.48 57.08
N PHE J 221 46.17 -1.71 55.86
CA PHE J 221 47.27 -2.67 55.64
C PHE J 221 48.61 -2.19 56.20
N PHE J 222 48.85 -0.87 56.11
CA PHE J 222 50.03 -0.21 56.67
C PHE J 222 49.61 0.83 57.71
N PRO J 223 49.38 0.42 58.96
CA PRO J 223 48.88 1.36 60.00
C PRO J 223 49.81 2.54 60.27
N GLN J 224 51.10 2.36 59.99
CA GLN J 224 52.07 3.43 60.14
C GLN J 224 51.78 4.64 59.22
N PHE J 225 50.78 4.52 58.36
CA PHE J 225 50.43 5.59 57.43
C PHE J 225 49.12 6.31 57.72
N ASN J 226 48.52 6.04 58.87
CA ASN J 226 47.34 6.82 59.28
C ASN J 226 47.64 8.32 59.22
N ASP J 227 46.70 9.08 58.68
CA ASP J 227 46.87 10.53 58.49
C ASP J 227 48.13 10.88 57.71
N ARG J 228 48.50 9.99 56.79
CA ARG J 228 49.64 10.19 55.92
C ARG J 228 49.35 9.80 54.46
N PHE J 229 48.16 9.27 54.23
CA PHE J 229 47.73 8.85 52.90
C PHE J 229 46.32 9.35 52.60
N GLU J 230 46.15 9.81 51.37
CA GLU J 230 44.84 10.22 50.85
C GLU J 230 44.69 9.64 49.44
N ALA J 231 43.47 9.64 48.94
CA ALA J 231 43.20 9.11 47.61
C ALA J 231 42.00 9.79 46.97
N ILE J 232 42.08 9.99 45.66
CA ILE J 232 40.93 10.36 44.85
C ILE J 232 40.87 9.38 43.69
N ALA J 233 39.79 9.40 42.94
CA ALA J 233 39.64 8.52 41.79
C ALA J 233 38.68 9.11 40.76
N VAL J 234 38.91 8.77 39.49
CA VAL J 234 38.01 9.15 38.42
C VAL J 234 37.71 7.98 37.51
N ARG J 235 36.52 8.01 36.93
CA ARG J 235 36.12 7.00 35.96
C ARG J 235 36.14 7.63 34.58
N VAL J 236 36.78 6.94 33.64
CA VAL J 236 36.82 7.36 32.25
C VAL J 236 36.29 6.23 31.38
N PRO J 237 35.78 6.56 30.19
CA PRO J 237 35.13 5.56 29.36
C PRO J 237 36.07 4.66 28.57
N THR J 238 37.01 4.04 29.26
CA THR J 238 37.91 3.10 28.60
C THR J 238 37.52 1.70 28.98
N ILE J 239 38.16 0.73 28.36
CA ILE J 239 37.84 -0.69 28.58
C ILE J 239 38.79 -1.39 29.56
N ASN J 240 38.23 -1.93 30.64
CA ASN J 240 38.85 -3.02 31.45
C ASN J 240 40.08 -2.73 32.32
N VAL J 241 41.02 -1.95 31.80
CA VAL J 241 42.28 -1.72 32.54
C VAL J 241 42.27 -0.42 33.31
N THR J 242 42.85 -0.48 34.51
CA THR J 242 42.91 0.62 35.46
C THR J 242 44.34 1.13 35.63
N ALA J 243 44.48 2.45 35.76
CA ALA J 243 45.76 3.11 35.96
C ALA J 243 45.79 3.78 37.32
N ILE J 244 46.85 3.53 38.08
CA ILE J 244 47.01 4.09 39.42
C ILE J 244 48.21 5.00 39.45
N ASP J 245 47.96 6.25 39.84
CA ASP J 245 48.96 7.31 39.78
C ASP J 245 49.36 7.62 41.20
N LEU J 246 50.50 7.02 41.60
CA LEU J 246 50.94 7.06 43.00
C LEU J 246 52.00 8.12 43.20
N SER J 247 51.82 8.95 44.23
CA SER J 247 52.82 9.94 44.58
C SER J 247 53.20 9.84 46.06
N VAL J 248 54.49 9.65 46.33
CA VAL J 248 54.97 9.50 47.69
C VAL J 248 56.19 10.36 47.96
N THR J 249 56.27 10.90 49.19
CA THR J 249 57.47 11.54 49.70
C THR J 249 58.30 10.48 50.41
N VAL J 250 59.61 10.49 50.21
CA VAL J 250 60.51 9.53 50.84
C VAL J 250 61.68 10.22 51.56
N LYS J 251 62.25 9.50 52.53
CA LYS J 251 63.37 10.01 53.32
C LYS J 251 64.65 9.96 52.48
N LYS J 252 64.99 8.77 52.02
CA LYS J 252 66.24 8.56 51.27
C LYS J 252 66.14 9.33 49.93
N PRO J 253 67.17 10.13 49.59
CA PRO J 253 67.15 10.79 48.29
C PRO J 253 67.25 9.81 47.12
N VAL J 254 66.49 10.05 46.07
CA VAL J 254 66.44 9.13 44.93
C VAL J 254 66.33 9.81 43.57
N LYS J 255 66.70 9.03 42.56
CA LYS J 255 66.56 9.44 41.16
C LYS J 255 65.58 8.50 40.43
N ALA J 256 64.94 9.03 39.40
CA ALA J 256 63.91 8.29 38.67
C ALA J 256 64.37 6.89 38.30
N ASN J 257 65.53 6.78 37.68
CA ASN J 257 65.99 5.46 37.16
C ASN J 257 66.44 4.47 38.26
N GLU J 258 66.84 5.00 39.43
CA GLU J 258 67.14 4.14 40.59
C GLU J 258 65.86 3.44 41.02
N VAL J 259 64.80 4.24 41.19
CA VAL J 259 63.46 3.74 41.51
C VAL J 259 63.04 2.66 40.48
N ASN J 260 63.17 2.99 39.20
CA ASN J 260 62.87 2.03 38.15
C ASN J 260 63.66 0.74 38.28
N LEU J 261 64.94 0.87 38.59
CA LEU J 261 65.82 -0.28 38.70
C LEU J 261 65.38 -1.16 39.88
N LEU J 262 65.03 -0.51 40.98
CA LEU J 262 64.51 -1.23 42.13
C LEU J 262 63.31 -2.07 41.75
N LEU J 263 62.32 -1.41 41.16
CA LEU J 263 61.05 -2.04 40.78
C LEU J 263 61.25 -3.13 39.73
N GLN J 264 62.09 -2.86 38.73
CA GLN J 264 62.41 -3.86 37.72
C GLN J 264 63.02 -5.13 38.34
N LYS J 265 63.88 -4.92 39.33
CA LYS J 265 64.51 -6.05 40.03
C LYS J 265 63.48 -6.87 40.79
N ALA J 266 62.62 -6.17 41.50
CA ALA J 266 61.54 -6.80 42.24
C ALA J 266 60.69 -7.67 41.31
N ALA J 267 60.38 -7.14 40.13
CA ALA J 267 59.55 -7.82 39.13
C ALA J 267 60.18 -9.12 38.61
N GLN J 268 61.52 -9.13 38.61
CA GLN J 268 62.31 -10.27 38.14
C GLN J 268 62.78 -11.18 39.27
N GLY J 269 62.62 -10.72 40.53
CA GLY J 269 62.93 -11.47 41.76
C GLY J 269 61.76 -11.76 42.70
N ALA J 270 61.78 -11.12 43.87
CA ALA J 270 60.84 -11.40 44.95
C ALA J 270 59.37 -11.31 44.53
N PHE J 271 59.06 -10.46 43.56
CA PHE J 271 57.67 -10.23 43.17
C PHE J 271 57.34 -10.74 41.79
N HIS J 272 58.12 -11.71 41.31
CA HIS J 272 57.87 -12.32 39.99
C HIS J 272 56.50 -12.93 39.97
N GLY J 273 55.75 -12.63 38.91
CA GLY J 273 54.37 -13.11 38.75
C GLY J 273 53.32 -12.26 39.44
N ILE J 274 53.73 -11.43 40.40
CA ILE J 274 52.82 -10.51 41.07
C ILE J 274 52.97 -9.09 40.54
N VAL J 275 54.19 -8.56 40.57
CA VAL J 275 54.48 -7.26 39.98
C VAL J 275 55.29 -7.44 38.70
N ASP J 276 54.93 -6.67 37.67
CA ASP J 276 55.70 -6.65 36.45
C ASP J 276 56.21 -5.25 36.22
N TYR J 277 57.21 -5.16 35.35
CA TYR J 277 57.81 -3.89 34.98
C TYR J 277 57.97 -3.80 33.48
N THR J 278 57.71 -2.62 32.94
CA THR J 278 57.89 -2.40 31.50
C THR J 278 58.33 -0.97 31.16
N GLU J 279 59.13 -0.90 30.11
CA GLU J 279 59.58 0.37 29.54
C GLU J 279 59.10 0.51 28.10
N LEU J 280 58.41 -0.52 27.60
CA LEU J 280 57.88 -0.48 26.25
C LEU J 280 56.83 0.62 26.14
N PRO J 281 56.62 1.14 24.91
CA PRO J 281 55.59 2.15 24.69
C PRO J 281 54.23 1.48 24.52
N LEU J 282 53.51 1.34 25.62
CA LEU J 282 52.23 0.62 25.59
C LEU J 282 51.10 1.51 26.05
N VAL J 283 49.88 1.06 25.80
CA VAL J 283 48.66 1.73 26.22
C VAL J 283 47.82 0.76 27.06
N SER J 284 46.84 1.29 27.78
CA SER J 284 46.14 0.51 28.81
C SER J 284 45.70 -0.86 28.31
N VAL J 285 45.04 -0.91 27.16
CA VAL J 285 44.51 -2.18 26.62
C VAL J 285 45.55 -3.28 26.44
N ASP J 286 46.83 -2.92 26.41
CA ASP J 286 47.89 -3.92 26.25
C ASP J 286 48.06 -4.78 27.49
N PHE J 287 47.53 -4.31 28.62
CA PHE J 287 47.58 -5.03 29.88
C PHE J 287 46.26 -5.76 30.16
N ASN J 288 45.35 -5.71 29.18
CA ASN J 288 44.14 -6.50 29.24
C ASN J 288 44.52 -7.97 29.40
N HIS J 289 43.88 -8.63 30.35
CA HIS J 289 44.08 -10.05 30.57
C HIS J 289 45.51 -10.36 31.04
N ASP J 290 46.12 -9.39 31.70
CA ASP J 290 47.43 -9.60 32.34
C ASP J 290 47.25 -10.04 33.80
N PRO J 291 47.78 -11.23 34.14
CA PRO J 291 47.63 -11.86 35.45
C PRO J 291 48.37 -11.20 36.59
N HIS J 292 49.25 -10.27 36.29
CA HIS J 292 49.97 -9.55 37.35
C HIS J 292 49.02 -8.66 38.16
N SER J 293 49.29 -8.55 39.45
CA SER J 293 48.54 -7.63 40.31
C SER J 293 48.77 -6.19 39.89
N ALA J 294 49.98 -5.92 39.41
CA ALA J 294 50.43 -4.56 39.07
C ALA J 294 51.53 -4.60 38.00
N ILE J 295 51.43 -3.75 36.99
CA ILE J 295 52.52 -3.59 36.04
C ILE J 295 53.00 -2.15 36.15
N VAL J 296 54.27 -1.99 36.48
CA VAL J 296 54.84 -0.65 36.62
C VAL J 296 55.34 -0.12 35.27
N ASP J 297 54.91 1.11 34.97
CA ASP J 297 55.32 1.74 33.72
C ASP J 297 56.53 2.62 33.96
N GLY J 298 57.70 2.06 33.66
CA GLY J 298 58.97 2.74 33.89
C GLY J 298 59.05 4.11 33.24
N THR J 299 58.53 4.21 32.03
CA THR J 299 58.60 5.45 31.25
C THR J 299 57.88 6.64 31.92
N GLN J 300 57.05 6.32 32.89
CA GLN J 300 56.26 7.35 33.57
C GLN J 300 56.79 7.71 34.97
N THR J 301 57.83 7.00 35.41
CA THR J 301 58.41 7.27 36.72
C THR J 301 59.04 8.65 36.71
N ARG J 302 58.83 9.39 37.79
CA ARG J 302 59.43 10.70 37.95
C ARG J 302 59.85 10.90 39.40
N VAL J 303 60.84 11.77 39.61
CA VAL J 303 61.19 12.21 40.96
C VAL J 303 61.33 13.72 40.94
N SER J 304 60.60 14.38 41.84
CA SER J 304 60.63 15.83 41.99
C SER J 304 61.48 16.23 43.19
N GLY J 305 62.52 17.01 42.93
CA GLY J 305 63.59 17.17 43.90
C GLY J 305 64.24 15.80 43.95
N ALA J 306 64.56 15.34 45.17
CA ALA J 306 65.13 13.99 45.33
C ALA J 306 64.22 13.10 46.16
N HIS J 307 63.04 13.63 46.49
CA HIS J 307 62.20 13.06 47.55
C HIS J 307 60.73 12.77 47.18
N LEU J 308 60.23 13.34 46.08
CA LEU J 308 58.83 13.14 45.66
C LEU J 308 58.73 12.21 44.46
N ILE J 309 58.29 10.98 44.69
CA ILE J 309 58.27 9.98 43.63
C ILE J 309 56.88 9.91 43.02
N LYS J 310 56.81 9.99 41.70
CA LYS J 310 55.58 9.66 40.98
C LYS J 310 55.81 8.41 40.18
N THR J 311 54.89 7.46 40.36
CA THR J 311 54.91 6.21 39.61
C THR J 311 53.51 5.87 39.13
N LEU J 312 53.41 5.47 37.86
CA LEU J 312 52.15 5.06 37.26
C LEU J 312 52.13 3.54 37.14
N VAL J 313 51.13 2.94 37.75
CA VAL J 313 50.99 1.50 37.72
C VAL J 313 49.69 1.09 37.07
N TRP J 314 49.80 0.22 36.06
CA TRP J 314 48.65 -0.35 35.38
C TRP J 314 48.22 -1.59 36.10
N CYS J 315 46.94 -1.94 35.98
CA CYS J 315 46.48 -3.31 36.33
C CYS J 315 45.20 -3.62 35.62
N ASP J 316 45.01 -4.89 35.28
CA ASP J 316 43.68 -5.40 34.89
C ASP J 316 42.89 -5.58 36.19
N ASN J 317 41.98 -4.64 36.44
CA ASN J 317 41.27 -4.53 37.74
C ASN J 317 40.48 -5.78 38.13
N GLU J 318 40.27 -6.69 37.17
CA GLU J 318 39.54 -7.91 37.44
C GLU J 318 40.43 -9.12 37.35
N TRP J 319 41.18 -9.24 36.28
CA TRP J 319 41.93 -10.47 36.01
C TRP J 319 43.05 -10.70 37.02
N GLY J 320 43.76 -9.63 37.34
CA GLY J 320 44.81 -9.74 38.33
C GLY J 320 44.22 -10.25 39.62
N PHE J 321 43.21 -9.53 40.10
CA PHE J 321 42.54 -9.85 41.36
C PHE J 321 42.02 -11.28 41.38
N ALA J 322 41.43 -11.71 40.28
CA ALA J 322 40.87 -13.05 40.13
C ALA J 322 41.93 -14.15 40.32
N ASN J 323 43.09 -13.92 39.73
CA ASN J 323 44.19 -14.85 39.89
C ASN J 323 44.76 -14.85 41.30
N ARG J 324 44.74 -13.69 41.95
CA ARG J 324 45.14 -13.60 43.37
C ARG J 324 44.16 -14.33 44.29
N MET J 325 42.88 -14.29 43.95
CA MET J 325 41.90 -15.05 44.70
C MET J 325 42.32 -16.52 44.73
N LEU J 326 42.70 -17.03 43.56
CA LEU J 326 43.11 -18.42 43.43
C LEU J 326 44.43 -18.69 44.16
N ASP J 327 45.37 -17.75 44.05
CA ASP J 327 46.64 -17.89 44.75
C ASP J 327 46.37 -17.97 46.27
N THR J 328 45.57 -17.04 46.79
CA THR J 328 45.29 -16.97 48.21
C THR J 328 44.53 -18.20 48.64
N THR J 329 43.62 -18.66 47.82
CA THR J 329 42.88 -19.90 48.10
C THR J 329 43.84 -21.08 48.31
N LEU J 330 44.74 -21.28 47.36
CA LEU J 330 45.73 -22.35 47.49
C LEU J 330 46.48 -22.27 48.82
N ALA J 331 47.04 -21.10 49.13
CA ALA J 331 47.78 -20.88 50.37
C ALA J 331 46.94 -21.29 51.58
N MET J 332 45.67 -20.88 51.58
CA MET J 332 44.75 -21.17 52.70
C MET J 332 44.48 -22.66 52.89
N ALA J 333 44.31 -23.37 51.79
CA ALA J 333 44.06 -24.81 51.81
C ALA J 333 45.32 -25.61 52.16
N THR J 334 46.50 -25.02 51.90
CA THR J 334 47.80 -25.68 52.10
C THR J 334 48.39 -25.50 53.48
N VAL J 335 48.31 -24.27 54.00
CA VAL J 335 48.98 -23.87 55.21
C VAL J 335 48.90 -24.98 56.28
N ALA J 336 50.07 -25.47 56.68
CA ALA J 336 50.19 -26.43 57.76
C ALA J 336 50.13 -25.65 59.06
N PHE J 337 50.05 -26.37 60.18
CA PHE J 337 50.09 -25.73 61.50
C PHE J 337 51.53 -25.71 62.02
N THR K 1 -2.52 32.09 29.74
CA THR K 1 -1.42 31.10 29.55
C THR K 1 -1.92 29.70 29.88
N VAL K 2 -1.67 28.77 28.96
CA VAL K 2 -2.00 27.35 29.18
C VAL K 2 -1.13 26.84 30.30
N ARG K 3 -1.74 26.18 31.27
CA ARG K 3 -0.98 25.75 32.44
C ARG K 3 -0.87 24.24 32.49
N VAL K 4 0.38 23.77 32.52
CA VAL K 4 0.66 22.34 32.49
C VAL K 4 1.35 21.91 33.76
N ALA K 5 1.07 20.66 34.12
CA ALA K 5 1.79 19.96 35.15
C ALA K 5 2.56 18.84 34.46
N ILE K 6 3.71 18.49 35.03
CA ILE K 6 4.51 17.39 34.52
C ILE K 6 4.61 16.26 35.54
N ASN K 7 4.10 15.10 35.15
CA ASN K 7 4.19 13.92 35.98
C ASN K 7 5.40 13.14 35.52
N GLY K 8 6.38 13.02 36.39
CA GLY K 8 7.62 12.33 36.07
C GLY K 8 8.65 13.29 35.53
N PHE K 9 9.73 13.48 36.28
CA PHE K 9 10.77 14.44 35.92
C PHE K 9 12.04 13.70 35.55
N GLY K 10 11.88 12.75 34.63
CA GLY K 10 13.01 11.99 34.11
C GLY K 10 13.74 12.76 33.03
N ARG K 11 14.33 12.03 32.11
CA ARG K 11 15.04 12.67 31.02
C ARG K 11 14.06 13.53 30.22
N ILE K 12 12.95 12.94 29.82
CA ILE K 12 12.01 13.63 28.91
C ILE K 12 11.34 14.80 29.60
N GLY K 13 10.88 14.58 30.81
CA GLY K 13 10.27 15.62 31.63
C GLY K 13 11.15 16.84 31.80
N ARG K 14 12.41 16.60 32.15
CA ARG K 14 13.40 17.67 32.26
C ARG K 14 13.58 18.46 30.95
N ASN K 15 13.66 17.73 29.85
CA ASN K 15 13.82 18.34 28.53
C ASN K 15 12.63 19.16 28.11
N VAL K 16 11.43 18.68 28.43
CA VAL K 16 10.21 19.45 28.16
C VAL K 16 10.30 20.83 28.83
N VAL K 17 10.69 20.85 30.10
CA VAL K 17 10.88 22.11 30.82
C VAL K 17 11.92 22.97 30.12
N ARG K 18 13.12 22.41 29.91
CA ARG K 18 14.19 23.14 29.23
C ARG K 18 13.73 23.67 27.88
N ALA K 19 12.99 22.83 27.15
CA ALA K 19 12.47 23.23 25.82
C ALA K 19 11.50 24.40 25.94
N LEU K 20 10.62 24.34 26.94
CA LEU K 20 9.60 25.38 27.14
C LEU K 20 10.25 26.76 27.17
N TYR K 21 11.34 26.85 27.93
CA TYR K 21 12.02 28.12 28.13
C TYR K 21 12.84 28.52 26.92
N GLU K 22 13.67 27.60 26.43
CA GLU K 22 14.56 27.90 25.30
C GLU K 22 13.80 28.20 24.02
N SER K 23 12.76 27.44 23.74
CA SER K 23 11.90 27.66 22.57
C SER K 23 11.28 29.06 22.56
N GLY K 24 11.17 29.68 23.73
CA GLY K 24 10.47 30.95 23.87
C GLY K 24 9.03 30.72 24.28
N ARG K 25 8.56 29.49 24.19
CA ARG K 25 7.17 29.16 24.46
C ARG K 25 6.71 29.48 25.87
N ARG K 26 7.63 29.91 26.73
CA ARG K 26 7.30 30.26 28.12
C ARG K 26 6.13 31.25 28.28
N ALA K 27 6.04 32.25 27.41
CA ALA K 27 4.84 33.09 27.35
C ALA K 27 3.81 32.41 26.40
N GLU K 28 3.18 31.35 26.92
CA GLU K 28 2.27 30.48 26.14
C GLU K 28 1.79 29.30 26.98
N ILE K 29 2.76 28.68 27.65
CA ILE K 29 2.55 27.50 28.47
C ILE K 29 3.31 27.72 29.75
N THR K 30 2.73 27.33 30.87
CA THR K 30 3.36 27.53 32.16
C THR K 30 3.38 26.22 32.90
N VAL K 31 4.55 25.87 33.39
CA VAL K 31 4.65 24.71 34.24
C VAL K 31 4.37 25.17 35.65
N VAL K 32 3.31 24.65 36.22
CA VAL K 32 2.91 25.05 37.56
C VAL K 32 3.34 24.00 38.62
N ALA K 33 3.37 22.74 38.22
CA ALA K 33 3.75 21.67 39.11
C ALA K 33 4.55 20.55 38.43
N ILE K 34 5.48 19.98 39.17
CA ILE K 34 6.15 18.77 38.72
C ILE K 34 5.97 17.75 39.83
N ASN K 35 5.51 16.55 39.49
CA ASN K 35 5.45 15.42 40.42
C ASN K 35 6.62 14.48 40.13
N GLU K 36 7.18 13.88 41.17
CA GLU K 36 8.40 13.10 41.02
C GLU K 36 8.74 12.34 42.30
N LEU K 37 9.16 11.08 42.16
CA LEU K 37 9.58 10.24 43.30
C LEU K 37 11.10 10.25 43.56
N ALA K 38 11.84 11.15 42.94
CA ALA K 38 13.23 11.34 43.31
C ALA K 38 13.14 12.42 44.34
N ASP K 39 14.28 13.05 44.65
CA ASP K 39 14.29 14.16 45.58
C ASP K 39 14.55 15.47 44.86
N ALA K 40 13.80 16.51 45.28
CA ALA K 40 13.97 17.89 44.79
C ALA K 40 15.44 18.33 44.66
N ALA K 41 16.29 17.90 45.59
CA ALA K 41 17.75 18.20 45.53
C ALA K 41 18.28 17.98 44.14
N GLY K 42 18.29 16.71 43.75
CA GLY K 42 18.70 16.30 42.43
C GLY K 42 17.86 16.90 41.33
N MET K 43 16.54 16.84 41.47
CA MET K 43 15.65 17.43 40.49
C MET K 43 16.29 18.71 39.95
N ALA K 44 16.48 19.67 40.84
CA ALA K 44 17.05 20.98 40.45
C ALA K 44 18.39 20.81 39.79
N HIS K 45 19.21 19.96 40.37
CA HIS K 45 20.57 19.72 39.89
C HIS K 45 20.55 19.13 38.50
N LEU K 46 19.87 18.00 38.36
CA LEU K 46 19.77 17.35 37.06
C LEU K 46 19.15 18.24 35.98
N LEU K 47 18.24 19.14 36.37
CA LEU K 47 17.66 20.08 35.43
C LEU K 47 18.72 21.05 34.95
N LYS K 48 19.61 21.45 35.85
CA LYS K 48 20.64 22.44 35.54
C LYS K 48 21.79 21.87 34.71
N TYR K 49 22.19 20.64 35.00
CA TYR K 49 23.33 20.01 34.31
C TYR K 49 22.92 18.84 33.39
N ASP K 50 22.96 19.15 32.08
CA ASP K 50 22.87 18.23 30.92
C ASP K 50 23.56 18.89 29.68
N ARG K 55 25.10 23.11 30.37
CA ARG K 55 24.48 23.84 31.48
C ARG K 55 23.23 24.57 31.00
N PHE K 56 22.14 24.41 31.72
CA PHE K 56 20.89 25.10 31.39
C PHE K 56 21.11 26.59 31.53
N ALA K 57 20.81 27.30 30.45
CA ALA K 57 21.04 28.76 30.36
C ALA K 57 20.29 29.57 31.44
N TRP K 58 19.14 29.07 31.90
CA TRP K 58 18.37 29.74 32.92
C TRP K 58 18.88 29.40 34.31
N GLU K 59 18.52 30.25 35.28
CA GLU K 59 19.00 30.09 36.65
C GLU K 59 18.06 29.15 37.42
N VAL K 60 18.62 28.07 37.95
CA VAL K 60 17.81 27.06 38.64
C VAL K 60 18.10 27.06 40.16
N ARG K 61 17.12 27.52 40.97
CA ARG K 61 17.18 27.44 42.47
C ARG K 61 16.19 26.39 43.01
N GLN K 62 16.31 26.03 44.31
CA GLN K 62 15.43 24.99 44.94
C GLN K 62 15.21 25.10 46.46
N GLU K 63 14.17 25.82 46.87
CA GLU K 63 13.85 26.03 48.31
C GLU K 63 12.60 25.26 48.75
N ARG K 64 12.69 24.63 49.93
CA ARG K 64 11.58 23.88 50.60
C ARG K 64 10.80 22.84 49.66
N ASP K 65 9.51 23.02 49.37
CA ASP K 65 8.77 22.07 48.52
C ASP K 65 8.50 22.70 47.14
N GLN K 66 9.41 23.56 46.71
CA GLN K 66 9.24 24.37 45.50
C GLN K 66 10.52 24.34 44.66
N LEU K 67 10.34 24.36 43.33
CA LEU K 67 11.46 24.43 42.39
C LEU K 67 11.42 25.75 41.66
N PHE K 68 12.54 26.47 41.71
CA PHE K 68 12.68 27.74 41.02
C PHE K 68 13.45 27.56 39.71
N VAL K 69 12.81 28.01 38.63
CA VAL K 69 13.43 28.24 37.35
C VAL K 69 13.19 29.71 37.12
N GLY K 70 14.23 30.51 37.31
CA GLY K 70 14.10 31.96 37.15
C GLY K 70 13.25 32.55 38.27
N ASP K 71 12.42 33.53 37.91
CA ASP K 71 11.39 34.06 38.82
C ASP K 71 10.38 32.97 39.16
N ASP K 72 9.97 32.25 38.12
CA ASP K 72 8.89 31.25 38.19
C ASP K 72 9.08 30.24 39.32
N ALA K 73 7.99 29.96 40.04
CA ALA K 73 7.96 28.89 41.04
C ALA K 73 7.35 27.64 40.42
N ILE K 74 7.74 26.47 40.91
CA ILE K 74 7.01 25.25 40.57
C ILE K 74 6.76 24.44 41.84
N ARG K 75 5.49 24.09 42.07
CA ARG K 75 5.13 23.23 43.19
C ARG K 75 5.67 21.84 42.90
N VAL K 76 6.70 21.47 43.65
CA VAL K 76 7.27 20.15 43.51
C VAL K 76 6.46 19.24 44.39
N LEU K 77 5.93 18.17 43.80
CA LEU K 77 5.12 17.21 44.52
C LEU K 77 5.82 15.86 44.53
N HIS K 78 5.44 15.02 45.48
CA HIS K 78 6.00 13.65 45.59
C HIS K 78 4.94 12.54 45.84
N GLU K 79 3.78 12.54 45.18
CA GLU K 79 2.73 11.53 45.51
C GLU K 79 2.93 10.20 44.77
N ARG K 80 2.70 9.08 45.48
CA ARG K 80 2.85 7.72 44.90
C ARG K 80 1.60 7.21 44.17
N SER K 81 0.43 7.70 44.60
CA SER K 81 -0.85 7.36 43.98
C SER K 81 -1.29 8.53 43.10
N LEU K 82 -1.94 8.23 41.98
CA LEU K 82 -2.40 9.31 41.06
C LEU K 82 -3.64 10.01 41.63
N GLN K 83 -4.45 9.24 42.37
CA GLN K 83 -5.66 9.72 43.05
C GLN K 83 -5.46 11.06 43.74
N SER K 84 -4.30 11.19 44.41
CA SER K 84 -4.01 12.29 45.35
C SER K 84 -3.24 13.49 44.75
N LEU K 85 -3.17 13.57 43.42
CA LEU K 85 -2.54 14.71 42.76
C LEU K 85 -3.46 15.94 42.80
N PRO K 86 -2.93 17.09 43.25
CA PRO K 86 -3.73 18.31 43.39
C PRO K 86 -3.84 19.07 42.08
N TRP K 87 -4.24 18.39 41.02
CA TRP K 87 -4.42 19.05 39.72
C TRP K 87 -5.52 20.11 39.79
N ARG K 88 -6.65 19.75 40.40
CA ARG K 88 -7.79 20.65 40.51
C ARG K 88 -7.39 21.95 41.20
N GLU K 89 -6.75 21.79 42.35
CA GLU K 89 -6.26 22.91 43.15
C GLU K 89 -5.37 23.87 42.34
N LEU K 90 -4.60 23.33 41.40
CA LEU K 90 -3.64 24.13 40.61
C LEU K 90 -4.17 24.60 39.26
N GLY K 91 -5.37 24.14 38.91
CA GLY K 91 -6.04 24.54 37.68
C GLY K 91 -5.37 24.03 36.40
N VAL K 92 -4.79 22.83 36.49
CA VAL K 92 -4.04 22.23 35.39
C VAL K 92 -4.88 22.01 34.13
N ASP K 93 -4.47 22.63 33.04
CA ASP K 93 -5.16 22.47 31.75
C ASP K 93 -4.73 21.17 31.05
N VAL K 94 -3.44 20.89 31.05
CA VAL K 94 -2.92 19.63 30.51
C VAL K 94 -1.85 19.06 31.42
N VAL K 95 -1.95 17.75 31.68
CA VAL K 95 -0.88 17.03 32.39
C VAL K 95 -0.07 16.29 31.35
N LEU K 96 1.22 16.61 31.32
CA LEU K 96 2.19 15.88 30.52
C LEU K 96 2.75 14.81 31.41
N ASP K 97 2.35 13.56 31.14
CA ASP K 97 2.87 12.44 31.91
C ASP K 97 4.09 11.83 31.23
N CYS K 98 5.23 12.04 31.85
CA CYS K 98 6.54 11.62 31.33
C CYS K 98 7.20 10.65 32.30
N THR K 99 6.38 9.87 32.98
CA THR K 99 6.86 8.88 33.94
C THR K 99 7.33 7.65 33.21
N GLY K 100 6.70 7.34 32.10
CA GLY K 100 6.99 6.12 31.36
C GLY K 100 6.36 4.87 31.96
N VAL K 101 5.80 5.02 33.16
CA VAL K 101 5.07 3.92 33.81
C VAL K 101 3.57 3.99 33.50
N TYR K 102 2.96 5.17 33.59
CA TYR K 102 1.53 5.33 33.27
C TYR K 102 1.25 5.49 31.77
N GLY K 103 0.15 4.91 31.31
CA GLY K 103 -0.20 4.96 29.88
C GLY K 103 -1.53 4.38 29.41
N SER K 104 -2.30 3.78 30.32
CA SER K 104 -3.65 3.26 30.05
C SER K 104 -4.72 4.38 29.91
N ARG K 105 -5.91 4.03 29.44
CA ARG K 105 -7.04 4.97 29.53
C ARG K 105 -7.37 5.34 30.99
N GLU K 106 -7.25 4.35 31.90
CA GLU K 106 -7.62 4.50 33.33
C GLU K 106 -6.72 5.49 34.04
N HIS K 107 -5.42 5.42 33.72
CA HIS K 107 -4.43 6.37 34.23
C HIS K 107 -4.77 7.78 33.77
N GLY K 108 -5.20 7.90 32.53
CA GLY K 108 -5.70 9.16 32.00
C GLY K 108 -6.89 9.66 32.78
N GLU K 109 -7.90 8.79 32.93
CA GLU K 109 -9.12 9.14 33.70
C GLU K 109 -8.72 9.61 35.11
N ALA K 110 -7.81 8.87 35.74
CA ALA K 110 -7.30 9.17 37.09
C ALA K 110 -6.73 10.59 37.18
N HIS K 111 -5.94 10.97 36.19
CA HIS K 111 -5.38 12.33 36.13
C HIS K 111 -6.50 13.36 36.06
N ILE K 112 -7.44 13.11 35.15
CA ILE K 112 -8.58 13.99 34.94
C ILE K 112 -9.41 14.10 36.21
N ALA K 113 -9.75 12.93 36.78
CA ALA K 113 -10.40 12.80 38.08
C ALA K 113 -9.71 13.66 39.14
N ALA K 114 -8.38 13.64 39.15
CA ALA K 114 -7.61 14.42 40.12
C ALA K 114 -7.72 15.94 39.84
N GLY K 115 -8.24 16.30 38.68
CA GLY K 115 -8.56 17.69 38.36
C GLY K 115 -7.91 18.27 37.12
N ALA K 116 -7.37 17.41 36.26
CA ALA K 116 -6.72 17.88 35.06
C ALA K 116 -7.70 17.79 33.91
N LYS K 117 -7.73 18.82 33.07
CA LYS K 117 -8.68 18.84 31.96
C LYS K 117 -8.31 17.78 30.93
N LYS K 118 -7.05 17.74 30.55
CA LYS K 118 -6.58 16.78 29.56
C LYS K 118 -5.24 16.15 29.98
N VAL K 119 -4.93 15.04 29.33
CA VAL K 119 -3.69 14.29 29.60
C VAL K 119 -2.94 14.01 28.31
N LEU K 120 -1.62 14.15 28.36
CA LEU K 120 -0.75 13.84 27.21
C LEU K 120 0.38 12.93 27.64
N PHE K 121 0.45 11.74 27.06
CA PHE K 121 1.50 10.78 27.40
C PHE K 121 2.74 10.92 26.52
N SER K 122 3.90 10.78 27.14
CA SER K 122 5.18 10.89 26.45
C SER K 122 5.61 9.60 25.76
N HIS K 123 4.64 8.76 25.44
CA HIS K 123 4.90 7.51 24.75
C HIS K 123 3.60 6.98 24.12
N PRO K 124 3.66 5.84 23.39
CA PRO K 124 2.43 5.24 22.86
C PRO K 124 1.52 4.62 23.94
N GLY K 125 1.95 3.51 24.53
CA GLY K 125 1.16 2.83 25.54
C GLY K 125 -0.10 2.23 24.96
N SER K 126 -1.11 2.08 25.81
CA SER K 126 -2.33 1.35 25.44
C SER K 126 -2.95 1.81 24.11
N ASN K 127 -3.36 0.83 23.31
CA ASN K 127 -3.81 1.09 21.94
C ASN K 127 -5.16 1.78 21.91
N ASP K 128 -5.99 1.45 22.89
CA ASP K 128 -7.28 2.08 23.06
C ASP K 128 -7.02 3.44 23.69
N LEU K 129 -7.02 4.52 22.91
CA LEU K 129 -6.84 5.86 23.49
C LEU K 129 -7.42 6.91 22.58
N ASP K 130 -7.80 8.06 23.13
CA ASP K 130 -8.51 9.11 22.38
C ASP K 130 -7.88 9.47 21.03
N ALA K 131 -6.55 9.46 20.96
CA ALA K 131 -5.83 9.82 19.73
C ALA K 131 -4.31 9.80 19.90
N THR K 132 -3.61 9.42 18.83
CA THR K 132 -2.14 9.41 18.77
C THR K 132 -1.63 10.52 17.85
N VAL K 133 -0.99 11.55 18.43
CA VAL K 133 -0.54 12.71 17.64
C VAL K 133 0.96 12.66 17.30
N VAL K 134 1.24 12.52 16.01
CA VAL K 134 2.57 12.77 15.46
C VAL K 134 2.51 14.15 14.87
N TYR K 135 2.86 15.15 15.69
CA TYR K 135 2.65 16.56 15.36
C TYR K 135 3.31 16.94 14.05
N GLY K 136 2.55 17.63 13.22
CA GLY K 136 2.95 18.00 11.86
C GLY K 136 2.38 17.07 10.80
N VAL K 137 1.82 15.93 11.25
CA VAL K 137 1.17 14.98 10.34
C VAL K 137 -0.34 14.95 10.57
N ASN K 138 -0.77 14.70 11.80
CA ASN K 138 -2.19 14.55 12.11
C ASN K 138 -2.71 15.30 13.33
N GLN K 139 -2.14 16.47 13.62
CA GLN K 139 -2.62 17.29 14.74
C GLN K 139 -3.98 17.88 14.40
N ASP K 140 -4.22 18.06 13.10
CA ASP K 140 -5.52 18.56 12.58
C ASP K 140 -6.70 17.63 12.90
N GLN K 141 -6.40 16.38 13.23
CA GLN K 141 -7.43 15.43 13.66
C GLN K 141 -7.75 15.47 15.17
N LEU K 142 -7.30 16.50 15.86
CA LEU K 142 -7.63 16.61 17.28
C LEU K 142 -8.98 17.28 17.48
N ARG K 143 -9.96 16.47 17.83
CA ARG K 143 -11.23 16.95 18.34
C ARG K 143 -11.00 17.39 19.80
N ALA K 144 -11.87 18.27 20.31
CA ALA K 144 -11.84 18.73 21.73
C ALA K 144 -12.34 17.68 22.73
N GLU K 145 -13.02 16.65 22.24
CA GLU K 145 -13.47 15.53 23.08
C GLU K 145 -12.30 14.59 23.44
N HIS K 146 -11.20 14.74 22.70
CA HIS K 146 -9.96 13.99 22.93
C HIS K 146 -9.24 14.56 24.13
N ARG K 147 -9.24 13.79 25.21
CA ARG K 147 -8.75 14.28 26.51
C ARG K 147 -7.58 13.46 27.06
N ILE K 148 -7.47 12.23 26.58
CA ILE K 148 -6.34 11.36 26.90
C ILE K 148 -5.62 10.98 25.60
N VAL K 149 -4.50 11.64 25.32
CA VAL K 149 -3.80 11.43 24.05
C VAL K 149 -2.33 11.04 24.23
N SER K 150 -1.82 10.31 23.25
CA SER K 150 -0.43 9.86 23.21
C SER K 150 0.33 10.68 22.18
N ASN K 151 1.61 10.96 22.47
CA ASN K 151 2.47 11.75 21.56
C ASN K 151 3.39 10.89 20.69
N ALA K 152 3.04 9.61 20.55
CA ALA K 152 3.89 8.64 19.87
C ALA K 152 5.22 8.49 20.61
N SER K 153 6.25 7.96 19.95
CA SER K 153 7.61 7.92 20.52
C SER K 153 8.51 8.81 19.69
N CYS K 154 9.72 9.05 20.20
CA CYS K 154 10.69 9.92 19.51
C CYS K 154 11.05 9.36 18.16
N THR K 155 11.22 8.04 18.08
CA THR K 155 11.59 7.41 16.81
C THR K 155 10.43 7.41 15.83
N THR K 156 9.24 7.08 16.28
CA THR K 156 8.04 7.15 15.41
C THR K 156 7.81 8.59 14.98
N ASN K 157 7.96 9.51 15.92
CA ASN K 157 7.81 10.94 15.62
C ASN K 157 8.83 11.44 14.61
N CYS K 158 9.99 10.78 14.59
CA CYS K 158 11.03 11.09 13.64
C CYS K 158 10.71 10.60 12.23
N ILE K 159 10.37 9.32 12.10
CA ILE K 159 10.30 8.67 10.80
C ILE K 159 8.92 8.71 10.15
N ILE K 160 7.86 8.78 10.95
CA ILE K 160 6.49 8.84 10.41
C ILE K 160 6.33 9.95 9.35
N PRO K 161 6.71 11.20 9.67
CA PRO K 161 6.56 12.26 8.67
C PRO K 161 7.19 11.91 7.32
N VAL K 162 8.38 11.35 7.35
CA VAL K 162 9.06 10.94 6.12
C VAL K 162 8.31 9.82 5.42
N ILE K 163 7.85 8.84 6.15
CA ILE K 163 7.08 7.75 5.54
C ILE K 163 5.84 8.29 4.85
N LYS K 164 5.16 9.25 5.49
CA LYS K 164 3.98 9.87 4.91
C LYS K 164 4.33 10.54 3.62
N LEU K 165 5.31 11.44 3.67
CA LEU K 165 5.74 12.17 2.47
C LEU K 165 6.06 11.23 1.34
N LEU K 166 6.75 10.15 1.63
CA LEU K 166 7.15 9.19 0.59
C LEU K 166 5.96 8.39 0.07
N ASP K 167 5.08 7.99 0.98
CA ASP K 167 3.89 7.24 0.60
C ASP K 167 2.97 8.08 -0.30
N ASP K 168 2.68 9.30 0.14
CA ASP K 168 1.82 10.22 -0.61
C ASP K 168 2.34 10.40 -2.02
N ALA K 169 3.65 10.54 -2.14
CA ALA K 169 4.27 10.87 -3.42
C ALA K 169 4.49 9.68 -4.34
N TYR K 170 4.76 8.51 -3.78
CA TYR K 170 5.18 7.34 -4.61
C TYR K 170 4.46 6.02 -4.31
N GLY K 171 3.69 6.00 -3.22
CA GLY K 171 2.94 4.81 -2.83
C GLY K 171 3.85 3.68 -2.35
N ILE K 172 4.04 3.63 -1.04
CA ILE K 172 4.91 2.64 -0.43
C ILE K 172 4.21 1.29 -0.46
N GLU K 173 4.94 0.28 -0.89
CA GLU K 173 4.42 -1.09 -1.01
C GLU K 173 4.83 -1.97 0.19
N SER K 174 6.07 -1.77 0.64
CA SER K 174 6.56 -2.36 1.89
C SER K 174 7.82 -1.63 2.35
N GLY K 175 8.11 -1.73 3.64
CA GLY K 175 9.22 -1.01 4.25
C GLY K 175 9.98 -1.77 5.32
N THR K 176 11.26 -1.42 5.49
CA THR K 176 12.13 -2.01 6.50
C THR K 176 13.01 -0.89 7.09
N VAL K 177 13.21 -0.91 8.40
CA VAL K 177 13.91 0.17 9.07
C VAL K 177 15.01 -0.38 9.96
N THR K 178 16.11 0.37 10.02
CA THR K 178 17.16 0.11 11.01
C THR K 178 17.40 1.39 11.75
N THR K 179 17.32 1.33 13.08
CA THR K 179 17.54 2.49 13.91
C THR K 179 18.88 2.35 14.60
N ILE K 180 19.71 3.39 14.52
CA ILE K 180 20.98 3.41 15.20
C ILE K 180 20.83 4.39 16.36
N HIS K 181 20.67 3.83 17.57
CA HIS K 181 20.50 4.65 18.79
C HIS K 181 21.80 4.98 19.43
N SER K 182 21.84 6.11 20.10
CA SER K 182 22.98 6.49 20.92
C SER K 182 22.78 5.92 22.32
N ALA K 183 23.74 6.16 23.23
CA ALA K 183 23.65 5.67 24.60
C ALA K 183 23.33 6.81 25.55
N PRO K 195 16.97 -9.57 34.02
CA PRO K 195 16.31 -8.86 32.92
C PRO K 195 16.56 -9.44 31.49
N ASP K 196 17.66 -9.07 30.82
CA ASP K 196 17.94 -9.43 29.40
C ASP K 196 19.47 -9.52 29.08
N LEU K 197 19.93 -10.69 28.62
CA LEU K 197 21.37 -11.05 28.58
C LEU K 197 22.22 -10.23 27.58
N ARG K 198 21.60 -9.25 26.93
CA ARG K 198 22.28 -8.31 26.07
C ARG K 198 22.49 -6.97 26.76
N ARG K 199 21.53 -6.56 27.60
CA ARG K 199 21.48 -5.21 28.15
C ARG K 199 22.63 -4.87 29.14
N THR K 200 22.71 -5.50 30.32
CA THR K 200 23.91 -5.30 31.17
C THR K 200 25.06 -6.08 30.51
N ARG K 201 25.70 -5.39 29.57
CA ARG K 201 26.85 -5.85 28.80
C ARG K 201 27.58 -4.57 28.37
N ALA K 202 28.91 -4.56 28.47
CA ALA K 202 29.68 -3.34 28.25
C ALA K 202 29.13 -2.59 27.04
N ALA K 203 28.65 -1.37 27.30
CA ALA K 203 28.05 -0.52 26.29
C ALA K 203 29.14 0.26 25.54
N SER K 204 30.16 0.67 26.29
CA SER K 204 31.26 1.56 25.84
C SER K 204 32.00 1.12 24.55
N GLN K 205 31.79 -0.11 24.07
CA GLN K 205 32.55 -0.53 22.91
C GLN K 205 31.84 -1.47 21.94
N SER K 206 30.54 -1.71 22.15
CA SER K 206 29.84 -2.62 21.23
C SER K 206 28.61 -2.01 20.56
N ILE K 207 28.21 -2.68 19.49
CA ILE K 207 26.95 -2.46 18.80
C ILE K 207 25.99 -3.50 19.40
N ILE K 208 24.92 -3.06 20.03
CA ILE K 208 24.09 -3.98 20.79
C ILE K 208 22.68 -3.97 20.25
N PRO K 209 22.29 -4.99 19.46
CA PRO K 209 20.93 -4.93 18.96
C PRO K 209 19.95 -4.84 20.12
N VAL K 210 19.01 -3.89 20.06
CA VAL K 210 18.05 -3.66 21.13
C VAL K 210 16.63 -3.92 20.61
N ASP K 211 15.70 -4.19 21.53
CA ASP K 211 14.28 -4.27 21.19
C ASP K 211 13.94 -2.95 20.54
N THR K 212 13.37 -2.98 19.34
CA THR K 212 12.71 -1.80 18.78
C THR K 212 11.22 -2.04 18.74
N LYS K 213 10.44 -1.02 18.50
CA LYS K 213 9.02 -1.24 18.28
C LYS K 213 8.51 -0.20 17.32
N LEU K 214 9.38 0.17 16.38
CA LEU K 214 9.05 1.17 15.37
C LEU K 214 7.98 0.59 14.48
N ALA K 215 8.13 -0.67 14.09
CA ALA K 215 7.20 -1.34 13.18
C ALA K 215 5.80 -1.32 13.76
N ALA K 216 5.70 -1.63 15.04
CA ALA K 216 4.41 -1.60 15.74
C ALA K 216 3.87 -0.19 15.73
N GLY K 217 4.75 0.76 16.01
CA GLY K 217 4.38 2.17 15.99
C GLY K 217 3.96 2.66 14.61
N ILE K 218 4.66 2.22 13.59
CA ILE K 218 4.39 2.62 12.20
C ILE K 218 3.07 2.01 11.72
N THR K 219 2.94 0.69 11.86
CA THR K 219 1.75 -0.03 11.41
C THR K 219 0.51 0.39 12.18
N ARG K 220 0.69 0.83 13.41
CA ARG K 220 -0.43 1.35 14.19
C ARG K 220 -0.91 2.67 13.61
N PHE K 221 0.03 3.56 13.33
CA PHE K 221 -0.28 4.87 12.73
C PHE K 221 -0.74 4.73 11.28
N PHE K 222 -0.14 3.80 10.54
CA PHE K 222 -0.52 3.50 9.16
C PHE K 222 -0.98 2.05 9.05
N PRO K 223 -2.26 1.78 9.38
CA PRO K 223 -2.74 0.41 9.38
C PRO K 223 -2.63 -0.29 8.03
N GLN K 224 -2.59 0.47 6.93
CA GLN K 224 -2.41 -0.11 5.59
C GLN K 224 -1.08 -0.84 5.41
N PHE K 225 -0.22 -0.78 6.42
CA PHE K 225 1.10 -1.37 6.34
C PHE K 225 1.31 -2.62 7.20
N ASN K 226 0.23 -3.12 7.81
CA ASN K 226 0.31 -4.39 8.55
C ASN K 226 0.96 -5.46 7.67
N ASP K 227 1.86 -6.24 8.26
CA ASP K 227 2.60 -7.28 7.53
C ASP K 227 3.30 -6.74 6.30
N ARG K 228 3.70 -5.48 6.37
CA ARG K 228 4.45 -4.82 5.29
C ARG K 228 5.62 -3.98 5.80
N PHE K 229 5.78 -3.92 7.13
CA PHE K 229 6.87 -3.20 7.78
C PHE K 229 7.52 -4.02 8.87
N GLU K 230 8.85 -3.96 8.89
CA GLU K 230 9.62 -4.58 9.96
C GLU K 230 10.68 -3.57 10.43
N ALA K 231 11.29 -3.85 11.58
CA ALA K 231 12.31 -2.97 12.13
C ALA K 231 13.30 -3.75 12.99
N ILE K 232 14.57 -3.35 12.90
CA ILE K 232 15.58 -3.74 13.86
C ILE K 232 16.23 -2.48 14.38
N ALA K 233 17.08 -2.63 15.40
CA ALA K 233 17.75 -1.48 15.99
C ALA K 233 19.03 -1.89 16.68
N VAL K 234 20.00 -0.98 16.71
CA VAL K 234 21.24 -1.18 17.45
C VAL K 234 21.57 0.04 18.28
N ARG K 235 22.27 -0.21 19.39
CA ARG K 235 22.81 0.84 20.24
C ARG K 235 24.32 0.92 19.99
N VAL K 236 24.81 2.12 19.75
CA VAL K 236 26.24 2.40 19.64
C VAL K 236 26.64 3.46 20.67
N PRO K 237 27.91 3.50 21.06
CA PRO K 237 28.36 4.43 22.10
C PRO K 237 28.61 5.85 21.61
N THR K 238 27.62 6.43 20.95
CA THR K 238 27.67 7.84 20.57
C THR K 238 26.78 8.67 21.48
N ILE K 239 26.85 9.98 21.34
CA ILE K 239 26.13 10.91 22.21
C ILE K 239 24.86 11.44 21.57
N ASN K 240 23.75 11.22 22.26
CA ASN K 240 22.50 12.00 22.09
C ASN K 240 21.68 11.85 20.78
N VAL K 241 22.34 11.82 19.62
CA VAL K 241 21.62 11.83 18.35
C VAL K 241 21.47 10.45 17.76
N THR K 242 20.30 10.22 17.19
CA THR K 242 19.87 8.94 16.64
C THR K 242 19.75 9.03 15.11
N ALA K 243 20.13 7.95 14.44
CA ALA K 243 20.03 7.86 12.98
C ALA K 243 19.05 6.79 12.61
N ILE K 244 18.15 7.09 11.69
CA ILE K 244 17.19 6.09 11.24
C ILE K 244 17.40 5.82 9.77
N ASP K 245 17.59 4.54 9.47
CA ASP K 245 17.93 4.05 8.14
C ASP K 245 16.71 3.37 7.57
N LEU K 246 15.99 4.12 6.74
CA LEU K 246 14.70 3.69 6.21
C LEU K 246 14.81 3.18 4.80
N SER K 247 14.25 2.01 4.56
CA SER K 247 14.23 1.43 3.22
C SER K 247 12.82 1.05 2.82
N VAL K 248 12.34 1.60 1.71
CA VAL K 248 10.98 1.34 1.25
C VAL K 248 10.92 0.99 -0.25
N THR K 249 10.03 0.06 -0.60
CA THR K 249 9.69 -0.20 -1.99
C THR K 249 8.50 0.69 -2.35
N VAL K 250 8.54 1.28 -3.54
CA VAL K 250 7.45 2.15 -4.01
C VAL K 250 6.95 1.74 -5.39
N LYS K 251 5.72 2.14 -5.66
CA LYS K 251 5.07 1.83 -6.95
C LYS K 251 5.64 2.70 -8.05
N LYS K 252 5.55 4.02 -7.87
CA LYS K 252 6.00 5.02 -8.87
C LYS K 252 7.52 4.92 -9.02
N PRO K 253 8.04 4.86 -10.26
CA PRO K 253 9.50 4.83 -10.43
C PRO K 253 10.14 6.15 -10.06
N VAL K 254 11.29 6.10 -9.38
CA VAL K 254 11.95 7.32 -8.87
C VAL K 254 13.47 7.28 -8.96
N LYS K 255 14.03 8.49 -8.91
CA LYS K 255 15.47 8.70 -8.87
C LYS K 255 15.84 9.40 -7.56
N ALA K 256 17.06 9.14 -7.11
CA ALA K 256 17.55 9.64 -5.84
C ALA K 256 17.29 11.13 -5.63
N ASN K 257 17.65 11.96 -6.61
CA ASN K 257 17.52 13.43 -6.47
C ASN K 257 16.07 13.94 -6.57
N GLU K 258 15.18 13.17 -7.20
CA GLU K 258 13.76 13.49 -7.20
C GLU K 258 13.22 13.38 -5.79
N VAL K 259 13.53 12.26 -5.15
CA VAL K 259 13.20 11.99 -3.74
C VAL K 259 13.74 13.10 -2.83
N ASN K 260 15.00 13.45 -3.04
CA ASN K 260 15.60 14.55 -2.29
C ASN K 260 14.88 15.88 -2.52
N LEU K 261 14.48 16.13 -3.76
CA LEU K 261 13.79 17.37 -4.08
C LEU K 261 12.43 17.44 -3.39
N LEU K 262 11.73 16.31 -3.41
CA LEU K 262 10.46 16.18 -2.72
C LEU K 262 10.61 16.53 -1.24
N LEU K 263 11.56 15.87 -0.58
CA LEU K 263 11.77 16.05 0.86
C LEU K 263 12.24 17.45 1.21
N GLN K 264 13.14 17.99 0.39
CA GLN K 264 13.63 19.36 0.56
C GLN K 264 12.48 20.34 0.50
N LYS K 265 11.58 20.14 -0.46
CA LYS K 265 10.42 21.02 -0.61
C LYS K 265 9.52 20.96 0.62
N ALA K 266 9.29 19.75 1.11
CA ALA K 266 8.50 19.52 2.30
C ALA K 266 9.07 20.25 3.50
N ALA K 267 10.38 20.21 3.62
CA ALA K 267 11.10 20.83 4.75
C ALA K 267 10.94 22.34 4.76
N GLN K 268 10.81 22.91 3.57
CA GLN K 268 10.52 24.33 3.43
C GLN K 268 9.03 24.63 3.63
N GLY K 269 8.22 23.76 3.08
CA GLY K 269 6.80 24.02 2.94
C GLY K 269 5.99 23.42 4.06
N ALA K 270 5.19 22.42 3.71
CA ALA K 270 4.22 21.81 4.61
C ALA K 270 4.79 21.34 5.95
N PHE K 271 6.05 20.96 5.97
CA PHE K 271 6.68 20.39 7.17
C PHE K 271 7.77 21.26 7.78
N HIS K 272 7.71 22.55 7.49
CA HIS K 272 8.67 23.51 8.04
C HIS K 272 8.62 23.47 9.54
N GLY K 273 9.79 23.37 10.15
CA GLY K 273 9.91 23.29 11.61
C GLY K 273 9.80 21.90 12.17
N ILE K 274 9.21 20.98 11.41
CA ILE K 274 9.08 19.57 11.81
C ILE K 274 10.10 18.67 11.11
N VAL K 275 10.14 18.75 9.79
CA VAL K 275 11.18 18.06 9.03
C VAL K 275 12.18 19.09 8.48
N ASP K 276 13.45 18.73 8.53
CA ASP K 276 14.48 19.53 7.89
C ASP K 276 15.23 18.68 6.89
N TYR K 277 15.92 19.35 6.00
CA TYR K 277 16.67 18.70 4.94
C TYR K 277 18.02 19.34 4.84
N THR K 278 19.04 18.52 4.62
CA THR K 278 20.40 19.04 4.48
C THR K 278 21.20 18.21 3.52
N GLU K 279 22.11 18.89 2.81
CA GLU K 279 23.11 18.25 1.92
C GLU K 279 24.54 18.53 2.39
N LEU K 280 24.66 19.31 3.48
CA LEU K 280 25.95 19.64 4.05
C LEU K 280 26.63 18.41 4.62
N PRO K 281 27.97 18.37 4.60
CA PRO K 281 28.70 17.24 5.15
C PRO K 281 28.74 17.33 6.67
N LEU K 282 27.77 16.70 7.32
CA LEU K 282 27.67 16.81 8.76
C LEU K 282 27.76 15.45 9.42
N VAL K 283 27.92 15.46 10.74
CA VAL K 283 27.98 14.24 11.54
C VAL K 283 26.93 14.34 12.63
N SER K 284 26.62 13.22 13.29
CA SER K 284 25.45 13.13 14.17
C SER K 284 25.39 14.29 15.15
N VAL K 285 26.49 14.54 15.86
CA VAL K 285 26.52 15.60 16.89
C VAL K 285 26.11 16.97 16.39
N ASP K 286 26.14 17.20 15.08
CA ASP K 286 25.76 18.50 14.53
C ASP K 286 24.26 18.76 14.65
N PHE K 287 23.49 17.68 14.88
CA PHE K 287 22.04 17.76 15.05
C PHE K 287 21.64 17.73 16.52
N ASN K 288 22.64 17.72 17.39
CA ASN K 288 22.43 17.87 18.81
C ASN K 288 21.65 19.14 19.08
N HIS K 289 20.61 19.02 19.86
CA HIS K 289 19.80 20.18 20.24
C HIS K 289 19.04 20.79 19.06
N ASP K 290 18.77 19.98 18.05
CA ASP K 290 17.97 20.41 16.91
C ASP K 290 16.51 20.10 17.19
N PRO K 291 15.65 21.12 17.16
CA PRO K 291 14.20 21.02 17.46
C PRO K 291 13.38 20.27 16.44
N HIS K 292 13.92 20.00 15.26
CA HIS K 292 13.17 19.27 14.25
C HIS K 292 12.91 17.85 14.75
N SER K 293 11.76 17.28 14.35
CA SER K 293 11.45 15.87 14.59
C SER K 293 12.38 14.95 13.78
N ALA K 294 12.78 15.42 12.61
CA ALA K 294 13.60 14.63 11.69
C ALA K 294 14.41 15.56 10.79
N ILE K 295 15.67 15.22 10.56
CA ILE K 295 16.46 15.92 9.58
C ILE K 295 16.90 14.92 8.55
N VAL K 296 16.51 15.13 7.29
CA VAL K 296 16.86 14.22 6.23
C VAL K 296 18.25 14.54 5.71
N ASP K 297 19.08 13.52 5.59
CA ASP K 297 20.40 13.67 5.01
C ASP K 297 20.39 13.33 3.53
N GLY K 298 20.29 14.37 2.71
CA GLY K 298 20.20 14.23 1.25
C GLY K 298 21.31 13.43 0.64
N THR K 299 22.53 13.62 1.17
CA THR K 299 23.74 13.00 0.63
C THR K 299 23.71 11.48 0.78
N GLN K 300 22.81 10.98 1.62
CA GLN K 300 22.71 9.55 1.87
C GLN K 300 21.52 8.89 1.17
N THR K 301 20.73 9.67 0.45
CA THR K 301 19.60 9.11 -0.27
C THR K 301 20.10 8.27 -1.42
N ARG K 302 19.45 7.14 -1.61
CA ARG K 302 19.74 6.21 -2.71
C ARG K 302 18.45 5.62 -3.26
N VAL K 303 18.50 5.19 -4.51
CA VAL K 303 17.42 4.41 -5.09
C VAL K 303 18.02 3.24 -5.84
N SER K 304 17.57 2.04 -5.50
CA SER K 304 18.04 0.80 -6.13
C SER K 304 17.02 0.32 -7.15
N GLY K 305 17.44 0.16 -8.40
CA GLY K 305 16.49 0.05 -9.50
C GLY K 305 15.80 1.40 -9.57
N ALA K 306 14.49 1.40 -9.71
CA ALA K 306 13.73 2.65 -9.69
C ALA K 306 12.74 2.67 -8.54
N HIS K 307 12.80 1.63 -7.69
CA HIS K 307 11.71 1.32 -6.77
C HIS K 307 12.08 1.12 -5.31
N LEU K 308 13.36 0.93 -5.01
CA LEU K 308 13.84 0.73 -3.63
C LEU K 308 14.57 1.95 -3.07
N ILE K 309 13.92 2.69 -2.18
CA ILE K 309 14.46 3.95 -1.69
C ILE K 309 15.15 3.72 -0.38
N LYS K 310 16.40 4.15 -0.27
CA LYS K 310 17.05 4.26 1.03
C LYS K 310 17.23 5.71 1.42
N THR K 311 16.79 6.04 2.62
CA THR K 311 16.96 7.37 3.16
C THR K 311 17.46 7.30 4.58
N LEU K 312 18.45 8.13 4.92
CA LEU K 312 18.95 8.22 6.29
C LEU K 312 18.43 9.48 6.94
N VAL K 313 17.75 9.33 8.07
CA VAL K 313 17.20 10.47 8.79
C VAL K 313 17.77 10.58 10.19
N TRP K 314 18.30 11.75 10.51
CA TRP K 314 18.84 12.06 11.83
C TRP K 314 17.74 12.64 12.69
N CYS K 315 17.86 12.46 13.99
CA CYS K 315 17.06 13.22 14.96
C CYS K 315 17.70 13.24 16.33
N ASP K 316 17.54 14.35 17.04
CA ASP K 316 17.85 14.39 18.45
C ASP K 316 16.72 13.69 19.16
N ASN K 317 16.98 12.48 19.61
CA ASN K 317 15.94 11.59 20.12
C ASN K 317 15.20 12.11 21.35
N GLU K 318 15.68 13.19 21.93
CA GLU K 318 15.00 13.76 23.09
C GLU K 318 14.49 15.15 22.81
N TRP K 319 15.32 15.98 22.19
CA TRP K 319 14.98 17.39 22.02
C TRP K 319 13.81 17.58 21.06
N GLY K 320 13.88 16.89 19.92
CA GLY K 320 12.82 16.96 18.94
C GLY K 320 11.51 16.60 19.61
N PHE K 321 11.50 15.41 20.20
CA PHE K 321 10.32 14.89 20.87
C PHE K 321 9.78 15.86 21.94
N ALA K 322 10.70 16.40 22.74
CA ALA K 322 10.34 17.32 23.83
C ALA K 322 9.60 18.55 23.30
N ASN K 323 10.08 19.09 22.18
CA ASN K 323 9.41 20.21 21.52
C ASN K 323 8.06 19.82 20.93
N ARG K 324 7.94 18.59 20.40
CA ARG K 324 6.67 18.10 19.91
C ARG K 324 5.64 17.93 21.02
N MET K 325 6.11 17.54 22.20
CA MET K 325 5.23 17.47 23.38
C MET K 325 4.57 18.82 23.63
N LEU K 326 5.37 19.87 23.52
CA LEU K 326 4.86 21.23 23.71
C LEU K 326 3.92 21.62 22.57
N ASP K 327 4.30 21.28 21.34
CA ASP K 327 3.46 21.60 20.18
C ASP K 327 2.09 20.93 20.32
N THR K 328 2.10 19.65 20.66
CA THR K 328 0.86 18.91 20.82
C THR K 328 0.04 19.48 21.98
N THR K 329 0.72 19.82 23.06
CA THR K 329 0.05 20.39 24.23
C THR K 329 -0.74 21.61 23.80
N LEU K 330 -0.08 22.53 23.12
CA LEU K 330 -0.74 23.74 22.64
C LEU K 330 -2.00 23.43 21.83
N ALA K 331 -1.86 22.54 20.85
CA ALA K 331 -2.99 22.14 20.01
C ALA K 331 -4.15 21.61 20.87
N MET K 332 -3.83 20.79 21.86
CA MET K 332 -4.85 20.20 22.74
C MET K 332 -5.61 21.26 23.56
N ALA K 333 -4.86 22.22 24.11
CA ALA K 333 -5.45 23.29 24.93
C ALA K 333 -6.24 24.31 24.09
N THR K 334 -5.93 24.37 22.79
CA THR K 334 -6.54 25.33 21.85
C THR K 334 -7.84 24.84 21.17
N VAL K 335 -7.92 23.55 20.79
CA VAL K 335 -9.17 23.04 20.19
C VAL K 335 -10.27 22.90 21.25
N THR L 1 56.04 -27.19 0.92
CA THR L 1 55.38 -26.12 1.72
C THR L 1 55.30 -24.84 0.90
N VAL L 2 54.16 -24.15 0.98
CA VAL L 2 53.97 -22.95 0.19
C VAL L 2 54.65 -21.79 0.89
N ARG L 3 55.45 -21.04 0.14
CA ARG L 3 56.20 -19.95 0.75
C ARG L 3 55.74 -18.62 0.21
N VAL L 4 55.34 -17.76 1.15
CA VAL L 4 54.78 -16.48 0.81
C VAL L 4 55.64 -15.39 1.37
N ALA L 5 55.63 -14.28 0.63
CA ALA L 5 56.17 -13.02 1.08
C ALA L 5 55.02 -12.03 1.26
N ILE L 6 55.17 -11.13 2.22
CA ILE L 6 54.16 -10.11 2.44
C ILE L 6 54.74 -8.75 2.11
N ASN L 7 54.11 -8.07 1.16
CA ASN L 7 54.46 -6.69 0.83
C ASN L 7 53.52 -5.74 1.56
N GLY L 8 54.08 -4.97 2.47
CA GLY L 8 53.28 -4.07 3.28
C GLY L 8 52.87 -4.76 4.55
N PHE L 9 53.36 -4.25 5.68
CA PHE L 9 53.10 -4.81 7.01
C PHE L 9 52.23 -3.86 7.82
N GLY L 10 51.13 -3.45 7.21
CA GLY L 10 50.16 -2.62 7.90
C GLY L 10 49.25 -3.46 8.79
N ARG L 11 48.01 -3.01 8.93
CA ARG L 11 47.04 -3.70 9.75
C ARG L 11 46.77 -5.10 9.17
N ILE L 12 46.46 -5.15 7.88
CA ILE L 12 46.10 -6.41 7.24
C ILE L 12 47.27 -7.37 7.14
N GLY L 13 48.42 -6.86 6.73
CA GLY L 13 49.64 -7.66 6.72
C GLY L 13 49.94 -8.30 8.06
N ARG L 14 49.91 -7.51 9.12
CA ARG L 14 50.18 -8.02 10.47
C ARG L 14 49.20 -9.12 10.86
N ASN L 15 47.93 -8.92 10.53
CA ASN L 15 46.90 -9.91 10.83
C ASN L 15 47.04 -11.22 10.02
N VAL L 16 47.48 -11.10 8.77
CA VAL L 16 47.72 -12.29 7.98
C VAL L 16 48.75 -13.15 8.68
N VAL L 17 49.81 -12.54 9.16
CA VAL L 17 50.84 -13.27 9.91
C VAL L 17 50.23 -13.88 11.17
N ARG L 18 49.60 -13.05 11.98
CA ARG L 18 49.00 -13.56 13.21
C ARG L 18 48.05 -14.71 12.90
N ALA L 19 47.30 -14.57 11.81
CA ALA L 19 46.32 -15.59 11.41
C ALA L 19 46.97 -16.90 10.95
N LEU L 20 48.07 -16.79 10.22
CA LEU L 20 48.84 -17.96 9.77
C LEU L 20 49.19 -18.88 10.94
N TYR L 21 49.68 -18.27 12.02
CA TYR L 21 50.09 -19.02 13.20
C TYR L 21 48.91 -19.55 14.01
N GLU L 22 47.98 -18.67 14.33
CA GLU L 22 46.84 -19.05 15.19
C GLU L 22 45.94 -20.10 14.55
N SER L 23 45.67 -19.98 13.26
CA SER L 23 44.74 -20.90 12.63
C SER L 23 45.36 -22.24 12.28
N GLY L 24 46.66 -22.43 12.56
CA GLY L 24 47.36 -23.69 12.28
C GLY L 24 47.84 -23.87 10.84
N ARG L 25 47.46 -22.93 9.96
CA ARG L 25 47.85 -22.95 8.53
C ARG L 25 49.35 -23.01 8.29
N ARG L 26 50.13 -22.67 9.30
CA ARG L 26 51.58 -22.83 9.26
C ARG L 26 51.95 -24.19 8.63
N ALA L 27 51.29 -25.26 9.09
CA ALA L 27 51.46 -26.60 8.53
C ALA L 27 51.71 -26.57 7.04
N GLU L 28 50.99 -25.72 6.34
CA GLU L 28 51.01 -25.69 4.89
C GLU L 28 51.78 -24.47 4.33
N ILE L 29 51.99 -23.43 5.13
CA ILE L 29 52.60 -22.17 4.63
C ILE L 29 53.63 -21.49 5.54
N THR L 30 54.61 -20.85 4.89
CA THR L 30 55.70 -20.17 5.56
C THR L 30 55.84 -18.76 5.01
N VAL L 31 55.86 -17.79 5.92
CA VAL L 31 56.25 -16.43 5.54
C VAL L 31 57.77 -16.36 5.61
N VAL L 32 58.37 -16.05 4.46
CA VAL L 32 59.84 -16.00 4.36
C VAL L 32 60.36 -14.55 4.44
N ALA L 33 59.57 -13.61 3.93
CA ALA L 33 59.96 -12.21 3.88
C ALA L 33 58.77 -11.29 4.07
N ILE L 34 59.04 -10.18 4.76
CA ILE L 34 58.10 -9.06 4.83
C ILE L 34 58.82 -7.81 4.38
N ASN L 35 58.21 -7.06 3.46
CA ASN L 35 58.75 -5.75 3.01
C ASN L 35 57.95 -4.58 3.57
N GLU L 36 58.57 -3.76 4.42
CA GLU L 36 57.89 -2.57 4.93
C GLU L 36 58.77 -1.36 4.93
N LEU L 37 58.20 -0.29 4.41
CA LEU L 37 58.89 0.98 4.29
C LEU L 37 58.85 1.68 5.65
N ALA L 38 59.41 1.01 6.66
CA ALA L 38 59.38 1.51 8.04
C ALA L 38 60.30 0.74 9.00
N ASP L 39 60.54 1.38 10.16
CA ASP L 39 61.37 0.84 11.23
C ASP L 39 61.02 -0.62 11.52
N ALA L 40 62.02 -1.49 11.46
CA ALA L 40 61.78 -2.92 11.67
C ALA L 40 61.41 -3.26 13.12
N ALA L 41 62.15 -2.69 14.10
CA ALA L 41 61.82 -2.89 15.54
C ALA L 41 60.41 -2.37 15.90
N GLY L 42 59.91 -1.40 15.12
CA GLY L 42 58.53 -0.96 15.18
C GLY L 42 57.52 -1.98 14.66
N MET L 43 57.85 -2.68 13.56
CA MET L 43 56.95 -3.73 13.06
C MET L 43 56.85 -4.89 14.07
N ALA L 44 57.98 -5.33 14.62
CA ALA L 44 57.96 -6.38 15.66
C ALA L 44 57.02 -6.00 16.80
N HIS L 45 57.13 -4.76 17.28
CA HIS L 45 56.30 -4.27 18.37
C HIS L 45 54.79 -4.30 18.02
N LEU L 46 54.44 -3.67 16.91
CA LEU L 46 53.06 -3.67 16.47
C LEU L 46 52.53 -5.06 16.15
N LEU L 47 53.39 -5.99 15.74
CA LEU L 47 52.94 -7.37 15.54
C LEU L 47 52.57 -8.01 16.87
N LYS L 48 53.35 -7.70 17.90
CA LYS L 48 53.12 -8.28 19.23
C LYS L 48 51.90 -7.69 19.92
N TYR L 49 51.72 -6.38 19.82
CA TYR L 49 50.67 -5.70 20.59
C TYR L 49 49.60 -5.06 19.74
N ASP L 50 48.37 -5.30 20.17
CA ASP L 50 47.23 -4.93 19.39
C ASP L 50 45.99 -4.58 20.22
N THR L 51 45.56 -3.34 20.07
CA THR L 51 44.31 -2.83 20.65
C THR L 51 43.08 -3.68 20.28
N SER L 52 43.11 -4.26 19.08
CA SER L 52 41.97 -4.99 18.52
C SER L 52 41.93 -6.49 18.85
N HIS L 53 43.06 -7.09 19.15
CA HIS L 53 43.06 -8.52 19.48
C HIS L 53 43.68 -8.80 20.88
N GLY L 54 44.86 -8.25 21.15
CA GLY L 54 45.51 -8.40 22.45
C GLY L 54 47.02 -8.56 22.27
N ARG L 55 47.63 -9.31 23.18
CA ARG L 55 49.02 -9.69 23.00
C ARG L 55 49.08 -10.93 22.13
N PHE L 56 49.92 -10.89 21.10
CA PHE L 56 50.13 -12.06 20.24
C PHE L 56 50.70 -13.20 21.07
N ALA L 57 50.03 -14.34 21.02
CA ALA L 57 50.37 -15.51 21.84
C ALA L 57 51.80 -16.05 21.60
N TRP L 58 52.29 -15.86 20.38
CA TRP L 58 53.63 -16.30 20.01
C TRP L 58 54.67 -15.31 20.47
N GLU L 59 55.91 -15.77 20.56
CA GLU L 59 57.01 -14.92 21.02
C GLU L 59 57.61 -14.18 19.83
N VAL L 60 57.62 -12.85 19.92
CA VAL L 60 58.08 -11.99 18.82
C VAL L 60 59.38 -11.27 19.15
N ARG L 61 60.40 -11.55 18.36
CA ARG L 61 61.70 -10.93 18.49
C ARG L 61 62.07 -10.32 17.17
N GLN L 62 62.87 -9.28 17.24
CA GLN L 62 63.52 -8.78 16.06
C GLN L 62 64.94 -8.34 16.42
N GLU L 63 65.87 -8.69 15.53
CA GLU L 63 67.29 -8.33 15.66
C GLU L 63 67.88 -8.25 14.23
N ARG L 64 68.44 -7.07 13.92
CA ARG L 64 68.88 -6.71 12.56
C ARG L 64 67.77 -6.91 11.53
N ASP L 65 68.09 -7.40 10.33
CA ASP L 65 67.09 -7.56 9.28
C ASP L 65 66.28 -8.85 9.42
N GLN L 66 66.26 -9.44 10.61
CA GLN L 66 65.52 -10.69 10.86
C GLN L 66 64.34 -10.54 11.87
N LEU L 67 63.15 -11.01 11.46
CA LEU L 67 61.95 -11.00 12.33
C LEU L 67 61.56 -12.39 12.76
N PHE L 68 61.20 -12.50 14.05
CA PHE L 68 60.95 -13.79 14.68
C PHE L 68 59.62 -13.96 15.40
N VAL L 69 58.86 -14.92 14.88
CA VAL L 69 57.64 -15.38 15.47
C VAL L 69 57.91 -16.79 15.96
N GLY L 70 58.11 -16.92 17.26
CA GLY L 70 58.59 -18.18 17.80
C GLY L 70 59.88 -18.55 17.09
N ASP L 71 60.07 -19.84 16.85
CA ASP L 71 61.34 -20.35 16.29
C ASP L 71 61.17 -20.42 14.76
N ASP L 72 60.82 -19.28 14.17
CA ASP L 72 60.47 -19.21 12.75
C ASP L 72 61.01 -17.91 12.16
N ALA L 73 61.50 -17.96 10.93
CA ALA L 73 62.50 -16.98 10.45
C ALA L 73 62.02 -16.07 9.33
N ILE L 74 61.76 -14.79 9.63
CA ILE L 74 61.30 -13.87 8.59
C ILE L 74 62.25 -12.70 8.35
N ARG L 75 62.73 -12.64 7.11
CA ARG L 75 63.71 -11.65 6.67
C ARG L 75 62.97 -10.39 6.29
N VAL L 76 63.41 -9.29 6.86
CA VAL L 76 62.72 -7.99 6.76
C VAL L 76 63.41 -7.13 5.71
N LEU L 77 62.64 -6.66 4.75
CA LEU L 77 63.15 -5.83 3.68
C LEU L 77 62.57 -4.43 3.79
N HIS L 78 63.25 -3.47 3.16
CA HIS L 78 62.78 -2.09 3.12
C HIS L 78 62.86 -1.54 1.70
N GLU L 79 62.55 -2.38 0.71
CA GLU L 79 62.89 -2.08 -0.69
C GLU L 79 61.90 -1.08 -1.26
N ARG L 80 62.37 0.13 -1.50
CA ARG L 80 61.52 1.25 -1.91
C ARG L 80 60.78 1.00 -3.23
N SER L 81 61.16 -0.04 -3.96
CA SER L 81 60.57 -0.33 -5.28
C SER L 81 60.31 -1.81 -5.51
N LEU L 82 59.46 -2.09 -6.50
CA LEU L 82 59.01 -3.46 -6.83
C LEU L 82 60.11 -4.28 -7.46
N GLN L 83 60.73 -3.75 -8.52
CA GLN L 83 61.74 -4.51 -9.29
C GLN L 83 62.83 -5.03 -8.37
N SER L 84 63.21 -4.21 -7.38
CA SER L 84 64.37 -4.56 -6.57
C SER L 84 64.02 -5.56 -5.44
N LEU L 85 62.81 -6.12 -5.47
CA LEU L 85 62.43 -7.14 -4.48
C LEU L 85 63.07 -8.50 -4.81
N PRO L 86 63.75 -9.09 -3.82
CA PRO L 86 64.46 -10.35 -4.02
C PRO L 86 63.54 -11.59 -3.96
N TRP L 87 62.43 -11.54 -4.67
CA TRP L 87 61.48 -12.66 -4.62
C TRP L 87 62.11 -13.92 -5.18
N ARG L 88 62.82 -13.77 -6.30
CA ARG L 88 63.50 -14.90 -6.95
C ARG L 88 64.46 -15.59 -6.00
N GLU L 89 65.32 -14.77 -5.39
CA GLU L 89 66.29 -15.24 -4.41
C GLU L 89 65.66 -16.06 -3.26
N LEU L 90 64.45 -15.68 -2.86
CA LEU L 90 63.78 -16.32 -1.72
C LEU L 90 62.83 -17.46 -2.14
N GLY L 91 62.62 -17.63 -3.43
CA GLY L 91 61.77 -18.69 -3.97
C GLY L 91 60.28 -18.53 -3.68
N VAL L 92 59.83 -17.27 -3.62
CA VAL L 92 58.45 -16.91 -3.27
C VAL L 92 57.41 -17.51 -4.24
N ASP L 93 56.51 -18.30 -3.68
CA ASP L 93 55.42 -18.90 -4.46
C ASP L 93 54.27 -17.91 -4.64
N VAL L 94 53.92 -17.21 -3.58
CA VAL L 94 52.89 -16.16 -3.69
C VAL L 94 53.31 -14.95 -2.89
N VAL L 95 53.12 -13.79 -3.49
CA VAL L 95 53.28 -12.53 -2.77
C VAL L 95 51.90 -12.03 -2.39
N LEU L 96 51.70 -11.85 -1.09
CA LEU L 96 50.50 -11.18 -0.59
C LEU L 96 50.84 -9.72 -0.47
N ASP L 97 50.27 -8.89 -1.34
CA ASP L 97 50.51 -7.47 -1.28
C ASP L 97 49.40 -6.79 -0.49
N CYS L 98 49.79 -6.34 0.70
CA CYS L 98 48.88 -5.72 1.66
C CYS L 98 49.29 -4.29 1.92
N THR L 99 49.85 -3.64 0.91
CA THR L 99 50.31 -2.26 1.01
C THR L 99 49.12 -1.32 0.90
N GLY L 100 48.16 -1.72 0.09
CA GLY L 100 47.00 -0.87 -0.21
C GLY L 100 47.31 0.22 -1.21
N VAL L 101 48.59 0.38 -1.57
CA VAL L 101 49.00 1.29 -2.67
C VAL L 101 49.02 0.56 -4.03
N TYR L 102 49.66 -0.60 -4.08
CA TYR L 102 49.76 -1.37 -5.33
C TYR L 102 48.49 -2.17 -5.60
N GLY L 103 48.13 -2.24 -6.89
CA GLY L 103 46.92 -2.96 -7.31
C GLY L 103 46.66 -3.14 -8.80
N SER L 104 47.58 -2.65 -9.65
CA SER L 104 47.44 -2.72 -11.12
C SER L 104 48.01 -4.01 -11.70
N ARG L 105 47.60 -4.36 -12.91
CA ARG L 105 48.22 -5.51 -13.62
C ARG L 105 49.71 -5.37 -13.55
N GLU L 106 50.17 -4.16 -13.83
CA GLU L 106 51.59 -3.86 -13.97
C GLU L 106 52.35 -4.12 -12.68
N HIS L 107 51.73 -3.72 -11.56
CA HIS L 107 52.29 -3.98 -10.24
C HIS L 107 52.42 -5.49 -10.03
N GLY L 108 51.40 -6.23 -10.47
CA GLY L 108 51.44 -7.68 -10.43
C GLY L 108 52.61 -8.22 -11.24
N GLU L 109 52.69 -7.79 -12.50
CA GLU L 109 53.77 -8.22 -13.40
C GLU L 109 55.13 -7.94 -12.75
N ALA L 110 55.25 -6.74 -12.17
CA ALA L 110 56.49 -6.31 -11.49
C ALA L 110 56.91 -7.28 -10.39
N HIS L 111 55.94 -7.70 -9.59
CA HIS L 111 56.20 -8.66 -8.51
C HIS L 111 56.70 -9.97 -9.10
N ILE L 112 56.02 -10.42 -10.14
CA ILE L 112 56.37 -11.66 -10.84
C ILE L 112 57.76 -11.55 -11.46
N ALA L 113 57.96 -10.45 -12.20
CA ALA L 113 59.27 -10.08 -12.74
C ALA L 113 60.37 -10.15 -11.68
N ALA L 114 60.10 -9.64 -10.48
CA ALA L 114 61.08 -9.66 -9.38
C ALA L 114 61.34 -11.09 -8.84
N GLY L 115 60.51 -12.06 -9.29
CA GLY L 115 60.73 -13.49 -9.02
C GLY L 115 59.62 -14.26 -8.30
N ALA L 116 58.44 -13.66 -8.23
CA ALA L 116 57.31 -14.27 -7.53
C ALA L 116 56.45 -15.00 -8.56
N LYS L 117 56.02 -16.20 -8.21
CA LYS L 117 55.23 -17.00 -9.14
C LYS L 117 53.85 -16.40 -9.32
N LYS L 118 53.20 -16.05 -8.21
CA LYS L 118 51.87 -15.44 -8.22
C LYS L 118 51.73 -14.29 -7.22
N VAL L 119 50.72 -13.45 -7.47
CA VAL L 119 50.45 -12.28 -6.64
C VAL L 119 49.00 -12.28 -6.17
N LEU L 120 48.82 -11.91 -4.91
CA LEU L 120 47.47 -11.76 -4.34
C LEU L 120 47.33 -10.42 -3.65
N PHE L 121 46.38 -9.61 -4.12
CA PHE L 121 46.16 -8.28 -3.54
C PHE L 121 45.11 -8.31 -2.43
N SER L 122 45.37 -7.55 -1.37
CA SER L 122 44.47 -7.47 -0.21
C SER L 122 43.33 -6.49 -0.43
N HIS L 123 42.98 -6.24 -1.68
CA HIS L 123 41.90 -5.33 -2.02
C HIS L 123 41.48 -5.58 -3.49
N PRO L 124 40.51 -4.81 -4.02
CA PRO L 124 40.00 -5.07 -5.37
C PRO L 124 40.93 -4.69 -6.54
N GLY L 125 41.80 -3.70 -6.33
CA GLY L 125 42.82 -3.30 -7.33
C GLY L 125 42.31 -2.32 -8.36
N SER L 126 42.76 -2.48 -9.61
CA SER L 126 42.05 -1.92 -10.78
C SER L 126 41.20 -3.06 -11.37
N ASN L 127 40.24 -2.74 -12.24
CA ASN L 127 39.22 -3.74 -12.64
C ASN L 127 39.71 -4.92 -13.53
N ASP L 128 40.80 -4.72 -14.24
CA ASP L 128 41.27 -5.70 -15.27
C ASP L 128 42.22 -6.83 -14.78
N LEU L 129 42.04 -7.29 -13.53
CA LEU L 129 42.94 -8.31 -12.96
C LEU L 129 42.51 -9.72 -13.39
N ASP L 130 43.41 -10.68 -13.24
CA ASP L 130 43.15 -12.07 -13.68
C ASP L 130 41.84 -12.61 -13.12
N ALA L 131 41.66 -12.39 -11.82
CA ALA L 131 40.43 -12.77 -11.09
C ALA L 131 40.37 -12.16 -9.68
N THR L 132 39.14 -12.07 -9.18
CA THR L 132 38.88 -11.64 -7.83
C THR L 132 38.12 -12.76 -7.13
N VAL L 133 38.76 -13.29 -6.09
CA VAL L 133 38.25 -14.44 -5.35
C VAL L 133 37.59 -14.01 -4.03
N VAL L 134 36.30 -14.32 -3.92
CA VAL L 134 35.59 -14.25 -2.64
C VAL L 134 35.52 -15.67 -2.14
N TYR L 135 36.52 -16.04 -1.35
CA TYR L 135 36.71 -17.45 -0.99
C TYR L 135 35.47 -18.03 -0.37
N GLY L 136 35.09 -19.20 -0.87
CA GLY L 136 33.87 -19.91 -0.43
C GLY L 136 32.72 -19.76 -1.42
N VAL L 137 32.91 -18.85 -2.38
CA VAL L 137 31.93 -18.62 -3.40
C VAL L 137 32.47 -19.03 -4.75
N ASN L 138 33.62 -18.47 -5.14
CA ASN L 138 34.16 -18.74 -6.49
C ASN L 138 35.66 -19.12 -6.55
N GLN L 139 36.15 -19.79 -5.52
CA GLN L 139 37.56 -20.22 -5.54
C GLN L 139 37.75 -21.34 -6.56
N ASP L 140 36.68 -22.10 -6.80
CA ASP L 140 36.66 -23.16 -7.82
C ASP L 140 36.93 -22.65 -9.26
N GLN L 141 36.75 -21.35 -9.47
CA GLN L 141 37.04 -20.73 -10.77
C GLN L 141 38.49 -20.30 -10.92
N LEU L 142 39.34 -20.70 -9.98
CA LEU L 142 40.78 -20.48 -10.17
C LEU L 142 41.36 -21.50 -11.17
N ARG L 143 42.41 -21.08 -11.85
CA ARG L 143 43.17 -21.91 -12.76
C ARG L 143 44.69 -21.75 -12.42
N ALA L 144 45.55 -22.37 -13.22
CA ALA L 144 47.01 -22.12 -13.12
C ALA L 144 47.36 -20.79 -13.80
N GLU L 145 46.55 -20.43 -14.81
CA GLU L 145 46.80 -19.29 -15.72
C GLU L 145 46.60 -17.92 -15.04
N HIS L 146 45.69 -17.89 -14.06
CA HIS L 146 45.57 -16.75 -13.15
C HIS L 146 46.86 -16.67 -12.29
N ARG L 147 47.51 -15.50 -12.31
CA ARG L 147 48.74 -15.27 -11.51
C ARG L 147 48.70 -13.96 -10.72
N ILE L 148 47.85 -13.03 -11.17
CA ILE L 148 47.62 -11.78 -10.47
C ILE L 148 46.17 -11.71 -10.07
N VAL L 149 45.88 -11.95 -8.79
CA VAL L 149 44.48 -12.01 -8.34
C VAL L 149 44.20 -11.08 -7.16
N SER L 150 42.93 -10.69 -7.06
CA SER L 150 42.43 -9.83 -5.98
C SER L 150 41.59 -10.67 -5.01
N ASN L 151 41.66 -10.32 -3.73
CA ASN L 151 40.90 -11.04 -2.70
C ASN L 151 39.60 -10.32 -2.30
N ALA L 152 39.13 -9.39 -3.15
CA ALA L 152 37.99 -8.52 -2.84
C ALA L 152 38.33 -7.63 -1.62
N SER L 153 37.33 -7.07 -0.96
CA SER L 153 37.55 -6.33 0.30
C SER L 153 36.91 -7.08 1.44
N CYS L 154 37.19 -6.67 2.68
CA CYS L 154 36.61 -7.35 3.83
C CYS L 154 35.09 -7.25 3.86
N THR L 155 34.56 -6.11 3.47
CA THR L 155 33.10 -5.94 3.45
C THR L 155 32.45 -6.74 2.32
N THR L 156 33.03 -6.70 1.13
CA THR L 156 32.49 -7.51 0.02
C THR L 156 32.60 -8.99 0.36
N ASN L 157 33.74 -9.36 0.98
CA ASN L 157 33.97 -10.75 1.39
C ASN L 157 32.96 -11.20 2.43
N CYS L 158 32.49 -10.23 3.19
CA CYS L 158 31.49 -10.49 4.21
C CYS L 158 30.11 -10.72 3.64
N ILE L 159 29.65 -9.82 2.78
CA ILE L 159 28.24 -9.82 2.35
C ILE L 159 28.00 -10.62 1.05
N ILE L 160 28.98 -10.72 0.17
CA ILE L 160 28.81 -11.47 -1.09
C ILE L 160 28.24 -12.88 -0.89
N PRO L 161 28.85 -13.68 0.02
CA PRO L 161 28.30 -15.02 0.26
C PRO L 161 26.82 -15.03 0.58
N VAL L 162 26.37 -14.12 1.44
CA VAL L 162 24.97 -14.01 1.80
C VAL L 162 24.13 -13.64 0.57
N ILE L 163 24.59 -12.66 -0.20
CA ILE L 163 23.84 -12.22 -1.37
C ILE L 163 23.68 -13.38 -2.35
N LYS L 164 24.73 -14.18 -2.50
CA LYS L 164 24.66 -15.36 -3.36
C LYS L 164 23.59 -16.33 -2.84
N LEU L 165 23.75 -16.76 -1.60
CA LEU L 165 22.79 -17.67 -0.99
C LEU L 165 21.35 -17.20 -1.20
N LEU L 166 21.11 -15.91 -0.98
CA LEU L 166 19.76 -15.36 -1.09
C LEU L 166 19.30 -15.33 -2.55
N ASP L 167 20.20 -14.92 -3.44
CA ASP L 167 19.87 -14.83 -4.85
C ASP L 167 19.53 -16.21 -5.43
N ASP L 168 20.39 -17.19 -5.14
CA ASP L 168 20.18 -18.57 -5.58
C ASP L 168 18.82 -19.09 -5.11
N ALA L 169 18.47 -18.82 -3.87
CA ALA L 169 17.25 -19.36 -3.27
C ALA L 169 15.97 -18.63 -3.68
N TYR L 170 16.05 -17.31 -3.87
CA TYR L 170 14.81 -16.50 -4.03
C TYR L 170 14.82 -15.53 -5.20
N GLY L 171 15.98 -15.37 -5.84
CA GLY L 171 16.10 -14.44 -6.97
C GLY L 171 15.99 -12.98 -6.57
N ILE L 172 17.14 -12.35 -6.35
CA ILE L 172 17.19 -10.96 -5.92
C ILE L 172 16.91 -10.06 -7.07
N GLU L 173 16.00 -9.11 -6.86
CA GLU L 173 15.55 -8.20 -7.92
C GLU L 173 16.27 -6.86 -7.79
N SER L 174 16.47 -6.42 -6.56
CA SER L 174 17.31 -5.26 -6.27
C SER L 174 17.71 -5.26 -4.80
N GLY L 175 18.74 -4.50 -4.48
CA GLY L 175 19.29 -4.48 -3.11
C GLY L 175 19.85 -3.13 -2.65
N THR L 176 19.86 -2.95 -1.35
CA THR L 176 20.42 -1.74 -0.74
C THR L 176 21.09 -2.13 0.56
N VAL L 177 22.25 -1.55 0.82
CA VAL L 177 23.05 -1.94 1.97
C VAL L 177 23.46 -0.75 2.83
N THR L 178 23.50 -0.98 4.13
CA THR L 178 24.10 -0.05 5.06
C THR L 178 25.16 -0.77 5.85
N THR L 179 26.36 -0.22 5.87
CA THR L 179 27.48 -0.79 6.61
C THR L 179 27.76 0.09 7.82
N ILE L 180 27.81 -0.55 8.99
CA ILE L 180 28.16 0.15 10.22
C ILE L 180 29.57 -0.23 10.65
N HIS L 181 30.51 0.63 10.31
CA HIS L 181 31.94 0.41 10.51
C HIS L 181 32.33 0.78 11.94
N SER L 182 33.33 0.07 12.47
CA SER L 182 33.97 0.47 13.73
C SER L 182 35.13 1.41 13.41
N ALA L 183 35.83 1.87 14.44
CA ALA L 183 36.96 2.79 14.27
C ALA L 183 38.28 2.05 14.47
N ALA L 203 34.61 11.93 16.56
CA ALA L 203 35.19 10.58 16.51
C ALA L 203 34.69 9.64 17.65
N SER L 204 35.05 9.92 18.91
CA SER L 204 34.57 9.11 20.09
C SER L 204 33.12 9.42 20.55
N GLN L 205 32.42 10.28 19.79
CA GLN L 205 31.10 10.79 20.16
C GLN L 205 30.26 11.19 18.94
N SER L 206 30.22 10.34 17.90
CA SER L 206 29.42 10.65 16.72
C SER L 206 29.25 9.50 15.74
N ILE L 207 28.04 9.41 15.18
CA ILE L 207 27.83 8.60 14.00
C ILE L 207 28.19 9.50 12.83
N ILE L 208 29.06 8.98 11.96
CA ILE L 208 29.68 9.73 10.86
C ILE L 208 29.53 8.97 9.56
N PRO L 209 28.75 9.53 8.63
CA PRO L 209 28.60 9.03 7.28
C PRO L 209 29.93 8.90 6.58
N VAL L 210 30.18 7.77 5.92
CA VAL L 210 31.38 7.62 5.10
C VAL L 210 31.16 6.97 3.73
N ASP L 211 31.98 7.39 2.76
CA ASP L 211 31.93 6.85 1.39
C ASP L 211 32.16 5.34 1.40
N THR L 212 31.45 4.61 0.56
CA THR L 212 31.60 3.16 0.55
C THR L 212 31.79 2.63 -0.86
N LYS L 213 32.61 1.60 -1.01
CA LYS L 213 32.85 0.96 -2.32
C LYS L 213 32.06 -0.35 -2.51
N LEU L 214 31.18 -0.64 -1.55
CA LEU L 214 30.46 -1.91 -1.50
C LEU L 214 29.65 -2.14 -2.78
N ALA L 215 28.75 -1.22 -3.06
CA ALA L 215 27.89 -1.31 -4.21
C ALA L 215 28.67 -1.61 -5.49
N ALA L 216 29.80 -0.94 -5.69
CA ALA L 216 30.63 -1.23 -6.89
C ALA L 216 31.24 -2.62 -6.79
N GLY L 217 31.67 -3.01 -5.58
CA GLY L 217 32.19 -4.35 -5.34
C GLY L 217 31.18 -5.45 -5.63
N ILE L 218 29.93 -5.24 -5.23
CA ILE L 218 28.86 -6.21 -5.41
C ILE L 218 28.50 -6.37 -6.88
N THR L 219 28.24 -5.25 -7.55
CA THR L 219 27.85 -5.21 -8.96
C THR L 219 28.97 -5.68 -9.87
N ARG L 220 30.21 -5.51 -9.42
CA ARG L 220 31.36 -6.07 -10.15
C ARG L 220 31.35 -7.58 -10.08
N PHE L 221 31.18 -8.12 -8.87
CA PHE L 221 31.13 -9.56 -8.65
C PHE L 221 29.89 -10.20 -9.25
N PHE L 222 28.77 -9.48 -9.15
CA PHE L 222 27.48 -9.88 -9.73
C PHE L 222 27.01 -8.84 -10.77
N PRO L 223 27.49 -8.96 -12.03
CA PRO L 223 27.15 -7.96 -13.03
C PRO L 223 25.65 -7.85 -13.34
N GLN L 224 24.89 -8.90 -13.05
CA GLN L 224 23.43 -8.88 -13.21
C GLN L 224 22.74 -7.88 -12.29
N PHE L 225 23.49 -7.23 -11.42
CA PHE L 225 22.93 -6.26 -10.47
C PHE L 225 23.27 -4.79 -10.76
N ASN L 226 23.89 -4.51 -11.90
CA ASN L 226 24.15 -3.14 -12.30
C ASN L 226 22.86 -2.34 -12.25
N ASP L 227 22.93 -1.14 -11.68
CA ASP L 227 21.76 -0.27 -11.49
C ASP L 227 20.65 -0.97 -10.69
N ARG L 228 21.05 -1.87 -9.80
CA ARG L 228 20.11 -2.57 -8.94
C ARG L 228 20.59 -2.64 -7.48
N PHE L 229 21.76 -2.11 -7.21
CA PHE L 229 22.32 -2.11 -5.89
C PHE L 229 22.90 -0.74 -5.58
N GLU L 230 22.70 -0.33 -4.33
CA GLU L 230 23.30 0.88 -3.80
C GLU L 230 23.79 0.60 -2.40
N ALA L 231 24.60 1.50 -1.86
CA ALA L 231 25.15 1.33 -0.53
C ALA L 231 25.48 2.65 0.12
N ILE L 232 25.29 2.70 1.43
CA ILE L 232 25.82 3.79 2.25
C ILE L 232 26.57 3.17 3.41
N ALA L 233 27.27 3.99 4.18
CA ALA L 233 28.01 3.50 5.34
C ALA L 233 28.20 4.57 6.40
N VAL L 234 28.32 4.12 7.64
CA VAL L 234 28.65 5.03 8.74
C VAL L 234 29.73 4.43 9.62
N ARG L 235 30.52 5.31 10.21
CA ARG L 235 31.53 4.91 11.19
C ARG L 235 31.01 5.30 12.57
N VAL L 236 31.08 4.35 13.49
CA VAL L 236 30.75 4.59 14.90
C VAL L 236 31.93 4.22 15.78
N PRO L 237 32.02 4.81 16.96
CA PRO L 237 33.19 4.58 17.82
C PRO L 237 33.18 3.26 18.60
N THR L 238 33.00 2.16 17.90
CA THR L 238 33.09 0.83 18.52
C THR L 238 34.39 0.17 18.12
N ILE L 239 34.65 -0.99 18.73
CA ILE L 239 35.90 -1.70 18.52
C ILE L 239 35.77 -2.85 17.50
N ASN L 240 36.57 -2.77 16.45
CA ASN L 240 36.96 -3.96 15.62
C ASN L 240 35.89 -4.61 14.72
N VAL L 241 34.68 -4.81 15.24
CA VAL L 241 33.67 -5.56 14.50
C VAL L 241 32.73 -4.64 13.74
N THR L 242 32.39 -5.12 12.53
CA THR L 242 31.55 -4.40 11.57
C THR L 242 30.18 -5.10 11.40
N ALA L 243 29.13 -4.31 11.25
CA ALA L 243 27.80 -4.83 11.02
C ALA L 243 27.32 -4.37 9.66
N ILE L 244 26.81 -5.31 8.89
CA ILE L 244 26.28 -5.01 7.57
C ILE L 244 24.80 -5.25 7.58
N ASP L 245 24.03 -4.22 7.21
CA ASP L 245 22.58 -4.24 7.22
C ASP L 245 22.06 -4.31 5.78
N LEU L 246 21.71 -5.52 5.35
CA LEU L 246 21.39 -5.81 3.96
C LEU L 246 19.89 -5.86 3.75
N SER L 247 19.42 -5.17 2.72
CA SER L 247 18.01 -5.22 2.36
C SER L 247 17.86 -5.56 0.88
N VAL L 248 17.12 -6.63 0.60
CA VAL L 248 16.92 -7.06 -0.79
C VAL L 248 15.46 -7.39 -1.09
N THR L 249 15.02 -7.02 -2.30
CA THR L 249 13.74 -7.47 -2.84
C THR L 249 13.97 -8.79 -3.57
N VAL L 250 13.06 -9.76 -3.37
CA VAL L 250 13.15 -11.06 -4.04
C VAL L 250 11.87 -11.42 -4.79
N LYS L 251 12.01 -12.31 -5.76
CA LYS L 251 10.87 -12.79 -6.57
C LYS L 251 10.04 -13.78 -5.77
N LYS L 252 10.67 -14.83 -5.30
CA LYS L 252 9.97 -15.89 -4.55
C LYS L 252 9.47 -15.33 -3.21
N PRO L 253 8.18 -15.57 -2.87
CA PRO L 253 7.69 -15.09 -1.56
C PRO L 253 8.35 -15.84 -0.40
N VAL L 254 8.67 -15.13 0.67
CA VAL L 254 9.37 -15.75 1.78
C VAL L 254 8.94 -15.22 3.13
N LYS L 255 9.26 -16.03 4.15
CA LYS L 255 9.03 -15.67 5.56
C LYS L 255 10.37 -15.63 6.28
N ALA L 256 10.44 -14.79 7.32
CA ALA L 256 11.67 -14.54 8.07
C ALA L 256 12.39 -15.84 8.45
N ASN L 257 11.66 -16.78 9.05
CA ASN L 257 12.29 -18.02 9.55
C ASN L 257 12.73 -18.99 8.45
N GLU L 258 12.09 -18.91 7.28
CA GLU L 258 12.52 -19.69 6.13
C GLU L 258 13.92 -19.23 5.67
N VAL L 259 14.06 -17.92 5.54
CA VAL L 259 15.33 -17.27 5.24
C VAL L 259 16.39 -17.69 6.27
N ASN L 260 16.04 -17.61 7.54
CA ASN L 260 16.95 -18.04 8.61
C ASN L 260 17.35 -19.52 8.45
N LEU L 261 16.38 -20.36 8.12
CA LEU L 261 16.63 -21.78 7.97
C LEU L 261 17.58 -22.06 6.81
N LEU L 262 17.38 -21.35 5.71
CA LEU L 262 18.27 -21.43 4.55
C LEU L 262 19.71 -21.11 4.96
N LEU L 263 19.87 -19.94 5.56
CA LEU L 263 21.19 -19.45 5.97
C LEU L 263 21.85 -20.37 7.01
N GLN L 264 21.08 -20.79 8.00
CA GLN L 264 21.58 -21.71 9.02
C GLN L 264 22.10 -23.02 8.39
N LYS L 265 21.35 -23.53 7.41
CA LYS L 265 21.76 -24.75 6.69
C LYS L 265 23.06 -24.52 5.94
N ALA L 266 23.16 -23.38 5.26
CA ALA L 266 24.37 -23.02 4.52
C ALA L 266 25.58 -22.98 5.45
N ALA L 267 25.38 -22.43 6.64
CA ALA L 267 26.47 -22.27 7.63
C ALA L 267 26.96 -23.63 8.10
N GLN L 268 26.03 -24.58 8.20
CA GLN L 268 26.36 -25.95 8.59
C GLN L 268 26.85 -26.84 7.38
N GLY L 269 26.53 -26.43 6.15
CA GLY L 269 26.85 -27.20 4.95
C GLY L 269 27.86 -26.56 4.00
N ALA L 270 27.38 -26.13 2.83
CA ALA L 270 28.24 -25.60 1.76
C ALA L 270 29.16 -24.45 2.18
N PHE L 271 28.74 -23.67 3.17
CA PHE L 271 29.52 -22.50 3.61
C PHE L 271 30.08 -22.63 5.01
N HIS L 272 30.28 -23.88 5.44
CA HIS L 272 30.89 -24.13 6.76
C HIS L 272 32.26 -23.48 6.79
N GLY L 273 32.54 -22.77 7.89
CA GLY L 273 33.82 -22.09 8.08
C GLY L 273 33.94 -20.72 7.42
N ILE L 274 33.06 -20.44 6.45
CA ILE L 274 33.01 -19.15 5.78
C ILE L 274 31.86 -18.29 6.30
N VAL L 275 30.65 -18.85 6.29
CA VAL L 275 29.48 -18.18 6.88
C VAL L 275 29.06 -18.91 8.14
N ASP L 276 28.74 -18.14 9.18
CA ASP L 276 28.20 -18.73 10.40
C ASP L 276 26.83 -18.13 10.64
N TYR L 277 26.04 -18.81 11.46
CA TYR L 277 24.69 -18.40 11.81
C TYR L 277 24.51 -18.48 13.31
N THR L 278 23.82 -17.51 13.88
CA THR L 278 23.56 -17.53 15.31
C THR L 278 22.23 -16.90 15.65
N GLU L 279 21.60 -17.44 16.69
CA GLU L 279 20.36 -16.91 17.25
C GLU L 279 20.57 -16.49 18.69
N LEU L 280 21.78 -16.65 19.20
CA LEU L 280 22.10 -16.25 20.57
C LEU L 280 22.01 -14.74 20.70
N PRO L 281 21.75 -14.26 21.92
CA PRO L 281 21.74 -12.83 22.16
C PRO L 281 23.16 -12.30 22.34
N LEU L 282 23.76 -11.88 21.25
CA LEU L 282 25.15 -11.40 21.29
C LEU L 282 25.29 -9.95 20.82
N VAL L 283 26.44 -9.36 21.11
CA VAL L 283 26.78 -8.00 20.72
C VAL L 283 28.04 -8.04 19.90
N SER L 284 28.36 -6.94 19.22
CA SER L 284 29.39 -6.96 18.19
C SER L 284 30.69 -7.59 18.68
N VAL L 285 31.18 -7.13 19.83
CA VAL L 285 32.45 -7.60 20.39
C VAL L 285 32.54 -9.12 20.54
N ASP L 286 31.41 -9.81 20.56
CA ASP L 286 31.43 -11.27 20.69
C ASP L 286 31.96 -11.95 19.45
N PHE L 287 32.00 -11.21 18.35
CA PHE L 287 32.49 -11.75 17.08
C PHE L 287 33.93 -11.32 16.83
N ASN L 288 34.50 -10.62 17.80
CA ASN L 288 35.90 -10.24 17.77
C ASN L 288 36.76 -11.48 17.62
N HIS L 289 37.65 -11.45 16.66
CA HIS L 289 38.56 -12.58 16.40
C HIS L 289 37.82 -13.81 15.88
N ASP L 290 36.68 -13.61 15.22
CA ASP L 290 35.96 -14.71 14.60
C ASP L 290 36.41 -14.87 13.12
N PRO L 291 36.92 -16.06 12.78
CA PRO L 291 37.49 -16.37 11.46
C PRO L 291 36.51 -16.41 10.31
N HIS L 292 35.22 -16.43 10.62
CA HIS L 292 34.21 -16.48 9.57
C HIS L 292 34.22 -15.16 8.80
N SER L 293 33.93 -15.25 7.50
CA SER L 293 33.79 -14.08 6.62
C SER L 293 32.58 -13.28 7.02
N ALA L 294 31.57 -14.00 7.50
CA ALA L 294 30.27 -13.41 7.85
C ALA L 294 29.56 -14.27 8.89
N ILE L 295 28.99 -13.62 9.91
CA ILE L 295 28.11 -14.30 10.86
C ILE L 295 26.72 -13.70 10.77
N VAL L 296 25.73 -14.48 10.39
CA VAL L 296 24.38 -13.98 10.22
C VAL L 296 23.66 -14.01 11.56
N ASP L 297 23.05 -12.88 11.91
CA ASP L 297 22.30 -12.78 13.15
C ASP L 297 20.83 -13.07 12.90
N GLY L 298 20.44 -14.30 13.16
CA GLY L 298 19.07 -14.77 12.91
C GLY L 298 17.99 -13.95 13.59
N THR L 299 18.28 -13.47 14.79
CA THR L 299 17.33 -12.70 15.59
C THR L 299 17.00 -11.33 14.97
N GLN L 300 17.76 -10.93 13.97
CA GLN L 300 17.53 -9.65 13.31
C GLN L 300 16.94 -9.80 11.89
N THR L 301 16.73 -11.03 11.45
CA THR L 301 16.14 -11.24 10.14
C THR L 301 14.71 -10.80 10.15
N ARG L 302 14.29 -10.11 9.08
CA ARG L 302 12.91 -9.64 8.89
C ARG L 302 12.50 -9.79 7.42
N VAL L 303 11.20 -9.92 7.20
CA VAL L 303 10.65 -9.87 5.85
C VAL L 303 9.44 -8.94 5.85
N SER L 304 9.47 -7.94 4.98
CA SER L 304 8.38 -6.98 4.86
C SER L 304 7.54 -7.35 3.64
N GLY L 305 6.25 -7.56 3.89
CA GLY L 305 5.41 -8.21 2.89
C GLY L 305 5.97 -9.60 2.81
N ALA L 306 6.11 -10.13 1.60
CA ALA L 306 6.70 -11.46 1.42
C ALA L 306 7.99 -11.39 0.60
N HIS L 307 8.40 -10.16 0.29
CA HIS L 307 9.41 -9.91 -0.76
C HIS L 307 10.61 -9.02 -0.38
N LEU L 308 10.52 -8.31 0.74
CA LEU L 308 11.61 -7.43 1.19
C LEU L 308 12.34 -8.00 2.40
N ILE L 309 13.54 -8.53 2.19
CA ILE L 309 14.28 -9.20 3.24
C ILE L 309 15.30 -8.30 3.87
N LYS L 310 15.25 -8.16 5.19
CA LYS L 310 16.34 -7.49 5.92
C LYS L 310 17.12 -8.51 6.72
N THR L 311 18.43 -8.48 6.57
CA THR L 311 19.30 -9.37 7.30
C THR L 311 20.48 -8.55 7.81
N LEU L 312 20.84 -8.76 9.07
CA LEU L 312 22.02 -8.13 9.67
C LEU L 312 23.14 -9.15 9.77
N VAL L 313 24.29 -8.82 9.18
CA VAL L 313 25.45 -9.72 9.20
C VAL L 313 26.62 -9.04 9.89
N TRP L 314 27.18 -9.72 10.87
CA TRP L 314 28.37 -9.28 11.57
C TRP L 314 29.57 -9.81 10.85
N CYS L 315 30.68 -9.10 10.96
CA CYS L 315 32.00 -9.64 10.63
C CYS L 315 33.12 -8.91 11.36
N ASP L 316 34.16 -9.67 11.72
CA ASP L 316 35.43 -9.07 12.11
C ASP L 316 36.10 -8.60 10.82
N ASN L 317 36.05 -7.28 10.61
CA ASN L 317 36.46 -6.69 9.32
C ASN L 317 37.92 -6.95 8.95
N GLU L 318 38.71 -7.47 9.87
CA GLU L 318 40.12 -7.74 9.58
C GLU L 318 40.43 -9.23 9.65
N TRP L 319 40.01 -9.85 10.74
CA TRP L 319 40.37 -11.23 11.02
C TRP L 319 39.82 -12.16 9.96
N GLY L 320 38.53 -12.01 9.67
CA GLY L 320 37.89 -12.82 8.65
C GLY L 320 38.67 -12.70 7.35
N PHE L 321 38.82 -11.47 6.89
CA PHE L 321 39.51 -11.20 5.66
C PHE L 321 40.92 -11.80 5.64
N ALA L 322 41.62 -11.65 6.75
CA ALA L 322 42.99 -12.14 6.88
C ALA L 322 43.06 -13.65 6.65
N ASN L 323 42.11 -14.38 7.24
CA ASN L 323 42.04 -15.83 7.07
C ASN L 323 41.66 -16.22 5.64
N ARG L 324 40.83 -15.41 4.99
CA ARG L 324 40.50 -15.61 3.59
C ARG L 324 41.72 -15.39 2.70
N MET L 325 42.57 -14.44 3.07
CA MET L 325 43.79 -14.23 2.33
C MET L 325 44.60 -15.50 2.28
N LEU L 326 44.69 -16.15 3.43
CA LEU L 326 45.41 -17.43 3.56
C LEU L 326 44.68 -18.56 2.77
N ASP L 327 43.36 -18.62 2.88
CA ASP L 327 42.61 -19.62 2.16
C ASP L 327 42.85 -19.49 0.65
N THR L 328 42.76 -18.26 0.16
CA THR L 328 42.92 -17.98 -1.26
C THR L 328 44.34 -18.29 -1.70
N THR L 329 45.30 -17.90 -0.87
CA THR L 329 46.69 -18.20 -1.14
C THR L 329 46.88 -19.69 -1.40
N LEU L 330 46.41 -20.52 -0.47
CA LEU L 330 46.52 -21.98 -0.60
C LEU L 330 45.96 -22.47 -1.93
N ALA L 331 44.74 -22.05 -2.25
CA ALA L 331 44.09 -22.43 -3.49
C ALA L 331 44.95 -22.06 -4.71
N MET L 332 45.53 -20.87 -4.66
CA MET L 332 46.37 -20.37 -5.77
C MET L 332 47.62 -21.22 -5.98
N ALA L 333 48.27 -21.57 -4.85
CA ALA L 333 49.49 -22.36 -4.89
C ALA L 333 49.22 -23.83 -5.27
N THR L 334 47.98 -24.28 -5.05
CA THR L 334 47.58 -25.68 -5.27
C THR L 334 47.09 -26.02 -6.69
N VAL L 335 46.28 -25.16 -7.29
CA VAL L 335 45.66 -25.41 -8.60
C VAL L 335 46.62 -26.00 -9.64
N THR M 1 28.02 -64.30 33.71
CA THR M 1 27.39 -63.03 34.15
C THR M 1 27.98 -61.83 33.41
N VAL M 2 27.13 -60.91 33.01
CA VAL M 2 27.52 -59.55 32.67
C VAL M 2 27.53 -58.73 33.97
N ARG M 3 28.55 -57.92 34.15
CA ARG M 3 28.62 -57.14 35.38
C ARG M 3 28.54 -55.65 35.12
N VAL M 4 27.57 -55.03 35.78
CA VAL M 4 27.28 -53.64 35.58
C VAL M 4 27.47 -52.84 36.84
N ALA M 5 27.88 -51.60 36.65
CA ALA M 5 27.92 -50.62 37.70
C ALA M 5 26.89 -49.58 37.37
N ILE M 6 26.31 -48.97 38.41
CA ILE M 6 25.33 -47.90 38.22
C ILE M 6 25.90 -46.61 38.76
N ASN M 7 26.00 -45.61 37.88
CA ASN M 7 26.40 -44.27 38.27
C ASN M 7 25.13 -43.43 38.47
N GLY M 8 24.89 -43.05 39.70
CA GLY M 8 23.71 -42.28 40.04
C GLY M 8 22.62 -43.21 40.50
N PHE M 9 22.20 -43.05 41.75
CA PHE M 9 21.18 -43.91 42.35
C PHE M 9 19.92 -43.14 42.62
N GLY M 10 19.46 -42.43 41.60
CA GLY M 10 18.24 -41.68 41.69
C GLY M 10 17.04 -42.58 41.47
N ARG M 11 15.97 -41.99 40.94
CA ARG M 11 14.77 -42.74 40.70
C ARG M 11 15.00 -43.85 39.72
N ILE M 12 15.62 -43.52 38.61
CA ILE M 12 15.84 -44.48 37.53
C ILE M 12 16.85 -45.56 37.92
N GLY M 13 17.94 -45.14 38.53
CA GLY M 13 18.94 -46.07 39.05
C GLY M 13 18.34 -47.10 39.99
N ARG M 14 17.57 -46.61 40.96
CA ARG M 14 16.94 -47.49 41.92
C ARG M 14 16.05 -48.51 41.25
N ASN M 15 15.29 -48.04 40.27
CA ASN M 15 14.37 -48.91 39.53
C ASN M 15 15.08 -49.94 38.67
N VAL M 16 16.19 -49.55 38.07
CA VAL M 16 17.00 -50.50 37.34
C VAL M 16 17.37 -51.67 38.24
N VAL M 17 17.84 -51.37 39.45
CA VAL M 17 18.17 -52.41 40.39
C VAL M 17 16.94 -53.26 40.69
N ARG M 18 15.86 -52.61 41.12
CA ARG M 18 14.63 -53.34 41.42
C ARG M 18 14.19 -54.21 40.24
N ALA M 19 14.30 -53.65 39.05
CA ALA M 19 13.90 -54.36 37.84
C ALA M 19 14.76 -55.61 37.60
N LEU M 20 16.07 -55.47 37.81
CA LEU M 20 17.01 -56.56 37.63
C LEU M 20 16.58 -57.79 38.40
N TYR M 21 16.20 -57.58 39.64
CA TYR M 21 15.82 -58.67 40.52
C TYR M 21 14.44 -59.22 40.17
N GLU M 22 13.45 -58.33 40.08
CA GLU M 22 12.07 -58.75 39.83
C GLU M 22 11.93 -59.40 38.47
N SER M 23 12.54 -58.80 37.46
CA SER M 23 12.38 -59.28 36.09
C SER M 23 13.05 -60.62 35.89
N GLY M 24 13.89 -61.03 36.83
CA GLY M 24 14.63 -62.27 36.69
C GLY M 24 15.88 -62.17 35.83
N ARG M 25 16.14 -61.00 35.24
CA ARG M 25 17.39 -60.81 34.49
C ARG M 25 18.59 -60.86 35.43
N ARG M 26 18.34 -60.86 36.73
CA ARG M 26 19.35 -61.19 37.73
C ARG M 26 20.24 -62.37 37.32
N ALA M 27 19.67 -63.35 36.60
CA ALA M 27 20.42 -64.56 36.18
C ALA M 27 21.29 -64.35 34.96
N GLU M 28 21.26 -63.15 34.38
CA GLU M 28 22.14 -62.78 33.26
C GLU M 28 23.03 -61.55 33.59
N ILE M 29 22.66 -60.76 34.62
CA ILE M 29 23.42 -59.55 35.02
C ILE M 29 23.60 -59.40 36.55
N THR M 30 24.78 -58.95 37.01
CA THR M 30 25.01 -58.63 38.43
C THR M 30 25.49 -57.19 38.59
N VAL M 31 24.83 -56.43 39.46
CA VAL M 31 25.28 -55.08 39.82
C VAL M 31 26.38 -55.27 40.83
N VAL M 32 27.56 -54.74 40.53
CA VAL M 32 28.71 -54.89 41.42
C VAL M 32 28.97 -53.62 42.24
N ALA M 33 28.66 -52.46 41.66
CA ALA M 33 28.88 -51.20 42.32
C ALA M 33 27.80 -50.19 41.97
N ILE M 34 27.47 -49.34 42.95
CA ILE M 34 26.65 -48.18 42.73
C ILE M 34 27.48 -47.01 43.19
N ASN M 35 27.62 -45.99 42.34
CA ASN M 35 28.22 -44.75 42.78
C ASN M 35 27.11 -43.73 43.08
N GLU M 36 27.21 -42.99 44.17
CA GLU M 36 26.17 -42.03 44.58
C GLU M 36 26.73 -41.06 45.59
N LEU M 37 26.28 -39.81 45.56
CA LEU M 37 26.71 -38.74 46.49
C LEU M 37 25.93 -38.74 47.78
N ALA M 38 25.46 -39.90 48.18
CA ALA M 38 24.50 -39.97 49.25
C ALA M 38 24.85 -41.04 50.26
N ASP M 39 24.45 -40.77 51.49
CA ASP M 39 24.43 -41.74 52.56
C ASP M 39 24.00 -43.11 52.04
N ALA M 40 24.72 -44.16 52.43
CA ALA M 40 24.27 -45.53 52.15
C ALA M 40 23.08 -45.90 53.05
N ALA M 41 22.88 -45.21 54.16
CA ALA M 41 21.64 -45.36 54.93
C ALA M 41 20.47 -45.05 53.99
N GLY M 42 20.48 -43.81 53.47
CA GLY M 42 19.50 -43.35 52.49
C GLY M 42 19.32 -44.27 51.31
N MET M 43 20.37 -44.43 50.50
CA MET M 43 20.34 -45.32 49.36
C MET M 43 19.54 -46.58 49.67
N ALA M 44 19.91 -47.25 50.75
CA ALA M 44 19.25 -48.50 51.13
C ALA M 44 17.79 -48.32 51.42
N HIS M 45 17.47 -47.26 52.17
CA HIS M 45 16.10 -46.96 52.56
C HIS M 45 15.23 -46.70 51.33
N LEU M 46 15.63 -45.72 50.53
CA LEU M 46 14.89 -45.38 49.31
C LEU M 46 14.77 -46.56 48.34
N LEU M 47 15.74 -47.46 48.32
CA LEU M 47 15.64 -48.65 47.49
C LEU M 47 14.54 -49.56 47.99
N LYS M 48 14.39 -49.66 49.30
CA LYS M 48 13.41 -50.55 49.93
C LYS M 48 11.99 -50.01 49.81
N TYR M 49 11.80 -48.70 50.01
CA TYR M 49 10.47 -48.07 50.04
C TYR M 49 10.28 -47.06 48.87
N ASP M 50 9.52 -47.38 47.85
CA ASP M 50 9.21 -46.34 46.86
C ASP M 50 7.77 -46.30 46.43
N THR M 51 7.28 -45.04 46.44
CA THR M 51 5.87 -44.69 46.72
C THR M 51 4.86 -45.08 45.62
N SER M 52 5.35 -45.41 44.44
CA SER M 52 4.49 -45.88 43.38
C SER M 52 4.60 -47.39 43.16
N HIS M 53 5.45 -48.07 43.93
CA HIS M 53 5.73 -49.49 43.72
C HIS M 53 5.52 -50.38 44.97
N GLY M 54 5.47 -49.75 46.15
CA GLY M 54 5.33 -50.45 47.43
C GLY M 54 6.68 -50.74 48.07
N ARG M 55 6.71 -51.77 48.88
CA ARG M 55 7.94 -52.25 49.50
C ARG M 55 8.65 -53.22 48.55
N PHE M 56 9.96 -53.05 48.40
CA PHE M 56 10.74 -53.94 47.58
C PHE M 56 10.71 -55.33 48.20
N ALA M 57 10.31 -56.30 47.39
CA ALA M 57 10.11 -57.70 47.83
C ALA M 57 11.38 -58.32 48.42
N TRP M 58 12.54 -57.90 47.92
CA TRP M 58 13.81 -58.46 48.40
C TRP M 58 14.22 -57.78 49.70
N GLU M 59 15.15 -58.43 50.42
CA GLU M 59 15.62 -57.91 51.69
C GLU M 59 16.83 -56.98 51.46
N VAL M 60 16.68 -55.74 51.93
CA VAL M 60 17.68 -54.69 51.72
C VAL M 60 18.35 -54.37 53.04
N ARG M 61 19.59 -54.85 53.21
CA ARG M 61 20.38 -54.56 54.40
C ARG M 61 21.51 -53.64 53.98
N GLN M 62 21.98 -52.81 54.91
CA GLN M 62 23.18 -52.01 54.67
C GLN M 62 24.18 -52.05 55.82
N GLU M 63 25.39 -52.50 55.48
CA GLU M 63 26.48 -52.70 56.44
C GLU M 63 27.77 -52.21 55.80
N ARG M 64 28.62 -51.51 56.55
CA ARG M 64 29.86 -50.91 56.01
C ARG M 64 29.57 -50.16 54.69
N ASP M 65 30.51 -50.17 53.74
CA ASP M 65 30.29 -49.68 52.37
C ASP M 65 29.66 -50.70 51.39
N GLN M 66 28.87 -51.61 51.93
CA GLN M 66 28.20 -52.65 51.16
C GLN M 66 26.71 -52.42 51.24
N LEU M 67 26.05 -52.50 50.09
CA LEU M 67 24.61 -52.51 50.03
C LEU M 67 24.19 -53.89 49.55
N PHE M 68 23.31 -54.54 50.29
CA PHE M 68 22.94 -55.93 50.02
C PHE M 68 21.52 -56.03 49.50
N VAL M 69 21.36 -56.77 48.41
CA VAL M 69 20.06 -57.16 47.92
C VAL M 69 19.92 -58.67 48.07
N GLY M 70 19.05 -59.09 48.98
CA GLY M 70 18.97 -60.47 49.35
C GLY M 70 20.36 -60.92 49.72
N ASP M 71 20.88 -61.92 48.99
CA ASP M 71 22.17 -62.53 49.34
C ASP M 71 23.34 -61.68 48.86
N ASP M 72 23.41 -61.42 47.57
CA ASP M 72 24.59 -60.76 46.97
C ASP M 72 24.81 -59.31 47.46
N ALA M 73 26.09 -58.96 47.52
CA ALA M 73 26.51 -57.67 48.04
C ALA M 73 26.81 -56.77 46.88
N ILE M 74 26.42 -55.51 46.98
CA ILE M 74 26.82 -54.47 46.02
C ILE M 74 27.61 -53.38 46.76
N ARG M 75 28.70 -52.92 46.13
CA ARG M 75 29.66 -52.01 46.73
C ARG M 75 29.26 -50.57 46.47
N VAL M 76 29.26 -49.74 47.50
CA VAL M 76 28.77 -48.37 47.40
C VAL M 76 29.94 -47.39 47.35
N LEU M 77 29.94 -46.55 46.32
CA LEU M 77 30.98 -45.53 46.11
C LEU M 77 30.38 -44.13 46.23
N HIS M 78 31.27 -43.18 46.48
CA HIS M 78 30.90 -41.80 46.68
C HIS M 78 31.82 -40.86 45.93
N GLU M 79 32.25 -41.26 44.74
CA GLU M 79 33.15 -40.43 43.98
C GLU M 79 32.41 -39.31 43.27
N ARG M 80 32.91 -38.11 43.47
CA ARG M 80 32.33 -36.91 42.90
C ARG M 80 32.79 -36.83 41.44
N SER M 81 34.02 -37.30 41.15
CA SER M 81 34.61 -37.27 39.79
C SER M 81 34.69 -38.63 39.08
N LEU M 82 34.59 -38.59 37.76
CA LEU M 82 34.59 -39.82 36.93
C LEU M 82 35.99 -40.49 36.77
N GLN M 83 37.05 -39.68 36.79
CA GLN M 83 38.44 -40.19 36.66
C GLN M 83 38.65 -41.27 37.70
N SER M 84 38.17 -40.97 38.90
CA SER M 84 38.53 -41.75 40.07
C SER M 84 37.61 -42.95 40.34
N LEU M 85 36.75 -43.29 39.39
CA LEU M 85 35.87 -44.45 39.54
C LEU M 85 36.67 -45.75 39.32
N PRO M 86 36.59 -46.67 40.28
CA PRO M 86 37.30 -47.94 40.19
C PRO M 86 36.64 -48.97 39.31
N TRP M 87 36.28 -48.60 38.09
CA TRP M 87 35.60 -49.54 37.17
C TRP M 87 36.54 -50.69 36.79
N ARG M 88 37.78 -50.35 36.50
CA ARG M 88 38.80 -51.35 36.13
C ARG M 88 38.96 -52.41 37.22
N GLU M 89 39.15 -51.93 38.44
CA GLU M 89 39.29 -52.76 39.62
C GLU M 89 38.12 -53.73 39.81
N LEU M 90 36.92 -53.34 39.40
CA LEU M 90 35.69 -54.15 39.58
C LEU M 90 35.29 -54.94 38.33
N GLY M 91 36.02 -54.73 37.24
CA GLY M 91 35.79 -55.49 36.00
C GLY M 91 34.47 -55.20 35.33
N VAL M 92 34.02 -53.95 35.45
CA VAL M 92 32.74 -53.49 34.91
C VAL M 92 32.63 -53.63 33.37
N ASP M 93 31.65 -54.42 32.93
CA ASP M 93 31.39 -54.62 31.50
C ASP M 93 30.58 -53.48 30.93
N VAL M 94 29.55 -53.05 31.64
CA VAL M 94 28.78 -51.87 31.25
C VAL M 94 28.51 -50.96 32.43
N VAL M 95 28.69 -49.67 32.26
CA VAL M 95 28.24 -48.71 33.26
C VAL M 95 26.94 -48.13 32.79
N LEU M 96 25.92 -48.27 33.62
CA LEU M 96 24.66 -47.59 33.41
C LEU M 96 24.74 -46.28 34.16
N ASP M 97 24.85 -45.18 33.44
CA ASP M 97 24.88 -43.88 34.05
C ASP M 97 23.48 -43.28 34.11
N CYS M 98 22.96 -43.20 35.34
CA CYS M 98 21.61 -42.73 35.60
C CYS M 98 21.63 -41.49 36.48
N THR M 99 22.68 -40.70 36.30
CA THR M 99 22.85 -39.48 37.10
C THR M 99 22.00 -38.36 36.55
N GLY M 100 21.80 -38.38 35.23
CA GLY M 100 21.08 -37.32 34.56
C GLY M 100 21.90 -36.06 34.35
N VAL M 101 23.09 -36.02 34.95
CA VAL M 101 24.05 -34.94 34.70
C VAL M 101 25.02 -35.28 33.55
N TYR M 102 25.59 -36.47 33.57
CA TYR M 102 26.54 -36.86 32.52
C TYR M 102 25.84 -37.38 31.26
N GLY M 103 26.40 -37.05 30.10
CA GLY M 103 25.78 -37.43 28.83
C GLY M 103 26.55 -37.20 27.54
N SER M 104 27.74 -36.59 27.64
CA SER M 104 28.62 -36.34 26.50
C SER M 104 29.41 -37.59 26.19
N ARG M 105 30.03 -37.62 24.99
CA ARG M 105 31.04 -38.65 24.66
C ARG M 105 32.21 -38.57 25.61
N GLU M 106 32.61 -37.36 25.96
CA GLU M 106 33.75 -37.20 26.84
C GLU M 106 33.49 -37.90 28.16
N HIS M 107 32.28 -37.73 28.67
CA HIS M 107 31.84 -38.41 29.88
C HIS M 107 31.91 -39.90 29.69
N GLY M 108 31.47 -40.36 28.51
CA GLY M 108 31.56 -41.75 28.12
C GLY M 108 33.01 -42.20 28.13
N GLU M 109 33.86 -41.46 27.43
CA GLU M 109 35.29 -41.78 27.36
C GLU M 109 35.88 -41.87 28.76
N ALA M 110 35.50 -40.92 29.61
CA ALA M 110 35.93 -40.86 31.01
C ALA M 110 35.60 -42.14 31.80
N HIS M 111 34.39 -42.63 31.64
CA HIS M 111 33.95 -43.91 32.25
C HIS M 111 34.80 -45.06 31.74
N ILE M 112 34.98 -45.12 30.43
CA ILE M 112 35.79 -46.16 29.79
C ILE M 112 37.25 -46.09 30.29
N ALA M 113 37.82 -44.89 30.23
CA ALA M 113 39.14 -44.61 30.79
C ALA M 113 39.25 -45.12 32.22
N ALA M 114 38.22 -44.91 33.03
CA ALA M 114 38.25 -45.36 34.42
C ALA M 114 38.17 -46.88 34.53
N GLY M 115 37.88 -47.55 33.42
CA GLY M 115 37.99 -49.02 33.34
C GLY M 115 36.74 -49.78 32.93
N ALA M 116 35.76 -49.06 32.40
CA ALA M 116 34.52 -49.67 31.96
C ALA M 116 34.58 -49.95 30.47
N LYS M 117 34.13 -51.14 30.07
CA LYS M 117 34.19 -51.53 28.65
C LYS M 117 33.23 -50.68 27.82
N LYS M 118 31.99 -50.58 28.30
CA LYS M 118 30.97 -49.79 27.60
C LYS M 118 30.15 -48.93 28.57
N VAL M 119 29.50 -47.91 28.00
CA VAL M 119 28.66 -47.00 28.77
C VAL M 119 27.26 -46.91 28.18
N LEU M 120 26.26 -46.86 29.06
CA LEU M 120 24.86 -46.67 28.64
C LEU M 120 24.20 -45.56 29.44
N PHE M 121 23.76 -44.52 28.75
CA PHE M 121 23.12 -43.39 29.41
C PHE M 121 21.61 -43.56 29.49
N SER M 122 21.06 -43.15 30.64
CA SER M 122 19.61 -43.24 30.91
C SER M 122 18.81 -42.06 30.32
N HIS M 123 19.36 -41.45 29.28
CA HIS M 123 18.72 -40.33 28.61
C HIS M 123 19.31 -40.10 27.21
N PRO M 124 18.75 -39.11 26.46
CA PRO M 124 19.12 -38.89 25.05
C PRO M 124 20.57 -38.60 24.86
N GLY M 125 21.14 -37.85 25.79
CA GLY M 125 22.55 -37.59 25.79
C GLY M 125 22.86 -36.30 25.09
N SER M 126 23.62 -35.45 25.78
CA SER M 126 23.99 -34.09 25.35
C SER M 126 24.40 -33.98 23.87
N ASN M 127 25.27 -34.88 23.44
CA ASN M 127 25.88 -34.72 22.12
C ASN M 127 25.81 -36.03 21.37
N ASP M 128 26.52 -36.12 20.26
CA ASP M 128 26.42 -37.32 19.47
C ASP M 128 27.34 -38.44 19.98
N LEU M 129 26.69 -39.48 20.50
CA LEU M 129 27.33 -40.67 21.00
C LEU M 129 27.35 -41.71 19.88
N ASP M 130 27.70 -42.96 20.23
CA ASP M 130 27.90 -44.05 19.25
C ASP M 130 26.61 -44.54 18.58
N ALA M 131 25.52 -44.60 19.32
CA ALA M 131 24.26 -45.14 18.81
C ALA M 131 23.16 -44.87 19.81
N THR M 132 21.91 -44.77 19.37
CA THR M 132 20.82 -44.52 20.31
C THR M 132 19.80 -45.65 20.16
N VAL M 133 19.55 -46.37 21.27
CA VAL M 133 18.74 -47.58 21.20
C VAL M 133 17.36 -47.41 21.84
N VAL M 134 16.34 -47.51 21.01
CA VAL M 134 14.98 -47.70 21.47
C VAL M 134 14.72 -49.20 21.35
N TYR M 135 14.96 -49.92 22.43
CA TYR M 135 14.96 -51.38 22.37
C TYR M 135 13.66 -51.92 21.83
N GLY M 136 13.78 -52.85 20.89
CA GLY M 136 12.62 -53.47 20.21
C GLY M 136 12.42 -52.90 18.80
N VAL M 137 13.07 -51.78 18.53
CA VAL M 137 13.00 -51.13 17.24
C VAL M 137 14.33 -51.24 16.50
N ASN M 138 15.41 -50.79 17.13
CA ASN M 138 16.71 -50.76 16.46
C ASN M 138 17.89 -51.32 17.27
N GLN M 139 17.64 -52.32 18.12
CA GLN M 139 18.74 -52.94 18.87
C GLN M 139 19.62 -53.76 17.93
N ASP M 140 19.02 -54.24 16.85
CA ASP M 140 19.75 -54.99 15.80
C ASP M 140 20.84 -54.16 15.08
N GLN M 141 20.78 -52.84 15.23
CA GLN M 141 21.82 -51.95 14.71
C GLN M 141 22.98 -51.70 15.68
N LEU M 142 23.03 -52.45 16.79
CA LEU M 142 24.18 -52.36 17.68
C LEU M 142 25.29 -53.22 17.12
N ARG M 143 26.48 -52.64 17.01
CA ARG M 143 27.72 -53.39 16.74
C ARG M 143 28.51 -53.37 18.05
N ALA M 144 29.64 -54.10 18.08
CA ALA M 144 30.56 -54.07 19.24
C ALA M 144 31.41 -52.77 19.31
N GLU M 145 31.62 -52.15 18.14
CA GLU M 145 32.32 -50.85 18.02
C GLU M 145 31.58 -49.69 18.69
N HIS M 146 30.33 -49.94 19.06
CA HIS M 146 29.53 -48.99 19.82
C HIS M 146 29.73 -49.18 21.32
N ARG M 147 30.30 -48.16 21.97
CA ARG M 147 30.72 -48.29 23.36
C ARG M 147 30.10 -47.25 24.27
N ILE M 148 29.68 -46.14 23.68
CA ILE M 148 28.98 -45.09 24.40
C ILE M 148 27.60 -44.91 23.76
N VAL M 149 26.56 -45.43 24.39
CA VAL M 149 25.23 -45.40 23.79
C VAL M 149 24.17 -44.79 24.71
N SER M 150 23.13 -44.24 24.10
CA SER M 150 22.00 -43.63 24.80
C SER M 150 20.81 -44.56 24.70
N ASN M 151 19.99 -44.59 25.74
CA ASN M 151 18.79 -45.45 25.76
C ASN M 151 17.51 -44.68 25.40
N ALA M 152 17.66 -43.51 24.79
CA ALA M 152 16.53 -42.60 24.55
C ALA M 152 15.93 -42.16 25.89
N SER M 153 14.70 -41.63 25.89
CA SER M 153 13.97 -41.29 27.14
C SER M 153 12.78 -42.22 27.31
N CYS M 154 12.14 -42.19 28.47
CA CYS M 154 11.02 -43.08 28.71
C CYS M 154 9.88 -42.77 27.77
N THR M 155 9.66 -41.48 27.49
CA THR M 155 8.56 -41.08 26.61
C THR M 155 8.85 -41.47 25.18
N THR M 156 10.06 -41.19 24.71
CA THR M 156 10.44 -41.58 23.34
C THR M 156 10.42 -43.09 23.22
N ASN M 157 10.89 -43.76 24.27
CA ASN M 157 10.88 -45.22 24.27
C ASN M 157 9.45 -45.76 24.20
N CYS M 158 8.52 -45.00 24.77
CA CYS M 158 7.13 -45.39 24.77
C CYS M 158 6.48 -45.25 23.40
N ILE M 159 6.66 -44.10 22.78
CA ILE M 159 5.89 -43.76 21.56
C ILE M 159 6.58 -44.12 20.23
N ILE M 160 7.90 -44.13 20.22
CA ILE M 160 8.65 -44.47 18.99
C ILE M 160 8.21 -45.82 18.37
N PRO M 161 8.11 -46.88 19.18
CA PRO M 161 7.65 -48.13 18.58
C PRO M 161 6.32 -48.01 17.84
N VAL M 162 5.37 -47.32 18.46
CA VAL M 162 4.04 -47.09 17.84
C VAL M 162 4.16 -46.27 16.55
N ILE M 163 4.95 -45.21 16.60
CA ILE M 163 5.15 -44.38 15.41
C ILE M 163 5.75 -45.20 14.26
N LYS M 164 6.71 -46.07 14.59
CA LYS M 164 7.29 -46.96 13.58
C LYS M 164 6.23 -47.87 12.99
N LEU M 165 5.54 -48.60 13.85
CA LEU M 165 4.48 -49.49 13.40
C LEU M 165 3.50 -48.79 12.48
N LEU M 166 3.12 -47.57 12.85
CA LEU M 166 2.13 -46.81 12.06
C LEU M 166 2.72 -46.30 10.74
N ASP M 167 3.96 -45.84 10.80
CA ASP M 167 4.62 -45.33 9.60
C ASP M 167 4.82 -46.45 8.59
N ASP M 168 5.33 -47.58 9.07
CA ASP M 168 5.57 -48.74 8.21
C ASP M 168 4.30 -49.14 7.48
N ALA M 169 3.20 -49.17 8.23
CA ALA M 169 1.92 -49.68 7.69
C ALA M 169 1.15 -48.68 6.82
N TYR M 170 1.24 -47.39 7.11
CA TYR M 170 0.38 -46.40 6.45
C TYR M 170 1.09 -45.17 5.95
N GLY M 171 2.37 -45.00 6.30
CA GLY M 171 3.16 -43.85 5.84
C GLY M 171 2.73 -42.55 6.48
N ILE M 172 3.37 -42.19 7.59
CA ILE M 172 3.03 -40.98 8.32
C ILE M 172 3.51 -39.77 7.56
N GLU M 173 2.62 -38.78 7.42
CA GLU M 173 2.93 -37.56 6.68
C GLU M 173 3.30 -36.42 7.61
N SER M 174 2.59 -36.35 8.73
CA SER M 174 2.96 -35.45 9.83
C SER M 174 2.29 -35.90 11.14
N GLY M 175 2.81 -35.42 12.26
CA GLY M 175 2.32 -35.84 13.55
C GLY M 175 2.35 -34.76 14.63
N THR M 176 1.51 -34.96 15.63
CA THR M 176 1.45 -34.06 16.79
C THR M 176 1.14 -34.89 18.02
N VAL M 177 1.80 -34.57 19.13
CA VAL M 177 1.67 -35.38 20.33
C VAL M 177 1.34 -34.52 21.53
N THR M 178 0.54 -35.10 22.41
CA THR M 178 0.34 -34.55 23.74
C THR M 178 0.66 -35.62 24.78
N THR M 179 1.52 -35.28 25.72
CA THR M 179 1.90 -36.18 26.78
C THR M 179 1.25 -35.72 28.09
N ILE M 180 0.58 -36.66 28.75
CA ILE M 180 0.02 -36.38 30.06
C ILE M 180 0.86 -37.09 31.11
N HIS M 181 1.71 -36.31 31.76
CA HIS M 181 2.63 -36.75 32.77
C HIS M 181 1.99 -36.83 34.13
N SER M 182 2.41 -37.80 34.94
CA SER M 182 2.03 -37.85 36.35
C SER M 182 2.99 -36.98 37.16
N ALA M 183 2.84 -36.93 38.48
CA ALA M 183 3.77 -36.19 39.35
C ALA M 183 4.65 -37.15 40.14
N HIS M 194 11.99 -20.55 38.90
CA HIS M 194 12.87 -19.67 38.15
C HIS M 194 12.62 -19.77 36.64
N PRO M 195 12.93 -20.94 36.03
CA PRO M 195 13.00 -21.00 34.56
C PRO M 195 11.64 -20.81 33.91
N ASP M 196 10.64 -21.47 34.47
CA ASP M 196 9.26 -21.39 34.02
C ASP M 196 8.45 -21.01 35.27
N LEU M 197 7.84 -19.82 35.27
CA LEU M 197 7.08 -19.35 36.43
C LEU M 197 5.97 -20.33 36.82
N ARG M 198 5.61 -21.23 35.89
CA ARG M 198 4.67 -22.32 36.14
C ARG M 198 5.20 -23.31 37.17
N ARG M 199 6.47 -23.68 37.04
CA ARG M 199 7.11 -24.63 37.94
C ARG M 199 6.66 -24.43 39.41
N THR M 200 7.10 -23.35 40.05
CA THR M 200 6.73 -23.09 41.45
C THR M 200 5.28 -22.64 41.60
N ARG M 201 4.36 -23.60 41.68
CA ARG M 201 2.93 -23.35 41.97
C ARG M 201 2.30 -24.67 42.41
N ALA M 202 1.18 -24.60 43.14
CA ALA M 202 0.62 -25.79 43.81
C ALA M 202 0.17 -26.85 42.81
N ALA M 203 0.70 -28.07 43.00
CA ALA M 203 0.68 -29.13 41.98
C ALA M 203 -0.47 -30.11 42.13
N SER M 204 -0.80 -30.44 43.39
CA SER M 204 -1.88 -31.38 43.70
C SER M 204 -3.21 -31.16 42.93
N GLN M 205 -3.38 -29.98 42.32
CA GLN M 205 -4.71 -29.55 41.91
C GLN M 205 -4.77 -28.70 40.64
N SER M 206 -3.88 -28.93 39.69
CA SER M 206 -3.95 -28.16 38.45
C SER M 206 -3.25 -28.85 37.31
N ILE M 207 -3.83 -28.71 36.13
CA ILE M 207 -3.18 -29.20 34.94
C ILE M 207 -2.13 -28.15 34.70
N ILE M 208 -0.93 -28.61 34.36
CA ILE M 208 0.23 -27.73 34.20
C ILE M 208 0.91 -28.04 32.87
N PRO M 209 1.00 -27.02 32.00
CA PRO M 209 1.79 -27.20 30.79
C PRO M 209 3.26 -27.21 31.18
N VAL M 210 3.99 -28.23 30.74
CA VAL M 210 5.45 -28.32 30.94
C VAL M 210 6.11 -28.29 29.58
N ASP M 211 7.42 -28.09 29.58
CA ASP M 211 8.21 -28.20 28.35
C ASP M 211 8.30 -29.65 27.97
N THR M 212 8.65 -29.91 26.72
CA THR M 212 8.77 -31.28 26.27
C THR M 212 9.69 -31.40 25.07
N LYS M 213 10.54 -32.42 25.11
CA LYS M 213 11.52 -32.69 24.06
C LYS M 213 11.09 -33.89 23.19
N LEU M 214 9.91 -34.42 23.44
CA LEU M 214 9.47 -35.61 22.72
C LEU M 214 9.49 -35.37 21.21
N ALA M 215 9.19 -34.15 20.79
CA ALA M 215 9.26 -33.77 19.39
C ALA M 215 10.67 -34.04 18.86
N ALA M 216 11.61 -33.33 19.48
CA ALA M 216 13.04 -33.46 19.20
C ALA M 216 13.44 -34.92 19.11
N GLY M 217 13.16 -35.67 20.18
CA GLY M 217 13.53 -37.09 20.29
C GLY M 217 13.01 -37.92 19.13
N ILE M 218 11.82 -37.62 18.68
CA ILE M 218 11.19 -38.34 17.57
C ILE M 218 11.89 -38.03 16.25
N THR M 219 12.04 -36.74 15.97
CA THR M 219 12.68 -36.28 14.73
C THR M 219 14.15 -36.69 14.64
N ARG M 220 14.81 -36.80 15.80
CA ARG M 220 16.18 -37.28 15.85
C ARG M 220 16.20 -38.75 15.44
N PHE M 221 15.33 -39.55 16.04
CA PHE M 221 15.25 -40.97 15.73
C PHE M 221 14.72 -41.23 14.30
N PHE M 222 13.77 -40.40 13.88
CA PHE M 222 13.22 -40.45 12.52
C PHE M 222 13.48 -39.11 11.82
N PRO M 223 14.65 -38.98 11.18
CA PRO M 223 14.99 -37.69 10.57
C PRO M 223 14.02 -37.27 9.45
N GLN M 224 13.39 -38.25 8.81
CA GLN M 224 12.41 -37.96 7.76
C GLN M 224 11.22 -37.14 8.27
N PHE M 225 11.17 -36.88 9.57
CA PHE M 225 10.06 -36.13 10.17
C PHE M 225 10.42 -34.72 10.63
N ASN M 226 11.61 -34.25 10.30
CA ASN M 226 11.96 -32.86 10.61
C ASN M 226 10.87 -31.93 10.08
N ASP M 227 10.51 -30.93 10.88
CA ASP M 227 9.44 -29.99 10.53
C ASP M 227 8.13 -30.68 10.16
N ARG M 228 7.88 -31.82 10.78
CA ARG M 228 6.64 -32.57 10.56
C ARG M 228 6.06 -33.12 11.86
N PHE M 229 6.77 -32.88 12.95
CA PHE M 229 6.33 -33.30 14.26
C PHE M 229 6.42 -32.15 15.26
N GLU M 230 5.42 -32.08 16.13
CA GLU M 230 5.44 -31.17 17.27
C GLU M 230 4.90 -31.89 18.50
N ALA M 231 5.14 -31.31 19.66
CA ALA M 231 4.71 -31.92 20.91
C ALA M 231 4.46 -30.86 21.99
N ILE M 232 3.42 -31.11 22.79
CA ILE M 232 3.21 -30.39 24.04
C ILE M 232 3.03 -31.40 25.14
N ALA M 233 3.01 -30.93 26.37
CA ALA M 233 2.84 -31.84 27.50
C ALA M 233 2.21 -31.13 28.68
N VAL M 234 1.51 -31.90 29.51
CA VAL M 234 1.00 -31.39 30.77
C VAL M 234 1.26 -32.35 31.91
N ARG M 235 1.41 -31.79 33.11
CA ARG M 235 1.57 -32.56 34.34
C ARG M 235 0.27 -32.49 35.11
N VAL M 236 -0.24 -33.65 35.51
CA VAL M 236 -1.44 -33.75 36.35
C VAL M 236 -1.11 -34.53 37.62
N PRO M 237 -1.86 -34.29 38.70
CA PRO M 237 -1.54 -34.92 39.97
C PRO M 237 -1.99 -36.37 40.08
N THR M 238 -1.56 -37.20 39.15
CA THR M 238 -1.78 -38.65 39.26
C THR M 238 -0.49 -39.37 39.62
N ILE M 239 -0.62 -40.66 39.89
CA ILE M 239 0.51 -41.49 40.34
C ILE M 239 1.16 -42.30 39.21
N ASN M 240 2.44 -42.08 39.00
CA ASN M 240 3.32 -43.04 38.31
C ASN M 240 3.15 -43.27 36.80
N VAL M 241 1.92 -43.39 36.32
CA VAL M 241 1.70 -43.75 34.92
C VAL M 241 1.44 -42.54 34.05
N THR M 242 1.99 -42.60 32.84
CA THR M 242 1.95 -41.55 31.85
C THR M 242 1.12 -41.96 30.65
N ALA M 243 0.37 -41.00 30.11
CA ALA M 243 -0.47 -41.21 28.92
C ALA M 243 0.03 -40.35 27.77
N ILE M 244 0.19 -40.97 26.62
CA ILE M 244 0.65 -40.26 25.43
C ILE M 244 -0.43 -40.28 24.39
N ASP M 245 -0.81 -39.09 23.95
CA ASP M 245 -1.94 -38.88 23.04
C ASP M 245 -1.39 -38.49 21.67
N LEU M 246 -1.29 -39.48 20.79
CA LEU M 246 -0.59 -39.32 19.53
C LEU M 246 -1.56 -39.09 18.42
N SER M 247 -1.28 -38.09 17.59
CA SER M 247 -2.09 -37.82 16.40
C SER M 247 -1.24 -37.72 15.13
N VAL M 248 -1.55 -38.55 14.15
CA VAL M 248 -0.76 -38.58 12.91
C VAL M 248 -1.65 -38.58 11.69
N THR M 249 -1.20 -37.88 10.64
CA THR M 249 -1.79 -37.96 9.30
C THR M 249 -1.06 -39.04 8.51
N VAL M 250 -1.80 -39.88 7.81
CA VAL M 250 -1.21 -40.95 7.00
C VAL M 250 -1.68 -40.93 5.54
N LYS M 251 -0.86 -41.52 4.69
CA LYS M 251 -1.15 -41.60 3.24
C LYS M 251 -2.24 -42.61 2.96
N LYS M 252 -1.99 -43.85 3.38
CA LYS M 252 -2.93 -44.95 3.16
C LYS M 252 -4.22 -44.68 3.93
N PRO M 253 -5.40 -44.83 3.29
CA PRO M 253 -6.65 -44.68 4.03
C PRO M 253 -6.88 -45.81 5.03
N VAL M 254 -7.39 -45.46 6.22
CA VAL M 254 -7.56 -46.44 7.29
C VAL M 254 -8.80 -46.24 8.11
N LYS M 255 -9.19 -47.33 8.79
CA LYS M 255 -10.29 -47.32 9.76
C LYS M 255 -9.78 -47.65 11.15
N ALA M 256 -10.44 -47.12 12.17
CA ALA M 256 -10.03 -47.29 13.56
C ALA M 256 -9.66 -48.73 13.91
N ASN M 257 -10.54 -49.69 13.59
CA ASN M 257 -10.29 -51.08 13.98
C ASN M 257 -9.19 -51.79 13.16
N GLU M 258 -8.89 -51.30 11.97
CA GLU M 258 -7.75 -51.79 11.19
C GLU M 258 -6.46 -51.47 11.92
N VAL M 259 -6.34 -50.19 12.30
CA VAL M 259 -5.23 -49.68 13.12
C VAL M 259 -5.07 -50.51 14.40
N ASN M 260 -6.16 -50.72 15.10
CA ASN M 260 -6.16 -51.56 16.30
C ASN M 260 -5.66 -52.98 16.02
N LEU M 261 -6.09 -53.55 14.90
CA LEU M 261 -5.73 -54.91 14.54
C LEU M 261 -4.25 -54.98 14.26
N LEU M 262 -3.74 -53.98 13.55
CA LEU M 262 -2.31 -53.89 13.26
C LEU M 262 -1.50 -53.90 14.53
N LEU M 263 -1.84 -52.99 15.44
CA LEU M 263 -1.15 -52.83 16.71
C LEU M 263 -1.26 -54.06 17.60
N GLN M 264 -2.46 -54.62 17.68
CA GLN M 264 -2.68 -55.86 18.45
C GLN M 264 -1.80 -57.00 17.95
N LYS M 265 -1.68 -57.11 16.62
CA LYS M 265 -0.84 -58.14 16.00
C LYS M 265 0.63 -57.94 16.34
N ALA M 266 1.06 -56.69 16.26
CA ALA M 266 2.41 -56.31 16.66
C ALA M 266 2.68 -56.76 18.11
N ALA M 267 1.73 -56.49 19.00
CA ALA M 267 1.88 -56.77 20.43
C ALA M 267 2.10 -58.25 20.72
N GLN M 268 1.48 -59.13 19.93
CA GLN M 268 1.69 -60.58 20.09
C GLN M 268 2.87 -61.08 19.29
N GLY M 269 3.23 -60.36 18.23
CA GLY M 269 4.29 -60.77 17.30
C GLY M 269 5.62 -60.06 17.50
N ALA M 270 6.01 -59.27 16.50
CA ALA M 270 7.32 -58.63 16.45
C ALA M 270 7.65 -57.80 17.68
N PHE M 271 6.64 -57.24 18.33
CA PHE M 271 6.86 -56.35 19.48
C PHE M 271 6.41 -56.94 20.82
N HIS M 272 6.32 -58.26 20.88
CA HIS M 272 5.93 -58.93 22.11
C HIS M 272 6.90 -58.53 23.19
N GLY M 273 6.36 -58.18 24.36
CA GLY M 273 7.16 -57.80 25.52
C GLY M 273 7.58 -56.35 25.54
N ILE M 274 7.53 -55.70 24.38
CA ILE M 274 7.84 -54.27 24.27
C ILE M 274 6.59 -53.41 24.16
N VAL M 275 5.72 -53.75 23.21
CA VAL M 275 4.41 -53.12 23.08
C VAL M 275 3.31 -54.10 23.50
N ASP M 276 2.33 -53.60 24.22
CA ASP M 276 1.16 -54.38 24.56
C ASP M 276 -0.07 -53.65 24.04
N TYR M 277 -1.17 -54.40 23.93
CA TYR M 277 -2.43 -53.91 23.42
C TYR M 277 -3.53 -54.35 24.37
N THR M 278 -4.49 -53.48 24.60
CA THR M 278 -5.63 -53.86 25.42
C THR M 278 -6.90 -53.13 25.00
N GLU M 279 -8.01 -53.83 25.16
CA GLU M 279 -9.36 -53.30 24.92
C GLU M 279 -10.17 -53.31 26.19
N LEU M 280 -9.58 -53.81 27.28
CA LEU M 280 -10.25 -53.85 28.56
C LEU M 280 -10.50 -52.43 29.05
N PRO M 281 -11.54 -52.23 29.87
CA PRO M 281 -11.81 -50.93 30.47
C PRO M 281 -10.92 -50.70 31.70
N LEU M 282 -9.76 -50.09 31.44
CA LEU M 282 -8.77 -49.86 32.49
C LEU M 282 -8.47 -48.38 32.69
N VAL M 283 -7.83 -48.09 33.82
CA VAL M 283 -7.40 -46.73 34.16
C VAL M 283 -5.90 -46.73 34.37
N SER M 284 -5.29 -45.55 34.42
CA SER M 284 -3.82 -45.44 34.35
C SER M 284 -3.13 -46.38 35.34
N VAL M 285 -3.56 -46.33 36.60
CA VAL M 285 -2.93 -47.11 37.67
C VAL M 285 -2.84 -48.60 37.36
N ASP M 286 -3.66 -49.09 36.45
CA ASP M 286 -3.66 -50.52 36.13
C ASP M 286 -2.41 -50.92 35.39
N PHE M 287 -1.70 -49.93 34.85
CA PHE M 287 -0.45 -50.17 34.11
C PHE M 287 0.76 -49.87 34.99
N ASN M 288 0.52 -49.53 36.24
CA ASN M 288 1.58 -49.37 37.23
C ASN M 288 2.40 -50.66 37.28
N HIS M 289 3.71 -50.52 37.19
CA HIS M 289 4.63 -51.65 37.28
C HIS M 289 4.52 -52.58 36.06
N ASP M 290 4.05 -52.03 34.95
CA ASP M 290 3.99 -52.80 33.70
C ASP M 290 5.31 -52.65 32.93
N PRO M 291 5.99 -53.77 32.65
CA PRO M 291 7.29 -53.80 32.00
C PRO M 291 7.30 -53.39 30.53
N HIS M 292 6.14 -53.30 29.91
CA HIS M 292 6.09 -52.90 28.51
C HIS M 292 6.53 -51.47 28.36
N SER M 293 7.17 -51.17 27.24
CA SER M 293 7.54 -49.79 26.89
C SER M 293 6.28 -48.95 26.68
N ALA M 294 5.27 -49.58 26.08
CA ALA M 294 4.03 -48.93 25.66
C ALA M 294 2.87 -49.91 25.69
N ILE M 295 1.73 -49.48 26.24
CA ILE M 295 0.51 -50.28 26.14
C ILE M 295 -0.51 -49.46 25.37
N VAL M 296 -0.95 -49.99 24.24
CA VAL M 296 -1.92 -49.30 23.41
C VAL M 296 -3.35 -49.56 23.88
N ASP M 297 -4.10 -48.49 24.10
CA ASP M 297 -5.49 -48.58 24.52
C ASP M 297 -6.39 -48.56 23.29
N GLY M 298 -6.78 -49.76 22.86
CA GLY M 298 -7.62 -49.95 21.66
C GLY M 298 -8.91 -49.16 21.68
N THR M 299 -9.53 -49.09 22.86
CA THR M 299 -10.82 -48.41 23.05
C THR M 299 -10.73 -46.90 22.81
N GLN M 300 -9.53 -46.36 22.73
CA GLN M 300 -9.35 -44.92 22.50
C GLN M 300 -8.88 -44.58 21.10
N THR M 301 -8.67 -45.61 20.26
CA THR M 301 -8.25 -45.38 18.87
C THR M 301 -9.37 -44.75 18.08
N ARG M 302 -9.01 -43.75 17.26
CA ARG M 302 -9.95 -43.05 16.40
C ARG M 302 -9.30 -42.75 15.06
N VAL M 303 -10.13 -42.59 14.02
CA VAL M 303 -9.64 -42.11 12.74
C VAL M 303 -10.61 -41.06 12.22
N SER M 304 -10.09 -39.86 11.95
CA SER M 304 -10.89 -38.74 11.45
C SER M 304 -10.72 -38.62 9.94
N GLY M 305 -11.82 -38.69 9.21
CA GLY M 305 -11.76 -38.94 7.78
C GLY M 305 -11.19 -40.35 7.66
N ALA M 306 -10.26 -40.54 6.73
CA ALA M 306 -9.62 -41.84 6.60
C ALA M 306 -8.13 -41.73 6.86
N HIS M 307 -7.68 -40.56 7.31
CA HIS M 307 -6.26 -40.21 7.28
C HIS M 307 -5.67 -39.65 8.59
N LEU M 308 -6.52 -39.24 9.52
CA LEU M 308 -6.05 -38.68 10.81
C LEU M 308 -6.25 -39.68 11.95
N ILE M 309 -5.15 -40.28 12.41
CA ILE M 309 -5.22 -41.32 13.44
C ILE M 309 -4.93 -40.74 14.81
N LYS M 310 -5.84 -40.98 15.75
CA LYS M 310 -5.56 -40.71 17.15
C LYS M 310 -5.42 -42.03 17.88
N THR M 311 -4.34 -42.15 18.64
CA THR M 311 -4.10 -43.30 19.48
C THR M 311 -3.59 -42.86 20.84
N LEU M 312 -4.15 -43.45 21.89
CA LEU M 312 -3.72 -43.16 23.26
C LEU M 312 -2.87 -44.30 23.76
N VAL M 313 -1.65 -43.99 24.18
CA VAL M 313 -0.74 -45.01 24.67
C VAL M 313 -0.38 -44.74 26.11
N TRP M 314 -0.56 -45.76 26.94
CA TRP M 314 -0.12 -45.72 28.34
C TRP M 314 1.31 -46.25 28.46
N CYS M 315 2.03 -45.75 29.46
CA CYS M 315 3.28 -46.38 29.90
C CYS M 315 3.60 -46.05 31.35
N ASP M 316 4.20 -47.01 32.05
CA ASP M 316 4.82 -46.72 33.32
C ASP M 316 6.13 -46.02 32.97
N ASN M 317 6.15 -44.70 33.18
CA ASN M 317 7.27 -43.86 32.74
C ASN M 317 8.64 -44.20 33.36
N GLU M 318 8.66 -45.07 34.36
CA GLU M 318 9.93 -45.47 34.96
C GLU M 318 10.19 -46.96 34.77
N TRP M 319 9.19 -47.78 35.06
CA TRP M 319 9.41 -49.22 35.07
C TRP M 319 9.73 -49.75 33.67
N GLY M 320 8.97 -49.30 32.68
CA GLY M 320 9.19 -49.72 31.30
C GLY M 320 10.60 -49.37 30.90
N PHE M 321 10.96 -48.11 31.09
CA PHE M 321 12.27 -47.62 30.74
C PHE M 321 13.38 -48.39 31.46
N ALA M 322 13.16 -48.66 32.74
CA ALA M 322 14.13 -49.37 33.56
C ALA M 322 14.43 -50.78 33.02
N ASN M 323 13.39 -51.48 32.61
CA ASN M 323 13.57 -52.78 32.00
C ASN M 323 14.25 -52.69 30.63
N ARG M 324 13.98 -51.63 29.88
CA ARG M 324 14.67 -51.41 28.61
C ARG M 324 16.16 -51.11 28.79
N MET M 325 16.50 -50.46 29.89
CA MET M 325 17.89 -50.25 30.23
C MET M 325 18.59 -51.58 30.32
N LEU M 326 17.94 -52.53 30.99
CA LEU M 326 18.50 -53.87 31.17
C LEU M 326 18.54 -54.64 29.87
N ASP M 327 17.49 -54.53 29.07
CA ASP M 327 17.47 -55.18 27.76
C ASP M 327 18.62 -54.68 26.88
N THR M 328 18.77 -53.36 26.81
CA THR M 328 19.82 -52.73 26.01
C THR M 328 21.20 -53.12 26.52
N THR M 329 21.35 -53.14 27.85
CA THR M 329 22.61 -53.55 28.47
C THR M 329 23.03 -54.93 27.99
N LEU M 330 22.12 -55.89 28.08
CA LEU M 330 22.39 -57.24 27.61
C LEU M 330 22.86 -57.27 26.18
N ALA M 331 22.12 -56.59 25.30
CA ALA M 331 22.47 -56.53 23.87
C ALA M 331 23.88 -55.99 23.70
N MET M 332 24.20 -54.94 24.45
CA MET M 332 25.52 -54.32 24.34
C MET M 332 26.63 -55.27 24.74
N ALA M 333 26.42 -56.01 25.82
CA ALA M 333 27.42 -56.92 26.36
C ALA M 333 27.57 -58.16 25.51
N THR M 334 26.53 -58.48 24.75
CA THR M 334 26.47 -59.70 23.92
C THR M 334 26.99 -59.49 22.52
N VAL M 335 26.73 -58.31 21.96
CA VAL M 335 26.99 -58.08 20.55
C VAL M 335 28.36 -58.72 20.19
N ALA M 336 28.31 -59.73 19.33
CA ALA M 336 29.51 -60.43 18.89
C ALA M 336 30.18 -59.60 17.82
N PHE M 337 31.44 -59.92 17.54
CA PHE M 337 32.21 -59.20 16.53
C PHE M 337 32.09 -59.91 15.17
N THR N 1 -38.53 -6.32 32.39
CA THR N 1 -37.63 -7.33 33.06
C THR N 1 -37.90 -8.76 32.58
N VAL N 2 -36.84 -9.49 32.24
CA VAL N 2 -37.05 -10.88 31.83
C VAL N 2 -37.14 -11.74 33.07
N ARG N 3 -38.15 -12.58 33.14
CA ARG N 3 -38.32 -13.42 34.33
C ARG N 3 -38.17 -14.88 34.00
N VAL N 4 -37.22 -15.52 34.67
CA VAL N 4 -36.89 -16.89 34.41
C VAL N 4 -37.17 -17.74 35.61
N ALA N 5 -37.50 -18.98 35.33
CA ALA N 5 -37.59 -20.02 36.33
C ALA N 5 -36.52 -21.04 35.99
N ILE N 6 -36.01 -21.70 37.02
CA ILE N 6 -35.00 -22.75 36.85
C ILE N 6 -35.55 -24.09 37.26
N ASN N 7 -35.59 -25.02 36.32
CA ASN N 7 -35.99 -26.39 36.61
C ASN N 7 -34.74 -27.22 36.82
N GLY N 8 -34.58 -27.69 38.04
CA GLY N 8 -33.39 -28.44 38.41
C GLY N 8 -32.33 -27.52 39.00
N PHE N 9 -32.03 -27.71 40.28
CA PHE N 9 -31.06 -26.89 41.00
C PHE N 9 -29.82 -27.70 41.33
N GLY N 10 -29.27 -28.35 40.30
CA GLY N 10 -28.06 -29.09 40.44
C GLY N 10 -26.88 -28.16 40.38
N ARG N 11 -25.77 -28.68 39.87
CA ARG N 11 -24.55 -27.90 39.76
C ARG N 11 -24.74 -26.72 38.82
N ILE N 12 -25.28 -27.00 37.65
CA ILE N 12 -25.44 -25.98 36.62
C ILE N 12 -26.48 -24.94 37.02
N GLY N 13 -27.62 -25.40 37.50
CA GLY N 13 -28.65 -24.51 37.99
C GLY N 13 -28.18 -23.55 39.06
N ARG N 14 -27.47 -24.08 40.05
CA ARG N 14 -26.90 -23.25 41.09
C ARG N 14 -25.98 -22.16 40.51
N ASN N 15 -25.14 -22.56 39.59
CA ASN N 15 -24.19 -21.65 38.96
C ASN N 15 -24.87 -20.56 38.14
N VAL N 16 -25.91 -20.93 37.41
CA VAL N 16 -26.68 -19.95 36.67
C VAL N 16 -27.16 -18.85 37.61
N VAL N 17 -27.69 -19.21 38.76
CA VAL N 17 -28.12 -18.24 39.75
C VAL N 17 -26.94 -17.41 40.24
N ARG N 18 -25.88 -18.07 40.67
CA ARG N 18 -24.70 -17.33 41.12
C ARG N 18 -24.22 -16.37 40.02
N ALA N 19 -24.18 -16.86 38.79
CA ALA N 19 -23.73 -16.08 37.65
C ALA N 19 -24.60 -14.85 37.41
N LEU N 20 -25.91 -15.03 37.53
CA LEU N 20 -26.85 -13.94 37.35
C LEU N 20 -26.48 -12.73 38.23
N TYR N 21 -26.19 -13.01 39.48
CA TYR N 21 -25.88 -11.96 40.44
C TYR N 21 -24.48 -11.37 40.27
N GLU N 22 -23.49 -12.24 40.17
CA GLU N 22 -22.09 -11.81 40.04
C GLU N 22 -21.85 -11.06 38.74
N SER N 23 -22.40 -11.55 37.63
CA SER N 23 -22.22 -10.84 36.36
C SER N 23 -23.07 -9.58 36.27
N GLY N 24 -24.04 -9.41 37.17
CA GLY N 24 -24.82 -8.16 37.26
C GLY N 24 -25.97 -8.09 36.27
N ARG N 25 -26.24 -9.23 35.64
CA ARG N 25 -27.39 -9.40 34.74
C ARG N 25 -28.70 -9.43 35.53
N ARG N 26 -28.59 -9.32 36.84
CA ARG N 26 -29.73 -9.10 37.71
C ARG N 26 -30.55 -7.90 37.24
N ALA N 27 -29.86 -6.87 36.75
CA ALA N 27 -30.50 -5.69 36.16
C ALA N 27 -31.70 -6.07 35.33
N GLU N 28 -31.55 -7.14 34.56
CA GLU N 28 -32.43 -7.42 33.46
C GLU N 28 -33.16 -8.79 33.55
N ILE N 29 -32.87 -9.59 34.57
CA ILE N 29 -33.49 -10.90 34.73
C ILE N 29 -33.86 -11.13 36.17
N THR N 30 -35.04 -11.68 36.43
CA THR N 30 -35.30 -12.13 37.78
C THR N 30 -35.52 -13.61 37.71
N VAL N 31 -34.84 -14.33 38.60
CA VAL N 31 -35.22 -15.70 38.90
C VAL N 31 -36.39 -15.59 39.87
N VAL N 32 -37.54 -16.12 39.44
CA VAL N 32 -38.76 -16.03 40.22
C VAL N 32 -39.08 -17.35 40.90
N ALA N 33 -38.66 -18.45 40.30
CA ALA N 33 -38.90 -19.76 40.87
C ALA N 33 -37.81 -20.74 40.55
N ILE N 34 -37.53 -21.63 41.50
CA ILE N 34 -36.66 -22.78 41.29
C ILE N 34 -37.43 -24.04 41.66
N ASN N 35 -37.37 -25.05 40.79
CA ASN N 35 -37.96 -26.34 41.06
C ASN N 35 -36.89 -27.42 41.24
N GLU N 36 -36.98 -28.18 42.33
CA GLU N 36 -36.09 -29.35 42.52
C GLU N 36 -36.66 -30.31 43.51
N LEU N 37 -36.38 -31.59 43.27
CA LEU N 37 -36.80 -32.69 44.11
C LEU N 37 -35.79 -32.95 45.24
N ALA N 38 -35.37 -31.87 45.89
CA ALA N 38 -34.33 -31.89 46.91
C ALA N 38 -34.82 -31.04 48.06
N ASP N 39 -34.18 -31.16 49.22
CA ASP N 39 -34.59 -30.43 50.42
C ASP N 39 -34.23 -28.96 50.21
N ALA N 40 -35.19 -28.07 50.47
CA ALA N 40 -35.03 -26.61 50.30
C ALA N 40 -33.85 -26.01 51.04
N ALA N 41 -33.67 -26.38 52.31
CA ALA N 41 -32.50 -25.95 53.10
C ALA N 41 -31.24 -26.58 52.50
N GLY N 42 -31.40 -27.78 51.95
CA GLY N 42 -30.37 -28.38 51.11
C GLY N 42 -29.95 -27.48 49.96
N MET N 43 -30.93 -26.88 49.28
CA MET N 43 -30.64 -26.00 48.15
C MET N 43 -29.94 -24.71 48.58
N ALA N 44 -30.43 -24.11 49.66
CA ALA N 44 -29.86 -22.86 50.17
C ALA N 44 -28.40 -23.05 50.52
N HIS N 45 -28.12 -24.12 51.24
CA HIS N 45 -26.77 -24.43 51.71
C HIS N 45 -25.82 -24.63 50.54
N LEU N 46 -26.14 -25.55 49.65
CA LEU N 46 -25.32 -25.79 48.47
C LEU N 46 -25.16 -24.56 47.55
N LEU N 47 -26.14 -23.66 47.54
CA LEU N 47 -25.98 -22.40 46.79
C LEU N 47 -24.93 -21.51 47.43
N LYS N 48 -24.90 -21.50 48.75
CA LYS N 48 -23.99 -20.64 49.51
C LYS N 48 -22.54 -21.14 49.47
N TYR N 49 -22.35 -22.45 49.58
CA TYR N 49 -21.02 -23.05 49.67
C TYR N 49 -20.74 -23.94 48.44
N ASP N 50 -19.99 -23.42 47.48
CA ASP N 50 -19.56 -24.25 46.35
C ASP N 50 -18.16 -24.77 46.60
N THR N 51 -17.95 -26.01 46.15
CA THR N 51 -16.67 -26.72 46.30
C THR N 51 -15.53 -26.18 45.40
N SER N 52 -15.86 -25.22 44.50
CA SER N 52 -14.97 -24.72 43.43
C SER N 52 -15.00 -23.19 43.23
N HIS N 53 -16.10 -22.53 43.58
CA HIS N 53 -16.31 -21.14 43.17
C HIS N 53 -16.22 -20.13 44.34
N GLY N 54 -16.65 -20.55 45.53
CA GLY N 54 -16.32 -19.81 46.75
C GLY N 54 -17.48 -19.88 47.71
N ARG N 55 -17.35 -19.20 48.85
CA ARG N 55 -18.56 -18.81 49.57
C ARG N 55 -19.22 -17.80 48.67
N PHE N 56 -20.50 -17.98 48.39
CA PHE N 56 -21.25 -17.05 47.57
C PHE N 56 -21.30 -15.70 48.25
N ALA N 57 -20.86 -14.67 47.52
CA ALA N 57 -20.70 -13.31 48.05
C ALA N 57 -22.01 -12.73 48.56
N TRP N 58 -23.12 -13.16 47.97
CA TRP N 58 -24.44 -12.68 48.41
C TRP N 58 -24.95 -13.45 49.63
N GLU N 59 -25.91 -12.84 50.33
CA GLU N 59 -26.46 -13.44 51.54
C GLU N 59 -27.61 -14.37 51.17
N VAL N 60 -27.48 -15.63 51.56
CA VAL N 60 -28.46 -16.69 51.21
C VAL N 60 -29.24 -17.19 52.44
N ARG N 61 -30.56 -17.09 52.40
CA ARG N 61 -31.41 -17.47 53.51
C ARG N 61 -32.51 -18.35 52.97
N GLN N 62 -33.01 -19.28 53.76
CA GLN N 62 -34.05 -20.17 53.26
C GLN N 62 -35.12 -20.33 54.32
N GLU N 63 -36.38 -20.35 53.89
CA GLU N 63 -37.51 -20.26 54.81
C GLU N 63 -38.83 -20.71 54.18
N ARG N 64 -39.44 -21.75 54.73
CA ARG N 64 -40.65 -22.34 54.13
C ARG N 64 -40.38 -22.72 52.67
N ASP N 65 -41.22 -22.28 51.74
CA ASP N 65 -41.03 -22.57 50.30
C ASP N 65 -40.32 -21.41 49.56
N GLN N 66 -39.51 -20.66 50.30
CA GLN N 66 -38.93 -19.40 49.81
C GLN N 66 -37.43 -19.38 50.06
N LEU N 67 -36.68 -19.24 48.97
CA LEU N 67 -35.24 -19.08 49.00
C LEU N 67 -34.93 -17.59 48.81
N PHE N 68 -34.17 -16.99 49.72
CA PHE N 68 -33.76 -15.60 49.51
C PHE N 68 -32.32 -15.52 49.00
N VAL N 69 -32.08 -14.86 47.89
CA VAL N 69 -30.72 -14.59 47.49
C VAL N 69 -30.56 -13.10 47.57
N GLY N 70 -29.68 -12.66 48.46
CA GLY N 70 -29.62 -11.26 48.85
C GLY N 70 -31.02 -10.78 49.23
N ASP N 71 -31.43 -9.67 48.65
CA ASP N 71 -32.74 -9.10 48.98
C ASP N 71 -33.96 -9.81 48.37
N ASP N 72 -33.74 -10.49 47.23
CA ASP N 72 -34.80 -11.08 46.42
C ASP N 72 -35.40 -12.33 47.05
N ALA N 73 -36.67 -12.58 46.79
CA ALA N 73 -37.27 -13.87 47.10
C ALA N 73 -37.31 -14.74 45.84
N ILE N 74 -37.27 -16.04 46.05
CA ILE N 74 -37.46 -16.98 44.97
C ILE N 74 -38.37 -18.06 45.44
N ARG N 75 -39.24 -18.50 44.56
CA ARG N 75 -40.20 -19.49 44.91
C ARG N 75 -39.51 -20.82 44.76
N VAL N 76 -39.61 -21.62 45.82
CA VAL N 76 -39.07 -22.96 45.76
C VAL N 76 -40.21 -23.94 45.57
N LEU N 77 -40.14 -24.69 44.48
CA LEU N 77 -41.15 -25.68 44.16
C LEU N 77 -40.55 -27.07 44.20
N HIS N 78 -41.40 -28.08 44.39
CA HIS N 78 -40.96 -29.49 44.43
C HIS N 78 -41.82 -30.43 43.55
N GLU N 79 -42.09 -30.03 42.30
CA GLU N 79 -42.96 -30.79 41.39
C GLU N 79 -42.26 -31.93 40.67
N ARG N 80 -42.64 -33.16 41.02
CA ARG N 80 -42.14 -34.43 40.40
C ARG N 80 -42.49 -34.59 38.91
N SER N 81 -43.30 -33.66 38.37
CA SER N 81 -43.79 -33.71 36.98
C SER N 81 -43.98 -32.33 36.34
N LEU N 82 -43.76 -32.25 35.04
CA LEU N 82 -43.73 -30.97 34.30
C LEU N 82 -45.07 -30.27 34.12
N GLN N 83 -46.14 -31.06 34.11
CA GLN N 83 -47.47 -30.55 33.80
C GLN N 83 -47.97 -29.61 34.89
N SER N 84 -47.67 -29.94 36.15
CA SER N 84 -48.16 -29.22 37.35
C SER N 84 -47.30 -28.01 37.77
N LEU N 85 -46.40 -27.58 36.90
CA LEU N 85 -45.55 -26.42 37.18
C LEU N 85 -46.31 -25.11 36.98
N PRO N 86 -46.32 -24.24 38.00
CA PRO N 86 -47.09 -22.99 37.95
C PRO N 86 -46.41 -21.89 37.16
N TRP N 87 -45.95 -22.19 35.94
CA TRP N 87 -45.24 -21.20 35.15
C TRP N 87 -46.15 -20.05 34.75
N ARG N 88 -47.38 -20.38 34.37
CA ARG N 88 -48.38 -19.38 34.00
C ARG N 88 -48.64 -18.42 35.15
N GLU N 89 -48.90 -18.97 36.32
CA GLU N 89 -49.13 -18.18 37.53
C GLU N 89 -48.01 -17.20 37.84
N LEU N 90 -46.77 -17.57 37.50
CA LEU N 90 -45.57 -16.75 37.82
C LEU N 90 -45.09 -15.86 36.67
N GLY N 91 -45.71 -16.04 35.51
CA GLY N 91 -45.43 -15.19 34.34
C GLY N 91 -44.07 -15.46 33.72
N VAL N 92 -43.62 -16.68 33.83
CA VAL N 92 -42.29 -17.07 33.36
C VAL N 92 -42.08 -16.83 31.85
N ASP N 93 -41.08 -16.02 31.52
CA ASP N 93 -40.73 -15.72 30.13
C ASP N 93 -39.86 -16.81 29.54
N VAL N 94 -38.87 -17.26 30.30
CA VAL N 94 -38.05 -18.42 29.88
C VAL N 94 -37.84 -19.37 31.05
N VAL N 95 -37.98 -20.66 30.77
CA VAL N 95 -37.59 -21.68 31.71
C VAL N 95 -36.24 -22.23 31.31
N LEU N 96 -35.28 -22.11 32.22
CA LEU N 96 -33.99 -22.75 32.06
C LEU N 96 -34.09 -24.09 32.73
N ASP N 97 -34.10 -25.15 31.93
CA ASP N 97 -34.17 -26.51 32.47
C ASP N 97 -32.79 -27.11 32.61
N CYS N 98 -32.34 -27.22 33.85
CA CYS N 98 -30.99 -27.67 34.16
C CYS N 98 -31.05 -28.98 34.94
N THR N 99 -32.08 -29.78 34.67
CA THR N 99 -32.27 -31.04 35.37
C THR N 99 -31.34 -32.09 34.80
N GLY N 100 -31.07 -31.98 33.50
CA GLY N 100 -30.28 -32.97 32.81
C GLY N 100 -31.08 -34.22 32.48
N VAL N 101 -32.30 -34.35 33.00
CA VAL N 101 -33.20 -35.45 32.64
C VAL N 101 -34.08 -35.07 31.44
N TYR N 102 -34.69 -33.89 31.47
CA TYR N 102 -35.59 -33.44 30.41
C TYR N 102 -34.81 -32.88 29.24
N GLY N 103 -35.29 -33.13 28.02
CA GLY N 103 -34.61 -32.64 26.82
C GLY N 103 -35.23 -32.81 25.44
N SER N 104 -36.42 -33.41 25.34
CA SER N 104 -37.10 -33.49 24.04
C SER N 104 -37.98 -32.26 23.76
N ARG N 105 -38.61 -32.25 22.58
CA ARG N 105 -39.69 -31.31 22.26
C ARG N 105 -40.77 -31.42 23.29
N GLU N 106 -41.21 -32.66 23.53
CA GLU N 106 -42.41 -32.88 24.31
C GLU N 106 -42.24 -32.26 25.68
N HIS N 107 -41.06 -32.43 26.24
CA HIS N 107 -40.73 -31.82 27.51
C HIS N 107 -40.80 -30.31 27.41
N GLY N 108 -40.30 -29.78 26.30
CA GLY N 108 -40.42 -28.36 25.98
C GLY N 108 -41.88 -27.93 25.92
N GLU N 109 -42.65 -28.62 25.11
CA GLU N 109 -44.08 -28.33 24.96
C GLU N 109 -44.75 -28.34 26.32
N ALA N 110 -44.41 -29.33 27.14
CA ALA N 110 -44.96 -29.47 28.50
C ALA N 110 -44.71 -28.25 29.37
N HIS N 111 -43.49 -27.73 29.30
CA HIS N 111 -43.11 -26.50 30.02
C HIS N 111 -43.95 -25.33 29.53
N ILE N 112 -44.06 -25.21 28.22
CA ILE N 112 -44.85 -24.14 27.61
C ILE N 112 -46.32 -24.27 27.98
N ALA N 113 -46.85 -25.47 27.83
CA ALA N 113 -48.20 -25.81 28.29
C ALA N 113 -48.44 -25.36 29.72
N ALA N 114 -47.46 -25.61 30.58
CA ALA N 114 -47.56 -25.24 32.01
C ALA N 114 -47.49 -23.72 32.23
N GLY N 115 -47.15 -22.98 31.17
CA GLY N 115 -47.30 -21.51 31.15
C GLY N 115 -46.07 -20.69 30.81
N ALA N 116 -45.03 -21.37 30.34
CA ALA N 116 -43.76 -20.73 30.07
C ALA N 116 -43.71 -20.36 28.60
N LYS N 117 -43.29 -19.14 28.30
CA LYS N 117 -43.26 -18.67 26.93
C LYS N 117 -42.24 -19.46 26.11
N LYS N 118 -41.03 -19.59 26.65
CA LYS N 118 -39.94 -20.32 25.99
C LYS N 118 -39.16 -21.22 26.96
N VAL N 119 -38.43 -22.16 26.38
CA VAL N 119 -37.65 -23.13 27.13
C VAL N 119 -36.20 -23.15 26.63
N LEU N 120 -35.27 -23.23 27.58
CA LEU N 120 -33.84 -23.38 27.27
C LEU N 120 -33.23 -24.53 28.04
N PHE N 121 -32.72 -25.51 27.32
CA PHE N 121 -32.11 -26.67 27.95
C PHE N 121 -30.62 -26.50 28.15
N SER N 122 -30.15 -26.93 29.32
CA SER N 122 -28.73 -26.84 29.69
C SER N 122 -27.89 -27.97 29.09
N HIS N 123 -28.34 -28.55 27.98
CA HIS N 123 -27.61 -29.60 27.28
C HIS N 123 -28.13 -29.70 25.85
N PRO N 124 -27.56 -30.58 24.99
CA PRO N 124 -28.03 -30.56 23.60
C PRO N 124 -29.43 -31.12 23.43
N GLY N 125 -29.76 -32.16 24.19
CA GLY N 125 -31.03 -32.85 24.08
C GLY N 125 -31.16 -33.65 22.80
N SER N 126 -32.38 -34.07 22.51
CA SER N 126 -32.69 -34.73 21.25
C SER N 126 -32.43 -33.75 20.10
N ASN N 127 -32.59 -34.23 18.86
CA ASN N 127 -32.04 -33.54 17.67
C ASN N 127 -32.99 -32.63 16.86
N ASP N 128 -34.25 -32.56 17.28
CA ASP N 128 -35.26 -31.83 16.52
C ASP N 128 -35.83 -30.61 17.26
N LEU N 129 -35.01 -29.95 18.08
CA LEU N 129 -35.51 -28.78 18.77
C LEU N 129 -35.44 -27.59 17.83
N ASP N 130 -36.10 -26.51 18.20
CA ASP N 130 -36.18 -25.36 17.32
C ASP N 130 -34.79 -24.82 16.97
N ALA N 131 -33.91 -24.75 17.97
CA ALA N 131 -32.58 -24.14 17.81
C ALA N 131 -31.54 -24.62 18.85
N THR N 132 -30.30 -24.80 18.39
CA THR N 132 -29.16 -25.05 19.25
C THR N 132 -28.22 -23.85 19.18
N VAL N 133 -28.07 -23.15 20.29
CA VAL N 133 -27.29 -21.91 20.33
C VAL N 133 -25.95 -22.07 21.07
N VAL N 134 -24.86 -21.92 20.31
CA VAL N 134 -23.54 -21.76 20.89
C VAL N 134 -23.28 -20.26 20.86
N TYR N 135 -23.63 -19.60 21.95
CA TYR N 135 -23.64 -18.15 21.99
C TYR N 135 -22.31 -17.57 21.58
N GLY N 136 -22.37 -16.58 20.69
CA GLY N 136 -21.18 -15.92 20.12
C GLY N 136 -20.89 -16.39 18.72
N VAL N 137 -21.51 -17.50 18.33
CA VAL N 137 -21.32 -18.06 17.00
C VAL N 137 -22.59 -17.95 16.18
N ASN N 138 -23.71 -18.45 16.71
CA ASN N 138 -24.97 -18.45 15.96
C ASN N 138 -26.20 -17.96 16.72
N GLN N 139 -26.04 -17.03 17.63
CA GLN N 139 -27.19 -16.46 18.34
C GLN N 139 -28.02 -15.59 17.41
N ASP N 140 -27.37 -15.02 16.40
CA ASP N 140 -28.05 -14.22 15.35
C ASP N 140 -29.09 -15.04 14.55
N GLN N 141 -28.98 -16.36 14.57
CA GLN N 141 -29.96 -17.25 13.92
C GLN N 141 -31.17 -17.58 14.78
N LEU N 142 -31.24 -16.95 15.97
CA LEU N 142 -32.46 -16.95 16.77
C LEU N 142 -33.52 -16.10 16.08
N ARG N 143 -34.75 -16.62 16.07
CA ARG N 143 -35.95 -15.90 15.66
C ARG N 143 -36.90 -16.12 16.82
N ALA N 144 -37.87 -15.24 17.05
CA ALA N 144 -38.77 -15.44 18.20
C ALA N 144 -39.66 -16.69 18.05
N GLU N 145 -39.65 -17.35 16.88
CA GLU N 145 -40.36 -18.66 16.67
C GLU N 145 -39.67 -19.85 17.33
N HIS N 146 -38.40 -19.72 17.66
CA HIS N 146 -37.67 -20.78 18.33
C HIS N 146 -37.98 -20.67 19.84
N ARG N 147 -38.82 -21.59 20.32
CA ARG N 147 -39.37 -21.54 21.68
C ARG N 147 -38.79 -22.63 22.57
N ILE N 148 -38.33 -23.71 21.94
CA ILE N 148 -37.65 -24.78 22.63
C ILE N 148 -36.24 -24.88 22.08
N VAL N 149 -35.26 -24.38 22.84
CA VAL N 149 -33.90 -24.35 22.34
C VAL N 149 -32.90 -24.98 23.31
N SER N 150 -31.81 -25.52 22.73
CA SER N 150 -30.70 -26.15 23.46
C SER N 150 -29.51 -25.20 23.49
N ASN N 151 -28.75 -25.23 24.59
CA ASN N 151 -27.57 -24.35 24.74
C ASN N 151 -26.26 -25.06 24.46
N ALA N 152 -26.34 -26.20 23.76
CA ALA N 152 -25.19 -27.08 23.54
C ALA N 152 -24.67 -27.61 24.87
N SER N 153 -23.43 -28.11 24.92
CA SER N 153 -22.80 -28.51 26.20
C SER N 153 -21.65 -27.58 26.50
N CYS N 154 -21.12 -27.64 27.71
CA CYS N 154 -20.01 -26.77 28.10
C CYS N 154 -18.78 -27.03 27.24
N THR N 155 -18.52 -28.28 26.91
CA THR N 155 -17.36 -28.61 26.08
C THR N 155 -17.56 -28.19 24.60
N THR N 156 -18.74 -28.44 24.06
CA THR N 156 -19.04 -27.95 22.70
C THR N 156 -19.04 -26.44 22.68
N ASN N 157 -19.59 -25.82 23.72
CA ASN N 157 -19.60 -24.35 23.81
C ASN N 157 -18.20 -23.77 23.93
N CYS N 158 -17.29 -24.57 24.48
CA CYS N 158 -15.91 -24.17 24.60
C CYS N 158 -15.14 -24.22 23.27
N ILE N 159 -15.26 -25.34 22.55
CA ILE N 159 -14.41 -25.58 21.38
C ILE N 159 -15.02 -25.14 20.04
N ILE N 160 -16.34 -25.16 19.93
CA ILE N 160 -17.00 -24.76 18.67
C ILE N 160 -16.51 -23.38 18.17
N PRO N 161 -16.48 -22.35 19.04
CA PRO N 161 -16.04 -21.06 18.56
C PRO N 161 -14.68 -21.11 17.91
N VAL N 162 -13.75 -21.85 18.53
CA VAL N 162 -12.40 -22.00 17.99
C VAL N 162 -12.44 -22.73 16.65
N ILE N 163 -13.19 -23.81 16.58
CA ILE N 163 -13.27 -24.58 15.33
C ILE N 163 -13.81 -23.71 14.21
N LYS N 164 -14.77 -22.85 14.54
CA LYS N 164 -15.30 -21.92 13.53
C LYS N 164 -14.20 -20.99 13.06
N LEU N 165 -13.60 -20.28 13.99
CA LEU N 165 -12.54 -19.34 13.67
C LEU N 165 -11.49 -20.00 12.77
N LEU N 166 -11.11 -21.23 13.09
CA LEU N 166 -10.06 -21.90 12.34
C LEU N 166 -10.57 -22.34 10.97
N ASP N 167 -11.79 -22.83 10.92
CA ASP N 167 -12.38 -23.27 9.65
C ASP N 167 -12.55 -22.10 8.67
N ASP N 168 -13.10 -21.00 9.16
CA ASP N 168 -13.28 -19.79 8.38
C ASP N 168 -11.96 -19.31 7.78
N ALA N 169 -10.91 -19.32 8.60
CA ALA N 169 -9.63 -18.77 8.18
C ALA N 169 -8.80 -19.72 7.29
N TYR N 170 -8.87 -21.03 7.52
CA TYR N 170 -7.94 -21.96 6.88
C TYR N 170 -8.58 -23.18 6.23
N GLY N 171 -9.87 -23.39 6.52
CA GLY N 171 -10.61 -24.50 5.92
C GLY N 171 -10.22 -25.83 6.49
N ILE N 172 -10.93 -26.27 7.52
CA ILE N 172 -10.62 -27.51 8.22
C ILE N 172 -11.03 -28.71 7.38
N GLU N 173 -10.12 -29.65 7.23
CA GLU N 173 -10.33 -30.83 6.38
C GLU N 173 -10.77 -32.01 7.24
N SER N 174 -10.13 -32.14 8.41
CA SER N 174 -10.55 -33.11 9.41
C SER N 174 -10.00 -32.72 10.76
N GLY N 175 -10.59 -33.29 11.82
CA GLY N 175 -10.20 -32.93 13.18
C GLY N 175 -10.28 -34.07 14.18
N THR N 176 -9.49 -33.94 15.24
CA THR N 176 -9.50 -34.90 16.34
C THR N 176 -9.31 -34.12 17.65
N VAL N 177 -10.00 -34.54 18.70
CA VAL N 177 -9.99 -33.80 19.96
C VAL N 177 -9.71 -34.70 21.14
N THR N 178 -8.97 -34.17 22.11
CA THR N 178 -8.84 -34.82 23.40
C THR N 178 -9.23 -33.83 24.46
N THR N 179 -10.15 -34.24 25.32
CA THR N 179 -10.63 -33.39 26.40
C THR N 179 -10.06 -33.91 27.70
N ILE N 180 -9.47 -33.02 28.48
CA ILE N 180 -8.98 -33.39 29.80
C ILE N 180 -9.88 -32.78 30.85
N HIS N 181 -10.76 -33.62 31.40
CA HIS N 181 -11.78 -33.21 32.37
C HIS N 181 -11.23 -33.18 33.79
N SER N 182 -11.72 -32.25 34.59
CA SER N 182 -11.45 -32.27 36.03
C SER N 182 -12.52 -33.15 36.73
N ALA N 183 -12.40 -33.29 38.05
CA ALA N 183 -13.35 -34.11 38.82
C ALA N 183 -14.34 -33.26 39.61
N ASP N 196 -20.54 -48.80 33.01
CA ASP N 196 -19.12 -48.81 32.62
C ASP N 196 -18.18 -49.11 33.81
N LEU N 197 -17.26 -50.08 33.63
CA LEU N 197 -16.39 -50.55 34.74
C LEU N 197 -15.17 -49.64 35.01
N ARG N 198 -14.73 -48.87 34.01
CA ARG N 198 -13.75 -47.79 34.23
C ARG N 198 -14.36 -46.92 35.33
N ARG N 199 -15.63 -46.57 35.12
CA ARG N 199 -16.44 -45.70 35.99
C ARG N 199 -16.40 -45.97 37.53
N THR N 200 -16.28 -47.22 37.97
CA THR N 200 -16.58 -47.58 39.38
C THR N 200 -15.44 -47.45 40.45
N ARG N 201 -14.21 -47.13 40.05
CA ARG N 201 -13.05 -47.21 40.98
C ARG N 201 -12.44 -45.84 41.36
N ALA N 202 -11.32 -45.89 42.12
CA ALA N 202 -10.75 -44.71 42.80
C ALA N 202 -10.30 -43.55 41.88
N ALA N 203 -11.12 -42.51 41.81
CA ALA N 203 -10.82 -41.27 41.06
C ALA N 203 -9.55 -40.47 41.49
N SER N 204 -9.21 -40.48 42.80
CA SER N 204 -8.22 -39.54 43.41
C SER N 204 -6.74 -39.65 42.96
N GLN N 205 -6.39 -40.66 42.19
CA GLN N 205 -5.00 -40.80 41.76
C GLN N 205 -4.83 -41.36 40.36
N SER N 206 -5.84 -41.26 39.51
CA SER N 206 -5.69 -41.83 38.17
C SER N 206 -6.21 -40.98 37.02
N ILE N 207 -5.55 -41.12 35.87
CA ILE N 207 -6.09 -40.68 34.61
C ILE N 207 -7.13 -41.72 34.23
N ILE N 208 -8.38 -41.30 34.07
CA ILE N 208 -9.46 -42.23 33.72
C ILE N 208 -10.06 -41.83 32.39
N PRO N 209 -9.99 -42.71 31.38
CA PRO N 209 -10.70 -42.45 30.13
C PRO N 209 -12.19 -42.56 30.34
N VAL N 210 -12.96 -41.69 29.69
CA VAL N 210 -14.40 -41.63 29.88
C VAL N 210 -15.07 -41.53 28.53
N ASP N 211 -16.37 -41.81 28.51
CA ASP N 211 -17.19 -41.60 27.34
C ASP N 211 -17.35 -40.09 27.16
N THR N 212 -17.29 -39.65 25.90
CA THR N 212 -17.42 -38.22 25.56
C THR N 212 -18.41 -38.03 24.40
N LYS N 213 -19.18 -36.93 24.46
CA LYS N 213 -20.20 -36.67 23.45
C LYS N 213 -19.73 -35.65 22.41
N LEU N 214 -18.53 -35.10 22.60
CA LEU N 214 -18.07 -33.98 21.77
C LEU N 214 -17.91 -34.36 20.27
N ALA N 215 -17.74 -35.64 19.97
CA ALA N 215 -17.87 -36.16 18.60
C ALA N 215 -19.16 -35.63 17.95
N ALA N 216 -20.27 -36.16 18.46
CA ALA N 216 -21.59 -35.82 17.96
C ALA N 216 -21.76 -34.31 17.94
N GLY N 217 -21.46 -33.67 19.06
CA GLY N 217 -21.81 -32.26 19.23
C GLY N 217 -21.24 -31.37 18.14
N ILE N 218 -20.00 -31.64 17.74
CA ILE N 218 -19.33 -30.84 16.71
C ILE N 218 -19.94 -31.08 15.33
N THR N 219 -20.05 -32.35 14.95
CA THR N 219 -20.59 -32.75 13.64
C THR N 219 -22.06 -32.39 13.49
N ARG N 220 -22.77 -32.32 14.62
CA ARG N 220 -24.13 -31.84 14.60
C ARG N 220 -24.17 -30.34 14.27
N PHE N 221 -23.37 -29.57 14.98
CA PHE N 221 -23.30 -28.13 14.74
C PHE N 221 -22.67 -27.80 13.38
N PHE N 222 -21.69 -28.60 12.97
CA PHE N 222 -21.03 -28.45 11.66
C PHE N 222 -21.23 -29.73 10.86
N PRO N 223 -22.36 -29.86 10.17
CA PRO N 223 -22.62 -31.11 9.45
C PRO N 223 -21.60 -31.45 8.36
N GLN N 224 -20.91 -30.43 7.83
CA GLN N 224 -19.85 -30.64 6.84
C GLN N 224 -18.69 -31.50 7.37
N PHE N 225 -18.72 -31.82 8.67
CA PHE N 225 -17.64 -32.59 9.31
C PHE N 225 -18.01 -34.05 9.66
N ASN N 226 -19.16 -34.51 9.21
CA ASN N 226 -19.50 -35.91 9.42
C ASN N 226 -18.40 -36.80 8.90
N ASP N 227 -18.06 -37.83 9.67
CA ASP N 227 -16.93 -38.72 9.33
C ASP N 227 -15.61 -37.97 9.08
N ARG N 228 -15.43 -36.86 9.79
CA ARG N 228 -14.20 -36.08 9.71
C ARG N 228 -13.74 -35.62 11.08
N PHE N 229 -14.50 -35.94 12.11
CA PHE N 229 -14.17 -35.57 13.46
C PHE N 229 -14.34 -36.74 14.41
N GLU N 230 -13.39 -36.89 15.32
CA GLU N 230 -13.46 -37.87 16.39
C GLU N 230 -13.04 -37.22 17.70
N ALA N 231 -13.32 -37.89 18.80
CA ALA N 231 -12.98 -37.34 20.11
C ALA N 231 -12.77 -38.43 21.14
N ILE N 232 -11.82 -38.21 22.03
CA ILE N 232 -11.66 -39.01 23.23
C ILE N 232 -11.62 -38.07 24.40
N ALA N 233 -11.66 -38.62 25.61
CA ALA N 233 -11.58 -37.78 26.82
C ALA N 233 -11.07 -38.55 28.02
N VAL N 234 -10.41 -37.83 28.93
CA VAL N 234 -9.97 -38.41 30.18
C VAL N 234 -10.31 -37.51 31.34
N ARG N 235 -10.52 -38.15 32.49
CA ARG N 235 -10.78 -37.45 33.75
C ARG N 235 -9.51 -37.55 34.62
N VAL N 236 -9.06 -36.41 35.11
CA VAL N 236 -7.92 -36.34 36.02
C VAL N 236 -8.37 -35.65 37.29
N PRO N 237 -7.70 -35.92 38.42
CA PRO N 237 -8.12 -35.37 39.71
C PRO N 237 -7.71 -33.94 39.98
N THR N 238 -8.06 -33.04 39.06
CA THR N 238 -7.85 -31.63 39.28
C THR N 238 -9.17 -30.96 39.59
N ILE N 239 -9.10 -29.68 39.91
CA ILE N 239 -10.27 -28.90 40.33
C ILE N 239 -10.85 -28.03 39.19
N ASN N 240 -12.12 -28.26 38.88
CA ASN N 240 -12.98 -27.28 38.18
C ASN N 240 -12.71 -26.92 36.69
N VAL N 241 -11.45 -26.76 36.32
CA VAL N 241 -11.12 -26.31 34.96
C VAL N 241 -10.78 -27.45 34.01
N THR N 242 -11.27 -27.34 32.79
CA THR N 242 -11.13 -28.36 31.76
C THR N 242 -10.23 -27.87 30.63
N ALA N 243 -9.42 -28.78 30.08
CA ALA N 243 -8.50 -28.47 28.98
C ALA N 243 -8.91 -29.27 27.75
N ILE N 244 -8.99 -28.59 26.63
CA ILE N 244 -9.37 -29.23 25.39
C ILE N 244 -8.23 -29.13 24.42
N ASP N 245 -7.77 -30.28 23.97
CA ASP N 245 -6.61 -30.40 23.12
C ASP N 245 -7.08 -30.73 21.69
N LEU N 246 -7.12 -29.68 20.87
CA LEU N 246 -7.72 -29.78 19.52
C LEU N 246 -6.68 -29.91 18.46
N SER N 247 -6.87 -30.88 17.58
CA SER N 247 -5.96 -31.06 16.45
C SER N 247 -6.75 -31.08 15.14
N VAL N 248 -6.38 -30.19 14.22
CA VAL N 248 -7.06 -30.12 12.92
C VAL N 248 -6.09 -30.07 11.75
N THR N 249 -6.48 -30.70 10.65
CA THR N 249 -5.82 -30.52 9.35
C THR N 249 -6.53 -29.38 8.61
N VAL N 250 -5.74 -28.50 7.99
CA VAL N 250 -6.28 -27.40 7.21
C VAL N 250 -5.73 -27.37 5.79
N LYS N 251 -6.47 -26.71 4.90
CA LYS N 251 -6.08 -26.55 3.51
C LYS N 251 -4.98 -25.49 3.38
N LYS N 252 -5.28 -24.29 3.86
CA LYS N 252 -4.36 -23.15 3.75
C LYS N 252 -3.10 -23.44 4.59
N PRO N 253 -1.89 -23.25 4.03
CA PRO N 253 -0.67 -23.43 4.84
C PRO N 253 -0.54 -22.37 5.91
N VAL N 254 -0.11 -22.78 7.11
CA VAL N 254 -0.05 -21.86 8.24
C VAL N 254 1.11 -22.10 9.17
N LYS N 255 1.44 -21.06 9.92
CA LYS N 255 2.47 -21.10 10.95
C LYS N 255 1.85 -20.85 12.33
N ALA N 256 2.47 -21.41 13.37
CA ALA N 256 1.95 -21.34 14.74
C ALA N 256 1.54 -19.94 15.15
N ASN N 257 2.40 -18.95 14.93
CA ASN N 257 2.13 -17.57 15.39
C ASN N 257 1.06 -16.85 14.56
N GLU N 258 0.87 -17.25 13.30
CA GLU N 258 -0.23 -16.72 12.47
C GLU N 258 -1.57 -17.13 13.09
N VAL N 259 -1.68 -18.42 13.38
CA VAL N 259 -2.83 -18.99 14.07
C VAL N 259 -3.08 -18.24 15.38
N ASN N 260 -2.03 -18.05 16.17
CA ASN N 260 -2.15 -17.29 17.42
C ASN N 260 -2.64 -15.88 17.18
N LEU N 261 -2.14 -15.25 16.13
CA LEU N 261 -2.52 -13.86 15.83
C LEU N 261 -4.00 -13.79 15.45
N LEU N 262 -4.44 -14.73 14.63
CA LEU N 262 -5.85 -14.84 14.27
C LEU N 262 -6.73 -14.92 15.51
N LEU N 263 -6.41 -15.88 16.38
CA LEU N 263 -7.18 -16.13 17.60
C LEU N 263 -7.15 -14.96 18.57
N GLN N 264 -5.97 -14.37 18.74
CA GLN N 264 -5.84 -13.19 19.57
C GLN N 264 -6.71 -12.03 19.06
N LYS N 265 -6.75 -11.86 17.76
CA LYS N 265 -7.57 -10.80 17.15
C LYS N 265 -9.06 -11.06 17.40
N ALA N 266 -9.46 -12.31 17.22
CA ALA N 266 -10.84 -12.72 17.50
C ALA N 266 -11.23 -12.37 18.94
N ALA N 267 -10.33 -12.66 19.88
CA ALA N 267 -10.57 -12.44 21.31
C ALA N 267 -10.74 -10.97 21.63
N GLN N 268 -10.04 -10.14 20.84
CA GLN N 268 -10.10 -8.67 20.93
C GLN N 268 -11.31 -8.06 20.19
N GLY N 269 -11.78 -8.77 19.15
CA GLY N 269 -12.84 -8.29 18.24
C GLY N 269 -14.17 -9.02 18.29
N ALA N 270 -14.45 -9.78 17.23
CA ALA N 270 -15.74 -10.47 17.04
C ALA N 270 -16.16 -11.35 18.23
N PHE N 271 -15.18 -11.94 18.92
CA PHE N 271 -15.46 -12.91 19.98
C PHE N 271 -15.09 -12.38 21.38
N HIS N 272 -15.06 -11.06 21.51
CA HIS N 272 -14.76 -10.45 22.81
C HIS N 272 -15.78 -10.92 23.81
N GLY N 273 -15.31 -11.33 24.98
CA GLY N 273 -16.20 -11.81 26.05
C GLY N 273 -16.57 -13.28 25.96
N ILE N 274 -16.40 -13.87 24.77
CA ILE N 274 -16.71 -15.27 24.55
C ILE N 274 -15.44 -16.08 24.47
N VAL N 275 -14.53 -15.69 23.59
CA VAL N 275 -13.21 -16.30 23.51
C VAL N 275 -12.16 -15.34 24.06
N ASP N 276 -11.23 -15.89 24.85
CA ASP N 276 -10.09 -15.12 25.31
C ASP N 276 -8.80 -15.77 24.84
N TYR N 277 -7.73 -14.99 24.84
CA TYR N 277 -6.41 -15.43 24.40
C TYR N 277 -5.36 -15.02 25.41
N THR N 278 -4.43 -15.91 25.67
CA THR N 278 -3.36 -15.60 26.60
C THR N 278 -2.05 -16.27 26.23
N GLU N 279 -0.97 -15.55 26.51
CA GLU N 279 0.40 -16.04 26.34
C GLU N 279 1.13 -16.10 27.68
N LEU N 280 0.47 -15.66 28.73
CA LEU N 280 1.04 -15.69 30.07
C LEU N 280 1.30 -17.14 30.48
N PRO N 281 2.25 -17.34 31.40
CA PRO N 281 2.50 -18.68 31.92
C PRO N 281 1.53 -19.02 33.04
N LEU N 282 0.43 -19.66 32.67
CA LEU N 282 -0.62 -19.96 33.63
C LEU N 282 -0.89 -21.45 33.71
N VAL N 283 -1.62 -21.83 34.75
CA VAL N 283 -2.06 -23.20 34.99
C VAL N 283 -3.58 -23.23 35.14
N SER N 284 -4.16 -24.43 35.07
CA SER N 284 -5.62 -24.55 34.89
C SER N 284 -6.41 -23.69 35.89
N VAL N 285 -6.06 -23.80 37.17
CA VAL N 285 -6.78 -23.08 38.23
C VAL N 285 -6.84 -21.56 38.05
N ASP N 286 -5.99 -21.02 37.18
CA ASP N 286 -6.01 -19.59 36.94
C ASP N 286 -7.21 -19.16 36.13
N PHE N 287 -7.85 -20.13 35.47
CA PHE N 287 -9.05 -19.87 34.69
C PHE N 287 -10.32 -20.24 35.46
N ASN N 288 -10.15 -20.60 36.72
CA ASN N 288 -11.26 -20.83 37.63
C ASN N 288 -12.10 -19.57 37.70
N HIS N 289 -13.40 -19.72 37.51
CA HIS N 289 -14.32 -18.59 37.59
C HIS N 289 -14.11 -17.58 36.43
N ASP N 290 -13.61 -18.06 35.31
CA ASP N 290 -13.48 -17.22 34.14
C ASP N 290 -14.72 -17.38 33.26
N PRO N 291 -15.45 -16.26 33.03
CA PRO N 291 -16.71 -16.22 32.26
C PRO N 291 -16.60 -16.53 30.78
N HIS N 292 -15.41 -16.56 30.23
CA HIS N 292 -15.24 -16.88 28.80
C HIS N 292 -15.64 -18.31 28.53
N SER N 293 -16.20 -18.56 27.35
CA SER N 293 -16.52 -19.91 26.91
C SER N 293 -15.25 -20.72 26.70
N ALA N 294 -14.20 -20.03 26.28
CA ALA N 294 -12.93 -20.63 25.92
C ALA N 294 -11.80 -19.62 26.08
N ILE N 295 -10.69 -20.08 26.65
CA ILE N 295 -9.47 -19.28 26.69
C ILE N 295 -8.39 -20.02 25.95
N VAL N 296 -7.86 -19.42 24.90
CA VAL N 296 -6.84 -20.07 24.08
C VAL N 296 -5.46 -19.82 24.68
N ASP N 297 -4.69 -20.88 24.83
CA ASP N 297 -3.33 -20.77 25.38
C ASP N 297 -2.33 -20.69 24.23
N GLY N 298 -1.93 -19.46 23.90
CA GLY N 298 -1.03 -19.20 22.78
C GLY N 298 0.26 -19.99 22.83
N THR N 299 0.78 -20.13 24.04
CA THR N 299 2.07 -20.80 24.27
C THR N 299 2.05 -22.29 23.91
N GLN N 300 0.86 -22.84 23.73
CA GLN N 300 0.74 -24.26 23.41
C GLN N 300 0.40 -24.53 21.96
N THR N 301 0.20 -23.48 21.19
CA THR N 301 -0.15 -23.62 19.77
C THR N 301 1.01 -24.20 19.01
N ARG N 302 0.73 -25.13 18.13
CA ARG N 302 1.76 -25.75 17.30
C ARG N 302 1.21 -25.97 15.91
N VAL N 303 2.10 -26.05 14.92
CA VAL N 303 1.70 -26.48 13.58
C VAL N 303 2.73 -27.46 13.06
N SER N 304 2.26 -28.65 12.68
CA SER N 304 3.12 -29.73 12.17
C SER N 304 3.06 -29.76 10.65
N GLY N 305 4.21 -29.62 10.01
CA GLY N 305 4.24 -29.30 8.60
C GLY N 305 3.68 -27.90 8.52
N ALA N 306 2.79 -27.67 7.56
CA ALA N 306 2.12 -26.36 7.44
C ALA N 306 0.61 -26.50 7.60
N HIS N 307 0.16 -27.71 7.91
CA HIS N 307 -1.24 -28.09 7.75
C HIS N 307 -1.91 -28.73 8.98
N LEU N 308 -1.14 -29.19 9.97
CA LEU N 308 -1.69 -29.84 11.19
C LEU N 308 -1.57 -28.92 12.41
N ILE N 309 -2.71 -28.36 12.82
CA ILE N 309 -2.73 -27.38 13.90
C ILE N 309 -3.07 -28.06 15.20
N LYS N 310 -2.24 -27.88 16.22
CA LYS N 310 -2.63 -28.22 17.59
C LYS N 310 -2.85 -26.95 18.38
N THR N 311 -3.98 -26.91 19.07
CA THR N 311 -4.27 -25.79 19.96
C THR N 311 -4.86 -26.33 21.26
N LEU N 312 -4.40 -25.79 22.37
CA LEU N 312 -4.92 -26.16 23.68
C LEU N 312 -5.81 -25.04 24.16
N VAL N 313 -7.06 -25.37 24.48
CA VAL N 313 -8.01 -24.38 24.97
C VAL N 313 -8.49 -24.74 26.37
N TRP N 314 -8.37 -23.78 27.27
CA TRP N 314 -8.90 -23.92 28.64
C TRP N 314 -10.33 -23.41 28.70
N CYS N 315 -11.11 -23.97 29.63
CA CYS N 315 -12.40 -23.39 30.01
C CYS N 315 -12.81 -23.81 31.40
N ASP N 316 -13.48 -22.93 32.10
CA ASP N 316 -14.21 -23.30 33.30
C ASP N 316 -15.48 -24.00 32.81
N ASN N 317 -15.50 -25.32 32.94
CA ASN N 317 -16.56 -26.17 32.38
C ASN N 317 -17.95 -25.87 32.92
N GLU N 318 -18.04 -25.09 33.99
CA GLU N 318 -19.34 -24.74 34.53
C GLU N 318 -19.65 -23.24 34.40
N TRP N 319 -18.71 -22.41 34.82
CA TRP N 319 -18.95 -20.98 34.89
C TRP N 319 -19.18 -20.36 33.53
N GLY N 320 -18.34 -20.74 32.57
CA GLY N 320 -18.48 -20.25 31.21
C GLY N 320 -19.87 -20.57 30.73
N PHE N 321 -20.20 -21.86 30.76
CA PHE N 321 -21.48 -22.35 30.30
C PHE N 321 -22.64 -21.65 30.98
N ALA N 322 -22.53 -21.48 32.28
CA ALA N 322 -23.57 -20.81 33.07
C ALA N 322 -23.85 -19.38 32.59
N ASN N 323 -22.79 -18.64 32.29
CA ASN N 323 -22.94 -17.31 31.75
C ASN N 323 -23.51 -17.30 30.35
N ARG N 324 -23.18 -18.30 29.54
CA ARG N 324 -23.78 -18.46 28.21
C ARG N 324 -25.28 -18.81 28.27
N MET N 325 -25.69 -19.55 29.28
CA MET N 325 -27.10 -19.80 29.51
C MET N 325 -27.84 -18.46 29.66
N LEU N 326 -27.25 -17.56 30.43
CA LEU N 326 -27.83 -16.24 30.66
C LEU N 326 -27.80 -15.40 29.40
N ASP N 327 -26.70 -15.45 28.67
CA ASP N 327 -26.59 -14.73 27.40
C ASP N 327 -27.68 -15.20 26.41
N THR N 328 -27.80 -16.51 26.27
CA THR N 328 -28.76 -17.09 25.36
C THR N 328 -30.16 -16.74 25.81
N THR N 329 -30.42 -16.82 27.10
CA THR N 329 -31.72 -16.47 27.65
C THR N 329 -32.15 -15.06 27.25
N LEU N 330 -31.26 -14.10 27.44
CA LEU N 330 -31.52 -12.71 27.03
C LEU N 330 -31.90 -12.59 25.57
N ALA N 331 -31.09 -13.19 24.71
CA ALA N 331 -31.35 -13.20 23.25
C ALA N 331 -32.73 -13.78 22.94
N MET N 332 -33.09 -14.86 23.60
CA MET N 332 -34.39 -15.50 23.38
C MET N 332 -35.57 -14.63 23.78
N ALA N 333 -35.43 -13.96 24.92
CA ALA N 333 -36.48 -13.06 25.43
C ALA N 333 -36.57 -11.76 24.64
N THR N 334 -35.49 -11.38 23.96
CA THR N 334 -35.39 -10.13 23.21
C THR N 334 -35.81 -10.20 21.74
N VAL N 335 -35.43 -11.25 21.04
CA VAL N 335 -35.44 -11.21 19.59
C VAL N 335 -36.83 -10.84 19.03
N ALA N 336 -36.84 -9.79 18.20
CA ALA N 336 -38.04 -9.30 17.53
C ALA N 336 -38.49 -10.23 16.41
N PHE N 337 -39.76 -10.06 16.04
CA PHE N 337 -40.28 -10.68 14.84
C PHE N 337 -40.01 -9.73 13.68
N THR O 1 -8.24 -78.12 55.65
CA THR O 1 -8.61 -77.44 54.34
C THR O 1 -10.06 -76.87 54.45
N VAL O 2 -10.21 -75.99 55.44
CA VAL O 2 -11.47 -75.33 55.86
C VAL O 2 -12.08 -74.71 54.62
N ARG O 3 -13.39 -74.86 54.46
CA ARG O 3 -14.01 -74.34 53.24
C ARG O 3 -14.96 -73.20 53.56
N VAL O 4 -14.69 -72.07 52.91
CA VAL O 4 -15.46 -70.87 53.14
C VAL O 4 -16.18 -70.45 51.89
N ALA O 5 -17.33 -69.82 52.13
CA ALA O 5 -18.05 -69.11 51.12
C ALA O 5 -18.03 -67.63 51.48
N ILE O 6 -18.04 -66.78 50.45
CA ILE O 6 -18.11 -65.36 50.65
C ILE O 6 -19.42 -64.79 50.13
N ASN O 7 -20.16 -64.17 51.05
CA ASN O 7 -21.39 -63.48 50.69
C ASN O 7 -21.06 -62.02 50.53
N GLY O 8 -21.19 -61.53 49.30
CA GLY O 8 -20.87 -60.14 48.99
C GLY O 8 -19.44 -60.02 48.52
N PHE O 9 -19.25 -59.63 47.26
CA PHE O 9 -17.93 -59.55 46.66
C PHE O 9 -17.60 -58.10 46.37
N GLY O 10 -17.76 -57.28 47.40
CA GLY O 10 -17.40 -55.86 47.33
C GLY O 10 -15.90 -55.66 47.50
N ARG O 11 -15.54 -54.52 48.07
CA ARG O 11 -14.15 -54.20 48.32
C ARG O 11 -13.54 -55.25 49.28
N ILE O 12 -14.19 -55.45 50.40
CA ILE O 12 -13.66 -56.31 51.44
C ILE O 12 -13.65 -57.75 51.02
N GLY O 13 -14.75 -58.20 50.42
CA GLY O 13 -14.81 -59.58 49.89
C GLY O 13 -13.69 -59.90 48.91
N ARG O 14 -13.48 -58.97 47.98
CA ARG O 14 -12.41 -59.14 47.00
C ARG O 14 -11.03 -59.27 47.68
N ASN O 15 -10.80 -58.41 48.65
CA ASN O 15 -9.55 -58.40 49.36
C ASN O 15 -9.35 -59.68 50.18
N VAL O 16 -10.42 -60.18 50.78
CA VAL O 16 -10.32 -61.44 51.51
C VAL O 16 -9.78 -62.54 50.58
N VAL O 17 -10.33 -62.60 49.38
CA VAL O 17 -9.85 -63.57 48.39
C VAL O 17 -8.39 -63.32 48.03
N ARG O 18 -8.08 -62.09 47.66
CA ARG O 18 -6.69 -61.74 47.31
C ARG O 18 -5.75 -62.09 48.47
N ALA O 19 -6.19 -61.78 49.70
CA ALA O 19 -5.39 -62.07 50.90
C ALA O 19 -5.17 -63.55 51.11
N LEU O 20 -6.22 -64.33 50.90
CA LEU O 20 -6.12 -65.79 51.06
C LEU O 20 -4.94 -66.35 50.25
N TYR O 21 -4.84 -65.92 49.00
CA TYR O 21 -3.81 -66.41 48.10
C TYR O 21 -2.46 -65.85 48.41
N GLU O 22 -2.37 -64.53 48.51
CA GLU O 22 -1.08 -63.87 48.78
C GLU O 22 -0.54 -64.28 50.16
N SER O 23 -1.46 -64.40 51.12
CA SER O 23 -1.17 -64.85 52.49
C SER O 23 -0.36 -66.15 52.50
N GLY O 24 -0.63 -67.04 51.54
CA GLY O 24 -0.10 -68.40 51.60
C GLY O 24 -0.94 -69.19 52.59
N ARG O 25 -2.03 -68.56 53.06
CA ARG O 25 -2.96 -69.15 54.00
C ARG O 25 -3.84 -70.12 53.24
N ARG O 26 -3.46 -70.37 51.99
CA ARG O 26 -4.25 -71.17 51.06
C ARG O 26 -4.26 -72.64 51.45
N ALA O 27 -3.11 -73.15 51.92
CA ALA O 27 -3.05 -74.53 52.46
C ALA O 27 -4.11 -74.75 53.55
N GLU O 28 -4.28 -73.75 54.41
CA GLU O 28 -5.17 -73.89 55.53
C GLU O 28 -6.64 -73.61 55.17
N ILE O 29 -6.91 -72.89 54.06
CA ILE O 29 -8.31 -72.54 53.64
C ILE O 29 -8.61 -72.65 52.11
N THR O 30 -9.91 -72.71 51.77
CA THR O 30 -10.41 -72.77 50.37
C THR O 30 -11.74 -72.00 50.22
N VAL O 31 -11.81 -71.11 49.21
CA VAL O 31 -13.08 -70.45 48.84
C VAL O 31 -13.74 -71.34 47.80
N VAL O 32 -14.96 -71.76 48.12
CA VAL O 32 -15.72 -72.66 47.24
C VAL O 32 -16.82 -71.93 46.48
N ALA O 33 -17.37 -70.87 47.08
CA ALA O 33 -18.42 -70.11 46.46
C ALA O 33 -18.36 -68.62 46.85
N ILE O 34 -18.72 -67.79 45.87
CA ILE O 34 -18.94 -66.38 46.12
C ILE O 34 -20.34 -66.11 45.67
N ASN O 35 -21.17 -65.60 46.56
CA ASN O 35 -22.46 -65.07 46.14
C ASN O 35 -22.11 -63.68 45.65
N GLU O 36 -22.56 -63.37 44.42
CA GLU O 36 -22.59 -61.99 43.91
C GLU O 36 -23.63 -61.69 42.80
N LEU O 37 -24.48 -60.68 43.03
CA LEU O 37 -25.28 -60.04 41.97
C LEU O 37 -24.41 -59.14 41.06
N ALA O 38 -23.59 -59.76 40.22
CA ALA O 38 -22.81 -59.03 39.23
C ALA O 38 -22.24 -60.03 38.26
N ASP O 39 -22.18 -59.65 37.00
CA ASP O 39 -21.69 -60.54 35.94
C ASP O 39 -20.41 -61.23 36.43
N ALA O 40 -20.34 -62.54 36.28
CA ALA O 40 -19.08 -63.27 36.44
C ALA O 40 -17.93 -62.58 35.66
N ALA O 41 -18.23 -62.16 34.43
CA ALA O 41 -17.30 -61.37 33.64
C ALA O 41 -16.99 -59.99 34.27
N GLY O 42 -17.85 -59.55 35.20
CA GLY O 42 -17.64 -58.31 35.96
C GLY O 42 -16.83 -58.47 37.25
N MET O 43 -17.20 -59.45 38.08
CA MET O 43 -16.53 -59.71 39.36
C MET O 43 -15.06 -60.00 39.11
N ALA O 44 -14.84 -60.82 38.11
CA ALA O 44 -13.52 -61.28 37.75
C ALA O 44 -12.60 -60.09 37.53
N HIS O 45 -13.12 -59.11 36.78
CA HIS O 45 -12.34 -57.94 36.38
C HIS O 45 -11.90 -57.18 37.62
N LEU O 46 -12.87 -56.75 38.42
CA LEU O 46 -12.54 -56.03 39.65
C LEU O 46 -11.59 -56.81 40.60
N LEU O 47 -11.68 -58.13 40.60
CA LEU O 47 -10.76 -58.93 41.41
C LEU O 47 -9.35 -58.79 40.87
N LYS O 48 -9.21 -58.76 39.55
CA LYS O 48 -7.90 -58.71 38.90
C LYS O 48 -7.24 -57.33 39.02
N TYR O 49 -8.02 -56.26 38.89
CA TYR O 49 -7.49 -54.88 38.89
C TYR O 49 -7.97 -54.09 40.14
N ASP O 50 -7.06 -53.90 41.10
CA ASP O 50 -7.29 -53.25 42.44
C ASP O 50 -6.18 -53.66 43.42
N ARG O 55 -2.28 -54.89 39.93
CA ARG O 55 -2.76 -56.13 39.31
C ARG O 55 -2.57 -57.33 40.22
N PHE O 56 -3.63 -58.13 40.37
CA PHE O 56 -3.56 -59.34 41.17
C PHE O 56 -2.58 -60.29 40.52
N ALA O 57 -1.61 -60.73 41.31
CA ALA O 57 -0.51 -61.58 40.84
C ALA O 57 -0.99 -62.90 40.23
N TRP O 58 -2.11 -63.41 40.73
CA TRP O 58 -2.64 -64.69 40.24
C TRP O 58 -3.44 -64.47 38.97
N GLU O 59 -3.64 -65.57 38.22
CA GLU O 59 -4.36 -65.49 36.94
C GLU O 59 -5.87 -65.65 37.20
N VAL O 60 -6.64 -64.66 36.77
CA VAL O 60 -8.09 -64.63 37.01
C VAL O 60 -8.79 -64.86 35.67
N ARG O 61 -9.30 -66.09 35.48
CA ARG O 61 -10.10 -66.46 34.30
C ARG O 61 -11.58 -66.67 34.67
N GLN O 62 -12.41 -66.93 33.66
CA GLN O 62 -13.84 -67.13 33.87
C GLN O 62 -14.47 -67.93 32.71
N GLU O 63 -15.24 -68.97 33.07
CA GLU O 63 -16.05 -69.73 32.09
C GLU O 63 -17.25 -70.38 32.78
N ARG O 64 -18.44 -70.18 32.22
CA ARG O 64 -19.71 -70.49 32.92
C ARG O 64 -19.70 -69.89 34.35
N ASP O 65 -19.66 -70.73 35.40
CA ASP O 65 -19.65 -70.22 36.78
C ASP O 65 -18.34 -70.48 37.52
N GLN O 66 -17.34 -71.00 36.82
CA GLN O 66 -16.05 -71.38 37.41
C GLN O 66 -14.98 -70.25 37.32
N LEU O 67 -14.89 -69.47 38.40
CA LEU O 67 -13.89 -68.42 38.55
C LEU O 67 -12.55 -69.10 38.76
N PHE O 68 -11.72 -69.11 37.71
CA PHE O 68 -10.37 -69.69 37.78
C PHE O 68 -9.39 -68.68 38.40
N VAL O 69 -9.14 -68.85 39.69
CA VAL O 69 -8.13 -68.10 40.37
C VAL O 69 -6.91 -68.98 40.32
N GLY O 70 -5.86 -68.54 39.62
CA GLY O 70 -4.70 -69.38 39.37
C GLY O 70 -5.24 -70.63 38.72
N ASP O 71 -5.32 -71.71 39.50
CA ASP O 71 -6.04 -72.93 39.10
C ASP O 71 -7.40 -73.08 39.81
N ASP O 72 -7.47 -72.64 41.06
CA ASP O 72 -8.63 -72.93 41.92
C ASP O 72 -10.01 -72.51 41.41
N ALA O 73 -10.79 -73.52 41.01
CA ALA O 73 -12.16 -73.30 40.58
C ALA O 73 -13.04 -72.86 41.76
N ILE O 74 -13.93 -71.93 41.52
CA ILE O 74 -14.90 -71.48 42.51
C ILE O 74 -16.18 -71.23 41.75
N ARG O 75 -17.31 -71.54 42.35
CA ARG O 75 -18.61 -71.30 41.72
C ARG O 75 -19.24 -69.99 42.26
N VAL O 76 -19.84 -69.25 41.32
CA VAL O 76 -20.40 -67.91 41.49
C VAL O 76 -21.93 -67.99 41.56
N LEU O 77 -22.51 -67.40 42.59
CA LEU O 77 -23.96 -67.42 42.78
C LEU O 77 -24.51 -66.03 42.69
N HIS O 78 -25.81 -65.93 42.45
CA HIS O 78 -26.48 -64.61 42.40
C HIS O 78 -27.81 -64.54 43.20
N GLU O 79 -27.81 -64.97 44.47
CA GLU O 79 -29.05 -65.01 45.28
C GLU O 79 -29.41 -63.70 46.00
N ARG O 80 -30.38 -62.96 45.43
CA ARG O 80 -30.94 -61.72 46.07
C ARG O 80 -31.74 -62.06 47.33
N SER O 81 -31.63 -63.34 47.71
CA SER O 81 -32.42 -64.01 48.75
C SER O 81 -31.47 -64.93 49.53
N LEU O 82 -31.40 -64.72 50.84
CA LEU O 82 -30.38 -65.35 51.68
C LEU O 82 -30.64 -66.86 51.88
N GLN O 83 -31.93 -67.19 51.86
CA GLN O 83 -32.48 -68.41 52.45
C GLN O 83 -32.33 -69.55 51.46
N SER O 84 -32.16 -69.19 50.17
CA SER O 84 -31.93 -70.07 48.99
C SER O 84 -30.45 -70.31 48.65
N LEU O 85 -29.56 -69.96 49.59
CA LEU O 85 -28.11 -70.20 49.39
C LEU O 85 -27.75 -71.68 49.57
N PRO O 86 -27.08 -72.28 48.57
CA PRO O 86 -26.70 -73.70 48.61
C PRO O 86 -25.47 -74.00 49.48
N TRP O 87 -25.47 -73.49 50.73
CA TRP O 87 -24.32 -73.72 51.63
C TRP O 87 -24.18 -75.19 51.98
N ARG O 88 -25.32 -75.82 52.26
CA ARG O 88 -25.36 -77.25 52.60
C ARG O 88 -24.76 -78.10 51.48
N GLU O 89 -25.25 -77.86 50.27
CA GLU O 89 -24.76 -78.54 49.08
C GLU O 89 -23.22 -78.44 48.91
N LEU O 90 -22.65 -77.32 49.30
CA LEU O 90 -21.20 -77.05 49.09
C LEU O 90 -20.33 -77.41 50.29
N GLY O 91 -21.00 -77.72 51.40
CA GLY O 91 -20.31 -78.14 52.63
C GLY O 91 -19.56 -77.01 53.32
N VAL O 92 -20.10 -75.80 53.21
CA VAL O 92 -19.48 -74.61 53.79
C VAL O 92 -19.30 -74.69 55.31
N ASP O 93 -18.04 -74.58 55.75
CA ASP O 93 -17.68 -74.56 57.18
C ASP O 93 -17.90 -73.17 57.80
N VAL O 94 -17.49 -72.11 57.07
CA VAL O 94 -17.73 -70.74 57.49
C VAL O 94 -18.15 -69.89 56.32
N VAL O 95 -19.19 -69.09 56.53
CA VAL O 95 -19.57 -68.07 55.58
C VAL O 95 -19.04 -66.73 56.08
N LEU O 96 -18.22 -66.10 55.24
CA LEU O 96 -17.76 -64.74 55.47
C LEU O 96 -18.74 -63.84 54.74
N ASP O 97 -19.53 -63.12 55.51
CA ASP O 97 -20.49 -62.19 54.92
C ASP O 97 -19.92 -60.79 54.88
N CYS O 98 -19.61 -60.38 53.67
CA CYS O 98 -18.98 -59.10 53.40
C CYS O 98 -19.87 -58.24 52.53
N THR O 99 -21.18 -58.40 52.72
CA THR O 99 -22.17 -57.61 51.99
C THR O 99 -22.31 -56.22 52.58
N GLY O 100 -22.14 -56.11 53.90
CA GLY O 100 -22.35 -54.86 54.61
C GLY O 100 -23.81 -54.52 54.87
N VAL O 101 -24.71 -55.31 54.26
CA VAL O 101 -26.15 -55.20 54.52
C VAL O 101 -26.63 -56.13 55.66
N TYR O 102 -26.20 -57.40 55.61
CA TYR O 102 -26.59 -58.38 56.64
C TYR O 102 -25.69 -58.30 57.88
N GLY O 103 -26.30 -58.47 59.05
CA GLY O 103 -25.57 -58.34 60.33
C GLY O 103 -26.34 -58.66 61.61
N SER O 104 -27.66 -58.83 61.50
CA SER O 104 -28.53 -59.31 62.59
C SER O 104 -28.33 -60.82 62.87
N ARG O 105 -28.59 -61.24 64.12
CA ARG O 105 -28.58 -62.67 64.51
C ARG O 105 -29.28 -63.53 63.46
N GLU O 106 -30.50 -63.07 63.14
CA GLU O 106 -31.43 -63.79 62.26
C GLU O 106 -30.76 -64.09 60.92
N HIS O 107 -30.02 -63.11 60.42
CA HIS O 107 -29.26 -63.26 59.18
C HIS O 107 -28.26 -64.38 59.34
N GLY O 108 -27.64 -64.40 60.53
CA GLY O 108 -26.73 -65.49 60.87
C GLY O 108 -27.45 -66.82 60.79
N GLU O 109 -28.54 -66.92 61.55
CA GLU O 109 -29.34 -68.16 61.62
C GLU O 109 -29.68 -68.60 60.19
N ALA O 110 -30.11 -67.64 59.38
CA ALA O 110 -30.49 -67.86 57.98
C ALA O 110 -29.37 -68.54 57.19
N HIS O 111 -28.15 -68.03 57.37
CA HIS O 111 -26.98 -68.61 56.71
C HIS O 111 -26.79 -70.04 57.16
N ILE O 112 -26.84 -70.24 58.48
CA ILE O 112 -26.68 -71.58 59.06
C ILE O 112 -27.77 -72.53 58.56
N ALA O 113 -29.03 -72.07 58.68
CA ALA O 113 -30.20 -72.75 58.12
C ALA O 113 -29.95 -73.18 56.66
N ALA O 114 -29.36 -72.30 55.85
CA ALA O 114 -29.06 -72.62 54.44
C ALA O 114 -27.95 -73.66 54.28
N GLY O 115 -27.28 -73.98 55.40
CA GLY O 115 -26.32 -75.09 55.45
C GLY O 115 -24.89 -74.75 55.84
N ALA O 116 -24.69 -73.58 56.42
CA ALA O 116 -23.35 -73.15 56.81
C ALA O 116 -23.19 -73.44 58.29
N LYS O 117 -22.03 -73.98 58.67
CA LYS O 117 -21.79 -74.33 60.07
C LYS O 117 -21.66 -73.07 60.93
N LYS O 118 -20.86 -72.11 60.46
CA LYS O 118 -20.68 -70.85 61.19
C LYS O 118 -20.69 -69.64 60.26
N VAL O 119 -20.93 -68.48 60.86
CA VAL O 119 -20.99 -67.21 60.13
C VAL O 119 -20.04 -66.18 60.72
N LEU O 120 -19.36 -65.44 59.84
CA LEU O 120 -18.47 -64.36 60.27
C LEU O 120 -18.82 -63.09 59.48
N PHE O 121 -19.18 -62.05 60.21
CA PHE O 121 -19.52 -60.78 59.57
C PHE O 121 -18.32 -59.84 59.46
N SER O 122 -18.22 -59.14 58.34
CA SER O 122 -17.14 -58.20 58.08
C SER O 122 -17.40 -56.82 58.69
N HIS O 123 -18.21 -56.77 59.74
CA HIS O 123 -18.48 -55.52 60.43
C HIS O 123 -19.07 -55.83 61.80
N PRO O 124 -19.39 -54.80 62.60
CA PRO O 124 -19.89 -55.07 63.95
C PRO O 124 -21.27 -55.70 64.01
N GLY O 125 -22.22 -55.16 63.25
CA GLY O 125 -23.62 -55.65 63.24
C GLY O 125 -24.42 -55.26 64.47
N SER O 126 -25.57 -55.94 64.65
CA SER O 126 -26.36 -55.84 65.90
C SER O 126 -25.59 -56.48 67.07
N ASN O 127 -25.59 -55.79 68.23
CA ASN O 127 -24.69 -56.09 69.37
C ASN O 127 -24.69 -57.54 69.87
N ASP O 128 -25.90 -58.09 69.93
CA ASP O 128 -26.16 -59.35 70.61
C ASP O 128 -25.75 -60.57 69.77
N LEU O 129 -24.47 -60.66 69.41
CA LEU O 129 -24.02 -61.84 68.71
C LEU O 129 -23.06 -62.64 69.58
N ASP O 130 -22.88 -63.89 69.19
CA ASP O 130 -22.00 -64.81 69.87
C ASP O 130 -20.70 -64.11 70.36
N ALA O 131 -19.94 -63.52 69.44
CA ALA O 131 -18.76 -62.69 69.81
C ALA O 131 -18.27 -61.69 68.73
N THR O 132 -17.70 -60.58 69.22
CA THR O 132 -16.92 -59.66 68.40
C THR O 132 -15.43 -59.98 68.61
N VAL O 133 -14.79 -60.53 67.58
CA VAL O 133 -13.36 -60.87 67.66
C VAL O 133 -12.47 -59.79 67.04
N VAL O 134 -11.67 -59.18 67.89
CA VAL O 134 -10.56 -58.35 67.44
C VAL O 134 -9.35 -59.24 67.53
N TYR O 135 -9.04 -59.92 66.44
CA TYR O 135 -8.00 -60.96 66.43
C TYR O 135 -6.66 -60.45 66.96
N GLY O 136 -6.07 -61.23 67.86
CA GLY O 136 -4.83 -60.88 68.56
C GLY O 136 -5.09 -60.36 69.97
N VAL O 137 -6.34 -60.02 70.26
CA VAL O 137 -6.71 -59.52 71.55
C VAL O 137 -7.58 -60.54 72.30
N ASN O 138 -8.67 -60.98 71.68
CA ASN O 138 -9.60 -61.88 72.35
C ASN O 138 -10.07 -63.03 71.49
N GLN O 139 -9.22 -63.57 70.63
CA GLN O 139 -9.59 -64.77 69.87
C GLN O 139 -9.65 -66.00 70.78
N ASP O 140 -8.86 -65.96 71.86
CA ASP O 140 -8.84 -67.02 72.87
C ASP O 140 -10.20 -67.21 73.55
N GLN O 141 -11.07 -66.20 73.47
CA GLN O 141 -12.43 -66.30 74.03
C GLN O 141 -13.50 -66.92 73.12
N LEU O 142 -13.11 -67.67 72.08
CA LEU O 142 -14.08 -68.32 71.19
C LEU O 142 -14.37 -69.75 71.63
N ARG O 143 -15.64 -70.12 71.57
CA ARG O 143 -16.08 -71.51 71.73
C ARG O 143 -16.46 -72.06 70.35
N ALA O 144 -17.10 -73.24 70.30
CA ALA O 144 -17.79 -73.69 69.07
C ALA O 144 -19.29 -73.33 69.14
N GLU O 145 -19.73 -72.93 70.35
CA GLU O 145 -21.09 -72.42 70.61
C GLU O 145 -21.25 -71.08 69.91
N HIS O 146 -20.17 -70.30 69.89
CA HIS O 146 -20.06 -69.10 69.07
C HIS O 146 -20.09 -69.46 67.54
N ARG O 147 -21.25 -69.31 66.90
CA ARG O 147 -21.47 -69.69 65.48
C ARG O 147 -21.77 -68.51 64.56
N ILE O 148 -22.25 -67.43 65.18
CA ILE O 148 -22.50 -66.15 64.52
C ILE O 148 -21.63 -65.07 65.17
N VAL O 149 -20.52 -64.74 64.51
CA VAL O 149 -19.55 -63.80 65.11
C VAL O 149 -19.24 -62.62 64.20
N SER O 150 -18.90 -61.50 64.85
CA SER O 150 -18.50 -60.25 64.18
C SER O 150 -16.99 -60.07 64.25
N ASN O 151 -16.40 -59.49 63.19
CA ASN O 151 -14.94 -59.26 63.15
C ASN O 151 -14.54 -57.83 63.51
N ALA O 152 -15.44 -57.12 64.19
CA ALA O 152 -15.28 -55.69 64.48
C ALA O 152 -15.18 -54.93 63.15
N SER O 153 -14.66 -53.70 63.17
CA SER O 153 -14.38 -52.95 61.93
C SER O 153 -12.89 -52.78 61.75
N CYS O 154 -12.47 -52.32 60.59
CA CYS O 154 -11.04 -52.11 60.33
C CYS O 154 -10.42 -51.09 61.27
N THR O 155 -11.16 -50.04 61.59
CA THR O 155 -10.63 -49.02 62.49
C THR O 155 -10.57 -49.52 63.94
N THR O 156 -11.63 -50.17 64.40
CA THR O 156 -11.60 -50.77 65.74
C THR O 156 -10.51 -51.84 65.80
N ASN O 157 -10.42 -52.65 64.75
CA ASN O 157 -9.39 -53.68 64.71
C ASN O 157 -7.98 -53.10 64.72
N CYS O 158 -7.85 -51.87 64.22
CA CYS O 158 -6.57 -51.16 64.23
C CYS O 158 -6.21 -50.64 65.62
N ILE O 159 -7.12 -49.93 66.26
CA ILE O 159 -6.80 -49.18 67.48
C ILE O 159 -7.04 -49.94 68.79
N ILE O 160 -7.95 -50.91 68.79
CA ILE O 160 -8.23 -51.68 70.01
C ILE O 160 -6.95 -52.31 70.60
N PRO O 161 -6.17 -53.03 69.78
CA PRO O 161 -4.95 -53.62 70.33
C PRO O 161 -4.08 -52.61 71.08
N VAL O 162 -3.90 -51.44 70.49
CA VAL O 162 -3.10 -50.38 71.11
C VAL O 162 -3.74 -49.89 72.41
N ILE O 163 -5.06 -49.69 72.39
CA ILE O 163 -5.75 -49.26 73.61
C ILE O 163 -5.58 -50.29 74.74
N LYS O 164 -5.66 -51.56 74.39
CA LYS O 164 -5.45 -52.63 75.37
C LYS O 164 -4.05 -52.55 75.96
N LEU O 165 -3.04 -52.59 75.09
CA LEU O 165 -1.64 -52.49 75.52
C LEU O 165 -1.42 -51.31 76.46
N LEU O 166 -1.99 -50.16 76.12
CA LEU O 166 -1.79 -48.97 76.93
C LEU O 166 -2.54 -49.06 78.23
N ASP O 167 -3.76 -49.58 78.19
CA ASP O 167 -4.59 -49.71 79.40
C ASP O 167 -3.94 -50.68 80.40
N ASP O 168 -3.54 -51.84 79.90
CA ASP O 168 -2.90 -52.85 80.73
C ASP O 168 -1.68 -52.28 81.43
N ALA O 169 -0.89 -51.50 80.69
CA ALA O 169 0.38 -51.00 81.21
C ALA O 169 0.25 -49.75 82.11
N TYR O 170 -0.71 -48.88 81.84
CA TYR O 170 -0.77 -47.59 82.54
C TYR O 170 -2.12 -47.21 83.12
N GLY O 171 -3.16 -47.96 82.77
CA GLY O 171 -4.52 -47.69 83.23
C GLY O 171 -5.12 -46.44 82.60
N ILE O 172 -5.86 -46.62 81.51
CA ILE O 172 -6.47 -45.49 80.81
C ILE O 172 -7.65 -44.98 81.60
N GLU O 173 -7.70 -43.66 81.76
CA GLU O 173 -8.76 -43.01 82.54
C GLU O 173 -9.83 -42.44 81.63
N SER O 174 -9.39 -41.88 80.49
CA SER O 174 -10.31 -41.45 79.42
C SER O 174 -9.54 -41.24 78.13
N GLY O 175 -10.25 -41.31 77.01
CA GLY O 175 -9.63 -41.28 75.68
C GLY O 175 -10.43 -40.51 74.65
N THR O 176 -9.70 -39.99 73.64
CA THR O 176 -10.29 -39.26 72.52
C THR O 176 -9.50 -39.59 71.25
N VAL O 177 -10.20 -39.82 70.15
CA VAL O 177 -9.56 -40.30 68.93
C VAL O 177 -9.93 -39.42 67.76
N THR O 178 -8.98 -39.26 66.85
CA THR O 178 -9.25 -38.68 65.55
C THR O 178 -8.77 -39.64 64.49
N THR O 179 -9.63 -39.98 63.56
CA THR O 179 -9.28 -40.87 62.47
C THR O 179 -9.15 -40.07 61.19
N ILE O 180 -8.02 -40.23 60.50
CA ILE O 180 -7.83 -39.62 59.20
C ILE O 180 -7.96 -40.68 58.13
N HIS O 181 -9.13 -40.68 57.50
CA HIS O 181 -9.49 -41.66 56.46
C HIS O 181 -8.99 -41.25 55.08
N SER O 182 -8.64 -42.24 54.28
CA SER O 182 -8.37 -41.99 52.86
C SER O 182 -9.69 -42.06 52.07
N ALA O 183 -9.62 -41.84 50.76
CA ALA O 183 -10.80 -41.94 49.89
C ALA O 183 -10.78 -43.22 49.04
N ASP O 196 -26.47 -36.11 54.80
CA ASP O 196 -25.10 -35.69 55.06
C ASP O 196 -24.63 -34.69 53.99
N LEU O 197 -24.80 -33.40 54.30
CA LEU O 197 -24.63 -32.32 53.30
C LEU O 197 -23.21 -32.17 52.72
N ARG O 198 -22.20 -32.67 53.44
CA ARG O 198 -20.81 -32.62 52.99
C ARG O 198 -20.50 -33.67 51.92
N ARG O 199 -21.27 -34.76 51.93
CA ARG O 199 -21.03 -35.92 51.06
C ARG O 199 -21.34 -35.68 49.55
N THR O 200 -21.89 -34.51 49.18
CA THR O 200 -22.09 -34.15 47.76
C THR O 200 -21.02 -33.14 47.26
N ARG O 201 -19.79 -33.32 47.72
CA ARG O 201 -18.75 -32.32 47.53
C ARG O 201 -17.45 -32.90 47.03
N ALA O 202 -16.54 -32.04 46.58
CA ALA O 202 -15.31 -32.55 46.03
C ALA O 202 -14.43 -33.00 47.17
N ALA O 203 -14.30 -34.30 47.28
CA ALA O 203 -13.47 -34.95 48.27
C ALA O 203 -12.04 -34.59 47.97
N SER O 204 -11.76 -34.48 46.69
CA SER O 204 -10.43 -34.42 46.13
C SER O 204 -9.56 -33.28 46.63
N GLN O 205 -10.14 -32.14 46.95
CA GLN O 205 -9.28 -31.04 47.40
C GLN O 205 -9.56 -30.55 48.82
N SER O 206 -10.32 -31.31 49.61
CA SER O 206 -10.70 -30.81 50.93
C SER O 206 -10.59 -31.85 52.04
N ILE O 207 -10.39 -31.33 53.25
CA ILE O 207 -10.56 -32.11 54.46
C ILE O 207 -12.06 -32.13 54.76
N ILE O 208 -12.62 -33.33 54.85
CA ILE O 208 -14.07 -33.51 55.02
C ILE O 208 -14.39 -34.29 56.30
N PRO O 209 -14.92 -33.60 57.31
CA PRO O 209 -15.27 -34.31 58.51
C PRO O 209 -16.38 -35.32 58.25
N VAL O 210 -16.23 -36.55 58.73
CA VAL O 210 -17.26 -37.57 58.53
C VAL O 210 -17.74 -38.18 59.86
N ASP O 211 -18.93 -38.77 59.84
CA ASP O 211 -19.49 -39.37 61.03
C ASP O 211 -18.67 -40.59 61.32
N THR O 212 -18.32 -40.80 62.58
CA THR O 212 -17.50 -41.93 63.00
C THR O 212 -18.28 -42.82 63.97
N LYS O 213 -18.02 -44.12 63.89
CA LYS O 213 -18.64 -45.14 64.76
C LYS O 213 -17.56 -45.86 65.60
N LEU O 214 -16.49 -45.14 65.96
CA LEU O 214 -15.34 -45.76 66.61
C LEU O 214 -15.55 -45.76 68.10
N ALA O 215 -15.67 -44.58 68.69
CA ALA O 215 -16.07 -44.44 70.09
C ALA O 215 -17.15 -45.46 70.43
N ALA O 216 -17.99 -45.77 69.45
CA ALA O 216 -19.07 -46.73 69.61
C ALA O 216 -18.47 -48.08 69.86
N GLY O 217 -17.62 -48.47 68.92
CA GLY O 217 -16.91 -49.76 68.87
C GLY O 217 -15.95 -50.03 70.01
N ILE O 218 -15.28 -48.98 70.47
CA ILE O 218 -14.32 -49.08 71.58
C ILE O 218 -15.04 -49.39 72.89
N THR O 219 -16.03 -48.56 73.22
CA THR O 219 -16.77 -48.70 74.46
C THR O 219 -17.54 -50.02 74.49
N ARG O 220 -17.93 -50.52 73.33
CA ARG O 220 -18.59 -51.82 73.29
C ARG O 220 -17.59 -52.91 73.67
N PHE O 221 -16.41 -52.87 73.07
CA PHE O 221 -15.37 -53.86 73.35
C PHE O 221 -14.80 -53.70 74.76
N PHE O 222 -14.68 -52.46 75.20
CA PHE O 222 -14.23 -52.12 76.56
C PHE O 222 -15.32 -51.36 77.32
N PRO O 223 -16.27 -52.10 77.94
CA PRO O 223 -17.38 -51.42 78.59
C PRO O 223 -16.97 -50.49 79.72
N GLN O 224 -15.80 -50.74 80.30
CA GLN O 224 -15.28 -49.87 81.35
C GLN O 224 -15.01 -48.43 80.91
N PHE O 225 -15.18 -48.19 79.61
CA PHE O 225 -14.90 -46.87 79.05
C PHE O 225 -16.15 -46.07 78.64
N ASN O 226 -17.34 -46.57 78.95
CA ASN O 226 -18.56 -45.82 78.67
C ASN O 226 -18.44 -44.41 79.25
N ASP O 227 -18.85 -43.42 78.48
CA ASP O 227 -18.75 -42.01 78.86
C ASP O 227 -17.31 -41.58 79.20
N ARG O 228 -16.36 -42.24 78.56
CA ARG O 228 -14.95 -41.95 78.76
C ARG O 228 -14.17 -41.89 77.45
N PHE O 229 -14.85 -42.18 76.35
CA PHE O 229 -14.25 -42.16 75.03
C PHE O 229 -15.13 -41.41 74.04
N GLU O 230 -14.49 -40.61 73.21
CA GLU O 230 -15.17 -39.96 72.10
C GLU O 230 -14.30 -40.09 70.85
N ALA O 231 -14.88 -39.79 69.70
CA ALA O 231 -14.16 -39.92 68.43
C ALA O 231 -14.71 -38.95 67.39
N ILE O 232 -13.81 -38.39 66.58
CA ILE O 232 -14.18 -37.69 65.36
C ILE O 232 -13.38 -38.31 64.24
N ALA O 233 -13.69 -37.91 63.02
CA ALA O 233 -12.97 -38.42 61.85
C ALA O 233 -13.04 -37.43 60.69
N VAL O 234 -12.02 -37.48 59.84
CA VAL O 234 -12.03 -36.72 58.61
C VAL O 234 -11.57 -37.58 57.44
N ARG O 235 -12.08 -37.25 56.25
CA ARG O 235 -11.67 -37.88 55.01
C ARG O 235 -10.79 -36.89 54.26
N VAL O 236 -9.63 -37.38 53.81
CA VAL O 236 -8.71 -36.62 52.98
C VAL O 236 -8.46 -37.39 51.68
N PRO O 237 -8.04 -36.68 50.63
CA PRO O 237 -7.88 -37.31 49.32
C PRO O 237 -6.54 -38.03 49.15
N THR O 238 -6.25 -38.96 50.06
CA THR O 238 -5.07 -39.82 49.92
C THR O 238 -5.51 -41.22 49.56
N ILE O 239 -4.53 -42.07 49.26
CA ILE O 239 -4.77 -43.43 48.78
C ILE O 239 -4.64 -44.48 49.87
N ASN O 240 -5.72 -45.21 50.10
CA ASN O 240 -5.69 -46.53 50.75
C ASN O 240 -5.41 -46.61 52.26
N VAL O 241 -4.43 -45.86 52.75
CA VAL O 241 -4.00 -45.99 54.15
C VAL O 241 -4.62 -44.97 55.08
N THR O 242 -4.97 -45.44 56.27
CA THR O 242 -5.64 -44.66 57.27
C THR O 242 -4.75 -44.39 58.48
N ALA O 243 -4.86 -43.20 59.04
CA ALA O 243 -4.11 -42.81 60.21
C ALA O 243 -5.04 -42.54 61.39
N ILE O 244 -4.71 -43.12 62.53
CA ILE O 244 -5.53 -42.96 63.74
C ILE O 244 -4.72 -42.24 64.79
N ASP O 245 -5.27 -41.13 65.25
CA ASP O 245 -4.58 -40.23 66.16
C ASP O 245 -5.23 -40.38 67.53
N LEU O 246 -4.61 -41.19 68.38
CA LEU O 246 -5.18 -41.59 69.65
C LEU O 246 -4.61 -40.78 70.79
N SER O 247 -5.49 -40.24 71.62
CA SER O 247 -5.08 -39.49 72.82
C SER O 247 -5.75 -40.06 74.08
N VAL O 248 -4.95 -40.47 75.05
CA VAL O 248 -5.48 -41.05 76.30
C VAL O 248 -4.83 -40.46 77.55
N THR O 249 -5.64 -40.27 78.58
CA THR O 249 -5.14 -39.95 79.91
C THR O 249 -4.89 -41.26 80.66
N VAL O 250 -3.77 -41.35 81.37
CA VAL O 250 -3.44 -42.54 82.13
C VAL O 250 -3.11 -42.22 83.58
N LYS O 251 -3.24 -43.25 84.42
CA LYS O 251 -2.97 -43.13 85.86
C LYS O 251 -1.48 -43.11 86.13
N LYS O 252 -0.79 -44.14 85.66
CA LYS O 252 0.65 -44.29 85.88
C LYS O 252 1.39 -43.20 85.11
N PRO O 253 2.33 -42.47 85.76
CA PRO O 253 3.12 -41.48 85.02
C PRO O 253 4.05 -42.12 84.00
N VAL O 254 4.16 -41.50 82.82
CA VAL O 254 4.95 -42.06 81.72
C VAL O 254 5.69 -41.02 80.89
N LYS O 255 6.70 -41.52 80.18
CA LYS O 255 7.48 -40.73 79.23
C LYS O 255 7.34 -41.32 77.84
N ALA O 256 7.45 -40.46 76.84
CA ALA O 256 7.24 -40.84 75.46
C ALA O 256 7.96 -42.14 75.06
N ASN O 257 9.25 -42.21 75.34
CA ASN O 257 10.06 -43.38 74.92
C ASN O 257 9.74 -44.66 75.70
N GLU O 258 9.22 -44.52 76.92
CA GLU O 258 8.77 -45.69 77.70
C GLU O 258 7.60 -46.34 76.96
N VAL O 259 6.63 -45.49 76.63
CA VAL O 259 5.46 -45.88 75.82
C VAL O 259 5.89 -46.55 74.52
N ASN O 260 6.82 -45.92 73.81
CA ASN O 260 7.36 -46.52 72.60
C ASN O 260 8.01 -47.88 72.84
N LEU O 261 8.71 -48.00 73.96
CA LEU O 261 9.41 -49.24 74.28
C LEU O 261 8.41 -50.36 74.56
N LEU O 262 7.37 -50.02 75.29
CA LEU O 262 6.28 -50.94 75.56
C LEU O 262 5.69 -51.47 74.27
N LEU O 263 5.29 -50.56 73.39
CA LEU O 263 4.66 -50.90 72.11
C LEU O 263 5.58 -51.67 71.18
N GLN O 264 6.85 -51.26 71.11
CA GLN O 264 7.85 -51.97 70.32
C GLN O 264 8.00 -53.42 70.78
N LYS O 265 8.00 -53.61 72.08
CA LYS O 265 8.12 -54.95 72.69
C LYS O 265 6.92 -55.82 72.31
N ALA O 266 5.73 -55.24 72.43
CA ALA O 266 4.49 -55.90 72.05
C ALA O 266 4.53 -56.37 70.60
N ALA O 267 5.04 -55.51 69.72
CA ALA O 267 5.13 -55.80 68.29
C ALA O 267 6.02 -57.02 67.96
N GLN O 268 7.07 -57.26 68.76
CA GLN O 268 7.88 -58.50 68.59
C GLN O 268 7.14 -59.63 69.24
N GLY O 269 6.64 -59.33 70.43
CA GLY O 269 6.23 -60.37 71.34
C GLY O 269 4.78 -60.78 71.14
N ALA O 270 3.97 -60.50 72.15
CA ALA O 270 2.57 -60.94 72.22
C ALA O 270 1.74 -60.57 71.00
N PHE O 271 2.09 -59.47 70.33
CA PHE O 271 1.29 -58.97 69.21
C PHE O 271 2.00 -59.07 67.89
N HIS O 272 3.00 -59.95 67.79
CA HIS O 272 3.72 -60.14 66.55
C HIS O 272 2.75 -60.50 65.44
N GLY O 273 2.88 -59.83 64.30
CA GLY O 273 2.01 -60.08 63.14
C GLY O 273 0.69 -59.33 63.16
N ILE O 274 0.29 -58.84 64.33
CA ILE O 274 -0.93 -58.02 64.48
C ILE O 274 -0.59 -56.53 64.61
N VAL O 275 0.26 -56.20 65.58
CA VAL O 275 0.75 -54.84 65.72
C VAL O 275 2.20 -54.80 65.27
N ASP O 276 2.55 -53.72 64.57
CA ASP O 276 3.95 -53.45 64.23
C ASP O 276 4.37 -52.09 64.79
N TYR O 277 5.67 -51.88 64.87
CA TYR O 277 6.24 -50.65 65.39
C TYR O 277 7.33 -50.18 64.46
N THR O 278 7.40 -48.89 64.25
CA THR O 278 8.45 -48.34 63.43
C THR O 278 8.85 -46.94 63.89
N GLU O 279 10.14 -46.65 63.69
CA GLU O 279 10.75 -45.35 63.94
C GLU O 279 11.34 -44.76 62.68
N LEU O 280 11.24 -45.51 61.57
CA LEU O 280 11.70 -45.06 60.27
C LEU O 280 10.88 -43.86 59.79
N PRO O 281 11.48 -42.99 58.98
CA PRO O 281 10.76 -41.83 58.43
C PRO O 281 9.93 -42.24 57.22
N LEU O 282 8.68 -42.60 57.49
CA LEU O 282 7.82 -43.13 56.44
C LEU O 282 6.59 -42.25 56.29
N VAL O 283 5.89 -42.49 55.19
CA VAL O 283 4.64 -41.81 54.88
C VAL O 283 3.55 -42.85 54.65
N SER O 284 2.28 -42.42 54.65
CA SER O 284 1.17 -43.36 54.69
C SER O 284 1.31 -44.49 53.66
N VAL O 285 1.55 -44.12 52.40
CA VAL O 285 1.63 -45.09 51.30
C VAL O 285 2.65 -46.22 51.55
N ASP O 286 3.57 -46.03 52.48
CA ASP O 286 4.56 -47.08 52.77
C ASP O 286 3.93 -48.27 53.50
N PHE O 287 2.74 -48.05 54.08
CA PHE O 287 2.03 -49.10 54.79
C PHE O 287 0.94 -49.71 53.94
N ASN O 288 0.89 -49.28 52.68
CA ASN O 288 0.03 -49.92 51.68
C ASN O 288 0.34 -51.41 51.60
N HIS O 289 -0.72 -52.21 51.68
CA HIS O 289 -0.58 -53.66 51.57
C HIS O 289 0.16 -54.27 52.75
N ASP O 290 0.14 -53.59 53.88
CA ASP O 290 0.73 -54.12 55.11
C ASP O 290 -0.34 -54.92 55.85
N PRO O 291 -0.06 -56.22 56.13
CA PRO O 291 -0.97 -57.15 56.78
C PRO O 291 -1.24 -56.89 58.23
N HIS O 292 -0.46 -56.04 58.87
CA HIS O 292 -0.68 -55.74 60.28
C HIS O 292 -2.01 -55.00 60.47
N SER O 293 -2.65 -55.27 61.59
CA SER O 293 -3.87 -54.55 61.96
C SER O 293 -3.54 -53.09 62.26
N ALA O 294 -2.35 -52.86 62.79
CA ALA O 294 -1.92 -51.52 63.21
C ALA O 294 -0.41 -51.44 63.14
N ILE O 295 0.11 -50.31 62.66
CA ILE O 295 1.53 -50.01 62.75
C ILE O 295 1.71 -48.76 63.55
N VAL O 296 2.42 -48.85 64.67
CA VAL O 296 2.63 -47.68 65.53
C VAL O 296 3.82 -46.86 65.01
N ASP O 297 3.61 -45.55 64.88
CA ASP O 297 4.68 -44.66 64.46
C ASP O 297 5.35 -44.05 65.68
N GLY O 298 6.47 -44.64 66.05
CA GLY O 298 7.20 -44.23 67.25
C GLY O 298 7.55 -42.75 67.26
N THR O 299 7.95 -42.23 66.11
CA THR O 299 8.43 -40.86 65.95
C THR O 299 7.36 -39.83 66.28
N GLN O 300 6.10 -40.29 66.31
CA GLN O 300 4.97 -39.39 66.58
C GLN O 300 4.42 -39.52 68.00
N THR O 301 4.98 -40.41 68.81
CA THR O 301 4.54 -40.57 70.19
C THR O 301 4.90 -39.34 71.00
N ARG O 302 3.97 -38.91 71.84
CA ARG O 302 4.18 -37.78 72.72
C ARG O 302 3.54 -38.04 74.08
N VAL O 303 4.02 -37.38 75.11
CA VAL O 303 3.35 -37.39 76.40
C VAL O 303 3.31 -35.98 76.98
N SER O 304 2.11 -35.49 77.28
CA SER O 304 1.92 -34.14 77.79
C SER O 304 1.73 -34.18 79.30
N GLY O 305 2.61 -33.49 80.01
CA GLY O 305 2.75 -33.75 81.44
C GLY O 305 3.32 -35.14 81.53
N ALA O 306 2.79 -35.93 82.45
CA ALA O 306 3.22 -37.32 82.56
C ALA O 306 2.09 -38.29 82.26
N HIS O 307 0.94 -37.74 81.88
CA HIS O 307 -0.34 -38.47 81.91
C HIS O 307 -1.17 -38.46 80.64
N LEU O 308 -0.87 -37.57 79.70
CA LEU O 308 -1.61 -37.46 78.41
C LEU O 308 -0.77 -38.00 77.26
N ILE O 309 -1.14 -39.17 76.76
CA ILE O 309 -0.37 -39.86 75.71
C ILE O 309 -0.98 -39.61 74.37
N LYS O 310 -0.20 -39.13 73.42
CA LYS O 310 -0.62 -39.12 72.02
C LYS O 310 0.16 -40.17 71.24
N THR O 311 -0.55 -40.98 70.47
CA THR O 311 0.07 -41.96 69.61
C THR O 311 -0.61 -41.93 68.24
N LEU O 312 0.19 -41.96 67.19
CA LEU O 312 -0.33 -42.05 65.83
C LEU O 312 -0.14 -43.46 65.32
N VAL O 313 -1.22 -44.09 64.90
CA VAL O 313 -1.16 -45.45 64.39
C VAL O 313 -1.67 -45.53 62.95
N TRP O 314 -0.86 -46.08 62.08
CA TRP O 314 -1.22 -46.28 60.69
C TRP O 314 -1.93 -47.59 60.56
N CYS O 315 -2.76 -47.74 59.55
CA CYS O 315 -3.21 -49.07 59.09
C CYS O 315 -3.69 -49.04 57.64
N ASP O 316 -3.47 -50.12 56.92
CA ASP O 316 -4.15 -50.33 55.65
C ASP O 316 -5.58 -50.75 56.01
N ASN O 317 -6.51 -49.83 55.81
CA ASN O 317 -7.88 -50.00 56.28
C ASN O 317 -8.63 -51.18 55.67
N GLU O 318 -8.06 -51.78 54.64
CA GLU O 318 -8.68 -52.94 54.01
C GLU O 318 -7.87 -54.19 54.15
N TRP O 319 -6.58 -54.10 53.85
CA TRP O 319 -5.72 -55.29 53.82
C TRP O 319 -5.57 -55.93 55.20
N GLY O 320 -5.30 -55.10 56.19
CA GLY O 320 -5.16 -55.59 57.55
C GLY O 320 -6.41 -56.34 57.93
N PHE O 321 -7.54 -55.64 57.83
CA PHE O 321 -8.82 -56.22 58.17
C PHE O 321 -9.08 -57.53 57.41
N ALA O 322 -8.77 -57.54 56.11
CA ALA O 322 -8.98 -58.71 55.27
C ALA O 322 -8.21 -59.91 55.78
N ASN O 323 -6.97 -59.69 56.20
CA ASN O 323 -6.18 -60.76 56.78
C ASN O 323 -6.71 -61.23 58.14
N ARG O 324 -7.23 -60.30 58.93
CA ARG O 324 -7.86 -60.65 60.21
C ARG O 324 -9.12 -61.50 59.99
N MET O 325 -9.85 -61.22 58.92
CA MET O 325 -11.01 -62.02 58.60
C MET O 325 -10.58 -63.47 58.47
N LEU O 326 -9.49 -63.69 57.76
CA LEU O 326 -8.96 -65.02 57.55
C LEU O 326 -8.44 -65.63 58.86
N ASP O 327 -7.76 -64.83 59.67
CA ASP O 327 -7.25 -65.30 60.96
C ASP O 327 -8.41 -65.77 61.84
N THR O 328 -9.44 -64.93 61.93
CA THR O 328 -10.60 -65.25 62.77
C THR O 328 -11.32 -66.47 62.23
N THR O 329 -11.41 -66.56 60.90
CA THR O 329 -12.05 -67.71 60.27
C THR O 329 -11.39 -69.01 60.72
N LEU O 330 -10.07 -69.06 60.61
CA LEU O 330 -9.31 -70.23 61.03
C LEU O 330 -9.62 -70.59 62.46
N ALA O 331 -9.54 -69.61 63.35
CA ALA O 331 -9.82 -69.81 64.79
C ALA O 331 -11.20 -70.42 65.02
N MET O 332 -12.19 -69.90 64.29
CA MET O 332 -13.58 -70.38 64.40
C MET O 332 -13.73 -71.85 63.96
N ALA O 333 -13.09 -72.19 62.85
CA ALA O 333 -13.15 -73.53 62.27
C ALA O 333 -12.38 -74.53 63.13
N THR O 334 -11.42 -74.03 63.90
CA THR O 334 -10.51 -74.87 64.71
C THR O 334 -10.99 -75.20 66.13
N VAL O 335 -11.52 -74.23 66.88
CA VAL O 335 -11.74 -74.45 68.33
C VAL O 335 -12.40 -75.80 68.65
N THR P 1 -1.25 8.71 57.29
CA THR P 1 -1.46 7.29 56.88
C THR P 1 -0.25 6.53 57.35
N VAL P 2 -0.44 5.30 57.83
CA VAL P 2 0.71 4.49 58.27
C VAL P 2 1.37 3.92 57.01
N ARG P 3 2.68 4.06 56.92
CA ARG P 3 3.37 3.60 55.73
C ARG P 3 4.31 2.45 56.05
N VAL P 4 4.10 1.35 55.34
CA VAL P 4 4.86 0.13 55.60
C VAL P 4 5.64 -0.25 54.39
N ALA P 5 6.76 -0.90 54.65
CA ALA P 5 7.55 -1.54 53.63
C ALA P 5 7.52 -3.02 53.94
N ILE P 6 7.60 -3.83 52.88
CA ILE P 6 7.62 -5.29 53.04
C ILE P 6 8.96 -5.83 52.60
N ASN P 7 9.64 -6.50 53.52
CA ASN P 7 10.88 -7.18 53.20
C ASN P 7 10.57 -8.63 52.96
N GLY P 8 10.78 -9.08 51.73
CA GLY P 8 10.48 -10.45 51.36
C GLY P 8 9.06 -10.53 50.82
N PHE P 9 8.96 -10.85 49.52
CA PHE P 9 7.68 -10.92 48.80
C PHE P 9 7.35 -12.37 48.45
N GLY P 10 7.45 -13.23 49.44
CA GLY P 10 7.13 -14.63 49.27
C GLY P 10 5.63 -14.81 49.32
N ARG P 11 5.22 -15.97 49.83
CA ARG P 11 3.80 -16.26 49.97
C ARG P 11 3.11 -15.31 50.94
N ILE P 12 3.72 -15.13 52.09
CA ILE P 12 3.10 -14.31 53.14
C ILE P 12 3.12 -12.83 52.79
N GLY P 13 4.24 -12.37 52.27
CA GLY P 13 4.35 -10.98 51.80
C GLY P 13 3.28 -10.64 50.77
N ARG P 14 3.16 -11.50 49.76
CA ARG P 14 2.19 -11.28 48.71
C ARG P 14 0.81 -11.16 49.31
N ASN P 15 0.49 -12.06 50.24
CA ASN P 15 -0.83 -12.09 50.87
C ASN P 15 -1.10 -10.87 51.72
N VAL P 16 -0.09 -10.38 52.41
CA VAL P 16 -0.24 -9.16 53.19
C VAL P 16 -0.70 -8.03 52.30
N VAL P 17 -0.07 -7.90 51.15
CA VAL P 17 -0.49 -6.89 50.17
C VAL P 17 -1.93 -7.14 49.73
N ARG P 18 -2.22 -8.34 49.24
CA ARG P 18 -3.57 -8.66 48.80
C ARG P 18 -4.59 -8.35 49.91
N ALA P 19 -4.23 -8.68 51.14
CA ALA P 19 -5.11 -8.47 52.30
C ALA P 19 -5.32 -7.00 52.58
N LEU P 20 -4.27 -6.21 52.45
CA LEU P 20 -4.37 -4.76 52.66
C LEU P 20 -5.47 -4.14 51.81
N TYR P 21 -5.51 -4.52 50.54
CA TYR P 21 -6.48 -3.98 49.60
C TYR P 21 -7.87 -4.56 49.79
N GLU P 22 -7.98 -5.89 49.86
CA GLU P 22 -9.27 -6.56 50.00
C GLU P 22 -9.94 -6.24 51.31
N SER P 23 -9.17 -6.22 52.40
CA SER P 23 -9.73 -5.88 53.73
C SER P 23 -10.16 -4.43 53.80
N GLY P 24 -9.59 -3.60 52.94
CA GLY P 24 -9.89 -2.18 52.92
C GLY P 24 -9.14 -1.36 53.96
N ARG P 25 -8.17 -1.98 54.64
CA ARG P 25 -7.22 -1.26 55.52
C ARG P 25 -6.20 -0.49 54.70
N ARG P 26 -6.37 -0.48 53.39
CA ARG P 26 -5.67 0.47 52.52
C ARG P 26 -5.94 1.89 53.02
N ALA P 27 -7.21 2.16 53.30
CA ALA P 27 -7.65 3.45 53.84
C ALA P 27 -6.66 4.01 54.88
N GLU P 28 -6.08 3.13 55.69
CA GLU P 28 -5.17 3.54 56.78
C GLU P 28 -3.69 3.14 56.64
N ILE P 29 -3.33 2.32 55.65
CA ILE P 29 -1.91 1.96 55.42
C ILE P 29 -1.49 2.02 53.94
N THR P 30 -0.28 2.50 53.69
CA THR P 30 0.29 2.37 52.36
C THR P 30 1.51 1.46 52.37
N VAL P 31 1.53 0.54 51.43
CA VAL P 31 2.79 -0.13 51.13
C VAL P 31 3.53 0.81 50.19
N VAL P 32 4.71 1.23 50.59
CA VAL P 32 5.53 2.16 49.81
C VAL P 32 6.66 1.44 49.07
N ALA P 33 7.17 0.38 49.67
CA ALA P 33 8.26 -0.39 49.06
C ALA P 33 8.16 -1.86 49.38
N ILE P 34 8.57 -2.66 48.41
CA ILE P 34 8.76 -4.09 48.60
C ILE P 34 10.18 -4.48 48.21
N ASN P 35 10.77 -5.42 48.95
CA ASN P 35 12.16 -5.82 48.75
C ASN P 35 12.35 -7.32 48.54
N GLU P 36 12.93 -7.68 47.39
CA GLU P 36 13.02 -9.10 47.01
C GLU P 36 14.16 -9.40 46.04
N LEU P 37 14.71 -10.59 46.24
CA LEU P 37 15.83 -11.11 45.51
C LEU P 37 15.27 -12.03 44.44
N ALA P 38 14.43 -11.43 43.60
CA ALA P 38 13.79 -12.14 42.52
C ALA P 38 13.33 -11.14 41.48
N ASP P 39 13.14 -11.62 40.26
CA ASP P 39 12.61 -10.80 39.18
C ASP P 39 11.42 -9.92 39.63
N ALA P 40 11.34 -8.69 39.13
CA ALA P 40 10.20 -7.81 39.42
C ALA P 40 8.98 -8.27 38.67
N ALA P 41 9.17 -8.58 37.38
CA ALA P 41 8.09 -9.07 36.54
C ALA P 41 7.52 -10.36 37.13
N GLY P 42 8.37 -11.17 37.74
CA GLY P 42 7.90 -12.35 38.48
C GLY P 42 7.12 -12.04 39.75
N MET P 43 7.42 -10.92 40.40
CA MET P 43 6.68 -10.54 41.62
C MET P 43 5.29 -10.03 41.25
N ALA P 44 5.20 -9.25 40.19
CA ALA P 44 3.91 -8.74 39.74
C ALA P 44 3.01 -9.93 39.38
N HIS P 45 3.56 -10.87 38.61
CA HIS P 45 2.81 -12.01 38.10
C HIS P 45 2.28 -12.85 39.27
N LEU P 46 3.17 -13.28 40.14
CA LEU P 46 2.75 -14.07 41.29
C LEU P 46 1.79 -13.32 42.22
N LEU P 47 1.86 -12.00 42.26
CA LEU P 47 0.88 -11.24 43.04
C LEU P 47 -0.50 -11.34 42.41
N LYS P 48 -0.54 -11.33 41.08
CA LYS P 48 -1.82 -11.35 40.34
C LYS P 48 -2.46 -12.72 40.37
N TYR P 49 -1.67 -13.79 40.23
CA TYR P 49 -2.20 -15.14 40.12
C TYR P 49 -1.76 -16.05 41.27
N ASP P 50 -2.69 -16.66 41.98
CA ASP P 50 -2.28 -17.66 42.97
C ASP P 50 -3.37 -18.72 43.25
N THR P 51 -2.92 -19.98 43.30
CA THR P 51 -3.78 -21.17 43.31
C THR P 51 -4.69 -21.24 44.53
N SER P 52 -4.13 -20.86 45.68
CA SER P 52 -4.89 -20.84 46.95
C SER P 52 -6.07 -19.88 46.92
N HIS P 53 -5.98 -18.79 46.18
CA HIS P 53 -7.05 -17.78 46.18
C HIS P 53 -7.67 -17.49 44.79
N GLY P 54 -6.86 -17.25 43.76
CA GLY P 54 -7.38 -17.00 42.40
C GLY P 54 -6.81 -15.71 41.83
N ARG P 55 -7.51 -15.09 40.89
CA ARG P 55 -6.97 -13.87 40.28
C ARG P 55 -7.20 -12.72 41.25
N PHE P 56 -6.15 -11.94 41.51
CA PHE P 56 -6.26 -10.75 42.36
C PHE P 56 -7.21 -9.74 41.69
N ALA P 57 -8.23 -9.35 42.43
CA ALA P 57 -9.31 -8.49 41.90
C ALA P 57 -8.78 -7.15 41.40
N TRP P 58 -7.68 -6.67 42.00
CA TRP P 58 -7.08 -5.39 41.61
C TRP P 58 -6.19 -5.54 40.36
N GLU P 59 -5.95 -4.43 39.68
CA GLU P 59 -5.16 -4.44 38.46
C GLU P 59 -3.68 -4.32 38.83
N VAL P 60 -2.89 -5.29 38.41
CA VAL P 60 -1.46 -5.35 38.75
C VAL P 60 -0.52 -5.16 37.58
N ARG P 61 0.40 -4.20 37.73
CA ARG P 61 1.42 -3.88 36.71
C ARG P 61 2.82 -3.74 37.34
N GLN P 62 3.86 -4.05 36.58
CA GLN P 62 5.24 -3.86 37.02
C GLN P 62 6.00 -3.11 35.94
N GLU P 63 6.52 -1.93 36.27
CA GLU P 63 7.26 -1.09 35.30
C GLU P 63 8.65 -0.67 35.77
N ARG P 64 9.66 -1.25 35.17
CA ARG P 64 11.04 -1.01 35.56
C ARG P 64 11.22 -1.25 37.08
N ASP P 65 11.30 -0.17 37.86
CA ASP P 65 11.57 -0.27 39.29
C ASP P 65 10.27 -0.25 40.11
N GLN P 66 9.14 -0.31 39.41
CA GLN P 66 7.85 -0.05 40.03
C GLN P 66 6.89 -1.25 39.96
N LEU P 67 6.09 -1.40 41.03
CA LEU P 67 5.01 -2.36 41.09
C LEU P 67 3.72 -1.61 41.35
N PHE P 68 2.67 -1.93 40.60
CA PHE P 68 1.42 -1.17 40.64
C PHE P 68 0.16 -1.95 41.03
N VAL P 69 -0.16 -1.92 42.31
CA VAL P 69 -1.46 -2.41 42.78
C VAL P 69 -2.51 -1.31 42.60
N GLY P 70 -3.22 -1.39 41.48
CA GLY P 70 -4.25 -0.42 41.16
C GLY P 70 -3.62 0.93 41.01
N ASP P 71 -4.08 1.89 41.82
CA ASP P 71 -3.62 3.27 41.67
C ASP P 71 -2.40 3.65 42.51
N ASP P 72 -1.77 2.71 43.22
CA ASP P 72 -0.58 3.05 43.99
C ASP P 72 0.73 2.54 43.36
N ALA P 73 1.73 3.39 43.31
CA ALA P 73 3.07 2.96 42.90
C ALA P 73 3.78 2.42 44.12
N ILE P 74 4.39 1.26 43.98
CA ILE P 74 5.21 0.71 45.03
C ILE P 74 6.59 0.54 44.45
N ARG P 75 7.59 1.04 45.19
CA ARG P 75 8.96 0.95 44.74
C ARG P 75 9.39 -0.46 45.02
N VAL P 76 10.02 -1.05 44.03
CA VAL P 76 10.56 -2.38 44.15
C VAL P 76 12.06 -2.27 44.35
N LEU P 77 12.55 -2.89 45.40
CA LEU P 77 13.98 -2.92 45.70
C LEU P 77 14.52 -4.34 45.59
N HIS P 78 15.83 -4.44 45.41
CA HIS P 78 16.50 -5.74 45.33
C HIS P 78 17.71 -5.80 46.24
N GLU P 79 17.56 -5.26 47.45
CA GLU P 79 18.68 -5.25 48.38
C GLU P 79 19.00 -6.63 48.93
N ARG P 80 19.97 -7.27 48.28
CA ARG P 80 20.65 -8.47 48.80
C ARG P 80 21.07 -8.32 50.28
N SER P 81 21.19 -7.06 50.74
CA SER P 81 21.70 -6.75 52.08
C SER P 81 20.80 -5.84 52.94
N LEU P 82 20.76 -6.14 54.22
CA LEU P 82 19.82 -5.48 55.17
C LEU P 82 20.17 -4.01 55.55
N GLN P 83 21.39 -3.57 55.30
CA GLN P 83 21.90 -2.31 55.85
C GLN P 83 21.60 -1.14 54.91
N SER P 84 21.66 -1.47 53.63
CA SER P 84 21.52 -0.57 52.48
C SER P 84 20.05 -0.36 52.06
N LEU P 85 19.12 -0.70 52.94
CA LEU P 85 17.70 -0.46 52.68
C LEU P 85 17.37 1.02 52.90
N PRO P 86 16.73 1.67 51.90
CA PRO P 86 16.38 3.08 51.98
C PRO P 86 15.11 3.37 52.78
N TRP P 87 15.00 2.80 53.97
CA TRP P 87 13.80 2.99 54.79
C TRP P 87 13.64 4.46 55.21
N ARG P 88 14.76 5.07 55.59
CA ARG P 88 14.77 6.47 55.99
C ARG P 88 14.25 7.36 54.87
N GLU P 89 14.81 7.16 53.69
CA GLU P 89 14.42 7.90 52.49
C GLU P 89 12.91 7.82 52.19
N LEU P 90 12.30 6.68 52.51
CA LEU P 90 10.86 6.44 52.21
C LEU P 90 9.93 6.71 53.39
N GLY P 91 10.52 7.02 54.55
CA GLY P 91 9.75 7.39 55.75
C GLY P 91 8.95 6.25 56.33
N VAL P 92 9.50 5.03 56.25
CA VAL P 92 8.84 3.82 56.68
C VAL P 92 8.53 3.84 58.16
N ASP P 93 7.25 3.70 58.50
CA ASP P 93 6.81 3.63 59.90
C ASP P 93 6.98 2.21 60.47
N VAL P 94 6.60 1.20 59.68
CA VAL P 94 6.82 -0.19 60.08
C VAL P 94 7.31 -1.02 58.91
N VAL P 95 8.32 -1.84 59.17
CA VAL P 95 8.75 -2.81 58.19
C VAL P 95 8.17 -4.14 58.57
N LEU P 96 7.42 -4.73 57.65
CA LEU P 96 6.94 -6.10 57.79
C LEU P 96 7.96 -7.00 57.12
N ASP P 97 8.72 -7.73 57.91
CA ASP P 97 9.69 -8.64 57.35
C ASP P 97 9.11 -10.04 57.20
N CYS P 98 8.89 -10.42 55.95
CA CYS P 98 8.27 -11.68 55.60
C CYS P 98 9.22 -12.55 54.80
N THR P 99 10.52 -12.38 55.04
CA THR P 99 11.54 -13.12 54.31
C THR P 99 11.62 -14.53 54.85
N GLY P 100 11.37 -14.66 56.15
CA GLY P 100 11.54 -15.94 56.82
C GLY P 100 12.99 -16.29 57.11
N VAL P 101 13.93 -15.48 56.62
CA VAL P 101 15.35 -15.64 56.97
C VAL P 101 15.70 -14.76 58.20
N TYR P 102 15.31 -13.49 58.17
CA TYR P 102 15.65 -12.57 59.26
C TYR P 102 14.70 -12.73 60.44
N GLY P 103 15.21 -12.58 61.65
CA GLY P 103 14.40 -12.73 62.87
C GLY P 103 15.00 -12.41 64.26
N SER P 104 16.22 -11.88 64.33
CA SER P 104 16.90 -11.65 65.61
C SER P 104 16.72 -10.21 66.12
N ARG P 105 17.22 -9.92 67.32
CA ARG P 105 17.26 -8.51 67.77
C ARG P 105 18.06 -7.64 66.82
N GLU P 106 19.16 -8.19 66.30
CA GLU P 106 20.12 -7.45 65.45
C GLU P 106 19.54 -7.10 64.09
N HIS P 107 18.83 -8.06 63.50
CA HIS P 107 18.15 -7.84 62.22
C HIS P 107 17.14 -6.69 62.37
N GLY P 108 16.43 -6.72 63.49
CA GLY P 108 15.51 -5.65 63.83
C GLY P 108 16.25 -4.32 63.89
N GLU P 109 17.30 -4.28 64.69
CA GLU P 109 18.11 -3.05 64.86
C GLU P 109 18.58 -2.56 63.50
N ALA P 110 19.03 -3.49 62.66
CA ALA P 110 19.52 -3.19 61.29
C ALA P 110 18.46 -2.49 60.41
N HIS P 111 17.23 -2.98 60.49
CA HIS P 111 16.08 -2.36 59.81
C HIS P 111 15.85 -0.94 60.32
N ILE P 112 15.85 -0.81 61.64
CA ILE P 112 15.65 0.50 62.29
C ILE P 112 16.80 1.46 61.93
N ALA P 113 18.02 0.97 62.08
CA ALA P 113 19.22 1.68 61.63
C ALA P 113 19.05 2.19 60.19
N ALA P 114 18.54 1.34 59.30
CA ALA P 114 18.34 1.71 57.88
C ALA P 114 17.24 2.77 57.68
N GLY P 115 16.49 3.05 58.75
CA GLY P 115 15.54 4.17 58.79
C GLY P 115 14.09 3.83 59.09
N ALA P 116 13.84 2.63 59.59
CA ALA P 116 12.48 2.20 59.87
C ALA P 116 12.23 2.42 61.34
N LYS P 117 11.04 2.96 61.67
CA LYS P 117 10.71 3.23 63.08
C LYS P 117 10.54 1.93 63.87
N LYS P 118 9.78 1.00 63.31
CA LYS P 118 9.53 -0.28 63.95
C LYS P 118 9.61 -1.45 62.97
N VAL P 119 9.74 -2.64 63.54
CA VAL P 119 9.85 -3.85 62.76
C VAL P 119 8.84 -4.88 63.24
N LEU P 120 8.25 -5.60 62.30
CA LEU P 120 7.34 -6.71 62.61
C LEU P 120 7.72 -7.93 61.80
N PHE P 121 8.04 -9.02 62.49
CA PHE P 121 8.42 -10.27 61.82
C PHE P 121 7.23 -11.20 61.63
N SER P 122 7.20 -11.85 60.47
CA SER P 122 6.12 -12.77 60.09
C SER P 122 6.31 -14.16 60.66
N HIS P 123 7.05 -14.26 61.75
CA HIS P 123 7.28 -15.55 62.40
C HIS P 123 7.74 -15.30 63.84
N PRO P 124 7.93 -16.36 64.66
CA PRO P 124 8.19 -16.11 66.09
C PRO P 124 9.55 -15.49 66.32
N GLY P 125 10.50 -15.82 65.43
CA GLY P 125 11.85 -15.26 65.44
C GLY P 125 12.65 -15.84 66.59
N SER P 126 13.69 -15.14 67.01
CA SER P 126 14.40 -15.51 68.24
C SER P 126 13.63 -15.01 69.49
N ASN P 127 14.10 -15.46 70.66
CA ASN P 127 13.45 -15.18 71.96
C ASN P 127 13.39 -13.70 72.36
N ASP P 128 14.54 -13.04 72.27
CA ASP P 128 14.80 -11.73 72.90
C ASP P 128 13.99 -10.56 72.35
N LEU P 129 13.15 -10.83 71.35
CA LEU P 129 12.48 -9.77 70.62
C LEU P 129 11.59 -8.98 71.59
N ASP P 130 11.51 -7.67 71.39
CA ASP P 130 10.80 -6.75 72.29
C ASP P 130 9.47 -7.31 72.75
N ALA P 131 8.62 -7.73 71.81
CA ALA P 131 7.31 -8.31 72.15
C ALA P 131 6.83 -9.36 71.11
N THR P 132 5.89 -10.21 71.56
CA THR P 132 5.24 -11.19 70.67
C THR P 132 3.72 -11.03 70.73
N VAL P 133 3.13 -10.73 69.57
CA VAL P 133 1.70 -10.43 69.51
C VAL P 133 0.89 -11.51 68.77
N VAL P 134 0.01 -12.16 69.53
CA VAL P 134 -1.05 -12.96 68.96
C VAL P 134 -2.28 -12.08 69.01
N TYR P 135 -2.53 -11.36 67.92
CA TYR P 135 -3.54 -10.30 67.91
C TYR P 135 -4.90 -10.81 68.33
N GLY P 136 -5.53 -10.07 69.23
CA GLY P 136 -6.83 -10.45 69.79
C GLY P 136 -6.68 -11.07 71.17
N VAL P 137 -5.46 -11.40 71.55
CA VAL P 137 -5.18 -11.97 72.85
C VAL P 137 -4.37 -10.98 73.69
N ASN P 138 -3.22 -10.55 73.17
CA ASN P 138 -2.33 -9.67 73.95
C ASN P 138 -1.80 -8.44 73.21
N GLN P 139 -2.60 -7.87 72.30
CA GLN P 139 -2.17 -6.64 71.60
C GLN P 139 -2.18 -5.44 72.57
N ASP P 140 -3.04 -5.55 73.59
CA ASP P 140 -3.10 -4.53 74.67
C ASP P 140 -1.80 -4.39 75.47
N GLN P 141 -0.95 -5.40 75.39
CA GLN P 141 0.37 -5.35 76.02
C GLN P 141 1.44 -4.70 75.16
N LEU P 142 1.04 -4.09 74.04
CA LEU P 142 1.96 -3.26 73.27
C LEU P 142 2.24 -1.97 74.07
N ARG P 143 3.49 -1.50 73.94
CA ARG P 143 3.96 -0.23 74.50
C ARG P 143 4.91 0.35 73.44
N ALA P 144 4.79 1.65 73.14
CA ALA P 144 5.57 2.29 72.06
C ALA P 144 7.10 2.14 72.18
N GLU P 145 7.57 1.75 73.36
CA GLU P 145 8.99 1.43 73.59
C GLU P 145 9.38 0.12 72.92
N HIS P 146 8.39 -0.73 72.63
CA HIS P 146 8.57 -1.93 71.79
C HIS P 146 8.68 -1.50 70.32
N ARG P 147 9.70 -2.01 69.64
CA ARG P 147 10.01 -1.62 68.24
C ARG P 147 10.36 -2.80 67.33
N ILE P 148 10.79 -3.90 67.93
CA ILE P 148 11.07 -5.13 67.18
C ILE P 148 10.15 -6.20 67.72
N VAL P 149 9.09 -6.54 66.99
CA VAL P 149 8.10 -7.48 67.49
C VAL P 149 7.84 -8.64 66.52
N SER P 150 7.42 -9.77 67.09
CA SER P 150 7.09 -10.96 66.32
C SER P 150 5.58 -11.12 66.29
N ASN P 151 5.06 -11.65 65.19
CA ASN P 151 3.60 -11.87 65.04
C ASN P 151 3.15 -13.31 65.33
N ALA P 152 4.01 -14.08 66.00
CA ALA P 152 3.80 -15.51 66.18
C ALA P 152 3.80 -16.21 64.81
N SER P 153 3.29 -17.44 64.74
CA SER P 153 3.12 -18.16 63.46
C SER P 153 1.63 -18.30 63.17
N CYS P 154 1.29 -18.73 61.96
CA CYS P 154 -0.11 -18.87 61.60
C CYS P 154 -0.82 -19.92 62.46
N THR P 155 -0.12 -21.02 62.75
CA THR P 155 -0.70 -22.07 63.59
C THR P 155 -0.84 -21.64 65.07
N THR P 156 0.18 -21.01 65.62
CA THR P 156 0.06 -20.50 66.99
C THR P 156 -1.02 -19.42 67.03
N ASN P 157 -1.07 -18.59 66.00
CA ASN P 157 -2.08 -17.52 65.93
C ASN P 157 -3.47 -18.09 65.88
N CYS P 158 -3.56 -19.28 65.30
CA CYS P 158 -4.83 -19.98 65.17
C CYS P 158 -5.29 -20.57 66.49
N ILE P 159 -4.43 -21.31 67.15
CA ILE P 159 -4.86 -22.11 68.30
C ILE P 159 -4.73 -21.41 69.66
N ILE P 160 -3.79 -20.47 69.78
CA ILE P 160 -3.59 -19.73 71.06
C ILE P 160 -4.91 -19.12 71.59
N PRO P 161 -5.64 -18.38 70.74
CA PRO P 161 -6.87 -17.77 71.26
C PRO P 161 -7.79 -18.80 71.90
N VAL P 162 -7.94 -19.96 71.25
CA VAL P 162 -8.79 -21.04 71.76
C VAL P 162 -8.24 -21.56 73.10
N ILE P 163 -6.94 -21.78 73.15
CA ILE P 163 -6.31 -22.28 74.37
C ILE P 163 -6.57 -21.30 75.51
N LYS P 164 -6.44 -20.01 75.22
CA LYS P 164 -6.70 -19.00 76.23
C LYS P 164 -8.14 -19.10 76.73
N LEU P 165 -9.08 -19.05 75.79
CA LEU P 165 -10.50 -19.12 76.14
C LEU P 165 -10.78 -20.33 77.02
N LEU P 166 -10.21 -21.47 76.65
CA LEU P 166 -10.48 -22.70 77.40
C LEU P 166 -9.81 -22.66 78.78
N ASP P 167 -8.58 -22.17 78.82
CA ASP P 167 -7.83 -22.09 80.07
C ASP P 167 -8.52 -21.17 81.08
N ASP P 168 -8.89 -19.99 80.61
CA ASP P 168 -9.62 -19.01 81.45
C ASP P 168 -10.90 -19.61 82.05
N ALA P 169 -11.64 -20.32 81.23
CA ALA P 169 -12.93 -20.84 81.64
C ALA P 169 -12.86 -22.11 82.48
N TYR P 170 -11.87 -22.98 82.23
CA TYR P 170 -11.85 -24.33 82.85
C TYR P 170 -10.54 -24.75 83.50
N GLY P 171 -9.48 -23.99 83.23
CA GLY P 171 -8.16 -24.27 83.80
C GLY P 171 -7.50 -25.49 83.20
N ILE P 172 -6.71 -25.28 82.15
CA ILE P 172 -6.06 -26.37 81.42
C ILE P 172 -4.90 -26.94 82.21
N GLU P 173 -4.91 -28.26 82.35
CA GLU P 173 -3.91 -28.95 83.18
C GLU P 173 -2.78 -29.46 82.29
N SER P 174 -3.15 -29.98 81.13
CA SER P 174 -2.18 -30.38 80.11
C SER P 174 -2.85 -30.52 78.74
N GLY P 175 -2.05 -30.42 77.69
CA GLY P 175 -2.58 -30.39 76.32
C GLY P 175 -1.73 -31.10 75.27
N THR P 176 -2.40 -31.56 74.21
CA THR P 176 -1.74 -32.24 73.12
C THR P 176 -2.42 -31.84 71.83
N VAL P 177 -1.64 -31.60 70.78
CA VAL P 177 -2.18 -31.07 69.53
C VAL P 177 -1.75 -31.86 68.33
N THR P 178 -2.65 -31.99 67.38
CA THR P 178 -2.32 -32.53 66.08
C THR P 178 -2.75 -31.55 65.02
N THR P 179 -1.81 -31.17 64.16
CA THR P 179 -2.08 -30.22 63.10
C THR P 179 -2.14 -30.95 61.79
N ILE P 180 -3.20 -30.73 61.03
CA ILE P 180 -3.31 -31.28 59.70
C ILE P 180 -3.12 -30.17 58.68
N HIS P 181 -1.92 -30.13 58.11
CA HIS P 181 -1.56 -29.07 57.15
C HIS P 181 -1.94 -29.49 55.76
N SER P 182 -2.20 -28.48 54.95
CA SER P 182 -2.37 -28.68 53.51
C SER P 182 -0.99 -28.56 52.81
N ALA P 183 -0.98 -28.69 51.49
CA ALA P 183 0.26 -28.58 50.73
C ALA P 183 0.32 -27.26 49.98
N ALA P 202 7.12 -39.01 46.69
CA ALA P 202 5.98 -38.39 46.00
C ALA P 202 4.87 -37.86 46.97
N ALA P 203 4.69 -36.54 47.00
CA ALA P 203 3.81 -35.85 48.00
C ALA P 203 2.28 -35.83 47.70
N SER P 204 1.89 -36.16 46.47
CA SER P 204 0.52 -35.83 45.96
C SER P 204 -0.57 -36.84 46.32
N GLN P 205 -0.22 -37.88 47.08
CA GLN P 205 -1.20 -38.89 47.44
C GLN P 205 -0.96 -39.62 48.79
N SER P 206 -0.11 -39.07 49.66
CA SER P 206 0.18 -39.69 50.95
C SER P 206 -0.03 -38.72 52.11
N ILE P 207 -0.31 -39.31 53.27
CA ILE P 207 -0.28 -38.57 54.53
C ILE P 207 1.17 -38.65 54.99
N ILE P 208 1.73 -37.48 55.34
CA ILE P 208 3.17 -37.28 55.48
C ILE P 208 3.46 -36.54 56.76
N PRO P 209 3.92 -37.24 57.82
CA PRO P 209 4.13 -36.55 59.08
C PRO P 209 5.18 -35.45 58.94
N VAL P 210 5.06 -34.38 59.71
CA VAL P 210 5.99 -33.28 59.62
C VAL P 210 6.35 -32.70 61.00
N ASP P 211 7.52 -32.05 61.04
CA ASP P 211 8.01 -31.37 62.24
C ASP P 211 7.03 -30.29 62.59
N THR P 212 7.12 -29.74 63.79
CA THR P 212 6.21 -28.68 64.13
C THR P 212 6.60 -27.92 65.34
N LYS P 213 6.66 -26.60 65.17
CA LYS P 213 7.10 -25.70 66.23
C LYS P 213 5.98 -25.50 67.26
N LEU P 214 4.73 -25.71 66.82
CA LEU P 214 3.53 -25.32 67.59
C LEU P 214 3.59 -25.63 69.10
N ALA P 215 4.17 -26.77 69.46
CA ALA P 215 4.38 -27.12 70.85
C ALA P 215 5.13 -26.00 71.53
N ALA P 216 6.29 -25.64 70.97
CA ALA P 216 7.15 -24.61 71.55
C ALA P 216 6.40 -23.31 71.61
N GLY P 217 5.83 -22.92 70.48
CA GLY P 217 5.12 -21.66 70.38
C GLY P 217 4.08 -21.44 71.48
N ILE P 218 3.42 -22.52 71.87
CA ILE P 218 2.38 -22.46 72.91
C ILE P 218 2.99 -22.22 74.29
N THR P 219 3.95 -23.07 74.64
CA THR P 219 4.62 -22.99 75.94
C THR P 219 5.37 -21.66 76.10
N ARG P 220 5.86 -21.11 74.99
CA ARG P 220 6.53 -19.80 75.01
C ARG P 220 5.51 -18.71 75.36
N PHE P 221 4.36 -18.73 74.68
CA PHE P 221 3.31 -17.76 74.94
C PHE P 221 2.64 -17.97 76.30
N PHE P 222 2.51 -19.24 76.70
CA PHE P 222 1.96 -19.62 78.01
C PHE P 222 3.02 -20.42 78.74
N PRO P 223 3.89 -19.73 79.51
CA PRO P 223 4.97 -20.44 80.21
C PRO P 223 4.49 -21.41 81.28
N GLN P 224 3.29 -21.19 81.80
CA GLN P 224 2.69 -22.11 82.78
C GLN P 224 2.46 -23.52 82.23
N PHE P 225 2.69 -23.71 80.93
CA PHE P 225 2.46 -25.00 80.28
C PHE P 225 3.72 -25.74 79.89
N ASN P 226 4.89 -25.29 80.32
CA ASN P 226 6.13 -26.04 80.10
C ASN P 226 5.97 -27.48 80.62
N ASP P 227 6.45 -28.43 79.82
CA ASP P 227 6.31 -29.86 80.11
C ASP P 227 4.86 -30.29 80.34
N ARG P 228 3.93 -29.58 79.68
CA ARG P 228 2.50 -29.88 79.78
C ARG P 228 1.83 -29.87 78.42
N PHE P 229 2.59 -29.53 77.39
CA PHE P 229 2.08 -29.49 76.02
C PHE P 229 2.99 -30.21 75.07
N GLU P 230 2.41 -30.95 74.14
CA GLU P 230 3.16 -31.56 73.06
C GLU P 230 2.38 -31.37 71.75
N ALA P 231 3.03 -31.62 70.63
CA ALA P 231 2.40 -31.46 69.33
C ALA P 231 3.02 -32.38 68.31
N ILE P 232 2.18 -32.89 67.41
CA ILE P 232 2.63 -33.55 66.17
C ILE P 232 1.90 -32.89 65.02
N ALA P 233 2.28 -33.22 63.81
CA ALA P 233 1.63 -32.65 62.62
C ALA P 233 1.76 -33.54 61.42
N VAL P 234 0.80 -33.44 60.52
CA VAL P 234 0.89 -34.15 59.24
C VAL P 234 0.49 -33.26 58.10
N ARG P 235 1.08 -33.54 56.94
CA ARG P 235 0.78 -32.85 55.70
C ARG P 235 -0.02 -33.78 54.81
N VAL P 236 -1.16 -33.28 54.34
CA VAL P 236 -2.03 -34.02 53.41
C VAL P 236 -2.24 -33.19 52.16
N PRO P 237 -2.53 -33.86 51.03
CA PRO P 237 -2.61 -33.15 49.76
C PRO P 237 -3.89 -32.37 49.52
N THR P 238 -4.27 -31.52 50.46
CA THR P 238 -5.42 -30.65 50.28
C THR P 238 -4.98 -29.24 50.00
N ILE P 239 -5.93 -28.38 49.68
CA ILE P 239 -5.65 -27.00 49.30
C ILE P 239 -5.85 -25.99 50.45
N ASN P 240 -4.78 -25.28 50.76
CA ASN P 240 -4.85 -24.00 51.47
C ASN P 240 -5.26 -23.99 52.96
N VAL P 241 -6.26 -24.77 53.33
CA VAL P 241 -6.78 -24.68 54.68
C VAL P 241 -6.22 -25.76 55.59
N THR P 242 -5.97 -25.34 56.85
CA THR P 242 -5.36 -26.16 57.87
C THR P 242 -6.35 -26.47 58.99
N ALA P 243 -6.27 -27.69 59.50
CA ALA P 243 -7.10 -28.15 60.61
C ALA P 243 -6.25 -28.45 61.82
N ILE P 244 -6.65 -27.91 62.97
CA ILE P 244 -5.93 -28.13 64.21
C ILE P 244 -6.79 -28.88 65.20
N ASP P 245 -6.29 -30.04 65.62
CA ASP P 245 -7.02 -30.97 66.45
C ASP P 245 -6.45 -30.89 67.87
N LEU P 246 -7.14 -30.14 68.70
CA LEU P 246 -6.64 -29.81 70.03
C LEU P 246 -7.29 -30.69 71.08
N SER P 247 -6.47 -31.24 71.97
CA SER P 247 -6.97 -32.01 73.10
C SER P 247 -6.40 -31.49 74.43
N VAL P 248 -7.25 -31.13 75.36
CA VAL P 248 -6.80 -30.62 76.65
C VAL P 248 -7.53 -31.26 77.84
N THR P 249 -6.79 -31.48 78.92
CA THR P 249 -7.38 -31.88 80.19
C THR P 249 -7.65 -30.60 80.94
N VAL P 250 -8.82 -30.52 81.60
CA VAL P 250 -9.20 -29.35 82.41
C VAL P 250 -9.62 -29.73 83.82
N LYS P 251 -9.53 -28.76 84.71
CA LYS P 251 -9.91 -28.94 86.11
C LYS P 251 -11.43 -28.97 86.26
N LYS P 252 -12.08 -27.90 85.83
CA LYS P 252 -13.52 -27.76 85.96
C LYS P 252 -14.21 -28.84 85.10
N PRO P 253 -15.21 -29.56 85.65
CA PRO P 253 -15.94 -30.53 84.82
C PRO P 253 -16.77 -29.84 83.75
N VAL P 254 -16.80 -30.41 82.55
CA VAL P 254 -17.52 -29.80 81.43
C VAL P 254 -18.22 -30.80 80.51
N LYS P 255 -19.20 -30.26 79.77
CA LYS P 255 -19.92 -30.99 78.73
C LYS P 255 -19.64 -30.35 77.38
N ALA P 256 -19.71 -31.17 76.33
CA ALA P 256 -19.42 -30.74 74.95
C ALA P 256 -20.12 -29.43 74.58
N ASN P 257 -21.43 -29.36 74.76
CA ASN P 257 -22.19 -28.15 74.36
C ASN P 257 -21.94 -26.91 75.22
N GLU P 258 -21.51 -27.08 76.48
CA GLU P 258 -21.11 -25.94 77.32
C GLU P 258 -19.86 -25.29 76.73
N VAL P 259 -18.88 -26.12 76.38
CA VAL P 259 -17.66 -25.69 75.69
C VAL P 259 -18.02 -24.94 74.42
N ASN P 260 -18.89 -25.54 73.59
CA ASN P 260 -19.35 -24.91 72.36
C ASN P 260 -20.00 -23.56 72.62
N LEU P 261 -20.80 -23.48 73.67
CA LEU P 261 -21.50 -22.25 74.00
C LEU P 261 -20.50 -21.17 74.40
N LEU P 262 -19.50 -21.56 75.17
CA LEU P 262 -18.43 -20.64 75.57
C LEU P 262 -17.77 -20.04 74.32
N LEU P 263 -17.33 -20.93 73.44
CA LEU P 263 -16.60 -20.54 72.23
C LEU P 263 -17.45 -19.69 71.29
N GLN P 264 -18.71 -20.10 71.12
CA GLN P 264 -19.66 -19.34 70.30
C GLN P 264 -19.85 -17.91 70.82
N LYS P 265 -19.94 -17.78 72.15
CA LYS P 265 -20.08 -16.47 72.79
C LYS P 265 -18.85 -15.60 72.54
N ALA P 266 -17.69 -16.21 72.70
CA ALA P 266 -16.41 -15.52 72.44
C ALA P 266 -16.37 -15.00 71.00
N ALA P 267 -16.82 -15.82 70.06
CA ALA P 267 -16.81 -15.46 68.63
C ALA P 267 -17.71 -14.28 68.34
N GLN P 268 -18.82 -14.17 69.07
CA GLN P 268 -19.74 -13.02 68.93
C GLN P 268 -19.36 -11.80 69.82
N GLY P 269 -18.53 -12.04 70.84
CA GLY P 269 -18.12 -11.00 71.79
C GLY P 269 -16.64 -10.59 71.73
N ALA P 270 -15.91 -10.92 72.79
CA ALA P 270 -14.52 -10.50 72.96
C ALA P 270 -13.60 -10.84 71.76
N PHE P 271 -13.90 -11.90 71.05
CA PHE P 271 -13.02 -12.37 69.96
C PHE P 271 -13.65 -12.24 68.58
N HIS P 272 -14.64 -11.35 68.48
CA HIS P 272 -15.27 -11.08 67.18
C HIS P 272 -14.21 -10.66 66.17
N GLY P 273 -14.29 -11.27 64.98
CA GLY P 273 -13.34 -10.99 63.90
C GLY P 273 -12.03 -11.77 63.99
N ILE P 274 -11.71 -12.29 65.18
CA ILE P 274 -10.50 -13.08 65.37
C ILE P 274 -10.82 -14.57 65.43
N VAL P 275 -11.76 -14.94 66.30
CA VAL P 275 -12.27 -16.32 66.34
C VAL P 275 -13.71 -16.37 65.83
N ASP P 276 -13.99 -17.38 65.03
CA ASP P 276 -15.35 -17.63 64.57
C ASP P 276 -15.80 -19.00 65.01
N TYR P 277 -17.11 -19.19 65.03
CA TYR P 277 -17.73 -20.44 65.45
C TYR P 277 -18.78 -20.86 64.46
N THR P 278 -18.83 -22.15 64.15
CA THR P 278 -19.82 -22.63 63.23
C THR P 278 -20.27 -24.05 63.62
N GLU P 279 -21.54 -24.31 63.33
CA GLU P 279 -22.14 -25.64 63.47
C GLU P 279 -22.63 -26.16 62.14
N LEU P 280 -22.44 -25.38 61.08
CA LEU P 280 -22.84 -25.80 59.74
C LEU P 280 -22.01 -26.99 59.25
N PRO P 281 -22.58 -27.82 58.38
CA PRO P 281 -21.81 -28.92 57.82
C PRO P 281 -20.90 -28.47 56.69
N LEU P 282 -19.67 -28.13 57.04
CA LEU P 282 -18.73 -27.57 56.08
C LEU P 282 -17.50 -28.45 55.96
N VAL P 283 -16.72 -28.17 54.92
CA VAL P 283 -15.45 -28.85 54.66
C VAL P 283 -14.35 -27.80 54.55
N SER P 284 -13.10 -28.23 54.59
CA SER P 284 -11.96 -27.28 54.76
C SER P 284 -12.03 -26.11 53.81
N VAL P 285 -12.20 -26.42 52.52
CA VAL P 285 -12.20 -25.40 51.47
C VAL P 285 -13.21 -24.27 51.72
N ASP P 286 -14.21 -24.50 52.54
CA ASP P 286 -15.20 -23.48 52.84
C ASP P 286 -14.64 -22.34 53.67
N PHE P 287 -13.49 -22.59 54.28
CA PHE P 287 -12.83 -21.58 55.08
C PHE P 287 -11.71 -20.89 54.33
N ASN P 288 -11.54 -21.28 53.07
CA ASN P 288 -10.61 -20.63 52.16
C ASN P 288 -10.90 -19.14 52.10
N HIS P 289 -9.87 -18.34 52.27
CA HIS P 289 -9.99 -16.89 52.23
C HIS P 289 -10.81 -16.33 53.39
N ASP P 290 -10.84 -17.06 54.50
CA ASP P 290 -11.52 -16.56 55.71
C ASP P 290 -10.53 -15.80 56.61
N PRO P 291 -10.80 -14.53 56.88
CA PRO P 291 -9.94 -13.62 57.63
C PRO P 291 -9.77 -13.93 59.11
N HIS P 292 -10.59 -14.81 59.65
CA HIS P 292 -10.48 -15.19 61.05
C HIS P 292 -9.16 -15.94 61.28
N SER P 293 -8.59 -15.73 62.46
CA SER P 293 -7.40 -16.47 62.88
C SER P 293 -7.75 -17.93 63.06
N ALA P 294 -8.99 -18.19 63.50
CA ALA P 294 -9.45 -19.51 63.84
C ALA P 294 -10.96 -19.60 63.69
N ILE P 295 -11.43 -20.71 63.13
CA ILE P 295 -12.87 -21.00 63.10
C ILE P 295 -13.12 -22.32 63.79
N VAL P 296 -13.88 -22.27 64.88
CA VAL P 296 -14.14 -23.47 65.67
C VAL P 296 -15.27 -24.25 65.04
N ASP P 297 -15.07 -25.54 64.89
CA ASP P 297 -16.13 -26.40 64.36
C ASP P 297 -16.89 -27.05 65.48
N GLY P 298 -18.02 -26.48 65.83
CA GLY P 298 -18.84 -26.96 66.95
C GLY P 298 -19.21 -28.43 66.86
N THR P 299 -19.51 -28.87 65.66
CA THR P 299 -19.96 -30.24 65.42
C THR P 299 -18.90 -31.27 65.76
N GLN P 300 -17.67 -30.84 65.92
CA GLN P 300 -16.57 -31.76 66.22
C GLN P 300 -16.12 -31.72 67.67
N THR P 301 -16.68 -30.82 68.47
CA THR P 301 -16.33 -30.73 69.88
C THR P 301 -16.76 -31.99 70.60
N ARG P 302 -15.89 -32.49 71.48
CA ARG P 302 -16.19 -33.67 72.30
C ARG P 302 -15.63 -33.46 73.70
N VAL P 303 -16.18 -34.16 74.67
CA VAL P 303 -15.60 -34.22 76.00
C VAL P 303 -15.61 -35.66 76.48
N SER P 304 -14.43 -36.17 76.83
CA SER P 304 -14.29 -37.53 77.33
C SER P 304 -14.21 -37.52 78.87
N GLY P 305 -15.12 -38.27 79.50
CA GLY P 305 -15.36 -38.09 80.89
C GLY P 305 -15.92 -36.68 80.99
N ALA P 306 -15.46 -35.92 81.98
CA ALA P 306 -15.90 -34.53 82.12
C ALA P 306 -14.74 -33.58 81.97
N HIS P 307 -13.57 -34.14 81.64
CA HIS P 307 -12.30 -33.41 81.80
C HIS P 307 -11.39 -33.37 80.57
N LEU P 308 -11.65 -34.22 79.58
CA LEU P 308 -10.83 -34.27 78.35
C LEU P 308 -11.54 -33.68 77.14
N ILE P 309 -11.17 -32.46 76.75
CA ILE P 309 -11.85 -31.74 75.69
C ILE P 309 -11.14 -31.92 74.37
N LYS P 310 -11.85 -32.36 73.35
CA LYS P 310 -11.35 -32.32 71.97
C LYS P 310 -12.09 -31.29 71.15
N THR P 311 -11.34 -30.41 70.51
CA THR P 311 -11.91 -29.38 69.67
C THR P 311 -11.14 -29.33 68.37
N LEU P 312 -11.85 -29.25 67.25
CA LEU P 312 -11.23 -29.12 65.93
C LEU P 312 -11.38 -27.69 65.43
N VAL P 313 -10.26 -27.04 65.14
CA VAL P 313 -10.28 -25.65 64.70
C VAL P 313 -9.70 -25.54 63.31
N TRP P 314 -10.45 -24.90 62.42
CA TRP P 314 -10.00 -24.64 61.07
C TRP P 314 -9.33 -23.30 61.02
N CYS P 315 -8.40 -23.14 60.09
CA CYS P 315 -7.89 -21.81 59.72
C CYS P 315 -7.31 -21.81 58.28
N ASP P 316 -7.46 -20.66 57.62
CA ASP P 316 -6.70 -20.41 56.42
C ASP P 316 -5.33 -20.00 56.92
N ASN P 317 -4.39 -20.92 56.74
CA ASN P 317 -3.03 -20.79 57.30
C ASN P 317 -2.24 -19.60 56.77
N GLU P 318 -2.73 -18.94 55.72
CA GLU P 318 -2.05 -17.76 55.20
C GLU P 318 -2.89 -16.51 55.39
N TRP P 319 -4.15 -16.59 54.98
CA TRP P 319 -5.01 -15.41 54.94
C TRP P 319 -5.23 -14.85 56.32
N GLY P 320 -5.60 -15.71 57.25
CA GLY P 320 -5.82 -15.25 58.64
C GLY P 320 -4.60 -14.53 59.16
N PHE P 321 -3.47 -15.21 59.08
CA PHE P 321 -2.20 -14.66 59.53
C PHE P 321 -1.90 -13.31 58.86
N ALA P 322 -2.10 -13.24 57.54
CA ALA P 322 -1.83 -12.03 56.76
C ALA P 322 -2.62 -10.84 57.28
N ASN P 323 -3.89 -11.07 57.58
CA ASN P 323 -4.73 -10.02 58.16
C ASN P 323 -4.30 -9.64 59.59
N ARG P 324 -3.80 -10.62 60.36
CA ARG P 324 -3.26 -10.33 61.69
C ARG P 324 -1.99 -9.50 61.61
N MET P 325 -1.21 -9.73 60.56
CA MET P 325 -0.02 -8.91 60.35
C MET P 325 -0.44 -7.45 60.27
N LEU P 326 -1.48 -7.20 59.50
CA LEU P 326 -1.99 -5.84 59.30
C LEU P 326 -2.59 -5.29 60.59
N ASP P 327 -3.35 -6.12 61.30
CA ASP P 327 -3.93 -5.70 62.57
C ASP P 327 -2.82 -5.27 63.55
N THR P 328 -1.80 -6.13 63.68
CA THR P 328 -0.70 -5.88 64.59
C THR P 328 0.02 -4.61 64.16
N THR P 329 0.24 -4.47 62.85
CA THR P 329 0.94 -3.32 62.31
C THR P 329 0.26 -2.03 62.76
N LEU P 330 -1.05 -1.99 62.57
CA LEU P 330 -1.83 -0.82 63.01
C LEU P 330 -1.62 -0.49 64.50
N ALA P 331 -1.76 -1.51 65.34
CA ALA P 331 -1.58 -1.34 66.78
C ALA P 331 -0.19 -0.76 67.11
N MET P 332 0.82 -1.27 66.41
CA MET P 332 2.21 -0.83 66.63
C MET P 332 2.40 0.65 66.25
N ALA P 333 1.83 1.03 65.12
CA ALA P 333 1.95 2.41 64.63
C ALA P 333 1.12 3.39 65.46
N THR P 334 0.09 2.87 66.14
CA THR P 334 -0.86 3.67 66.93
C THR P 334 -0.46 3.95 68.39
N VAL P 335 0.05 2.96 69.13
CA VAL P 335 0.42 3.25 70.55
C VAL P 335 1.68 4.11 70.64
#